data_7WD7
#
_entry.id   7WD7
#
_cell.length_a   1.00
_cell.length_b   1.00
_cell.length_c   1.00
_cell.angle_alpha   90.00
_cell.angle_beta   90.00
_cell.angle_gamma   90.00
#
_symmetry.space_group_name_H-M   'P 1'
#
loop_
_entity.id
_entity.type
_entity.pdbx_description
1 polymer 'Spike glycoprotein'
2 polymer 'Heavy chain of S5D2 Fab'
3 polymer 'Light chain of S5D2 Fab'
#
loop_
_entity_poly.entity_id
_entity_poly.type
_entity_poly.pdbx_seq_one_letter_code
_entity_poly.pdbx_strand_id
1 'polypeptide(L)'
;MFVFLVLLPLVSSQCVNFTTRTQLPPAYTNSFTRGVYYPDKVFRSSVLHSTQDLFLPFFSNVTWFHAIHVSGTNGTKRFA
NPVLPFNDGVYFASTEKSNIIRGWIFGTTLDSKTQSLLIVNNATNVVIKVCEFQFCNDPFLGVYYHKNNKSWMESEFRVY
SSANNCTFEYVSQPFLMDLEGKQGNFKNLREFVFKNIDGYFKIYSKHTPINLVRGLPQGFSALEPLVDLPIGINITRFQT
LHISYLTPGDSSSGWTAGAAAYYVGYLQPRTFLLKYNENGTITDAVDCALDPLSETKCTLKSFTVEKGIYQTSNFRVQPT
ESIVRFPNITNLCPFGEVFNATRFASVYAWNRKRISNCVADYSVLYNSASFSTFKCYGVSPTKLNDLCFTNVYADSFVIR
GDEVRQIAPGQTGNIADYNYKLPDDFTGCVIAWNSNNLDSKVGGNYNYLYRLFRKSNLKPFERDISTEIYQAGSTPCNGV
KGFNCYFPLQSYGFQPTYGVGYQPYRVVVLSFELLHAPATVCGPKKSTNLVKNKCVNFNFNGLTGTGVLTESNKKFLPFQ
QFGRDIADTTDAVRDPQTLEILDITPCSFGGVSVITPGTNTSNQVAVLYQGVNCTEVPVAIHADQLTPTWRVYSTGSNVF
QTRAGCLIGAEHVNNSYECDIPIGAGICASYQTQTNSPGSASSVASQSIIAYTMSLGVENSVAYSNNSIAIPTNFTISVT
TEILPVSMTKTSVDCTMYICGDSTECSNLLLQYGSFCTQLNRALTGIAVEQDKNTQEVFAQVKQIYKTPPIKDFGGFNFS
QILPDPSKPSKRSFIEDLLFNKVTLADAGFIKQYGDCLGDIAARDLICAQKFNGLTVLPPLLTDEMIAQYTSALLAGTIT
SGWTFGAGAALQIPFAMQMAYRFNGIGVTQNVLYENQKLIANQFNSAIGKIQDSLSSTASALGKLQDVVNQNAQALNTLV
KQLSSNFGAISSVLNDILSRLDPPEAEVQIDRLITGRLQSLQTYVTQQLIRAAEIRASANLAATKMSECVLGQSKRVDFC
GKGYHLMSFPQSAPHGVVFLHVTYVPAQEKNFTTAPAICHDGKAHFPREGVFVSNGTHWFVTQRNFYEPQIITTDNTFVS
GNCDVVIGIVNNTVYDPLQPELDSFKEELDKYFKNHTSPDVDLGDISGINASVVNIQKEIDRLNEVAKNLNESLIDLQEL
GKYEQGSGYIPEAPRDGQAYVRKDGEWVLLSTFLENLYFQGDYKDDDDKHHHHHHHHH
;
A,B,C
2 'polypeptide(L)'
;EVQLQQSGPELVKPGASVKISCKTSGYTFTEYTMYWVKQSHGQSLEWIGGINPNIDDTTYNQNFKDKATLTVDKSSSTAY
MEFRSLTFDDSAVYYCARDDKASFAFWGQGTLVTVSAAKTTPPSVYPLAPGSAAQTNSMVTLGCLVKGYFPEPVTVTWNS
GSLSSGVHTFPAVLQSDLYTLSSSVTVPSSTWPSETVTCNVAHPASSTKVDKKI
;
a,c,e
3 'polypeptide(L)'
;DIVMSQSPSSLAVSDGERVTLTCKSSQSLLYSTNQKNYLAWYQQKPGQSPKLLIYWASSRESGVPDRFTGSGSGTDFTLT
ISSVKAEDLAVYYCQQYYSYPLTFGAGTKLELRADAAPTVSIFPPSSEQLTSGGASVVCFLNNFYPKDINVKWKIDGSER
QNGVLNSWTDQDSKDSTYSMSSTLTLTKDEYERHNSYTCEATHKTSTSPIVKSFNRN
;
b,d,f
#
# COMPACT_ATOMS: atom_id res chain seq x y z
N GLN A 14 39.73 17.17 -49.06
CA GLN A 14 38.98 16.72 -47.90
C GLN A 14 37.62 17.42 -47.82
N CYS A 15 37.64 18.73 -47.65
CA CYS A 15 36.43 19.53 -47.54
C CYS A 15 35.87 19.95 -48.90
N VAL A 16 36.52 19.57 -49.99
CA VAL A 16 36.10 19.93 -51.34
C VAL A 16 35.52 18.69 -52.02
N ASN A 17 34.30 18.82 -52.53
CA ASN A 17 33.64 17.73 -53.21
C ASN A 17 34.26 17.49 -54.58
N PHE A 18 34.04 16.29 -55.10
CA PHE A 18 34.58 15.92 -56.42
C PHE A 18 33.93 16.77 -57.51
N THR A 19 34.68 16.98 -58.59
CA THR A 19 34.14 17.68 -59.75
C THR A 19 33.29 16.77 -60.62
N THR A 20 33.45 15.46 -60.50
CA THR A 20 32.67 14.47 -61.25
C THR A 20 31.46 13.97 -60.47
N ARG A 21 31.23 14.50 -59.26
CA ARG A 21 30.14 14.04 -58.41
C ARG A 21 28.84 14.65 -58.91
N THR A 22 27.88 13.80 -59.27
CA THR A 22 26.57 14.22 -59.75
C THR A 22 25.54 13.23 -59.23
N GLN A 23 24.41 13.75 -58.74
CA GLN A 23 23.36 12.90 -58.20
C GLN A 23 22.62 12.21 -59.35
N LEU A 24 22.60 10.88 -59.31
CA LEU A 24 21.99 10.09 -60.37
C LEU A 24 20.51 9.85 -60.09
N PRO A 25 19.72 9.62 -61.13
CA PRO A 25 18.29 9.34 -60.94
C PRO A 25 18.09 8.06 -60.14
N PRO A 26 17.18 8.09 -59.10
CA PRO A 26 16.93 6.92 -58.23
C PRO A 26 16.08 5.84 -58.88
N ALA A 27 16.72 5.00 -59.69
CA ALA A 27 16.04 3.88 -60.32
C ALA A 27 15.62 2.85 -59.27
N TYR A 28 14.58 2.09 -59.59
CA TYR A 28 14.02 1.11 -58.67
C TYR A 28 14.07 -0.29 -59.28
N THR A 29 14.08 -1.29 -58.39
CA THR A 29 14.10 -2.69 -58.80
C THR A 29 13.51 -3.52 -57.67
N ASN A 30 13.16 -4.76 -58.00
CA ASN A 30 12.48 -5.66 -57.08
C ASN A 30 13.47 -6.63 -56.45
N SER A 31 13.34 -6.84 -55.14
CA SER A 31 14.14 -7.83 -54.41
C SER A 31 13.25 -9.04 -54.11
N PHE A 32 13.54 -10.15 -54.79
CA PHE A 32 12.66 -11.30 -54.79
C PHE A 32 12.42 -11.87 -53.38
N THR A 33 13.40 -12.58 -52.83
CA THR A 33 13.33 -13.08 -51.46
C THR A 33 14.14 -12.23 -50.48
N ARG A 34 14.86 -11.23 -50.95
CA ARG A 34 15.85 -10.53 -50.16
C ARG A 34 15.25 -9.86 -48.93
N GLY A 35 16.05 -9.76 -47.87
CA GLY A 35 15.62 -9.19 -46.61
C GLY A 35 15.41 -10.19 -45.49
N VAL A 36 15.63 -11.48 -45.73
CA VAL A 36 15.45 -12.52 -44.73
C VAL A 36 16.75 -12.72 -43.95
N TYR A 37 16.60 -13.00 -42.66
CA TYR A 37 17.75 -13.31 -41.81
C TYR A 37 17.28 -14.22 -40.67
N TYR A 38 18.22 -14.53 -39.78
CA TYR A 38 17.91 -15.33 -38.61
C TYR A 38 17.49 -14.42 -37.46
N PRO A 39 16.24 -14.50 -37.00
CA PRO A 39 15.78 -13.57 -35.95
C PRO A 39 16.55 -13.68 -34.65
N ASP A 40 16.85 -14.89 -34.18
CA ASP A 40 17.53 -15.08 -32.90
C ASP A 40 18.48 -16.26 -33.03
N LYS A 41 19.09 -16.63 -31.90
CA LYS A 41 20.08 -17.72 -31.85
C LYS A 41 19.44 -19.05 -31.52
N VAL A 42 18.12 -19.10 -31.39
CA VAL A 42 17.39 -20.32 -31.06
C VAL A 42 17.43 -21.25 -32.26
N PHE A 43 17.90 -22.47 -32.04
CA PHE A 43 17.98 -23.46 -33.11
C PHE A 43 16.66 -24.23 -33.21
N ARG A 44 16.28 -24.54 -34.45
CA ARG A 44 15.07 -25.31 -34.71
C ARG A 44 15.33 -26.24 -35.90
N SER A 45 14.66 -27.40 -35.88
CA SER A 45 14.84 -28.41 -36.93
C SER A 45 13.50 -28.99 -37.30
N SER A 46 13.20 -29.02 -38.60
CA SER A 46 12.00 -29.67 -39.14
C SER A 46 10.72 -29.08 -38.56
N VAL A 47 10.72 -27.78 -38.25
CA VAL A 47 9.54 -27.09 -37.76
C VAL A 47 9.40 -25.77 -38.51
N LEU A 48 8.22 -25.17 -38.37
CA LEU A 48 7.90 -23.89 -39.01
C LEU A 48 7.68 -22.85 -37.92
N HIS A 49 8.57 -21.87 -37.85
CA HIS A 49 8.51 -20.83 -36.84
C HIS A 49 7.91 -19.56 -37.43
N SER A 50 7.01 -18.93 -36.70
CA SER A 50 6.36 -17.69 -37.11
C SER A 50 6.69 -16.61 -36.10
N THR A 51 7.44 -15.59 -36.54
CA THR A 51 7.86 -14.50 -35.67
C THR A 51 7.60 -13.18 -36.39
N GLN A 52 7.56 -12.11 -35.62
CA GLN A 52 7.33 -10.76 -36.15
C GLN A 52 8.44 -9.84 -35.68
N ASP A 53 9.29 -9.41 -36.60
CA ASP A 53 10.37 -8.48 -36.34
C ASP A 53 10.44 -7.49 -37.50
N LEU A 54 11.49 -6.67 -37.51
CA LEU A 54 11.71 -5.72 -38.60
C LEU A 54 12.33 -6.48 -39.77
N PHE A 55 11.65 -6.46 -40.91
CA PHE A 55 12.10 -7.18 -42.09
C PHE A 55 11.85 -6.35 -43.35
N LEU A 56 12.45 -6.79 -44.45
CA LEU A 56 12.20 -6.17 -45.74
C LEU A 56 11.09 -6.91 -46.47
N PRO A 57 10.03 -6.23 -46.89
CA PRO A 57 8.94 -6.90 -47.60
C PRO A 57 9.41 -7.52 -48.91
N PHE A 58 8.74 -8.59 -49.30
CA PHE A 58 9.06 -9.26 -50.56
C PHE A 58 8.47 -8.48 -51.74
N PHE A 59 9.16 -8.56 -52.88
CA PHE A 59 8.73 -7.91 -54.12
C PHE A 59 8.56 -6.40 -53.94
N SER A 60 9.39 -5.79 -53.11
CA SER A 60 9.35 -4.35 -52.87
C SER A 60 10.25 -3.63 -53.87
N ASN A 61 10.27 -2.30 -53.75
CA ASN A 61 11.09 -1.46 -54.61
C ASN A 61 12.25 -0.87 -53.82
N VAL A 62 13.47 -1.10 -54.29
CA VAL A 62 14.67 -0.58 -53.67
C VAL A 62 15.40 0.31 -54.68
N THR A 63 16.05 1.35 -54.17
CA THR A 63 16.75 2.31 -55.00
C THR A 63 18.15 1.78 -55.31
N TRP A 64 18.56 1.89 -56.58
CA TRP A 64 19.84 1.37 -57.04
C TRP A 64 20.73 2.53 -57.47
N PHE A 65 21.94 2.57 -56.91
CA PHE A 65 22.94 3.57 -57.26
C PHE A 65 24.15 2.88 -57.87
N HIS A 66 24.92 3.63 -58.67
CA HIS A 66 26.12 3.10 -59.26
C HIS A 66 27.15 4.22 -59.36
N ALA A 67 28.42 3.82 -59.47
CA ALA A 67 29.52 4.76 -59.61
C ALA A 67 30.37 4.35 -60.81
N ILE A 68 30.86 5.35 -61.53
CA ILE A 68 31.71 5.15 -62.70
C ILE A 68 32.92 6.08 -62.60
N HIS A 69 33.75 6.05 -63.63
CA HIS A 69 34.94 6.88 -63.68
C HIS A 69 34.60 8.32 -64.03
N LYS A 77 32.01 9.77 -65.28
CA LYS A 77 32.03 10.97 -64.47
C LYS A 77 30.75 11.14 -63.67
N ARG A 78 30.29 10.04 -63.06
CA ARG A 78 29.07 10.03 -62.26
C ARG A 78 29.33 9.30 -60.96
N PHE A 79 29.17 10.00 -59.83
CA PHE A 79 29.33 9.39 -58.52
C PHE A 79 28.22 9.92 -57.62
N ALA A 80 27.55 9.01 -56.91
CA ALA A 80 26.42 9.37 -56.06
C ALA A 80 26.60 8.70 -54.70
N ASN A 81 26.59 9.51 -53.64
CA ASN A 81 26.65 9.02 -52.27
C ASN A 81 25.69 9.83 -51.41
N PRO A 82 24.39 9.70 -51.64
CA PRO A 82 23.41 10.54 -50.93
C PRO A 82 23.22 10.10 -49.49
N VAL A 83 22.63 10.99 -48.72
CA VAL A 83 22.31 10.75 -47.31
C VAL A 83 20.87 10.28 -47.24
N LEU A 84 20.64 9.16 -46.53
CA LEU A 84 19.33 8.54 -46.48
C LEU A 84 18.90 8.27 -45.04
N PRO A 85 17.60 8.27 -44.77
CA PRO A 85 17.15 8.11 -43.38
C PRO A 85 17.31 6.68 -42.87
N PHE A 86 17.74 6.59 -41.61
CA PHE A 86 17.91 5.32 -40.92
C PHE A 86 16.69 5.02 -40.05
N ASN A 87 15.68 5.88 -40.13
CA ASN A 87 14.59 5.92 -39.16
C ASN A 87 14.05 4.53 -38.81
N ASP A 88 13.44 3.84 -39.78
CA ASP A 88 12.83 2.55 -39.51
C ASP A 88 13.77 1.38 -39.75
N GLY A 89 15.03 1.62 -40.09
CA GLY A 89 15.95 0.55 -40.44
C GLY A 89 16.10 0.42 -41.94
N VAL A 90 17.26 -0.05 -42.39
CA VAL A 90 17.57 -0.09 -43.81
C VAL A 90 18.14 -1.47 -44.16
N TYR A 91 18.14 -1.77 -45.45
CA TYR A 91 18.65 -3.01 -46.00
C TYR A 91 19.78 -2.70 -46.97
N PHE A 92 20.93 -3.32 -46.78
CA PHE A 92 22.10 -3.11 -47.62
C PHE A 92 22.38 -4.36 -48.46
N ALA A 93 22.38 -4.19 -49.77
CA ALA A 93 22.77 -5.24 -50.71
C ALA A 93 23.74 -4.62 -51.70
N SER A 94 24.97 -5.13 -51.71
CA SER A 94 26.04 -4.56 -52.53
C SER A 94 26.67 -5.66 -53.36
N THR A 95 26.54 -5.56 -54.68
CA THR A 95 27.29 -6.39 -55.61
C THR A 95 28.57 -5.65 -55.99
N GLU A 96 29.70 -6.37 -55.93
CA GLU A 96 31.00 -5.73 -56.11
C GLU A 96 31.91 -6.64 -56.93
N LYS A 97 32.75 -6.00 -57.74
CA LYS A 97 33.85 -6.65 -58.42
C LYS A 97 35.19 -6.43 -57.72
N SER A 98 35.66 -5.17 -57.66
CA SER A 98 36.87 -4.85 -56.91
C SER A 98 36.57 -4.38 -55.49
N ASN A 99 35.30 -4.39 -55.07
CA ASN A 99 34.91 -3.99 -53.72
C ASN A 99 35.34 -2.54 -53.42
N ILE A 100 34.67 -1.60 -54.10
CA ILE A 100 34.97 -0.20 -53.92
C ILE A 100 34.50 0.29 -52.54
N ILE A 101 33.32 -0.16 -52.11
CA ILE A 101 32.76 0.32 -50.85
C ILE A 101 33.45 -0.41 -49.70
N ARG A 102 34.12 0.36 -48.83
CA ARG A 102 34.83 -0.19 -47.70
C ARG A 102 34.05 -0.14 -46.39
N GLY A 103 32.85 0.43 -46.39
CA GLY A 103 32.08 0.49 -45.16
C GLY A 103 31.03 1.57 -45.23
N TRP A 104 30.55 1.97 -44.04
CA TRP A 104 29.47 2.92 -43.90
C TRP A 104 29.76 3.86 -42.74
N ILE A 105 29.01 4.95 -42.68
CA ILE A 105 29.10 5.93 -41.60
C ILE A 105 27.69 6.17 -41.06
N PHE A 106 27.61 6.43 -39.76
CA PHE A 106 26.32 6.60 -39.09
C PHE A 106 26.42 7.72 -38.06
N GLY A 107 25.42 8.59 -38.05
CA GLY A 107 25.38 9.68 -37.09
C GLY A 107 24.21 10.59 -37.38
N THR A 108 23.88 11.41 -36.38
CA THR A 108 22.80 12.38 -36.49
C THR A 108 23.22 13.61 -37.28
N THR A 109 24.12 14.42 -36.72
CA THR A 109 24.62 15.60 -37.41
C THR A 109 25.78 15.32 -38.34
N LEU A 110 26.39 14.14 -38.25
CA LEU A 110 27.55 13.77 -39.06
C LEU A 110 28.65 14.82 -38.95
N ASP A 111 29.01 15.13 -37.70
CA ASP A 111 30.01 16.15 -37.42
C ASP A 111 30.54 15.89 -36.01
N SER A 112 31.38 16.80 -35.51
CA SER A 112 31.97 16.68 -34.18
C SER A 112 31.03 17.16 -33.08
N LYS A 113 29.83 17.63 -33.44
CA LYS A 113 28.89 18.11 -32.42
C LYS A 113 28.42 16.98 -31.51
N THR A 114 28.47 15.73 -31.99
CA THR A 114 28.02 14.58 -31.21
C THR A 114 28.85 13.37 -31.64
N GLN A 115 28.52 12.22 -31.08
CA GLN A 115 29.21 10.98 -31.41
C GLN A 115 28.89 10.55 -32.83
N SER A 116 29.77 9.73 -33.41
CA SER A 116 29.61 9.22 -34.75
C SER A 116 30.01 7.75 -34.79
N LEU A 117 29.46 7.02 -35.75
CA LEU A 117 29.72 5.59 -35.91
C LEU A 117 30.43 5.35 -37.23
N LEU A 118 31.55 4.64 -37.18
CA LEU A 118 32.33 4.29 -38.36
C LEU A 118 32.54 2.79 -38.44
N ILE A 119 32.35 2.24 -39.63
CA ILE A 119 32.64 0.83 -39.92
C ILE A 119 33.55 0.81 -41.14
N VAL A 120 34.77 0.34 -40.96
CA VAL A 120 35.80 0.36 -42.00
C VAL A 120 36.26 -1.07 -42.25
N ASN A 121 36.26 -1.48 -43.51
CA ASN A 121 36.74 -2.80 -43.92
C ASN A 121 37.99 -2.59 -44.77
N ASN A 122 39.14 -2.97 -44.19
CA ASN A 122 40.44 -2.83 -44.85
C ASN A 122 40.78 -4.08 -45.65
N ALA A 123 39.83 -5.02 -45.78
CA ALA A 123 40.04 -6.36 -46.30
C ALA A 123 40.98 -7.18 -45.42
N THR A 124 41.06 -6.84 -44.14
CA THR A 124 41.79 -7.59 -43.13
C THR A 124 40.93 -7.87 -41.90
N ASN A 125 40.53 -6.83 -41.18
CA ASN A 125 39.63 -6.97 -40.04
C ASN A 125 38.54 -5.92 -40.15
N VAL A 126 37.62 -5.91 -39.18
CA VAL A 126 36.54 -4.95 -39.13
C VAL A 126 36.87 -3.92 -38.06
N VAL A 127 37.02 -2.66 -38.47
CA VAL A 127 37.37 -1.56 -37.57
C VAL A 127 36.09 -0.77 -37.29
N ILE A 128 35.63 -0.82 -36.04
CA ILE A 128 34.45 -0.09 -35.59
C ILE A 128 34.86 0.79 -34.43
N LYS A 129 34.78 2.10 -34.62
CA LYS A 129 35.16 3.07 -33.60
C LYS A 129 34.09 4.14 -33.47
N VAL A 130 33.73 4.47 -32.23
CA VAL A 130 32.74 5.50 -31.94
C VAL A 130 33.48 6.63 -31.23
N CYS A 131 33.61 7.76 -31.90
CA CYS A 131 34.30 8.93 -31.37
C CYS A 131 33.53 10.18 -31.80
N GLU A 132 34.13 11.35 -31.54
CA GLU A 132 33.64 12.60 -32.12
C GLU A 132 34.58 12.94 -33.26
N PHE A 133 34.07 12.80 -34.48
CA PHE A 133 34.89 12.95 -35.67
C PHE A 133 34.60 14.27 -36.38
N GLN A 134 35.62 14.82 -37.02
CA GLN A 134 35.43 15.97 -37.89
C GLN A 134 35.20 15.42 -39.30
N PHE A 135 33.98 15.59 -39.79
CA PHE A 135 33.56 14.91 -41.01
C PHE A 135 33.86 15.77 -42.24
N CYS A 136 34.67 15.22 -43.14
CA CYS A 136 34.97 15.90 -44.39
C CYS A 136 33.75 15.87 -45.31
N ASN A 137 33.64 16.91 -46.14
CA ASN A 137 32.48 17.07 -47.01
C ASN A 137 32.29 15.91 -47.98
N ASP A 138 33.38 15.30 -48.43
CA ASP A 138 33.32 14.16 -49.36
C ASP A 138 34.30 13.10 -48.88
N PRO A 139 33.87 12.21 -47.98
CA PRO A 139 34.78 11.16 -47.49
C PRO A 139 35.06 10.12 -48.57
N PHE A 140 36.32 9.72 -48.64
CA PHE A 140 36.75 8.69 -49.59
C PHE A 140 38.04 8.07 -49.08
N LEU A 141 38.35 6.89 -49.62
CA LEU A 141 39.62 6.21 -49.33
C LEU A 141 40.42 6.16 -50.62
N GLY A 142 41.52 6.90 -50.67
CA GLY A 142 42.28 7.04 -51.90
C GLY A 142 43.24 5.88 -52.13
N VAL A 143 43.40 5.53 -53.40
CA VAL A 143 44.35 4.50 -53.83
C VAL A 143 45.06 5.02 -55.07
N TYR A 144 46.32 4.63 -55.23
CA TYR A 144 47.12 5.14 -56.34
C TYR A 144 48.24 4.15 -56.65
N TYR A 145 48.84 4.34 -57.84
CA TYR A 145 49.98 3.55 -58.29
C TYR A 145 49.63 2.06 -58.34
N HIS A 146 48.75 1.74 -59.29
CA HIS A 146 48.27 0.38 -59.49
C HIS A 146 49.02 -0.36 -60.59
N LYS A 147 50.04 0.26 -61.20
CA LYS A 147 50.73 -0.36 -62.32
C LYS A 147 51.65 -1.50 -61.85
N ASN A 148 52.71 -1.15 -61.13
CA ASN A 148 53.66 -2.12 -60.62
C ASN A 148 53.43 -2.32 -59.12
N ASN A 149 53.32 -3.57 -58.70
CA ASN A 149 53.01 -3.93 -57.31
C ASN A 149 51.76 -3.19 -56.83
N LYS A 150 50.65 -3.47 -57.52
CA LYS A 150 49.36 -2.85 -57.21
C LYS A 150 48.90 -3.13 -55.78
N SER A 151 48.54 -4.38 -55.48
CA SER A 151 48.11 -4.84 -54.16
C SER A 151 46.77 -4.24 -53.75
N TRP A 152 46.32 -3.19 -54.45
CA TRP A 152 45.04 -2.53 -54.20
C TRP A 152 44.82 -2.25 -52.72
N MET A 153 45.89 -1.83 -52.04
CA MET A 153 45.85 -1.62 -50.60
C MET A 153 45.54 -0.16 -50.27
N GLU A 154 44.78 0.03 -49.20
CA GLU A 154 44.45 1.37 -48.72
C GLU A 154 45.71 2.09 -48.26
N SER A 155 45.81 3.37 -48.62
CA SER A 155 46.96 4.19 -48.25
C SER A 155 46.56 5.48 -47.53
N GLU A 156 45.91 6.40 -48.21
CA GLU A 156 45.48 7.67 -47.61
C GLU A 156 44.11 7.49 -46.98
N PHE A 157 43.94 8.04 -45.78
CA PHE A 157 42.68 7.95 -45.04
C PHE A 157 42.11 9.37 -44.96
N ARG A 158 41.08 9.64 -45.76
CA ARG A 158 40.50 10.97 -45.90
C ARG A 158 39.20 11.12 -45.11
N VAL A 159 38.80 10.08 -44.39
CA VAL A 159 37.47 10.06 -43.77
C VAL A 159 37.31 11.18 -42.76
N TYR A 160 38.17 11.25 -41.74
CA TYR A 160 38.08 12.31 -40.75
C TYR A 160 39.47 12.83 -40.45
N SER A 161 39.54 14.12 -40.13
CA SER A 161 40.79 14.78 -39.79
C SER A 161 41.25 14.51 -38.36
N SER A 162 40.32 14.48 -37.40
CA SER A 162 40.67 14.28 -36.01
C SER A 162 39.54 13.55 -35.30
N ALA A 163 39.87 12.96 -34.15
CA ALA A 163 38.89 12.23 -33.36
C ALA A 163 39.14 12.52 -31.88
N ASN A 164 38.06 12.55 -31.10
CA ASN A 164 38.16 12.82 -29.67
C ASN A 164 36.91 12.25 -29.00
N ASN A 165 37.00 12.07 -27.68
CA ASN A 165 35.88 11.61 -26.86
C ASN A 165 35.33 10.28 -27.35
N CYS A 166 36.22 9.29 -27.43
CA CYS A 166 35.87 7.99 -27.97
C CYS A 166 35.22 7.13 -26.89
N THR A 167 33.94 6.79 -27.11
CA THR A 167 33.20 5.96 -26.17
C THR A 167 33.20 4.47 -26.48
N PHE A 168 33.66 4.06 -27.67
CA PHE A 168 33.59 2.65 -28.04
C PHE A 168 34.69 2.33 -29.04
N GLU A 169 35.20 1.09 -28.96
CA GLU A 169 36.15 0.58 -29.92
C GLU A 169 35.99 -0.94 -29.99
N TYR A 170 36.13 -1.51 -31.19
CA TYR A 170 35.96 -2.94 -31.36
C TYR A 170 36.80 -3.42 -32.54
N VAL A 171 37.27 -4.66 -32.44
CA VAL A 171 38.01 -5.33 -33.50
C VAL A 171 37.41 -6.71 -33.69
N SER A 172 37.03 -7.04 -34.91
CA SER A 172 36.37 -8.31 -35.19
C SER A 172 37.39 -9.34 -35.69
N GLN A 173 36.89 -10.51 -36.10
CA GLN A 173 37.76 -11.56 -36.58
C GLN A 173 38.29 -11.23 -37.97
N PRO A 174 39.47 -11.72 -38.33
CA PRO A 174 40.01 -11.44 -39.66
C PRO A 174 39.24 -12.19 -40.76
N PHE A 175 39.37 -11.67 -41.97
CA PHE A 175 38.69 -12.25 -43.12
C PHE A 175 39.48 -11.93 -44.38
N LEU A 176 38.88 -12.25 -45.53
CA LEU A 176 39.49 -12.01 -46.82
C LEU A 176 38.48 -11.36 -47.76
N MET A 177 38.97 -10.50 -48.65
CA MET A 177 38.13 -9.79 -49.59
C MET A 177 38.91 -9.60 -50.88
N ASP A 178 38.22 -9.65 -52.02
CA ASP A 178 38.87 -9.50 -53.31
C ASP A 178 38.78 -8.03 -53.75
N LEU A 179 39.93 -7.36 -53.76
CA LEU A 179 40.01 -5.97 -54.17
C LEU A 179 40.46 -5.78 -55.62
N GLU A 180 40.70 -6.87 -56.35
CA GLU A 180 41.22 -6.78 -57.70
C GLU A 180 40.17 -6.23 -58.66
N GLY A 181 40.57 -5.27 -59.47
CA GLY A 181 39.67 -4.72 -60.48
C GLY A 181 39.47 -5.69 -61.63
N LYS A 182 38.21 -5.82 -62.05
CA LYS A 182 37.84 -6.73 -63.13
C LYS A 182 36.93 -6.02 -64.12
N GLN A 183 36.76 -6.64 -65.28
CA GLN A 183 35.94 -6.12 -66.36
C GLN A 183 34.81 -7.09 -66.64
N GLY A 184 33.68 -6.57 -67.13
CA GLY A 184 32.54 -7.41 -67.43
C GLY A 184 31.48 -7.40 -66.34
N ASN A 185 30.62 -8.41 -66.34
CA ASN A 185 29.52 -8.47 -65.39
C ASN A 185 30.05 -8.68 -63.97
N PHE A 186 29.21 -8.32 -62.99
CA PHE A 186 29.58 -8.42 -61.59
C PHE A 186 29.68 -9.88 -61.17
N LYS A 187 30.42 -10.11 -60.07
CA LYS A 187 30.62 -11.44 -59.54
C LYS A 187 30.26 -11.58 -58.07
N ASN A 188 30.97 -10.91 -57.18
CA ASN A 188 30.74 -11.02 -55.74
C ASN A 188 29.49 -10.24 -55.36
N LEU A 189 28.77 -10.77 -54.36
CA LEU A 189 27.57 -10.12 -53.85
C LEU A 189 27.59 -10.18 -52.34
N ARG A 190 27.36 -9.04 -51.70
CA ARG A 190 27.33 -8.93 -50.24
C ARG A 190 26.04 -8.26 -49.81
N GLU A 191 25.49 -8.75 -48.69
CA GLU A 191 24.25 -8.22 -48.13
C GLU A 191 24.45 -7.91 -46.66
N PHE A 192 23.87 -6.79 -46.22
CA PHE A 192 24.00 -6.34 -44.84
C PHE A 192 22.68 -5.79 -44.35
N VAL A 193 22.39 -6.03 -43.07
CA VAL A 193 21.20 -5.51 -42.41
C VAL A 193 21.63 -4.94 -41.06
N PHE A 194 21.40 -3.64 -40.87
CA PHE A 194 21.75 -2.96 -39.62
C PHE A 194 20.46 -2.54 -38.93
N LYS A 195 20.16 -3.19 -37.80
CA LYS A 195 18.94 -2.95 -37.06
C LYS A 195 19.28 -2.53 -35.64
N ASN A 196 18.53 -1.56 -35.12
CA ASN A 196 18.75 -1.03 -33.77
C ASN A 196 17.72 -1.62 -32.81
N ILE A 197 18.20 -2.35 -31.81
CA ILE A 197 17.34 -2.86 -30.74
C ILE A 197 17.79 -2.14 -29.48
N ASP A 198 16.93 -1.22 -29.02
CA ASP A 198 17.01 -0.51 -27.73
C ASP A 198 18.43 -0.11 -27.36
N GLY A 199 19.21 0.34 -28.34
CA GLY A 199 20.58 0.77 -28.14
C GLY A 199 21.62 -0.20 -28.64
N TYR A 200 21.25 -1.45 -28.92
CA TYR A 200 22.19 -2.47 -29.38
C TYR A 200 22.07 -2.60 -30.90
N PHE A 201 23.21 -2.62 -31.59
CA PHE A 201 23.25 -2.79 -33.03
C PHE A 201 23.72 -4.20 -33.37
N LYS A 202 23.07 -4.83 -34.34
CA LYS A 202 23.42 -6.16 -34.79
C LYS A 202 23.70 -6.14 -36.29
N ILE A 203 24.73 -6.85 -36.71
CA ILE A 203 25.22 -6.83 -38.09
C ILE A 203 25.01 -8.19 -38.71
N TYR A 204 24.47 -8.21 -39.93
CA TYR A 204 24.26 -9.41 -40.70
C TYR A 204 25.12 -9.36 -41.96
N SER A 205 25.73 -10.50 -42.30
CA SER A 205 26.61 -10.57 -43.46
C SER A 205 26.49 -11.92 -44.13
N LYS A 206 26.47 -11.92 -45.46
CA LYS A 206 26.49 -13.14 -46.25
C LYS A 206 27.14 -12.82 -47.59
N HIS A 207 27.86 -13.79 -48.14
CA HIS A 207 28.58 -13.63 -49.40
C HIS A 207 28.39 -14.86 -50.28
N THR A 208 27.90 -14.64 -51.50
CA THR A 208 27.74 -15.70 -52.47
C THR A 208 28.08 -15.18 -53.86
N PRO A 209 28.69 -15.99 -54.71
CA PRO A 209 28.98 -15.55 -56.08
C PRO A 209 27.74 -15.59 -56.96
N ILE A 210 27.66 -14.62 -57.87
CA ILE A 210 26.56 -14.50 -58.83
C ILE A 210 27.13 -14.01 -60.15
N ASN A 211 26.24 -13.89 -61.14
CA ASN A 211 26.55 -13.25 -62.42
C ASN A 211 25.42 -12.27 -62.71
N LEU A 212 25.75 -10.98 -62.75
CA LEU A 212 24.76 -9.93 -62.82
C LEU A 212 25.30 -8.72 -63.58
N VAL A 213 24.44 -8.09 -64.37
CA VAL A 213 24.74 -6.83 -65.03
C VAL A 213 23.96 -5.67 -64.42
N ARG A 214 22.63 -5.71 -64.49
CA ARG A 214 21.79 -4.71 -63.85
C ARG A 214 20.58 -5.42 -63.26
N GLY A 215 20.01 -4.81 -62.22
CA GLY A 215 18.89 -5.42 -61.52
C GLY A 215 19.35 -6.39 -60.44
N LEU A 216 18.54 -7.42 -60.21
CA LEU A 216 18.85 -8.45 -59.24
C LEU A 216 18.56 -9.84 -59.80
N PRO A 217 19.41 -10.81 -59.50
CA PRO A 217 19.10 -12.19 -59.88
C PRO A 217 18.09 -12.82 -58.92
N GLN A 218 17.42 -13.86 -59.42
CA GLN A 218 16.43 -14.56 -58.64
C GLN A 218 17.10 -15.65 -57.80
N GLY A 219 16.97 -15.55 -56.48
CA GLY A 219 17.58 -16.51 -55.60
C GLY A 219 17.13 -16.30 -54.17
N PHE A 220 17.63 -17.15 -53.29
CA PHE A 220 17.29 -17.11 -51.88
C PHE A 220 18.55 -17.40 -51.06
N SER A 221 18.80 -16.56 -50.05
CA SER A 221 19.97 -16.73 -49.20
C SER A 221 19.63 -16.22 -47.79
N ALA A 222 20.30 -16.77 -46.80
CA ALA A 222 20.05 -16.40 -45.41
C ALA A 222 21.20 -15.53 -44.87
N LEU A 223 20.83 -14.61 -43.99
CA LEU A 223 21.78 -13.66 -43.41
C LEU A 223 22.09 -14.04 -41.97
N GLU A 224 23.37 -14.38 -41.71
CA GLU A 224 23.87 -14.82 -40.42
C GLU A 224 24.34 -13.64 -39.58
N PRO A 225 24.09 -13.67 -38.28
CA PRO A 225 24.59 -12.58 -37.41
C PRO A 225 26.11 -12.52 -37.42
N LEU A 226 26.64 -11.30 -37.35
CA LEU A 226 28.08 -11.07 -37.40
C LEU A 226 28.61 -10.45 -36.11
N VAL A 227 28.30 -9.18 -35.88
CA VAL A 227 28.81 -8.44 -34.72
C VAL A 227 27.65 -7.74 -34.03
N ASP A 228 27.56 -7.91 -32.71
CA ASP A 228 26.60 -7.18 -31.90
C ASP A 228 27.30 -6.00 -31.24
N LEU A 229 26.76 -4.80 -31.47
CA LEU A 229 27.39 -3.56 -31.00
C LEU A 229 26.62 -2.99 -29.82
N PRO A 230 27.20 -3.05 -28.54
CA PRO A 230 26.57 -2.41 -27.37
C PRO A 230 26.97 -0.95 -27.23
N ILE A 231 26.40 -0.11 -28.09
CA ILE A 231 26.79 1.30 -28.17
C ILE A 231 25.72 2.17 -27.53
N GLY A 232 24.57 2.28 -28.18
CA GLY A 232 23.48 3.11 -27.70
C GLY A 232 23.34 4.44 -28.39
N ILE A 233 24.02 4.66 -29.51
CA ILE A 233 23.95 5.94 -30.22
C ILE A 233 22.68 5.97 -31.08
N ASN A 234 22.05 7.14 -31.16
CA ASN A 234 20.93 7.34 -32.05
C ASN A 234 21.45 7.75 -33.43
N ILE A 235 20.90 7.13 -34.47
CA ILE A 235 21.33 7.36 -35.84
C ILE A 235 20.11 7.78 -36.67
N THR A 236 20.07 9.04 -37.10
CA THR A 236 19.02 9.52 -37.97
C THR A 236 19.39 9.56 -39.44
N ARG A 237 20.65 9.33 -39.80
CA ARG A 237 21.11 9.43 -41.18
C ARG A 237 22.36 8.59 -41.38
N PHE A 238 22.66 8.30 -42.64
CA PHE A 238 23.87 7.56 -43.00
C PHE A 238 24.29 7.96 -44.40
N GLN A 239 25.54 7.68 -44.74
CA GLN A 239 26.10 8.05 -46.03
C GLN A 239 27.06 6.95 -46.50
N THR A 240 27.16 6.80 -47.82
CA THR A 240 28.06 5.82 -48.40
C THR A 240 29.49 6.32 -48.36
N LEU A 241 30.40 5.48 -47.88
CA LEU A 241 31.82 5.83 -47.86
C LEU A 241 32.53 5.37 -49.13
N HIS A 242 42.53 5.16 -59.50
CA HIS A 242 41.90 6.46 -59.28
C HIS A 242 42.36 7.08 -57.96
N ILE A 243 43.16 8.13 -58.04
CA ILE A 243 43.58 8.69 -59.32
C ILE A 243 44.95 8.11 -59.71
N SER A 244 45.13 7.87 -61.01
CA SER A 244 46.37 7.33 -61.53
C SER A 244 47.49 8.37 -61.49
N SER A 252 41.10 17.97 -52.95
CA SER A 252 40.83 16.56 -53.28
C SER A 252 39.68 16.45 -54.28
N SER A 253 39.51 17.47 -55.12
CA SER A 253 38.44 17.48 -56.10
C SER A 253 38.77 16.65 -57.34
N GLY A 254 40.04 16.35 -57.57
CA GLY A 254 40.45 15.57 -58.73
C GLY A 254 40.28 14.07 -58.61
N TRP A 255 39.83 13.58 -57.46
CA TRP A 255 39.66 12.15 -57.27
C TRP A 255 38.38 11.67 -57.97
N THR A 256 38.42 10.42 -58.43
CA THR A 256 37.30 9.77 -59.09
C THR A 256 37.00 8.46 -58.38
N ALA A 257 36.05 7.71 -58.93
CA ALA A 257 35.64 6.43 -58.37
C ALA A 257 35.65 5.36 -59.47
N GLY A 258 35.63 4.10 -59.03
CA GLY A 258 35.60 2.97 -59.92
C GLY A 258 34.19 2.51 -60.24
N ALA A 259 34.09 1.26 -60.67
CA ALA A 259 32.81 0.67 -61.04
C ALA A 259 32.26 -0.09 -59.84
N ALA A 260 31.12 0.37 -59.32
CA ALA A 260 30.50 -0.27 -58.16
C ALA A 260 29.02 0.05 -58.17
N ALA A 261 28.25 -0.75 -57.42
CA ALA A 261 26.82 -0.55 -57.28
C ALA A 261 26.38 -1.10 -55.94
N TYR A 262 25.29 -0.56 -55.42
CA TYR A 262 24.76 -0.99 -54.13
C TYR A 262 23.26 -0.74 -54.08
N TYR A 263 22.60 -1.40 -53.14
CA TYR A 263 21.16 -1.28 -52.95
C TYR A 263 20.86 -0.81 -51.54
N VAL A 264 19.82 -0.01 -51.40
CA VAL A 264 19.38 0.51 -50.10
C VAL A 264 17.90 0.18 -49.94
N GLY A 265 17.58 -0.66 -48.96
CA GLY A 265 16.22 -0.98 -48.62
C GLY A 265 15.78 -0.30 -47.34
N TYR A 266 14.59 -0.68 -46.89
CA TYR A 266 14.04 -0.19 -45.63
C TYR A 266 13.29 -1.32 -44.93
N LEU A 267 13.52 -1.43 -43.63
CA LEU A 267 12.93 -2.50 -42.84
C LEU A 267 11.58 -2.08 -42.27
N GLN A 268 10.63 -3.01 -42.29
CA GLN A 268 9.30 -2.79 -41.74
C GLN A 268 8.93 -3.97 -40.84
N PRO A 269 8.05 -3.75 -39.86
CA PRO A 269 7.66 -4.84 -38.96
C PRO A 269 6.83 -5.91 -39.67
N ARG A 270 7.50 -6.74 -40.48
CA ARG A 270 6.85 -7.82 -41.21
C ARG A 270 6.78 -9.07 -40.35
N THR A 271 6.20 -10.13 -40.91
CA THR A 271 6.04 -11.41 -40.24
C THR A 271 6.43 -12.53 -41.19
N PHE A 272 7.45 -13.30 -40.82
CA PHE A 272 7.91 -14.42 -41.63
C PHE A 272 7.47 -15.75 -41.01
N LEU A 273 7.22 -16.71 -41.88
CA LEU A 273 7.06 -18.11 -41.50
C LEU A 273 8.17 -18.88 -42.22
N LEU A 274 9.13 -19.38 -41.44
CA LEU A 274 10.37 -19.89 -41.99
C LEU A 274 10.42 -21.41 -41.92
N LYS A 275 11.05 -22.03 -42.92
CA LYS A 275 11.29 -23.46 -42.94
C LYS A 275 12.69 -23.74 -42.43
N TYR A 276 12.82 -24.74 -41.58
CA TYR A 276 14.11 -25.13 -40.99
C TYR A 276 14.39 -26.59 -41.32
N ASN A 277 15.47 -26.82 -42.06
CA ASN A 277 15.85 -28.17 -42.46
C ASN A 277 16.54 -28.87 -41.28
N GLU A 278 17.07 -30.06 -41.54
CA GLU A 278 17.75 -30.80 -40.48
C GLU A 278 19.06 -30.16 -40.07
N ASN A 279 19.65 -29.32 -40.92
CA ASN A 279 20.90 -28.65 -40.61
C ASN A 279 20.70 -27.26 -40.02
N GLY A 280 19.45 -26.80 -39.90
CA GLY A 280 19.17 -25.50 -39.32
C GLY A 280 19.26 -24.34 -40.27
N THR A 281 19.41 -24.59 -41.57
CA THR A 281 19.50 -23.52 -42.56
C THR A 281 18.12 -23.22 -43.13
N ILE A 282 17.85 -21.94 -43.36
CA ILE A 282 16.53 -21.52 -43.86
C ILE A 282 16.49 -21.77 -45.37
N THR A 283 15.59 -22.65 -45.79
CA THR A 283 15.38 -22.92 -47.21
C THR A 283 14.23 -22.15 -47.84
N ASP A 284 13.39 -21.49 -47.04
CA ASP A 284 12.21 -20.83 -47.59
C ASP A 284 11.74 -19.76 -46.62
N ALA A 285 10.98 -18.81 -47.14
CA ALA A 285 10.41 -17.74 -46.33
C ALA A 285 9.04 -17.37 -46.87
N VAL A 286 8.12 -17.07 -45.97
CA VAL A 286 6.76 -16.67 -46.32
C VAL A 286 6.38 -15.46 -45.47
N ASP A 287 6.10 -14.35 -46.15
CA ASP A 287 5.70 -13.11 -45.49
C ASP A 287 4.30 -12.75 -45.98
N CYS A 288 3.34 -12.67 -45.07
CA CYS A 288 1.98 -12.38 -45.51
C CYS A 288 1.51 -11.02 -45.00
N ALA A 289 1.70 -9.96 -45.84
CA ALA A 289 0.59 -9.07 -46.21
C ALA A 289 0.25 -9.25 -47.69
N LEU A 290 1.02 -10.04 -48.43
CA LEU A 290 1.12 -9.88 -49.87
C LEU A 290 -0.03 -10.54 -50.62
N ASP A 291 -0.34 -11.79 -50.30
CA ASP A 291 -1.21 -12.58 -51.16
C ASP A 291 -2.19 -13.36 -50.31
N PRO A 292 -3.46 -13.42 -50.72
CA PRO A 292 -4.40 -14.32 -50.03
C PRO A 292 -3.99 -15.78 -50.11
N LEU A 293 -3.28 -16.18 -51.17
CA LEU A 293 -2.68 -17.51 -51.18
C LEU A 293 -1.68 -17.66 -50.05
N SER A 294 -0.85 -16.63 -49.83
CA SER A 294 0.07 -16.66 -48.70
C SER A 294 -0.68 -16.60 -47.38
N GLU A 295 -1.71 -15.75 -47.28
CA GLU A 295 -2.48 -15.62 -46.05
C GLU A 295 -2.94 -16.97 -45.52
N THR A 296 -3.27 -17.90 -46.40
CA THR A 296 -3.58 -19.26 -45.97
C THR A 296 -2.36 -19.99 -45.43
N LYS A 297 -1.18 -19.79 -46.02
CA LYS A 297 0.03 -20.41 -45.52
C LYS A 297 0.41 -19.89 -44.14
N CYS A 298 0.40 -18.58 -43.93
CA CYS A 298 0.70 -18.03 -42.62
C CYS A 298 -0.34 -18.42 -41.58
N THR A 299 -1.59 -18.60 -41.99
CA THR A 299 -2.64 -18.99 -41.05
C THR A 299 -2.58 -20.47 -40.72
N LEU A 300 -2.46 -21.33 -41.74
CA LEU A 300 -2.49 -22.77 -41.53
C LEU A 300 -1.17 -23.33 -41.02
N LYS A 301 -0.11 -22.51 -40.95
CA LYS A 301 1.21 -22.93 -40.49
C LYS A 301 1.75 -24.07 -41.36
N SER A 302 1.48 -23.98 -42.66
CA SER A 302 1.96 -24.97 -43.62
C SER A 302 2.15 -24.30 -44.97
N PHE A 303 3.15 -24.77 -45.72
CA PHE A 303 3.43 -24.21 -47.03
C PHE A 303 2.65 -24.89 -48.15
N THR A 304 1.97 -25.99 -47.87
CA THR A 304 1.15 -26.69 -48.85
C THR A 304 -0.31 -26.56 -48.44
N VAL A 305 -1.07 -25.79 -49.22
CA VAL A 305 -2.47 -25.53 -48.92
C VAL A 305 -3.32 -26.45 -49.80
N GLU A 306 -4.03 -27.37 -49.17
CA GLU A 306 -4.92 -28.28 -49.89
C GLU A 306 -6.15 -27.53 -50.39
N LYS A 307 -6.81 -28.12 -51.39
CA LYS A 307 -7.94 -27.50 -52.03
C LYS A 307 -9.10 -27.34 -51.05
N GLY A 308 -9.63 -26.12 -50.97
CA GLY A 308 -10.74 -25.84 -50.07
C GLY A 308 -10.81 -24.36 -49.77
N ILE A 309 -11.86 -23.98 -49.04
CA ILE A 309 -12.10 -22.61 -48.63
C ILE A 309 -11.69 -22.46 -47.17
N TYR A 310 -10.94 -21.41 -46.87
CA TYR A 310 -10.40 -21.17 -45.53
C TYR A 310 -10.55 -19.70 -45.17
N GLN A 311 -10.72 -19.44 -43.88
CA GLN A 311 -10.85 -18.09 -43.34
C GLN A 311 -9.54 -17.68 -42.70
N THR A 312 -9.02 -16.52 -43.12
CA THR A 312 -7.73 -16.02 -42.64
C THR A 312 -7.86 -14.87 -41.65
N SER A 313 -8.22 -13.68 -42.11
CA SER A 313 -8.30 -12.52 -41.25
C SER A 313 -9.70 -11.92 -41.34
N ASN A 314 -9.89 -10.80 -40.65
CA ASN A 314 -11.17 -10.09 -40.65
C ASN A 314 -10.97 -8.69 -41.21
N PHE A 315 -12.02 -8.18 -41.85
CA PHE A 315 -12.00 -6.84 -42.43
C PHE A 315 -12.92 -5.92 -41.64
N ARG A 316 -12.52 -4.66 -41.54
CA ARG A 316 -13.27 -3.68 -40.76
C ARG A 316 -13.25 -2.35 -41.51
N VAL A 317 -14.41 -1.69 -41.58
CA VAL A 317 -14.49 -0.38 -42.20
C VAL A 317 -14.07 0.67 -41.18
N GLN A 318 -13.04 1.44 -41.52
CA GLN A 318 -12.51 2.43 -40.59
C GLN A 318 -13.30 3.74 -40.69
N PRO A 319 -13.55 4.40 -39.57
CA PRO A 319 -14.27 5.68 -39.61
C PRO A 319 -13.50 6.74 -40.40
N THR A 320 -14.22 7.42 -41.29
CA THR A 320 -13.62 8.46 -42.11
C THR A 320 -13.40 9.75 -41.32
N GLU A 321 -14.40 10.18 -40.56
CA GLU A 321 -14.31 11.39 -39.76
C GLU A 321 -15.20 11.25 -38.55
N SER A 322 -15.38 12.36 -37.82
CA SER A 322 -16.20 12.39 -36.62
C SER A 322 -17.22 13.51 -36.71
N ILE A 323 -18.41 13.24 -36.16
CA ILE A 323 -19.49 14.22 -36.11
C ILE A 323 -19.65 14.67 -34.67
N VAL A 324 -19.67 15.99 -34.46
CA VAL A 324 -19.80 16.59 -33.15
C VAL A 324 -20.99 17.54 -33.20
N ARG A 325 -22.04 17.23 -32.43
CA ARG A 325 -23.27 18.01 -32.42
C ARG A 325 -23.72 18.23 -30.99
N PHE A 326 -24.19 19.43 -30.69
CA PHE A 326 -24.70 19.81 -29.38
C PHE A 326 -25.85 20.80 -29.56
N PRO A 327 -26.75 20.90 -28.59
CA PRO A 327 -27.87 21.84 -28.72
C PRO A 327 -27.40 23.28 -28.75
N ASN A 328 -28.31 24.15 -29.19
CA ASN A 328 -27.97 25.54 -29.45
C ASN A 328 -27.52 26.24 -28.17
N ILE A 329 -26.63 27.22 -28.34
CA ILE A 329 -26.02 27.93 -27.22
C ILE A 329 -26.76 29.22 -26.89
N THR A 330 -27.90 29.47 -27.53
CA THR A 330 -28.60 30.73 -27.34
C THR A 330 -29.18 30.84 -25.93
N ASN A 331 -29.91 31.93 -25.70
CA ASN A 331 -30.33 32.33 -24.36
C ASN A 331 -29.12 32.47 -23.45
N LEU A 332 -28.15 33.27 -23.91
CA LEU A 332 -26.89 33.43 -23.20
C LEU A 332 -27.08 34.36 -22.01
N CYS A 333 -26.28 34.12 -20.97
CA CYS A 333 -26.46 34.78 -19.68
C CYS A 333 -25.98 36.24 -19.79
N PRO A 334 -26.74 37.18 -19.22
CA PRO A 334 -26.34 38.59 -19.35
C PRO A 334 -25.09 38.95 -18.55
N PHE A 335 -23.93 38.52 -19.05
CA PHE A 335 -22.67 38.88 -18.42
C PHE A 335 -22.27 40.33 -18.68
N GLY A 336 -22.75 40.93 -19.77
CA GLY A 336 -22.44 42.32 -20.07
C GLY A 336 -22.97 43.32 -19.06
N GLU A 337 -23.93 42.90 -18.22
CA GLU A 337 -24.46 43.80 -17.20
C GLU A 337 -23.44 44.15 -16.15
N VAL A 338 -22.52 43.25 -15.82
CA VAL A 338 -21.50 43.48 -14.81
C VAL A 338 -20.37 44.35 -15.35
N PHE A 339 -19.85 44.03 -16.53
CA PHE A 339 -18.68 44.73 -17.05
C PHE A 339 -19.04 46.07 -17.70
N ASN A 340 -20.13 46.12 -18.47
CA ASN A 340 -20.47 47.28 -19.27
C ASN A 340 -21.38 48.25 -18.53
N ALA A 341 -21.64 47.99 -17.25
CA ALA A 341 -22.48 48.88 -16.46
C ALA A 341 -21.83 50.25 -16.33
N THR A 342 -22.68 51.27 -16.20
CA THR A 342 -22.21 52.65 -16.15
C THR A 342 -21.48 52.95 -14.85
N ARG A 343 -22.10 52.66 -13.71
CA ARG A 343 -21.54 52.96 -12.40
C ARG A 343 -21.44 51.69 -11.57
N PHE A 344 -20.31 51.50 -10.92
CA PHE A 344 -20.11 50.37 -10.02
C PHE A 344 -20.20 50.81 -8.57
N ALA A 345 -20.12 49.84 -7.67
CA ALA A 345 -20.03 50.08 -6.24
C ALA A 345 -18.59 50.41 -5.85
N SER A 346 -18.45 51.11 -4.73
CA SER A 346 -17.12 51.41 -4.21
C SER A 346 -16.49 50.14 -3.63
N VAL A 347 -15.29 50.30 -3.08
CA VAL A 347 -14.53 49.15 -2.61
C VAL A 347 -15.16 48.50 -1.39
N TYR A 348 -15.67 49.28 -0.43
CA TYR A 348 -16.36 48.72 0.73
C TYR A 348 -17.81 48.39 0.44
N ALA A 349 -18.44 49.05 -0.54
CA ALA A 349 -19.85 48.92 -0.87
C ALA A 349 -20.04 47.87 -1.95
N TRP A 350 -18.96 47.14 -2.27
CA TRP A 350 -18.92 46.25 -3.41
C TRP A 350 -20.14 45.33 -3.47
N ASN A 351 -20.72 45.21 -4.65
CA ASN A 351 -21.94 44.45 -4.86
C ASN A 351 -21.60 43.06 -5.41
N ARG A 352 -22.36 42.07 -4.96
CA ARG A 352 -22.20 40.69 -5.40
C ARG A 352 -23.43 40.27 -6.17
N LYS A 353 -23.25 39.90 -7.43
CA LYS A 353 -24.35 39.48 -8.29
C LYS A 353 -24.34 37.96 -8.40
N ARG A 354 -25.50 37.34 -8.16
CA ARG A 354 -25.65 35.89 -8.23
C ARG A 354 -25.91 35.50 -9.67
N ILE A 355 -25.12 34.55 -10.18
CA ILE A 355 -25.26 34.04 -11.54
C ILE A 355 -25.68 32.57 -11.42
N SER A 356 -26.92 32.28 -11.80
CA SER A 356 -27.43 30.92 -11.76
C SER A 356 -28.37 30.71 -12.93
N ASN A 357 -28.48 29.45 -13.37
CA ASN A 357 -29.29 29.06 -14.51
C ASN A 357 -28.88 29.85 -15.76
N CYS A 358 -27.66 29.56 -16.22
CA CYS A 358 -27.04 30.30 -17.30
C CYS A 358 -26.08 29.40 -18.07
N VAL A 359 -25.68 29.87 -19.25
CA VAL A 359 -24.55 29.33 -20.00
C VAL A 359 -23.45 30.37 -19.98
N ALA A 360 -22.22 29.94 -19.71
CA ALA A 360 -21.11 30.85 -19.47
C ALA A 360 -20.05 30.69 -20.56
N ASP A 361 -19.88 31.72 -21.37
CA ASP A 361 -18.86 31.76 -22.42
C ASP A 361 -17.78 32.75 -22.00
N TYR A 362 -16.61 32.25 -21.66
CA TYR A 362 -15.50 33.08 -21.22
C TYR A 362 -14.52 33.42 -22.33
N SER A 363 -14.79 33.00 -23.57
CA SER A 363 -13.87 33.28 -24.67
C SER A 363 -13.74 34.79 -24.93
N VAL A 364 -14.81 35.55 -24.69
CA VAL A 364 -14.74 36.99 -24.90
C VAL A 364 -14.02 37.68 -23.75
N LEU A 365 -14.15 37.16 -22.53
CA LEU A 365 -13.55 37.81 -21.38
C LEU A 365 -12.04 37.68 -21.35
N TYR A 366 -11.47 36.72 -22.07
CA TYR A 366 -10.04 36.46 -22.04
C TYR A 366 -9.37 36.54 -23.39
N ASN A 367 -9.72 35.66 -24.33
CA ASN A 367 -9.05 35.58 -25.62
C ASN A 367 -9.20 36.84 -26.46
N SER A 368 -10.17 37.70 -26.16
CA SER A 368 -10.34 38.94 -26.89
C SER A 368 -9.23 39.95 -26.62
N ALA A 369 -8.57 39.86 -25.47
CA ALA A 369 -7.48 40.76 -25.09
C ALA A 369 -7.93 42.22 -25.11
N SER A 370 -9.18 42.46 -24.74
CA SER A 370 -9.74 43.81 -24.74
C SER A 370 -9.47 44.56 -23.44
N PHE A 371 -9.01 43.87 -22.40
CA PHE A 371 -8.76 44.53 -21.12
C PHE A 371 -7.26 44.73 -20.92
N SER A 372 -6.91 45.37 -19.80
CA SER A 372 -5.50 45.64 -19.52
C SER A 372 -4.76 44.36 -19.15
N THR A 373 -5.23 43.65 -18.12
CA THR A 373 -4.58 42.42 -17.69
C THR A 373 -5.56 41.59 -16.87
N PHE A 374 -5.28 40.30 -16.77
CA PHE A 374 -5.99 39.42 -15.87
C PHE A 374 -5.01 38.39 -15.33
N LYS A 375 -5.05 38.16 -14.01
CA LYS A 375 -4.11 37.26 -13.34
C LYS A 375 -4.86 36.45 -12.30
N CYS A 376 -4.65 35.14 -12.31
CA CYS A 376 -5.20 34.24 -11.32
C CYS A 376 -4.40 32.94 -11.28
N TYR A 377 -4.55 32.21 -10.17
CA TYR A 377 -3.82 30.99 -9.92
C TYR A 377 -4.80 29.83 -9.78
N GLY A 378 -4.32 28.61 -10.04
CA GLY A 378 -5.10 27.41 -9.86
C GLY A 378 -5.88 26.95 -11.06
N VAL A 379 -6.16 27.84 -12.02
CA VAL A 379 -6.90 27.49 -13.23
C VAL A 379 -6.41 28.35 -14.38
N SER A 380 -6.31 27.75 -15.56
CA SER A 380 -5.95 28.48 -16.77
C SER A 380 -7.22 29.00 -17.45
N PRO A 381 -7.10 30.06 -18.26
CA PRO A 381 -8.30 30.59 -18.93
C PRO A 381 -8.94 29.63 -19.90
N THR A 382 -8.19 28.69 -20.47
CA THR A 382 -8.74 27.67 -21.35
C THR A 382 -9.38 26.52 -20.59
N LYS A 383 -9.04 26.34 -19.31
CA LYS A 383 -9.59 25.27 -18.48
C LYS A 383 -10.98 25.58 -17.97
N LEU A 384 -11.36 26.86 -17.89
CA LEU A 384 -12.66 27.25 -17.37
C LEU A 384 -13.79 27.04 -18.38
N ASN A 385 -13.46 26.89 -19.66
CA ASN A 385 -14.48 26.71 -20.69
C ASN A 385 -15.13 25.32 -20.69
N ASP A 386 -14.33 24.25 -20.61
CA ASP A 386 -14.85 22.89 -20.65
C ASP A 386 -15.24 22.37 -19.28
N LEU A 387 -14.92 23.11 -18.22
CA LEU A 387 -15.27 22.74 -16.86
C LEU A 387 -16.24 23.79 -16.30
N CYS A 388 -17.05 23.37 -15.33
CA CYS A 388 -18.04 24.25 -14.73
C CYS A 388 -18.36 23.81 -13.31
N PHE A 389 -18.80 24.77 -12.50
CA PHE A 389 -18.93 24.61 -11.05
C PHE A 389 -20.36 24.92 -10.63
N THR A 390 -20.58 24.97 -9.31
CA THR A 390 -21.93 25.09 -8.77
C THR A 390 -22.47 26.50 -8.94
N ASN A 391 -21.91 27.48 -8.23
CA ASN A 391 -22.37 28.85 -8.30
C ASN A 391 -21.23 29.75 -8.76
N VAL A 392 -21.60 30.88 -9.36
CA VAL A 392 -20.66 31.88 -9.85
C VAL A 392 -21.15 33.25 -9.39
N TYR A 393 -20.26 34.02 -8.78
CA TYR A 393 -20.58 35.37 -8.33
C TYR A 393 -19.62 36.38 -8.96
N ALA A 394 -20.03 37.64 -8.97
CA ALA A 394 -19.24 38.72 -9.55
C ALA A 394 -19.16 39.86 -8.55
N ASP A 395 -17.94 40.25 -8.19
CA ASP A 395 -17.70 41.34 -7.26
C ASP A 395 -17.03 42.50 -7.99
N SER A 396 -17.70 43.65 -8.03
CA SER A 396 -17.22 44.80 -8.77
C SER A 396 -16.87 45.92 -7.80
N PHE A 397 -15.68 46.49 -7.96
CA PHE A 397 -15.25 47.62 -7.15
C PHE A 397 -14.18 48.38 -7.93
N VAL A 398 -13.99 49.64 -7.55
CA VAL A 398 -13.05 50.54 -8.21
C VAL A 398 -11.97 50.93 -7.21
N ILE A 399 -10.71 50.70 -7.57
CA ILE A 399 -9.57 51.03 -6.75
C ILE A 399 -8.54 51.77 -7.61
N ARG A 400 -7.41 52.11 -6.99
CA ARG A 400 -6.34 52.82 -7.68
C ARG A 400 -5.42 51.83 -8.40
N GLY A 401 -4.41 52.38 -9.07
CA GLY A 401 -3.50 51.53 -9.83
C GLY A 401 -2.54 50.75 -8.94
N ASP A 402 -1.92 51.42 -7.97
CA ASP A 402 -1.01 50.76 -7.06
C ASP A 402 -1.70 49.79 -6.12
N GLU A 403 -3.03 49.86 -6.00
CA GLU A 403 -3.79 48.96 -5.16
C GLU A 403 -4.22 47.69 -5.89
N VAL A 404 -3.96 47.59 -7.19
CA VAL A 404 -4.34 46.38 -7.93
C VAL A 404 -3.51 45.20 -7.46
N ARG A 405 -2.21 45.40 -7.20
CA ARG A 405 -1.37 44.32 -6.69
C ARG A 405 -1.79 43.87 -5.30
N GLN A 406 -2.49 44.71 -4.54
CA GLN A 406 -2.94 44.35 -3.21
C GLN A 406 -4.07 43.34 -3.23
N ILE A 407 -4.71 43.11 -4.38
CA ILE A 407 -5.80 42.13 -4.48
C ILE A 407 -5.14 40.84 -4.96
N ALA A 408 -5.08 39.87 -4.04
CA ALA A 408 -4.44 38.58 -4.27
C ALA A 408 -4.53 37.79 -2.97
N PRO A 409 -4.61 36.46 -3.04
CA PRO A 409 -4.60 35.65 -1.81
C PRO A 409 -3.30 35.85 -1.04
N GLY A 410 -3.43 36.11 0.26
CA GLY A 410 -2.28 36.30 1.12
C GLY A 410 -1.58 37.63 0.99
N GLN A 411 -2.31 38.71 0.74
CA GLN A 411 -1.74 40.04 0.62
C GLN A 411 -2.40 41.01 1.59
N THR A 412 -1.65 42.01 2.02
CA THR A 412 -2.14 43.02 2.94
C THR A 412 -2.14 44.38 2.25
N GLY A 413 -2.58 45.39 2.99
CA GLY A 413 -2.66 46.74 2.48
C GLY A 413 -3.82 47.47 3.13
N ASN A 414 -4.11 48.66 2.58
CA ASN A 414 -5.23 49.44 3.09
C ASN A 414 -6.58 48.87 2.68
N ILE A 415 -6.75 48.51 1.41
CA ILE A 415 -8.00 47.92 0.94
C ILE A 415 -8.06 46.42 1.21
N ALA A 416 -6.92 45.75 1.43
CA ALA A 416 -6.93 44.32 1.65
C ALA A 416 -7.55 43.94 2.99
N ASP A 417 -7.07 44.51 4.09
CA ASP A 417 -7.62 44.20 5.41
C ASP A 417 -8.89 44.95 5.75
N TYR A 418 -8.98 46.24 5.42
CA TYR A 418 -10.11 47.06 5.84
C TYR A 418 -11.22 47.19 4.82
N ASN A 419 -11.06 46.65 3.62
CA ASN A 419 -12.08 46.77 2.58
C ASN A 419 -12.43 45.44 1.92
N TYR A 420 -11.51 44.85 1.16
CA TYR A 420 -11.81 43.63 0.41
C TYR A 420 -10.64 42.66 0.56
N LYS A 421 -10.94 41.45 1.01
CA LYS A 421 -9.92 40.44 1.28
C LYS A 421 -10.28 39.14 0.57
N LEU A 422 -9.29 38.57 -0.16
CA LEU A 422 -9.42 37.27 -0.83
C LEU A 422 -8.92 36.16 0.08
N PRO A 423 -9.61 35.02 0.11
CA PRO A 423 -9.11 33.87 0.88
C PRO A 423 -7.92 33.22 0.20
N ASP A 424 -7.19 32.42 0.98
CA ASP A 424 -6.00 31.77 0.45
C ASP A 424 -6.35 30.66 -0.54
N ASP A 425 -7.54 30.08 -0.43
CA ASP A 425 -7.98 29.00 -1.30
C ASP A 425 -8.78 29.51 -2.50
N PHE A 426 -8.87 30.82 -2.66
CA PHE A 426 -9.67 31.41 -3.74
C PHE A 426 -9.16 30.94 -5.09
N THR A 427 -10.05 30.29 -5.86
CA THR A 427 -9.67 29.69 -7.13
C THR A 427 -10.09 30.60 -8.30
N GLY A 428 -10.80 31.69 -7.99
CA GLY A 428 -11.38 32.54 -9.00
C GLY A 428 -10.34 33.37 -9.74
N CYS A 429 -10.85 34.17 -10.69
CA CYS A 429 -10.01 35.03 -11.51
C CYS A 429 -10.54 36.45 -11.50
N VAL A 430 -9.64 37.40 -11.70
CA VAL A 430 -9.93 38.82 -11.56
C VAL A 430 -9.64 39.50 -12.90
N ILE A 431 -10.52 40.42 -13.30
CA ILE A 431 -10.38 41.17 -14.54
C ILE A 431 -10.47 42.66 -14.21
N ALA A 432 -9.53 43.44 -14.74
CA ALA A 432 -9.49 44.88 -14.52
C ALA A 432 -9.17 45.60 -15.82
N TRP A 433 -9.56 46.87 -15.89
CA TRP A 433 -9.33 47.68 -17.08
C TRP A 433 -9.29 49.14 -16.68
N ASN A 434 -8.77 49.97 -17.57
CA ASN A 434 -8.53 51.37 -17.25
C ASN A 434 -9.82 52.18 -17.37
N SER A 435 -10.23 52.77 -16.25
CA SER A 435 -11.47 53.55 -16.16
C SER A 435 -11.20 55.04 -16.28
N ASN A 436 -9.94 55.42 -16.51
CA ASN A 436 -9.57 56.84 -16.49
C ASN A 436 -10.38 57.68 -17.46
N ASN A 437 -10.90 57.07 -18.53
CA ASN A 437 -11.71 57.80 -19.50
C ASN A 437 -13.17 57.92 -19.09
N LEU A 438 -13.56 57.35 -17.95
CA LEU A 438 -14.95 57.34 -17.51
C LEU A 438 -15.13 57.89 -16.10
N ASP A 439 -14.55 57.22 -15.09
CA ASP A 439 -14.78 57.56 -13.69
C ASP A 439 -13.91 58.73 -13.22
N SER A 440 -13.06 59.26 -14.11
CA SER A 440 -12.21 60.38 -13.78
C SER A 440 -12.78 61.65 -14.39
N LYS A 441 -12.62 62.75 -13.66
CA LYS A 441 -13.11 64.05 -14.12
C LYS A 441 -12.28 65.14 -13.45
N VAL A 442 -12.35 66.35 -14.02
CA VAL A 442 -11.62 67.47 -13.47
C VAL A 442 -12.18 67.85 -12.11
N GLY A 443 -11.30 68.38 -11.25
CA GLY A 443 -11.67 68.75 -9.89
C GLY A 443 -11.78 67.60 -8.93
N GLY A 444 -11.57 66.36 -9.39
CA GLY A 444 -11.65 65.20 -8.53
C GLY A 444 -13.02 64.53 -8.58
N ASN A 445 -13.03 63.21 -8.40
CA ASN A 445 -14.28 62.45 -8.37
C ASN A 445 -14.45 61.91 -6.95
N TYR A 446 -15.42 62.48 -6.22
CA TYR A 446 -15.67 62.13 -4.84
C TYR A 446 -16.79 61.10 -4.69
N ASN A 447 -17.34 60.62 -5.80
CA ASN A 447 -18.44 59.66 -5.74
C ASN A 447 -18.02 58.33 -5.12
N TYR A 448 -16.77 57.94 -5.30
CA TYR A 448 -16.25 56.69 -4.75
C TYR A 448 -15.58 56.96 -3.41
N LEU A 449 -15.75 56.04 -2.47
CA LEU A 449 -15.20 56.17 -1.13
C LEU A 449 -14.47 54.89 -0.76
N TYR A 450 -13.65 54.98 0.29
CA TYR A 450 -12.92 53.81 0.77
C TYR A 450 -12.73 53.92 2.28
N ARG A 451 -12.57 52.77 2.93
CA ARG A 451 -12.45 52.70 4.38
C ARG A 451 -10.97 52.74 4.76
N LEU A 452 -10.54 53.86 5.35
CA LEU A 452 -9.14 54.03 5.74
C LEU A 452 -8.83 53.40 7.09
N PHE A 453 -9.71 53.55 8.08
CA PHE A 453 -9.47 53.03 9.42
C PHE A 453 -10.58 52.07 9.83
N ARG A 454 -10.18 50.95 10.44
CA ARG A 454 -11.13 50.03 11.03
C ARG A 454 -10.46 49.37 12.23
N LYS A 455 -11.24 49.14 13.29
CA LYS A 455 -10.69 48.65 14.55
C LYS A 455 -10.10 47.25 14.44
N SER A 456 -10.45 46.50 13.41
CA SER A 456 -9.94 45.15 13.25
C SER A 456 -9.82 44.84 11.76
N ASN A 457 -9.51 43.58 11.46
CA ASN A 457 -9.37 43.12 10.09
C ASN A 457 -10.61 42.33 9.65
N LEU A 458 -11.01 42.55 8.40
CA LEU A 458 -12.17 41.89 7.84
C LEU A 458 -11.87 40.42 7.54
N LYS A 459 -12.93 39.63 7.48
CA LYS A 459 -12.87 38.24 7.08
C LYS A 459 -12.91 38.13 5.56
N PRO A 460 -12.49 36.99 5.01
CA PRO A 460 -12.60 36.80 3.55
C PRO A 460 -14.05 36.93 3.08
N PHE A 461 -14.24 37.72 2.03
CA PHE A 461 -15.57 37.96 1.44
C PHE A 461 -16.52 38.58 2.47
N GLU A 462 -16.06 39.63 3.14
CA GLU A 462 -16.87 40.35 4.12
C GLU A 462 -17.09 41.78 3.64
N ARG A 463 -18.31 42.28 3.83
CA ARG A 463 -18.68 43.63 3.44
C ARG A 463 -19.23 44.38 4.64
N ASP A 464 -18.53 45.45 5.05
CA ASP A 464 -18.96 46.29 6.15
C ASP A 464 -19.31 47.67 5.59
N ILE A 465 -20.61 47.98 5.55
CA ILE A 465 -21.09 49.27 5.09
C ILE A 465 -21.39 50.21 6.24
N SER A 466 -21.22 49.76 7.48
CA SER A 466 -21.58 50.55 8.65
C SER A 466 -20.63 51.72 8.84
N THR A 467 -21.12 52.75 9.53
CA THR A 467 -20.34 53.93 9.87
C THR A 467 -20.20 54.04 11.38
N GLU A 468 -19.13 54.69 11.81
CA GLU A 468 -18.82 54.85 13.23
C GLU A 468 -17.76 55.94 13.37
N ILE A 469 -17.27 56.13 14.58
CA ILE A 469 -16.21 57.09 14.87
C ILE A 469 -14.97 56.31 15.30
N TYR A 470 -13.94 56.34 14.46
CA TYR A 470 -12.70 55.62 14.73
C TYR A 470 -11.93 56.36 15.83
N GLN A 471 -11.55 55.62 16.86
CA GLN A 471 -10.81 56.19 17.99
C GLN A 471 -9.42 55.56 18.03
N ALA A 472 -8.40 56.37 17.73
CA ALA A 472 -7.03 55.87 17.78
C ALA A 472 -6.54 55.70 19.21
N GLY A 473 -6.70 56.73 20.04
CA GLY A 473 -6.40 56.62 21.45
C GLY A 473 -7.62 56.25 22.26
N SER A 474 -7.59 56.63 23.54
CA SER A 474 -8.73 56.42 24.42
C SER A 474 -9.42 57.75 24.69
N THR A 475 -10.58 57.91 24.06
CA THR A 475 -11.45 59.06 24.29
C THR A 475 -12.90 58.62 24.09
N PRO A 476 -13.84 59.16 24.87
CA PRO A 476 -15.26 58.90 24.57
C PRO A 476 -15.85 59.94 23.63
N CYS A 477 -15.44 59.92 22.36
CA CYS A 477 -15.99 60.84 21.37
C CYS A 477 -17.43 60.48 21.07
N ASN A 478 -18.35 61.43 21.27
CA ASN A 478 -19.76 61.21 21.04
C ASN A 478 -20.31 62.33 20.17
N GLY A 479 -20.73 61.97 18.95
CA GLY A 479 -21.31 62.91 18.03
C GLY A 479 -20.39 64.00 17.54
N VAL A 480 -19.11 63.98 17.92
CA VAL A 480 -18.13 64.97 17.50
C VAL A 480 -16.85 64.25 17.12
N LYS A 481 -15.99 64.97 16.40
CA LYS A 481 -14.71 64.44 15.96
C LYS A 481 -13.62 65.23 16.69
N GLY A 482 -12.97 64.57 17.65
CA GLY A 482 -11.94 65.20 18.44
C GLY A 482 -10.54 64.71 18.12
N PHE A 483 -9.64 64.82 19.10
CA PHE A 483 -8.28 64.30 18.93
C PHE A 483 -8.34 62.79 18.83
N ASN A 484 -7.72 62.25 17.77
CA ASN A 484 -7.74 60.81 17.47
C ASN A 484 -9.18 60.31 17.25
N CYS A 485 -10.05 61.21 16.78
CA CYS A 485 -11.41 60.83 16.36
C CYS A 485 -11.66 61.47 15.00
N TYR A 486 -11.81 60.64 13.98
CA TYR A 486 -11.98 61.06 12.60
C TYR A 486 -12.98 60.16 11.90
N PHE A 487 -13.40 60.62 10.72
CA PHE A 487 -14.37 59.87 9.93
C PHE A 487 -13.67 58.74 9.18
N PRO A 488 -14.02 57.48 9.44
CA PRO A 488 -13.22 56.36 8.91
C PRO A 488 -13.13 56.31 7.39
N LEU A 489 -14.24 56.50 6.67
CA LEU A 489 -14.23 56.48 5.22
C LEU A 489 -13.49 57.70 4.69
N GLN A 490 -12.87 57.54 3.52
CA GLN A 490 -12.18 58.63 2.84
C GLN A 490 -12.52 58.59 1.36
N SER A 491 -12.34 59.73 0.70
CA SER A 491 -12.71 59.88 -0.70
C SER A 491 -11.48 59.80 -1.59
N TYR A 492 -11.67 59.24 -2.77
CA TYR A 492 -10.61 59.11 -3.76
C TYR A 492 -10.32 60.45 -4.42
N GLY A 493 -9.11 60.59 -4.95
CA GLY A 493 -8.67 61.79 -5.61
C GLY A 493 -8.67 61.69 -7.13
N PHE A 494 -9.52 60.81 -7.67
CA PHE A 494 -9.47 60.44 -9.09
C PHE A 494 -9.54 61.68 -9.97
N GLN A 495 -8.55 61.85 -10.82
CA GLN A 495 -8.47 62.89 -11.85
C GLN A 495 -7.73 62.34 -13.05
N PRO A 496 -8.00 62.89 -14.25
CA PRO A 496 -7.25 62.46 -15.44
C PRO A 496 -5.78 62.88 -15.41
N THR A 497 -5.40 63.83 -14.56
CA THR A 497 -4.03 64.34 -14.56
C THR A 497 -3.03 63.42 -13.87
N TYR A 498 -3.47 62.59 -12.92
CA TYR A 498 -2.57 61.72 -12.20
C TYR A 498 -2.00 60.64 -13.11
N GLY A 499 -0.85 60.10 -12.71
CA GLY A 499 -0.21 59.02 -13.44
C GLY A 499 -0.95 57.70 -13.26
N VAL A 500 -0.46 56.70 -13.98
CA VAL A 500 -1.09 55.38 -14.00
C VAL A 500 -1.18 54.74 -12.62
N GLY A 501 -0.35 55.17 -11.67
CA GLY A 501 -0.44 54.64 -10.32
C GLY A 501 -1.67 55.07 -9.54
N TYR A 502 -2.11 56.31 -9.70
CA TYR A 502 -3.30 56.81 -9.03
C TYR A 502 -4.56 56.76 -9.89
N GLN A 503 -4.46 56.30 -11.14
CA GLN A 503 -5.64 56.23 -11.99
C GLN A 503 -6.58 55.13 -11.50
N PRO A 504 -7.89 55.39 -11.52
CA PRO A 504 -8.85 54.37 -11.10
C PRO A 504 -8.96 53.26 -12.13
N TYR A 505 -9.10 52.02 -11.63
CA TYR A 505 -9.31 50.86 -12.48
C TYR A 505 -10.56 50.13 -11.99
N ARG A 506 -11.46 49.80 -12.92
CA ARG A 506 -12.65 49.03 -12.58
C ARG A 506 -12.27 47.56 -12.48
N VAL A 507 -12.52 46.96 -11.31
CA VAL A 507 -12.08 45.60 -11.03
C VAL A 507 -13.32 44.73 -10.82
N VAL A 508 -13.41 43.63 -11.56
CA VAL A 508 -14.49 42.67 -11.43
C VAL A 508 -13.86 41.33 -11.05
N VAL A 509 -14.25 40.81 -9.89
CA VAL A 509 -13.72 39.55 -9.36
C VAL A 509 -14.80 38.48 -9.55
N LEU A 510 -14.43 37.39 -10.20
CA LEU A 510 -15.34 36.27 -10.43
C LEU A 510 -14.97 35.13 -9.49
N SER A 511 -15.85 34.86 -8.52
CA SER A 511 -15.64 33.81 -7.54
C SER A 511 -16.39 32.56 -7.98
N PHE A 512 -15.74 31.40 -7.84
CA PHE A 512 -16.32 30.12 -8.23
C PHE A 512 -16.41 29.22 -7.01
N GLU A 513 -17.56 28.55 -6.86
CA GLU A 513 -17.82 27.66 -5.74
C GLU A 513 -17.89 26.23 -6.24
N LEU A 514 -17.08 25.36 -5.65
CA LEU A 514 -17.06 23.93 -5.97
C LEU A 514 -17.67 23.19 -4.77
N LEU A 515 -18.86 22.64 -4.97
CA LEU A 515 -19.59 21.93 -3.93
C LEU A 515 -20.20 20.66 -4.51
N HIS A 516 -20.97 19.96 -3.68
CA HIS A 516 -21.68 18.76 -4.08
C HIS A 516 -23.01 19.04 -4.75
N ALA A 517 -23.43 20.31 -4.83
CA ALA A 517 -24.69 20.66 -5.45
C ALA A 517 -24.56 20.60 -6.97
N PRO A 518 -25.68 20.37 -7.66
CA PRO A 518 -25.63 20.34 -9.14
C PRO A 518 -25.18 21.68 -9.71
N ALA A 519 -24.67 21.62 -10.95
CA ALA A 519 -24.18 22.82 -11.60
C ALA A 519 -25.27 23.42 -12.49
N THR A 520 -25.72 24.62 -12.11
CA THR A 520 -26.75 25.33 -12.85
C THR A 520 -26.20 26.19 -13.98
N VAL A 521 -24.89 26.43 -14.03
CA VAL A 521 -24.27 27.24 -15.06
C VAL A 521 -23.06 26.47 -15.57
N CYS A 522 -22.95 26.33 -16.90
CA CYS A 522 -21.83 25.61 -17.48
C CYS A 522 -21.42 26.28 -18.79
N GLY A 523 -20.40 25.71 -19.42
CA GLY A 523 -19.73 26.35 -20.55
C GLY A 523 -20.33 26.02 -21.90
N PRO A 524 -19.76 26.61 -22.95
CA PRO A 524 -20.28 26.40 -24.30
C PRO A 524 -19.99 24.99 -24.80
N LYS A 525 -20.71 24.62 -25.86
CA LYS A 525 -20.55 23.31 -26.51
C LYS A 525 -20.35 23.56 -28.00
N LYS A 526 -19.18 23.19 -28.52
CA LYS A 526 -18.89 23.41 -29.93
C LYS A 526 -19.42 22.24 -30.77
N SER A 527 -20.01 22.58 -31.91
CA SER A 527 -20.60 21.59 -32.80
C SER A 527 -19.96 21.68 -34.18
N THR A 528 -20.09 20.60 -34.93
CA THR A 528 -19.54 20.48 -36.28
C THR A 528 -20.66 20.18 -37.27
N ASN A 529 -20.28 19.98 -38.53
CA ASN A 529 -21.25 19.67 -39.58
C ASN A 529 -21.68 18.22 -39.52
N LEU A 530 -22.87 17.95 -40.05
CA LEU A 530 -23.46 16.62 -40.06
C LEU A 530 -23.31 16.01 -41.45
N VAL A 531 -22.91 14.75 -41.50
CA VAL A 531 -22.75 14.02 -42.76
C VAL A 531 -23.42 12.66 -42.61
N LYS A 532 -23.96 12.16 -43.71
CA LYS A 532 -24.70 10.90 -43.72
C LYS A 532 -24.04 9.90 -44.67
N ASN A 533 -24.62 8.70 -44.71
CA ASN A 533 -24.19 7.63 -45.61
C ASN A 533 -22.71 7.29 -45.46
N LYS A 534 -22.17 7.49 -44.27
CA LYS A 534 -20.77 7.18 -43.98
C LYS A 534 -20.65 6.62 -42.58
N CYS A 535 -19.60 5.84 -42.34
CA CYS A 535 -19.36 5.27 -41.02
C CYS A 535 -18.42 6.20 -40.25
N VAL A 536 -18.94 6.84 -39.21
CA VAL A 536 -18.24 7.91 -38.50
C VAL A 536 -18.40 7.71 -37.01
N ASN A 537 -17.61 8.48 -36.25
CA ASN A 537 -17.69 8.50 -34.79
C ASN A 537 -18.66 9.62 -34.41
N PHE A 538 -19.80 9.25 -33.84
CA PHE A 538 -20.84 10.19 -33.51
C PHE A 538 -21.01 10.34 -32.01
N ASN A 539 -21.11 11.59 -31.56
CA ASN A 539 -21.44 11.89 -30.17
C ASN A 539 -22.58 12.91 -30.19
N PHE A 540 -23.77 12.49 -29.78
CA PHE A 540 -24.86 13.42 -29.52
C PHE A 540 -25.20 13.34 -28.04
N ASN A 541 -24.61 14.25 -27.28
CA ASN A 541 -24.98 14.62 -25.91
C ASN A 541 -24.96 13.48 -24.90
N GLY A 542 -25.19 12.24 -25.33
CA GLY A 542 -25.17 11.13 -24.40
C GLY A 542 -24.14 10.03 -24.57
N LEU A 543 -23.63 9.84 -25.77
CA LEU A 543 -22.93 8.60 -26.11
C LEU A 543 -21.97 8.81 -27.25
N THR A 544 -20.87 8.06 -27.24
CA THR A 544 -19.94 7.98 -28.35
C THR A 544 -19.93 6.56 -28.91
N GLY A 545 -19.81 6.46 -30.23
CA GLY A 545 -19.80 5.16 -30.87
C GLY A 545 -19.60 5.28 -32.36
N THR A 546 -19.66 4.13 -33.03
CA THR A 546 -19.49 4.03 -34.47
C THR A 546 -20.80 3.60 -35.12
N GLY A 547 -21.02 4.05 -36.34
CA GLY A 547 -22.23 3.68 -37.06
C GLY A 547 -22.45 4.61 -38.24
N VAL A 548 -23.42 4.25 -39.06
CA VAL A 548 -23.80 5.01 -40.25
C VAL A 548 -25.16 5.66 -39.99
N LEU A 549 -25.23 6.97 -40.17
CA LEU A 549 -26.45 7.72 -39.96
C LEU A 549 -27.27 7.72 -41.25
N THR A 550 -28.54 7.36 -41.15
CA THR A 550 -29.42 7.25 -42.30
C THR A 550 -30.80 7.78 -41.94
N GLU A 551 -31.37 8.61 -42.82
CA GLU A 551 -32.70 9.15 -42.60
C GLU A 551 -33.75 8.05 -42.74
N SER A 552 -34.74 8.07 -41.85
CA SER A 552 -35.79 7.05 -41.87
C SER A 552 -37.17 7.67 -41.71
N ASN A 553 -38.20 6.82 -41.74
CA ASN A 553 -39.59 7.26 -41.59
C ASN A 553 -40.07 7.11 -40.15
N LYS A 554 -39.20 6.70 -39.25
CA LYS A 554 -39.56 6.49 -37.85
C LYS A 554 -40.04 7.79 -37.22
N LYS A 555 -40.94 7.66 -36.24
CA LYS A 555 -41.53 8.78 -35.54
C LYS A 555 -41.28 8.63 -34.05
N PHE A 556 -40.82 9.69 -33.41
CA PHE A 556 -40.58 9.73 -31.98
C PHE A 556 -41.49 10.75 -31.30
N LEU A 557 -41.71 10.53 -30.01
CA LEU A 557 -42.48 11.50 -29.24
C LEU A 557 -41.69 12.79 -29.07
N PRO A 558 -42.38 13.93 -28.97
CA PRO A 558 -41.66 15.21 -28.82
C PRO A 558 -40.76 15.28 -27.60
N PHE A 559 -41.06 14.51 -26.55
CA PHE A 559 -40.27 14.51 -25.33
C PHE A 559 -39.20 13.42 -25.32
N GLN A 560 -39.06 12.66 -26.39
CA GLN A 560 -38.10 11.56 -26.46
C GLN A 560 -36.87 11.99 -27.24
N GLN A 561 -35.71 11.53 -26.77
CA GLN A 561 -34.41 11.83 -27.38
C GLN A 561 -33.79 10.63 -28.07
N PHE A 562 -33.52 9.56 -27.32
CA PHE A 562 -32.79 8.40 -27.82
C PHE A 562 -33.72 7.18 -27.85
N GLY A 563 -33.32 6.18 -28.63
CA GLY A 563 -34.09 4.95 -28.71
C GLY A 563 -33.18 3.76 -28.95
N ARG A 564 -33.69 2.59 -28.60
CA ARG A 564 -32.88 1.38 -28.60
C ARG A 564 -33.73 0.20 -29.07
N ASP A 565 -33.04 -0.88 -29.44
CA ASP A 565 -33.69 -2.11 -29.86
C ASP A 565 -33.83 -3.05 -28.65
N ILE A 566 -34.22 -4.30 -28.91
CA ILE A 566 -34.36 -5.27 -27.82
C ILE A 566 -32.99 -5.70 -27.30
N ALA A 567 -31.92 -5.41 -28.04
CA ALA A 567 -30.58 -5.81 -27.68
C ALA A 567 -29.88 -4.77 -26.79
N ASP A 568 -30.60 -3.72 -26.38
CA ASP A 568 -30.05 -2.67 -25.53
C ASP A 568 -28.90 -1.94 -26.24
N THR A 569 -29.10 -1.64 -27.52
CA THR A 569 -28.18 -0.86 -28.32
C THR A 569 -28.95 0.24 -29.04
N THR A 570 -28.38 1.43 -29.11
CA THR A 570 -29.09 2.57 -29.69
C THR A 570 -29.04 2.48 -31.21
N ASP A 571 -30.20 2.32 -31.84
CA ASP A 571 -30.31 2.32 -33.29
C ASP A 571 -30.79 3.63 -33.88
N ALA A 572 -31.19 4.61 -33.06
CA ALA A 572 -31.69 5.87 -33.59
C ALA A 572 -31.47 6.98 -32.58
N VAL A 573 -31.22 8.20 -33.07
CA VAL A 573 -31.03 9.38 -32.25
C VAL A 573 -31.65 10.58 -32.96
N ARG A 574 -32.32 11.44 -32.20
CA ARG A 574 -32.83 12.69 -32.73
C ARG A 574 -31.71 13.72 -32.85
N ASP A 575 -31.78 14.53 -33.91
CA ASP A 575 -30.79 15.58 -34.11
C ASP A 575 -30.94 16.64 -33.02
N PRO A 576 -29.85 17.01 -32.34
CA PRO A 576 -29.98 17.96 -31.23
C PRO A 576 -30.48 19.34 -31.63
N GLN A 577 -29.91 19.94 -32.68
CA GLN A 577 -30.26 21.31 -33.04
C GLN A 577 -31.58 21.41 -33.80
N THR A 578 -31.75 20.59 -34.83
CA THR A 578 -32.92 20.63 -35.68
C THR A 578 -33.85 19.47 -35.35
N LEU A 579 -34.93 19.35 -36.12
CA LEU A 579 -35.86 18.23 -35.98
C LEU A 579 -35.61 17.21 -37.08
N GLU A 580 -35.04 16.08 -36.66
CA GLU A 580 -34.68 14.99 -37.56
C GLU A 580 -34.61 13.69 -36.77
N ILE A 581 -34.81 12.57 -37.47
CA ILE A 581 -34.71 11.24 -36.88
C ILE A 581 -33.84 10.40 -37.80
N LEU A 582 -32.71 9.95 -37.28
CA LEU A 582 -31.73 9.18 -38.04
C LEU A 582 -31.56 7.80 -37.42
N ASP A 583 -31.20 6.84 -38.26
CA ASP A 583 -30.92 5.48 -37.78
C ASP A 583 -29.42 5.23 -37.69
N ILE A 584 -29.02 4.54 -36.63
CA ILE A 584 -27.63 4.18 -36.40
C ILE A 584 -27.43 2.75 -36.89
N THR A 585 -26.67 2.60 -37.97
CA THR A 585 -26.31 1.30 -38.49
C THR A 585 -24.80 1.13 -38.42
N PRO A 586 -24.28 0.26 -37.55
CA PRO A 586 -22.83 0.00 -37.56
C PRO A 586 -22.39 -0.53 -38.91
N CYS A 587 -21.33 0.05 -39.45
CA CYS A 587 -20.91 -0.27 -40.80
C CYS A 587 -20.39 -1.70 -40.89
N SER A 588 -20.41 -2.24 -42.11
CA SER A 588 -20.25 -3.66 -42.33
C SER A 588 -18.87 -4.16 -41.92
N PHE A 589 -18.80 -5.46 -41.62
CA PHE A 589 -17.56 -6.15 -41.28
C PHE A 589 -17.81 -7.64 -41.43
N GLY A 590 -16.78 -8.43 -41.16
CA GLY A 590 -16.88 -9.87 -41.22
C GLY A 590 -15.53 -10.50 -41.47
N GLY A 591 -15.56 -11.79 -41.77
CA GLY A 591 -14.35 -12.56 -42.04
C GLY A 591 -14.01 -12.60 -43.51
N VAL A 592 -12.73 -12.84 -43.80
CA VAL A 592 -12.23 -12.94 -45.16
C VAL A 592 -12.06 -14.41 -45.50
N SER A 593 -12.74 -14.84 -46.56
CA SER A 593 -12.65 -16.22 -47.03
C SER A 593 -11.80 -16.29 -48.29
N VAL A 594 -10.86 -17.22 -48.31
CA VAL A 594 -9.92 -17.38 -49.42
C VAL A 594 -10.26 -18.70 -50.12
N ILE A 595 -10.58 -18.62 -51.40
CA ILE A 595 -10.88 -19.79 -52.23
C ILE A 595 -9.72 -20.00 -53.18
N THR A 596 -8.97 -21.09 -52.96
CA THR A 596 -7.84 -21.43 -53.82
C THR A 596 -7.75 -22.94 -53.92
N PRO A 597 -7.30 -23.48 -55.05
CA PRO A 597 -7.07 -24.92 -55.16
C PRO A 597 -5.76 -25.32 -54.50
N GLY A 598 -5.36 -26.58 -54.67
CA GLY A 598 -4.10 -27.03 -54.11
C GLY A 598 -2.92 -26.30 -54.71
N THR A 599 -1.87 -26.15 -53.90
CA THR A 599 -0.67 -25.46 -54.34
C THR A 599 0.08 -26.22 -55.42
N ASN A 600 -0.23 -27.51 -55.61
CA ASN A 600 0.40 -28.30 -56.66
C ASN A 600 -0.31 -28.17 -58.00
N THR A 601 -1.37 -27.37 -58.08
CA THR A 601 -2.14 -27.19 -59.31
C THR A 601 -1.97 -25.79 -59.88
N SER A 602 -2.52 -24.78 -59.23
CA SER A 602 -2.43 -23.41 -59.73
C SER A 602 -2.44 -22.46 -58.54
N ASN A 603 -1.92 -21.25 -58.76
CA ASN A 603 -1.84 -20.22 -57.74
C ASN A 603 -3.02 -19.26 -57.79
N GLN A 604 -4.00 -19.51 -58.67
CA GLN A 604 -5.16 -18.64 -58.77
C GLN A 604 -5.95 -18.66 -57.48
N VAL A 605 -6.37 -17.47 -57.04
CA VAL A 605 -7.02 -17.30 -55.74
C VAL A 605 -8.26 -16.42 -55.92
N ALA A 606 -9.36 -16.81 -55.29
CA ALA A 606 -10.57 -16.01 -55.23
C ALA A 606 -10.87 -15.64 -53.78
N VAL A 607 -11.10 -14.35 -53.55
CA VAL A 607 -11.32 -13.81 -52.21
C VAL A 607 -12.81 -13.56 -52.03
N LEU A 608 -13.34 -13.99 -50.89
CA LEU A 608 -14.76 -13.82 -50.58
C LEU A 608 -14.90 -13.01 -49.29
N TYR A 609 -15.70 -11.95 -49.36
CA TYR A 609 -16.02 -11.12 -48.21
C TYR A 609 -17.47 -11.44 -47.79
N GLN A 610 -17.64 -11.82 -46.53
CA GLN A 610 -18.94 -12.32 -46.07
C GLN A 610 -19.83 -11.16 -45.64
N GLY A 611 -21.07 -11.17 -46.14
CA GLY A 611 -22.08 -10.22 -45.71
C GLY A 611 -21.79 -8.76 -45.99
N VAL A 612 -21.17 -8.47 -47.13
CA VAL A 612 -20.86 -7.10 -47.51
C VAL A 612 -20.79 -7.02 -49.02
N ASN A 613 -21.09 -5.83 -49.56
CA ASN A 613 -20.90 -5.57 -50.98
C ASN A 613 -19.42 -5.34 -51.28
N CYS A 614 -19.14 -5.02 -52.53
CA CYS A 614 -17.77 -4.76 -52.95
C CYS A 614 -17.39 -3.32 -52.64
N THR A 615 -16.34 -3.14 -51.83
CA THR A 615 -15.93 -1.81 -51.36
C THR A 615 -14.50 -1.47 -51.75
N GLU A 616 -13.51 -2.20 -51.23
CA GLU A 616 -12.12 -1.85 -51.46
C GLU A 616 -11.69 -2.20 -52.88
N VAL A 617 -11.61 -3.50 -53.18
CA VAL A 617 -11.14 -4.06 -54.45
C VAL A 617 -10.05 -3.22 -55.12
N ASN A 638 -12.95 -9.16 -62.46
CA ASN A 638 -13.78 -10.23 -61.94
C ASN A 638 -14.46 -9.83 -60.63
N VAL A 639 -15.08 -8.65 -60.63
CA VAL A 639 -15.78 -8.11 -59.48
C VAL A 639 -17.24 -8.52 -59.59
N PHE A 640 -17.70 -9.33 -58.63
CA PHE A 640 -19.07 -9.83 -58.65
C PHE A 640 -19.62 -9.87 -57.22
N GLN A 641 -20.94 -9.98 -57.12
CA GLN A 641 -21.64 -10.02 -55.85
C GLN A 641 -22.64 -11.17 -55.86
N THR A 642 -22.80 -11.80 -54.70
CA THR A 642 -23.72 -12.92 -54.55
C THR A 642 -24.42 -12.80 -53.20
N ARG A 643 -25.22 -13.81 -52.87
CA ARG A 643 -25.92 -13.79 -51.59
C ARG A 643 -24.98 -13.91 -50.41
N ALA A 644 -23.79 -14.50 -50.62
CA ALA A 644 -22.81 -14.60 -49.55
C ALA A 644 -22.07 -13.29 -49.32
N GLY A 645 -21.79 -12.55 -50.39
CA GLY A 645 -21.11 -11.28 -50.29
C GLY A 645 -20.29 -11.03 -51.55
N CYS A 646 -19.39 -10.05 -51.45
CA CYS A 646 -18.52 -9.71 -52.57
C CYS A 646 -17.51 -10.83 -52.79
N LEU A 647 -17.42 -11.31 -54.03
CA LEU A 647 -16.49 -12.37 -54.41
C LEU A 647 -15.66 -11.86 -55.59
N ILE A 648 -14.35 -11.72 -55.36
CA ILE A 648 -13.43 -11.24 -56.38
C ILE A 648 -12.51 -12.38 -56.79
N GLY A 649 -12.07 -12.34 -58.04
CA GLY A 649 -11.22 -13.37 -58.60
C GLY A 649 -11.95 -14.53 -59.22
N ALA A 650 -13.28 -14.50 -59.25
CA ALA A 650 -14.09 -15.57 -59.82
C ALA A 650 -14.99 -15.01 -60.92
N GLU A 651 -15.47 -15.91 -61.77
CA GLU A 651 -16.35 -15.56 -62.88
C GLU A 651 -17.61 -16.40 -62.83
N HIS A 652 -18.76 -15.76 -62.95
CA HIS A 652 -20.04 -16.48 -62.92
C HIS A 652 -20.25 -17.23 -64.22
N VAL A 653 -20.75 -18.47 -64.11
CA VAL A 653 -21.08 -19.31 -65.25
C VAL A 653 -22.51 -19.77 -65.10
N ASN A 654 -23.32 -19.60 -66.14
CA ASN A 654 -24.73 -19.96 -66.07
C ASN A 654 -24.94 -21.47 -66.01
N ASN A 655 -23.93 -22.27 -66.40
CA ASN A 655 -24.05 -23.71 -66.35
C ASN A 655 -23.92 -24.21 -64.92
N SER A 656 -24.48 -25.39 -64.67
CA SER A 656 -24.49 -25.99 -63.34
C SER A 656 -23.80 -27.35 -63.38
N TYR A 657 -22.82 -27.53 -62.49
CA TYR A 657 -22.03 -28.76 -62.43
C TYR A 657 -21.96 -29.23 -60.97
N GLU A 658 -21.52 -30.47 -60.80
CA GLU A 658 -21.21 -30.95 -59.45
C GLU A 658 -19.98 -30.22 -58.94
N CYS A 659 -20.10 -29.60 -57.77
CA CYS A 659 -19.07 -28.67 -57.30
C CYS A 659 -18.40 -29.17 -56.02
N ASP A 660 -17.18 -28.70 -55.81
CA ASP A 660 -16.31 -29.19 -54.74
C ASP A 660 -16.12 -28.16 -53.65
N ILE A 661 -15.48 -27.03 -53.94
CA ILE A 661 -15.15 -26.01 -52.96
C ILE A 661 -16.43 -25.30 -52.55
N PRO A 662 -16.87 -25.42 -51.30
CA PRO A 662 -18.11 -24.76 -50.89
C PRO A 662 -17.95 -23.26 -50.71
N ILE A 663 -18.99 -22.54 -51.11
CA ILE A 663 -19.15 -21.12 -50.83
C ILE A 663 -20.21 -20.88 -49.76
N GLY A 664 -21.44 -21.34 -50.01
CA GLY A 664 -22.57 -21.08 -49.14
C GLY A 664 -23.58 -20.18 -49.82
N ALA A 665 -24.81 -20.22 -49.31
CA ALA A 665 -25.96 -19.56 -49.94
C ALA A 665 -26.20 -20.13 -51.34
N GLY A 666 -26.04 -21.44 -51.46
CA GLY A 666 -26.30 -22.14 -52.71
C GLY A 666 -25.29 -21.88 -53.81
N ILE A 667 -24.05 -21.54 -53.47
CA ILE A 667 -23.02 -21.22 -54.44
C ILE A 667 -21.82 -22.10 -54.18
N CYS A 668 -21.09 -22.45 -55.23
CA CYS A 668 -19.82 -23.15 -55.14
C CYS A 668 -18.74 -22.38 -55.90
N ALA A 669 -17.54 -22.96 -55.93
CA ALA A 669 -16.43 -22.46 -56.70
C ALA A 669 -15.58 -23.65 -57.15
N SER A 670 -15.03 -23.55 -58.36
CA SER A 670 -14.24 -24.64 -58.90
C SER A 670 -13.19 -24.05 -59.84
N TYR A 671 -12.13 -24.84 -60.05
CA TYR A 671 -11.03 -24.46 -60.93
C TYR A 671 -11.19 -25.23 -62.24
N GLN A 672 -11.54 -24.51 -63.30
CA GLN A 672 -11.78 -25.10 -64.61
C GLN A 672 -11.19 -24.19 -65.68
N THR A 673 -11.40 -24.56 -66.94
CA THR A 673 -10.91 -23.77 -68.07
C THR A 673 -11.72 -22.49 -68.23
N SER A 686 -4.60 -21.46 -69.30
CA SER A 686 -5.87 -20.79 -69.61
C SER A 686 -7.00 -21.33 -68.74
N GLN A 687 -6.75 -21.40 -67.43
CA GLN A 687 -7.72 -21.90 -66.47
C GLN A 687 -7.81 -20.95 -65.28
N SER A 688 -9.03 -20.73 -64.81
CA SER A 688 -9.28 -19.81 -63.70
C SER A 688 -10.34 -20.42 -62.79
N ILE A 689 -10.76 -19.64 -61.79
CA ILE A 689 -11.76 -20.08 -60.83
C ILE A 689 -13.12 -19.54 -61.24
N ILE A 690 -14.12 -20.41 -61.27
CA ILE A 690 -15.47 -20.05 -61.67
C ILE A 690 -16.42 -20.29 -60.51
N ALA A 691 -17.54 -19.56 -60.53
CA ALA A 691 -18.58 -19.68 -59.52
C ALA A 691 -19.93 -19.89 -60.21
N TYR A 692 -20.71 -20.83 -59.72
CA TYR A 692 -21.97 -21.18 -60.34
C TYR A 692 -22.88 -21.82 -59.31
N THR A 693 -24.18 -21.85 -59.63
CA THR A 693 -25.18 -22.43 -58.75
C THR A 693 -25.00 -23.95 -58.68
N MET A 694 -25.21 -24.49 -57.49
CA MET A 694 -25.02 -25.93 -57.26
C MET A 694 -25.94 -26.75 -58.14
N SER A 695 -25.41 -27.82 -58.71
CA SER A 695 -26.18 -28.74 -59.54
C SER A 695 -26.51 -30.00 -58.77
N LEU A 696 -27.69 -30.55 -59.06
CA LEU A 696 -28.19 -31.74 -58.36
C LEU A 696 -27.82 -33.03 -59.08
N GLY A 697 -27.17 -32.96 -60.23
CA GLY A 697 -26.82 -34.12 -61.01
C GLY A 697 -27.69 -34.27 -62.24
N VAL A 698 -27.48 -35.37 -62.94
CA VAL A 698 -28.18 -35.64 -64.19
C VAL A 698 -29.66 -35.91 -63.90
N GLU A 699 -30.51 -35.48 -64.83
CA GLU A 699 -31.95 -35.68 -64.72
C GLU A 699 -32.33 -36.97 -65.43
N ASN A 700 -32.85 -37.94 -64.67
CA ASN A 700 -33.30 -39.22 -65.21
C ASN A 700 -34.81 -39.32 -65.02
N SER A 701 -35.54 -39.32 -66.14
CA SER A 701 -36.99 -39.44 -66.09
C SER A 701 -37.38 -40.90 -66.25
N VAL A 702 -38.06 -41.45 -65.24
CA VAL A 702 -38.47 -42.84 -65.25
C VAL A 702 -39.84 -42.96 -65.89
N ALA A 703 -39.97 -43.84 -66.88
CA ALA A 703 -41.25 -44.08 -67.51
C ALA A 703 -42.22 -44.75 -66.54
N TYR A 704 -43.42 -44.19 -66.45
CA TYR A 704 -44.43 -44.69 -65.51
C TYR A 704 -45.66 -45.12 -66.28
N SER A 705 -46.13 -46.33 -66.02
CA SER A 705 -47.33 -46.85 -66.64
C SER A 705 -47.96 -47.88 -65.72
N ASN A 706 -49.25 -48.17 -65.95
CA ASN A 706 -49.96 -49.12 -65.12
C ASN A 706 -49.51 -50.56 -65.35
N ASN A 707 -49.24 -50.94 -66.60
CA ASN A 707 -48.84 -52.30 -66.93
C ASN A 707 -47.32 -52.46 -67.05
N SER A 708 -46.55 -51.39 -66.90
CA SER A 708 -45.11 -51.46 -67.10
C SER A 708 -44.41 -51.89 -65.83
N ILE A 709 -43.39 -52.75 -65.99
CA ILE A 709 -42.61 -53.24 -64.86
C ILE A 709 -41.21 -53.58 -65.39
N ALA A 710 -40.22 -53.50 -64.49
CA ALA A 710 -38.84 -53.81 -64.83
C ALA A 710 -38.26 -54.75 -63.78
N ILE A 711 -37.52 -55.76 -64.24
CA ILE A 711 -36.87 -56.70 -63.34
C ILE A 711 -35.40 -56.80 -63.75
N PRO A 712 -34.46 -56.86 -62.81
CA PRO A 712 -33.05 -56.99 -63.18
C PRO A 712 -32.76 -58.34 -63.82
N THR A 713 -32.07 -58.31 -64.97
CA THR A 713 -31.62 -59.51 -65.63
C THR A 713 -30.17 -59.88 -65.32
N ASN A 714 -29.46 -59.05 -64.55
CA ASN A 714 -28.07 -59.29 -64.22
C ASN A 714 -27.73 -58.55 -62.94
N PHE A 715 -26.64 -58.95 -62.29
CA PHE A 715 -26.26 -58.36 -61.02
C PHE A 715 -24.74 -58.31 -60.93
N THR A 716 -24.24 -57.35 -60.16
CA THR A 716 -22.82 -57.18 -59.93
C THR A 716 -22.57 -57.09 -58.43
N ILE A 717 -21.58 -57.83 -57.95
CA ILE A 717 -21.24 -57.85 -56.52
C ILE A 717 -20.18 -56.78 -56.28
N SER A 718 -20.52 -55.77 -55.48
CA SER A 718 -19.63 -54.67 -55.17
C SER A 718 -19.27 -54.71 -53.69
N VAL A 719 -18.03 -54.34 -53.38
CA VAL A 719 -17.52 -54.33 -52.02
C VAL A 719 -17.10 -52.91 -51.68
N THR A 720 -17.78 -52.30 -50.72
CA THR A 720 -17.49 -50.95 -50.24
C THR A 720 -16.72 -51.02 -48.93
N THR A 721 -16.43 -49.85 -48.38
CA THR A 721 -15.68 -49.75 -47.13
C THR A 721 -16.31 -48.68 -46.24
N GLU A 722 -16.12 -48.85 -44.93
CA GLU A 722 -16.63 -47.91 -43.95
C GLU A 722 -15.60 -47.76 -42.84
N ILE A 723 -15.31 -46.52 -42.46
CA ILE A 723 -14.31 -46.20 -41.44
C ILE A 723 -14.99 -45.44 -40.31
N LEU A 724 -14.83 -45.92 -39.08
CA LEU A 724 -15.40 -45.28 -37.92
C LEU A 724 -14.34 -45.20 -36.82
N PRO A 725 -14.28 -44.11 -36.06
CA PRO A 725 -13.32 -44.03 -34.95
C PRO A 725 -13.78 -44.85 -33.75
N VAL A 726 -12.82 -45.34 -32.98
CA VAL A 726 -13.09 -46.14 -31.79
C VAL A 726 -12.35 -45.61 -30.58
N SER A 727 -11.02 -45.62 -30.62
CA SER A 727 -10.19 -45.26 -29.48
C SER A 727 -9.66 -43.84 -29.62
N MET A 728 -9.55 -43.17 -28.47
CA MET A 728 -8.97 -41.84 -28.39
C MET A 728 -7.76 -41.89 -27.47
N THR A 729 -6.78 -41.03 -27.76
CA THR A 729 -5.53 -41.01 -27.00
C THR A 729 -5.79 -40.76 -25.53
N LYS A 730 -5.25 -41.63 -24.68
CA LYS A 730 -5.42 -41.50 -23.23
C LYS A 730 -4.38 -40.53 -22.67
N THR A 731 -4.84 -39.57 -21.87
CA THR A 731 -3.96 -38.55 -21.32
C THR A 731 -4.31 -38.29 -19.87
N SER A 732 -3.31 -38.33 -18.99
CA SER A 732 -3.46 -38.00 -17.58
C SER A 732 -2.63 -36.75 -17.30
N VAL A 733 -3.22 -35.79 -16.59
CA VAL A 733 -2.61 -34.49 -16.36
C VAL A 733 -2.48 -34.28 -14.86
N ASP A 734 -1.32 -33.80 -14.42
CA ASP A 734 -1.11 -33.45 -13.03
C ASP A 734 -1.19 -31.93 -12.88
N CYS A 735 -2.03 -31.47 -11.95
CA CYS A 735 -2.24 -30.03 -11.80
C CYS A 735 -1.04 -29.35 -11.13
N THR A 736 -0.34 -30.07 -10.26
CA THR A 736 0.71 -29.44 -9.45
C THR A 736 1.83 -28.87 -10.31
N MET A 737 2.47 -29.71 -11.12
CA MET A 737 3.63 -29.25 -11.87
C MET A 737 3.24 -28.41 -13.08
N TYR A 738 2.11 -28.70 -13.72
CA TYR A 738 1.72 -27.94 -14.89
C TYR A 738 1.39 -26.48 -14.54
N ILE A 739 0.74 -26.26 -13.40
CA ILE A 739 0.37 -24.90 -13.02
C ILE A 739 1.61 -24.15 -12.53
N CYS A 740 2.13 -24.53 -11.37
CA CYS A 740 3.40 -23.96 -10.91
C CYS A 740 4.30 -25.14 -10.47
N GLY A 741 5.36 -25.36 -11.24
CA GLY A 741 6.31 -26.40 -10.92
C GLY A 741 7.50 -25.87 -10.14
N ASP A 742 8.12 -26.75 -9.35
CA ASP A 742 9.36 -26.44 -8.62
C ASP A 742 9.19 -25.18 -7.78
N SER A 743 8.00 -25.01 -7.20
CA SER A 743 7.71 -23.84 -6.39
C SER A 743 7.04 -24.30 -5.09
N THR A 744 7.71 -24.07 -3.96
CA THR A 744 7.14 -24.39 -2.66
C THR A 744 6.13 -23.36 -2.17
N GLU A 745 6.39 -22.08 -2.42
CA GLU A 745 5.46 -21.04 -1.98
C GLU A 745 4.13 -21.13 -2.74
N CYS A 746 4.17 -21.48 -4.02
CA CYS A 746 2.94 -21.62 -4.80
C CYS A 746 2.14 -22.84 -4.37
N SER A 747 2.81 -23.89 -3.88
CA SER A 747 2.10 -25.07 -3.42
C SER A 747 1.18 -24.75 -2.25
N ASN A 748 1.54 -23.76 -1.44
CA ASN A 748 0.67 -23.34 -0.35
C ASN A 748 -0.48 -22.48 -0.87
N LEU A 749 -0.23 -21.72 -1.94
CA LEU A 749 -1.29 -20.91 -2.54
C LEU A 749 -2.27 -21.76 -3.34
N LEU A 750 -1.78 -22.80 -4.01
CA LEU A 750 -2.65 -23.70 -4.76
C LEU A 750 -3.57 -24.51 -3.84
N LEU A 751 -3.10 -24.85 -2.64
CA LEU A 751 -3.95 -25.58 -1.69
C LEU A 751 -5.17 -24.78 -1.27
N GLN A 752 -5.11 -23.45 -1.35
CA GLN A 752 -6.25 -22.61 -1.00
C GLN A 752 -7.44 -22.80 -1.93
N TYR A 753 -7.23 -23.40 -3.11
CA TYR A 753 -8.33 -23.68 -4.03
C TYR A 753 -9.02 -25.01 -3.74
N GLY A 754 -8.58 -25.74 -2.72
CA GLY A 754 -9.29 -26.93 -2.29
C GLY A 754 -9.16 -28.07 -3.28
N SER A 755 -10.30 -28.66 -3.63
CA SER A 755 -10.39 -29.92 -4.38
C SER A 755 -10.40 -29.71 -5.88
N PHE A 756 -10.17 -28.48 -6.34
CA PHE A 756 -10.24 -28.17 -7.77
C PHE A 756 -9.40 -29.14 -8.62
N CYS A 757 -8.28 -29.63 -8.09
CA CYS A 757 -7.52 -30.65 -8.81
C CYS A 757 -8.26 -31.98 -8.86
N THR A 758 -8.96 -32.34 -7.78
CA THR A 758 -9.65 -33.62 -7.73
C THR A 758 -10.71 -33.74 -8.81
N GLN A 759 -11.44 -32.66 -9.08
CA GLN A 759 -12.46 -32.69 -10.13
C GLN A 759 -11.84 -32.89 -11.50
N LEU A 760 -10.69 -32.27 -11.77
CA LEU A 760 -10.04 -32.43 -13.06
C LEU A 760 -9.29 -33.74 -13.18
N ASN A 761 -8.74 -34.25 -12.07
CA ASN A 761 -8.02 -35.51 -12.11
C ASN A 761 -8.95 -36.71 -12.28
N ARG A 762 -10.13 -36.67 -11.65
CA ARG A 762 -11.10 -37.75 -11.81
C ARG A 762 -11.79 -37.69 -13.17
N ALA A 763 -11.93 -36.50 -13.74
CA ALA A 763 -12.57 -36.38 -15.05
C ALA A 763 -11.68 -36.98 -16.15
N LEU A 764 -10.38 -36.70 -16.10
CA LEU A 764 -9.46 -37.27 -17.08
C LEU A 764 -9.18 -38.74 -16.82
N THR A 765 -9.31 -39.19 -15.56
CA THR A 765 -9.13 -40.60 -15.27
C THR A 765 -10.29 -41.42 -15.82
N GLY A 766 -11.52 -40.91 -15.67
CA GLY A 766 -12.68 -41.59 -16.23
C GLY A 766 -12.67 -41.69 -17.73
N ILE A 767 -12.03 -40.74 -18.42
CA ILE A 767 -11.91 -40.83 -19.87
C ILE A 767 -10.98 -41.97 -20.26
N ALA A 768 -9.86 -42.11 -19.55
CA ALA A 768 -8.92 -43.18 -19.86
C ALA A 768 -9.53 -44.56 -19.63
N VAL A 769 -10.39 -44.69 -18.61
CA VAL A 769 -11.06 -45.96 -18.37
C VAL A 769 -12.12 -46.22 -19.44
N GLU A 770 -12.80 -45.15 -19.88
CA GLU A 770 -13.84 -45.30 -20.89
C GLU A 770 -13.27 -45.67 -22.26
N GLN A 771 -12.07 -45.20 -22.59
CA GLN A 771 -11.46 -45.53 -23.87
C GLN A 771 -11.14 -47.03 -23.96
N ASP A 772 -10.71 -47.64 -22.86
CA ASP A 772 -10.49 -49.08 -22.85
C ASP A 772 -11.78 -49.87 -22.91
N LYS A 773 -12.89 -49.30 -22.44
CA LYS A 773 -14.18 -49.96 -22.53
C LYS A 773 -14.73 -49.99 -23.95
N ASN A 774 -14.42 -48.97 -24.75
CA ASN A 774 -14.90 -48.92 -26.13
C ASN A 774 -14.29 -50.04 -26.99
N THR A 775 -13.11 -50.52 -26.64
CA THR A 775 -12.48 -51.58 -27.42
C THR A 775 -13.07 -52.95 -27.11
N GLN A 776 -13.51 -53.16 -25.87
CA GLN A 776 -14.07 -54.46 -25.49
C GLN A 776 -15.46 -54.68 -26.08
N GLU A 777 -16.18 -53.60 -26.39
CA GLU A 777 -17.53 -53.70 -26.93
C GLU A 777 -17.56 -53.74 -28.45
N VAL A 778 -16.42 -53.53 -29.11
CA VAL A 778 -16.35 -53.46 -30.57
C VAL A 778 -15.49 -54.57 -31.14
N PHE A 779 -14.19 -54.57 -30.82
CA PHE A 779 -13.25 -55.50 -31.43
C PHE A 779 -13.54 -56.95 -31.08
N ALA A 780 -13.74 -57.27 -29.80
CA ALA A 780 -14.00 -58.66 -29.40
C ALA A 780 -15.47 -58.81 -28.99
N GLN A 781 -16.22 -59.47 -29.87
CA GLN A 781 -17.61 -59.83 -29.59
C GLN A 781 -17.72 -61.12 -28.79
N VAL A 782 -16.93 -62.12 -29.12
CA VAL A 782 -17.01 -63.45 -28.52
C VAL A 782 -15.71 -63.75 -27.80
N LYS A 783 -15.78 -64.66 -26.83
CA LYS A 783 -14.62 -65.06 -26.04
C LYS A 783 -13.87 -66.24 -26.65
N GLN A 784 -14.31 -66.75 -27.79
CA GLN A 784 -13.67 -67.89 -28.44
C GLN A 784 -12.88 -67.39 -29.64
N ILE A 785 -11.71 -67.99 -29.86
CA ILE A 785 -10.83 -67.60 -30.96
C ILE A 785 -10.82 -68.72 -31.99
N TYR A 786 -11.05 -68.35 -33.26
CA TYR A 786 -11.06 -69.30 -34.36
C TYR A 786 -9.93 -68.99 -35.34
N LYS A 787 -9.37 -70.04 -35.92
CA LYS A 787 -8.26 -69.90 -36.85
C LYS A 787 -8.61 -70.56 -38.18
N THR A 788 -7.83 -70.21 -39.20
CA THR A 788 -8.05 -70.73 -40.55
C THR A 788 -7.45 -72.12 -40.67
N PRO A 789 -8.16 -73.09 -41.26
CA PRO A 789 -7.59 -74.43 -41.42
C PRO A 789 -6.41 -74.39 -42.36
N PRO A 790 -5.51 -75.38 -42.28
CA PRO A 790 -4.29 -75.35 -43.11
C PRO A 790 -4.56 -75.46 -44.60
N ILE A 791 -5.52 -76.26 -45.03
CA ILE A 791 -5.89 -76.37 -46.44
C ILE A 791 -7.02 -75.39 -46.72
N LYS A 792 -6.88 -74.64 -47.80
CA LYS A 792 -7.83 -73.59 -48.15
C LYS A 792 -8.52 -73.92 -49.46
N ASP A 793 -9.81 -74.27 -49.38
CA ASP A 793 -10.68 -74.24 -50.55
C ASP A 793 -11.93 -73.47 -50.12
N PHE A 794 -12.09 -72.25 -50.64
CA PHE A 794 -13.22 -71.40 -50.28
C PHE A 794 -14.31 -71.40 -51.34
N GLY A 795 -14.11 -72.11 -52.45
CA GLY A 795 -15.09 -72.10 -53.51
C GLY A 795 -14.82 -71.09 -54.61
N GLY A 796 -13.58 -70.62 -54.73
CA GLY A 796 -13.19 -69.72 -55.79
C GLY A 796 -12.94 -68.28 -55.39
N PHE A 797 -13.26 -67.90 -54.15
CA PHE A 797 -12.95 -66.54 -53.68
C PHE A 797 -11.54 -66.50 -53.12
N ASN A 798 -10.84 -65.39 -53.36
CA ASN A 798 -9.49 -65.22 -52.85
C ASN A 798 -9.56 -64.41 -51.56
N PHE A 799 -9.30 -65.06 -50.42
CA PHE A 799 -9.32 -64.42 -49.12
C PHE A 799 -7.93 -64.02 -48.64
N SER A 800 -6.90 -64.24 -49.45
CA SER A 800 -5.53 -63.96 -49.02
C SER A 800 -5.31 -62.51 -48.63
N GLN A 801 -6.10 -61.58 -49.17
CA GLN A 801 -5.99 -60.18 -48.80
C GLN A 801 -6.47 -59.88 -47.39
N ILE A 802 -7.59 -60.46 -46.97
CA ILE A 802 -8.12 -60.22 -45.64
C ILE A 802 -7.53 -61.14 -44.58
N LEU A 803 -6.84 -62.22 -44.97
CA LEU A 803 -6.30 -63.11 -43.95
C LEU A 803 -4.91 -62.66 -43.52
N PRO A 804 -4.55 -62.85 -42.25
CA PRO A 804 -3.23 -62.42 -41.79
C PRO A 804 -2.12 -63.29 -42.34
N ASP A 805 -0.90 -62.75 -42.32
CA ASP A 805 0.27 -63.46 -42.82
C ASP A 805 1.06 -64.00 -41.63
N PRO A 806 1.12 -65.32 -41.44
CA PRO A 806 1.87 -65.87 -40.30
C PRO A 806 3.38 -65.71 -40.40
N SER A 807 3.91 -65.46 -41.59
CA SER A 807 5.36 -65.31 -41.76
C SER A 807 5.87 -63.96 -41.29
N LYS A 808 4.99 -63.01 -41.00
CA LYS A 808 5.42 -61.70 -40.54
C LYS A 808 5.63 -61.72 -39.03
N PRO A 809 6.53 -60.89 -38.51
CA PRO A 809 6.70 -60.81 -37.05
C PRO A 809 5.48 -60.25 -36.35
N SER A 810 4.78 -59.30 -36.97
CA SER A 810 3.52 -58.77 -36.45
C SER A 810 2.40 -59.33 -37.31
N LYS A 811 1.36 -59.85 -36.65
CA LYS A 811 0.27 -60.49 -37.38
C LYS A 811 -0.65 -59.41 -37.95
N ARG A 812 -0.75 -59.36 -39.27
CA ARG A 812 -1.57 -58.37 -39.95
C ARG A 812 -1.86 -58.86 -41.36
N SER A 813 -2.90 -58.29 -41.96
CA SER A 813 -3.30 -58.66 -43.30
C SER A 813 -2.68 -57.70 -44.32
N PHE A 814 -2.94 -57.97 -45.60
CA PHE A 814 -2.43 -57.09 -46.65
C PHE A 814 -3.26 -55.82 -46.76
N ILE A 815 -4.55 -55.88 -46.45
CA ILE A 815 -5.36 -54.67 -46.40
C ILE A 815 -5.00 -53.84 -45.18
N GLU A 816 -4.66 -54.50 -44.08
CA GLU A 816 -4.19 -53.79 -42.89
C GLU A 816 -2.82 -53.17 -43.09
N ASP A 817 -2.08 -53.58 -44.12
CA ASP A 817 -0.82 -52.93 -44.43
C ASP A 817 -1.04 -51.47 -44.80
N LEU A 818 -2.06 -51.19 -45.60
CA LEU A 818 -2.35 -49.82 -46.01
C LEU A 818 -3.06 -49.03 -44.92
N LEU A 819 -3.92 -49.69 -44.14
CA LEU A 819 -4.65 -49.00 -43.08
C LEU A 819 -3.73 -48.49 -41.98
N PHE A 820 -2.69 -49.26 -41.64
CA PHE A 820 -1.76 -48.83 -40.60
C PHE A 820 -0.76 -47.81 -41.11
N ASN A 821 -0.35 -47.91 -42.38
CA ASN A 821 0.68 -47.02 -42.91
C ASN A 821 0.14 -45.64 -43.27
N LYS A 822 -1.10 -45.57 -43.77
CA LYS A 822 -1.66 -44.30 -44.19
C LYS A 822 -2.25 -43.49 -43.04
N VAL A 823 -2.24 -44.02 -41.82
CA VAL A 823 -2.75 -43.33 -40.64
C VAL A 823 -1.59 -43.11 -39.69
N THR A 824 -1.26 -41.85 -39.42
CA THR A 824 -0.17 -41.51 -38.51
C THR A 824 -0.69 -41.04 -37.16
N ASP A 845 10.35 -36.58 -30.89
CA ASP A 845 9.01 -37.10 -31.14
C ASP A 845 7.96 -36.23 -30.44
N LEU A 846 6.76 -36.18 -31.02
CA LEU A 846 5.70 -35.33 -30.46
C LEU A 846 5.22 -35.82 -29.10
N ILE A 847 5.19 -37.14 -28.89
CA ILE A 847 4.69 -37.67 -27.62
C ILE A 847 5.63 -37.30 -26.48
N CYS A 848 6.91 -37.61 -26.61
CA CYS A 848 7.87 -37.36 -25.53
C CYS A 848 8.08 -35.87 -25.29
N ALA A 849 7.97 -35.04 -26.33
CA ALA A 849 8.10 -33.60 -26.14
C ALA A 849 6.97 -33.03 -25.30
N GLN A 850 5.77 -33.60 -25.41
CA GLN A 850 4.64 -33.15 -24.61
C GLN A 850 4.64 -33.75 -23.21
N LYS A 851 5.42 -34.80 -22.96
CA LYS A 851 5.47 -35.43 -21.66
C LYS A 851 6.39 -34.71 -20.68
N PHE A 852 7.14 -33.71 -21.14
CA PHE A 852 8.05 -33.00 -20.27
C PHE A 852 7.34 -31.97 -19.39
N ASN A 853 6.21 -31.44 -19.85
CA ASN A 853 5.50 -30.38 -19.14
C ASN A 853 4.40 -30.92 -18.23
N GLY A 854 4.29 -32.24 -18.09
CA GLY A 854 3.28 -32.84 -17.24
C GLY A 854 2.11 -33.47 -17.94
N LEU A 855 2.17 -33.64 -19.26
CA LEU A 855 1.10 -34.29 -20.02
C LEU A 855 1.53 -35.73 -20.25
N THR A 856 0.85 -36.66 -19.56
CA THR A 856 1.26 -38.06 -19.58
C THR A 856 0.31 -38.87 -20.46
N VAL A 857 0.85 -39.47 -21.51
CA VAL A 857 0.08 -40.33 -22.41
C VAL A 857 0.09 -41.75 -21.83
N LEU A 858 -1.09 -42.25 -21.50
CA LEU A 858 -1.12 -43.60 -20.93
C LEU A 858 -1.18 -44.65 -22.02
N PRO A 859 -0.44 -45.75 -21.87
CA PRO A 859 -0.49 -46.81 -22.88
C PRO A 859 -1.82 -47.54 -22.85
N PRO A 860 -2.35 -47.92 -23.99
CA PRO A 860 -3.64 -48.60 -24.02
C PRO A 860 -3.56 -50.02 -23.46
N LEU A 861 -4.62 -50.40 -22.77
CA LEU A 861 -4.72 -51.75 -22.21
C LEU A 861 -4.72 -52.80 -23.31
N LEU A 862 -5.22 -52.46 -24.49
CA LEU A 862 -5.31 -53.39 -25.61
C LEU A 862 -4.28 -52.99 -26.65
N THR A 863 -3.29 -53.85 -26.89
CA THR A 863 -2.23 -53.56 -27.82
C THR A 863 -2.69 -53.80 -29.26
N ASP A 864 -1.78 -53.56 -30.21
CA ASP A 864 -2.11 -53.74 -31.63
C ASP A 864 -2.13 -55.20 -32.05
N GLU A 865 -1.30 -56.04 -31.42
CA GLU A 865 -1.28 -57.46 -31.77
C GLU A 865 -2.59 -58.15 -31.41
N MET A 866 -3.15 -57.86 -30.24
CA MET A 866 -4.40 -58.48 -29.82
C MET A 866 -5.59 -58.00 -30.64
N ILE A 867 -5.53 -56.79 -31.20
CA ILE A 867 -6.62 -56.32 -32.04
C ILE A 867 -6.72 -57.14 -33.32
N ALA A 868 -5.58 -57.38 -33.98
CA ALA A 868 -5.59 -58.22 -35.18
C ALA A 868 -5.96 -59.65 -34.85
N GLN A 869 -5.73 -60.09 -33.61
CA GLN A 869 -6.13 -61.43 -33.22
C GLN A 869 -7.63 -61.52 -32.94
N TYR A 870 -8.24 -60.43 -32.46
CA TYR A 870 -9.69 -60.37 -32.39
C TYR A 870 -10.31 -60.34 -33.77
N THR A 871 -9.72 -59.58 -34.70
CA THR A 871 -10.23 -59.52 -36.06
C THR A 871 -10.08 -60.87 -36.77
N SER A 872 -8.95 -61.54 -36.60
CA SER A 872 -8.75 -62.85 -37.23
C SER A 872 -9.73 -63.88 -36.70
N ALA A 873 -10.14 -63.76 -35.44
CA ALA A 873 -11.15 -64.67 -34.89
C ALA A 873 -12.51 -64.40 -35.51
N LEU A 874 -12.81 -63.15 -35.83
CA LEU A 874 -14.08 -62.81 -36.47
C LEU A 874 -14.06 -63.11 -37.96
N LEU A 875 -12.89 -63.03 -38.59
CA LEU A 875 -12.81 -63.36 -40.01
C LEU A 875 -12.85 -64.86 -40.25
N ALA A 876 -12.14 -65.63 -39.42
CA ALA A 876 -12.15 -67.09 -39.57
C ALA A 876 -13.50 -67.69 -39.21
N GLY A 877 -14.23 -67.07 -38.27
CA GLY A 877 -15.54 -67.59 -37.90
C GLY A 877 -16.61 -67.26 -38.91
N THR A 878 -16.57 -66.06 -39.50
CA THR A 878 -17.58 -65.68 -40.47
C THR A 878 -17.47 -66.52 -41.74
N ILE A 879 -16.24 -66.81 -42.17
CA ILE A 879 -16.04 -67.63 -43.35
C ILE A 879 -16.42 -69.08 -43.09
N THR A 880 -16.13 -69.58 -41.90
CA THR A 880 -16.40 -70.99 -41.60
C THR A 880 -17.83 -71.18 -41.07
N SER A 881 -18.11 -70.66 -39.88
CA SER A 881 -19.38 -70.88 -39.20
C SER A 881 -20.51 -70.01 -39.73
N GLY A 882 -20.20 -69.03 -40.57
CA GLY A 882 -21.24 -68.17 -41.10
C GLY A 882 -21.87 -67.29 -40.04
N TRP A 883 -23.19 -67.38 -39.90
CA TRP A 883 -23.93 -66.61 -38.91
C TRP A 883 -24.16 -67.38 -37.61
N THR A 884 -23.71 -68.64 -37.53
CA THR A 884 -24.06 -69.51 -36.42
C THR A 884 -23.13 -69.41 -35.22
N PHE A 885 -21.96 -68.77 -35.36
CA PHE A 885 -21.04 -68.76 -34.23
C PHE A 885 -21.35 -67.66 -33.23
N GLY A 886 -22.18 -66.68 -33.61
CA GLY A 886 -22.58 -65.62 -32.70
C GLY A 886 -23.74 -65.96 -31.80
N ALA A 887 -24.62 -66.86 -32.22
CA ALA A 887 -25.76 -67.28 -31.43
C ALA A 887 -25.51 -68.54 -30.61
N GLY A 888 -24.30 -69.10 -30.64
CA GLY A 888 -24.02 -70.32 -29.93
C GLY A 888 -22.75 -71.00 -30.39
N ALA A 889 -22.66 -72.30 -30.19
CA ALA A 889 -21.48 -73.06 -30.59
C ALA A 889 -21.28 -72.98 -32.10
N ALA A 890 -20.02 -73.08 -32.52
CA ALA A 890 -19.65 -72.96 -33.93
C ALA A 890 -20.20 -74.13 -34.72
N LEU A 891 -20.92 -73.82 -35.80
CA LEU A 891 -21.46 -74.82 -36.71
C LEU A 891 -20.78 -74.68 -38.05
N GLN A 892 -19.96 -75.66 -38.42
CA GLN A 892 -19.25 -75.59 -39.70
C GLN A 892 -20.24 -75.85 -40.83
N ILE A 893 -20.20 -74.98 -41.84
CA ILE A 893 -21.12 -75.05 -42.97
C ILE A 893 -20.30 -74.84 -44.24
N PRO A 894 -20.59 -75.56 -45.33
CA PRO A 894 -19.91 -75.28 -46.60
C PRO A 894 -20.18 -73.86 -47.04
N PHE A 895 -19.12 -73.20 -47.52
CA PHE A 895 -19.23 -71.80 -47.91
C PHE A 895 -20.20 -71.61 -49.07
N ALA A 896 -20.32 -72.59 -49.96
CA ALA A 896 -21.32 -72.51 -51.02
C ALA A 896 -22.73 -72.51 -50.47
N MET A 897 -22.95 -73.18 -49.34
CA MET A 897 -24.24 -73.16 -48.67
C MET A 897 -24.47 -71.87 -47.88
N GLN A 898 -23.40 -71.22 -47.42
CA GLN A 898 -23.55 -69.95 -46.71
C GLN A 898 -24.03 -68.85 -47.64
N MET A 899 -23.51 -68.84 -48.88
CA MET A 899 -23.96 -67.88 -49.88
C MET A 899 -25.42 -68.08 -50.27
N ALA A 900 -25.93 -69.30 -50.14
CA ALA A 900 -27.33 -69.55 -50.48
C ALA A 900 -28.27 -68.90 -49.48
N TYR A 901 -27.86 -68.77 -48.22
CA TYR A 901 -28.70 -68.12 -47.22
C TYR A 901 -28.71 -66.60 -47.38
N ARG A 902 -27.55 -66.02 -47.67
CA ARG A 902 -27.47 -64.57 -47.80
C ARG A 902 -28.20 -64.08 -49.04
N PHE A 903 -28.30 -64.93 -50.07
CA PHE A 903 -29.16 -64.61 -51.21
C PHE A 903 -30.62 -64.86 -50.89
N ASN A 904 -30.90 -65.84 -50.02
CA ASN A 904 -32.27 -66.15 -49.63
C ASN A 904 -32.90 -65.01 -48.82
N GLY A 905 -32.16 -64.44 -47.87
CA GLY A 905 -32.69 -63.37 -47.04
C GLY A 905 -33.02 -62.10 -47.79
N ILE A 906 -32.38 -61.85 -48.93
CA ILE A 906 -32.63 -60.66 -49.73
C ILE A 906 -33.68 -60.92 -50.80
N GLY A 907 -34.27 -62.11 -50.82
CA GLY A 907 -35.33 -62.40 -51.78
C GLY A 907 -34.89 -63.04 -53.07
N VAL A 908 -33.72 -63.66 -53.10
CA VAL A 908 -33.20 -64.31 -54.30
C VAL A 908 -33.11 -65.80 -54.03
N THR A 909 -33.66 -66.61 -54.94
CA THR A 909 -33.58 -68.05 -54.80
C THR A 909 -32.13 -68.52 -54.89
N GLN A 910 -31.79 -69.51 -54.07
CA GLN A 910 -30.42 -70.00 -53.98
C GLN A 910 -29.91 -70.58 -55.28
N ASN A 911 -30.80 -70.87 -56.25
CA ASN A 911 -30.35 -71.46 -57.50
C ASN A 911 -29.51 -70.48 -58.32
N VAL A 912 -29.81 -69.17 -58.23
CA VAL A 912 -29.10 -68.18 -59.02
C VAL A 912 -27.60 -68.22 -58.75
N LEU A 913 -27.21 -68.51 -57.50
CA LEU A 913 -25.80 -68.66 -57.17
C LEU A 913 -25.12 -69.77 -57.95
N TYR A 914 -25.79 -70.92 -58.10
CA TYR A 914 -25.12 -72.14 -58.51
C TYR A 914 -24.64 -72.08 -59.96
N GLU A 915 -25.42 -71.48 -60.86
CA GLU A 915 -24.90 -71.26 -62.22
C GLU A 915 -23.96 -70.06 -62.29
N ASN A 916 -24.06 -69.13 -61.36
CA ASN A 916 -23.27 -67.90 -61.35
C ASN A 916 -22.03 -68.03 -60.47
N GLN A 917 -21.78 -69.25 -59.95
CA GLN A 917 -20.61 -69.48 -59.09
C GLN A 917 -19.32 -68.97 -59.72
N LYS A 918 -19.13 -69.19 -61.02
CA LYS A 918 -17.94 -68.68 -61.68
C LYS A 918 -18.02 -67.19 -61.97
N LEU A 919 -19.23 -66.67 -62.19
CA LEU A 919 -19.38 -65.24 -62.42
C LEU A 919 -19.16 -64.44 -61.15
N ILE A 920 -19.72 -64.89 -60.03
CA ILE A 920 -19.53 -64.20 -58.76
C ILE A 920 -18.09 -64.35 -58.29
N ALA A 921 -17.42 -65.45 -58.66
CA ALA A 921 -16.02 -65.64 -58.28
C ALA A 921 -15.13 -64.54 -58.85
N ASN A 922 -15.37 -64.14 -60.09
CA ASN A 922 -14.56 -63.09 -60.70
C ASN A 922 -14.97 -61.71 -60.22
N GLN A 923 -16.23 -61.53 -59.80
CA GLN A 923 -16.69 -60.23 -59.35
C GLN A 923 -16.22 -59.92 -57.93
N PHE A 924 -16.18 -60.93 -57.05
CA PHE A 924 -15.75 -60.69 -55.67
C PHE A 924 -14.25 -60.44 -55.60
N ASN A 925 -13.46 -61.25 -56.30
CA ASN A 925 -12.01 -61.08 -56.26
C ASN A 925 -11.57 -59.78 -56.92
N SER A 926 -12.32 -59.30 -57.91
CA SER A 926 -11.98 -58.04 -58.55
C SER A 926 -12.34 -56.85 -57.66
N ALA A 927 -13.36 -57.00 -56.81
CA ALA A 927 -13.73 -55.92 -55.90
C ALA A 927 -12.75 -55.78 -54.74
N ILE A 928 -12.13 -56.89 -54.31
CA ILE A 928 -11.13 -56.81 -53.26
C ILE A 928 -9.87 -56.11 -53.77
N GLY A 929 -9.51 -56.34 -55.03
CA GLY A 929 -8.36 -55.67 -55.62
C GLY A 929 -8.53 -54.18 -55.76
N LYS A 930 -9.77 -53.70 -55.93
CA LYS A 930 -10.02 -52.27 -56.00
C LYS A 930 -9.78 -51.57 -54.67
N ILE A 931 -9.86 -52.31 -53.56
CA ILE A 931 -9.61 -51.71 -52.25
C ILE A 931 -8.13 -51.38 -52.08
N GLN A 932 -7.26 -52.27 -52.56
CA GLN A 932 -5.82 -52.00 -52.51
C GLN A 932 -5.44 -50.80 -53.35
N ASP A 933 -6.10 -50.60 -54.48
CA ASP A 933 -5.82 -49.43 -55.31
C ASP A 933 -6.46 -48.16 -54.76
N SER A 934 -7.55 -48.30 -54.00
CA SER A 934 -8.21 -47.13 -53.43
C SER A 934 -7.47 -46.61 -52.20
N LEU A 935 -7.00 -47.50 -51.34
CA LEU A 935 -6.29 -47.08 -50.13
C LEU A 935 -4.89 -46.58 -50.44
N SER A 936 -4.25 -47.11 -51.49
CA SER A 936 -2.91 -46.67 -51.84
C SER A 936 -2.92 -45.30 -52.51
N SER A 937 -3.80 -45.12 -53.49
CA SER A 937 -3.86 -43.87 -54.23
C SER A 937 -4.55 -42.75 -53.45
N THR A 938 -5.67 -43.04 -52.81
CA THR A 938 -6.45 -42.03 -52.08
C THR A 938 -6.17 -42.22 -50.59
N ALA A 939 -5.46 -41.25 -50.00
CA ALA A 939 -5.19 -41.28 -48.57
C ALA A 939 -6.23 -40.51 -47.77
N SER A 940 -7.14 -39.80 -48.44
CA SER A 940 -8.14 -38.99 -47.75
C SER A 940 -9.34 -39.82 -47.28
N ALA A 941 -9.48 -41.06 -47.73
CA ALA A 941 -10.60 -41.89 -47.29
C ALA A 941 -10.45 -42.27 -45.82
N LEU A 942 -9.21 -42.27 -45.30
CA LEU A 942 -8.94 -42.57 -43.90
C LEU A 942 -8.90 -41.32 -43.03
N GLY A 943 -9.23 -40.16 -43.62
CA GLY A 943 -9.17 -38.90 -42.90
C GLY A 943 -10.01 -38.84 -41.64
N LYS A 944 -11.03 -39.72 -41.53
CA LYS A 944 -11.80 -39.79 -40.30
C LYS A 944 -10.95 -40.20 -39.10
N LEU A 945 -10.02 -41.12 -39.29
CA LEU A 945 -9.11 -41.52 -38.23
C LEU A 945 -7.95 -40.53 -38.06
N GLN A 946 -7.65 -39.74 -39.09
CA GLN A 946 -6.59 -38.74 -38.98
C GLN A 946 -7.02 -37.54 -38.15
N ASP A 947 -8.31 -37.17 -38.21
CA ASP A 947 -8.79 -36.05 -37.41
C ASP A 947 -8.77 -36.36 -35.92
N VAL A 948 -8.91 -37.63 -35.54
CA VAL A 948 -8.83 -38.00 -34.12
C VAL A 948 -7.44 -37.71 -33.57
N VAL A 949 -6.41 -38.01 -34.35
CA VAL A 949 -5.04 -37.71 -33.91
C VAL A 949 -4.78 -36.21 -33.97
N ASN A 950 -5.34 -35.52 -34.97
CA ASN A 950 -5.12 -34.10 -35.11
C ASN A 950 -5.78 -33.31 -33.99
N GLN A 951 -7.04 -33.65 -33.67
CA GLN A 951 -7.73 -32.95 -32.59
C GLN A 951 -7.08 -33.23 -31.24
N ASN A 952 -6.47 -34.41 -31.08
CA ASN A 952 -5.74 -34.70 -29.84
C ASN A 952 -4.39 -34.02 -29.79
N ALA A 953 -3.75 -33.82 -30.95
CA ALA A 953 -2.46 -33.15 -30.99
C ALA A 953 -2.60 -31.65 -30.85
N GLN A 954 -3.61 -31.05 -31.47
CA GLN A 954 -3.82 -29.61 -31.36
C GLN A 954 -4.26 -29.21 -29.95
N ALA A 955 -5.01 -30.08 -29.27
CA ALA A 955 -5.43 -29.78 -27.90
C ALA A 955 -4.27 -29.83 -26.92
N LEU A 956 -3.32 -30.74 -27.13
CA LEU A 956 -2.17 -30.81 -26.24
C LEU A 956 -1.14 -29.73 -26.55
N ASN A 957 -0.88 -29.47 -27.83
CA ASN A 957 0.09 -28.44 -28.20
C ASN A 957 -0.36 -27.05 -27.79
N THR A 958 -1.65 -26.74 -27.94
CA THR A 958 -2.15 -25.44 -27.51
C THR A 958 -2.14 -25.32 -26.00
N LEU A 959 -2.40 -26.41 -25.27
CA LEU A 959 -2.36 -26.37 -23.82
C LEU A 959 -0.95 -26.12 -23.31
N VAL A 960 0.06 -26.52 -24.08
CA VAL A 960 1.45 -26.24 -23.72
C VAL A 960 1.78 -24.77 -23.94
N LYS A 961 1.29 -24.18 -25.04
CA LYS A 961 1.59 -22.80 -25.35
C LYS A 961 0.98 -21.82 -24.34
N GLN A 962 0.04 -22.27 -23.52
CA GLN A 962 -0.54 -21.40 -22.50
C GLN A 962 0.44 -21.11 -21.37
N LEU A 963 1.49 -21.92 -21.22
CA LEU A 963 2.46 -21.68 -20.16
C LEU A 963 3.31 -20.45 -20.45
N SER A 964 3.50 -20.11 -21.73
CA SER A 964 4.28 -18.95 -22.10
C SER A 964 3.52 -17.64 -21.97
N SER A 965 2.21 -17.69 -21.76
CA SER A 965 1.41 -16.48 -21.62
C SER A 965 1.56 -15.91 -20.21
N ASN A 966 1.63 -14.57 -20.14
CA ASN A 966 1.79 -13.91 -18.85
C ASN A 966 0.48 -13.80 -18.10
N PHE A 967 -0.65 -13.84 -18.80
CA PHE A 967 -1.97 -13.69 -18.19
C PHE A 967 -2.07 -12.40 -17.38
N GLY A 968 -1.45 -11.33 -17.89
CA GLY A 968 -1.46 -10.05 -17.22
C GLY A 968 -0.39 -9.86 -16.17
N ALA A 969 0.49 -10.83 -15.98
CA ALA A 969 1.54 -10.72 -14.98
C ALA A 969 2.80 -10.13 -15.62
N ILE A 970 3.85 -9.99 -14.81
CA ILE A 970 5.11 -9.42 -15.30
C ILE A 970 5.82 -10.40 -16.22
N SER A 971 5.99 -11.64 -15.77
CA SER A 971 6.67 -12.66 -16.56
C SER A 971 6.07 -14.02 -16.25
N SER A 972 6.05 -14.89 -17.25
CA SER A 972 5.52 -16.24 -17.10
C SER A 972 6.46 -17.17 -16.34
N VAL A 973 7.71 -16.77 -16.14
CA VAL A 973 8.69 -17.59 -15.42
C VAL A 973 8.49 -17.40 -13.93
N LEU A 974 8.42 -18.52 -13.19
CA LEU A 974 8.24 -18.45 -11.75
C LEU A 974 9.50 -17.96 -11.04
N ASN A 975 10.67 -18.44 -11.45
CA ASN A 975 11.92 -18.03 -10.81
C ASN A 975 12.21 -16.55 -11.06
N ASP A 976 11.64 -15.95 -12.10
CA ASP A 976 11.86 -14.53 -12.35
C ASP A 976 11.15 -13.67 -11.31
N ILE A 977 9.91 -14.02 -10.95
CA ILE A 977 9.15 -13.22 -10.00
C ILE A 977 9.71 -13.38 -8.60
N LEU A 978 10.07 -14.60 -8.21
CA LEU A 978 10.56 -14.84 -6.85
C LEU A 978 11.92 -14.20 -6.61
N SER A 979 12.77 -14.14 -7.65
CA SER A 979 14.10 -13.57 -7.52
C SER A 979 14.12 -12.06 -7.74
N ARG A 980 12.97 -11.44 -7.99
CA ARG A 980 12.91 -10.01 -8.26
C ARG A 980 12.10 -9.25 -7.22
N LEU A 981 10.80 -9.52 -7.12
CA LEU A 981 9.91 -8.80 -6.22
C LEU A 981 10.03 -9.36 -4.79
N ASP A 982 9.26 -8.76 -3.89
CA ASP A 982 9.25 -9.18 -2.51
C ASP A 982 8.23 -10.30 -2.30
N PRO A 983 8.40 -11.11 -1.26
CA PRO A 983 7.44 -12.19 -0.98
C PRO A 983 6.00 -11.68 -0.86
N PRO A 984 5.74 -10.56 -0.17
CA PRO A 984 4.37 -10.02 -0.19
C PRO A 984 3.95 -9.49 -1.55
N GLU A 985 4.88 -8.94 -2.34
CA GLU A 985 4.55 -8.44 -3.67
C GLU A 985 4.44 -9.55 -4.70
N ALA A 986 5.25 -10.62 -4.56
CA ALA A 986 5.21 -11.71 -5.52
C ALA A 986 3.91 -12.49 -5.50
N GLU A 987 3.22 -12.54 -4.35
CA GLU A 987 1.97 -13.28 -4.26
C GLU A 987 0.90 -12.72 -5.19
N VAL A 988 0.96 -11.43 -5.50
CA VAL A 988 0.00 -10.85 -6.44
C VAL A 988 0.31 -11.30 -7.86
N GLN A 989 1.60 -11.34 -8.23
CA GLN A 989 1.99 -11.78 -9.56
C GLN A 989 1.81 -13.28 -9.74
N ILE A 990 2.03 -14.06 -8.67
CA ILE A 990 1.85 -15.51 -8.77
C ILE A 990 0.37 -15.85 -8.89
N ASP A 991 -0.49 -15.13 -8.16
CA ASP A 991 -1.92 -15.36 -8.25
C ASP A 991 -2.47 -15.10 -9.65
N ARG A 992 -1.90 -14.14 -10.37
CA ARG A 992 -2.33 -13.91 -11.75
C ARG A 992 -1.95 -15.07 -12.65
N LEU A 993 -0.80 -15.71 -12.39
CA LEU A 993 -0.40 -16.87 -13.17
C LEU A 993 -1.19 -18.12 -12.81
N ILE A 994 -1.61 -18.26 -11.55
CA ILE A 994 -2.39 -19.44 -11.16
C ILE A 994 -3.77 -19.40 -11.77
N THR A 995 -4.50 -18.30 -11.57
CA THR A 995 -5.86 -18.19 -12.09
C THR A 995 -5.90 -18.25 -13.61
N GLY A 996 -4.85 -17.80 -14.29
CA GLY A 996 -4.81 -17.91 -15.73
C GLY A 996 -4.62 -19.34 -16.19
N ARG A 997 -3.81 -20.11 -15.46
CA ARG A 997 -3.58 -21.51 -15.80
C ARG A 997 -4.65 -22.44 -15.27
N LEU A 998 -5.47 -21.98 -14.32
CA LEU A 998 -6.62 -22.78 -13.90
C LEU A 998 -7.69 -22.80 -14.98
N GLN A 999 -7.90 -21.68 -15.66
CA GLN A 999 -8.90 -21.64 -16.72
C GLN A 999 -8.43 -22.35 -17.98
N SER A 1000 -7.13 -22.28 -18.29
CA SER A 1000 -6.61 -22.97 -19.46
C SER A 1000 -6.68 -24.48 -19.29
N LEU A 1001 -6.40 -24.98 -18.08
CA LEU A 1001 -6.52 -26.40 -17.82
C LEU A 1001 -7.97 -26.85 -17.74
N GLN A 1002 -8.85 -26.00 -17.21
CA GLN A 1002 -10.28 -26.32 -17.17
C GLN A 1002 -10.86 -26.35 -18.58
N THR A 1003 -10.36 -25.52 -19.49
CA THR A 1003 -10.85 -25.53 -20.86
C THR A 1003 -10.49 -26.83 -21.58
N TYR A 1004 -9.29 -27.34 -21.33
CA TYR A 1004 -8.88 -28.60 -21.97
C TYR A 1004 -9.71 -29.77 -21.48
N VAL A 1005 -9.93 -29.86 -20.16
CA VAL A 1005 -10.71 -30.97 -19.62
C VAL A 1005 -12.15 -30.92 -20.10
N THR A 1006 -12.72 -29.71 -20.16
CA THR A 1006 -14.08 -29.56 -20.69
C THR A 1006 -14.12 -29.93 -22.17
N GLN A 1007 -13.06 -29.60 -22.92
CA GLN A 1007 -13.01 -29.96 -24.32
C GLN A 1007 -12.88 -31.46 -24.52
N GLN A 1008 -12.16 -32.15 -23.62
CA GLN A 1008 -12.00 -33.59 -23.74
C GLN A 1008 -13.28 -34.33 -23.38
N LEU A 1009 -14.02 -33.87 -22.37
CA LEU A 1009 -15.29 -34.49 -22.02
C LEU A 1009 -16.31 -34.40 -23.13
N ILE A 1010 -16.31 -33.29 -23.89
CA ILE A 1010 -17.23 -33.16 -25.00
C ILE A 1010 -16.78 -34.01 -26.18
N ARG A 1011 -15.47 -34.04 -26.45
CA ARG A 1011 -14.96 -34.86 -27.54
C ARG A 1011 -15.10 -36.35 -27.24
N ALA A 1012 -14.98 -36.74 -25.96
CA ALA A 1012 -15.16 -38.13 -25.59
C ALA A 1012 -16.60 -38.61 -25.81
N ALA A 1013 -17.58 -37.70 -25.73
CA ALA A 1013 -18.96 -38.09 -26.00
C ALA A 1013 -19.16 -38.42 -27.48
N GLU A 1014 -18.50 -37.68 -28.38
CA GLU A 1014 -18.58 -38.01 -29.80
C GLU A 1014 -17.89 -39.32 -30.11
N ILE A 1015 -16.77 -39.61 -29.45
CA ILE A 1015 -16.09 -40.89 -29.64
C ILE A 1015 -16.91 -42.03 -29.05
N ARG A 1016 -17.53 -41.79 -27.89
CA ARG A 1016 -18.39 -42.81 -27.30
C ARG A 1016 -19.62 -43.08 -28.17
N ALA A 1017 -20.18 -42.04 -28.79
CA ALA A 1017 -21.33 -42.23 -29.68
C ALA A 1017 -20.92 -43.00 -30.93
N SER A 1018 -19.68 -42.80 -31.41
CA SER A 1018 -19.21 -43.57 -32.56
C SER A 1018 -18.80 -44.98 -32.17
N ALA A 1019 -18.36 -45.18 -30.93
CA ALA A 1019 -18.02 -46.53 -30.48
C ALA A 1019 -19.26 -47.41 -30.36
N ASN A 1020 -20.39 -46.85 -29.93
CA ASN A 1020 -21.62 -47.61 -29.87
C ASN A 1020 -22.13 -47.93 -31.27
N LEU A 1021 -21.88 -47.06 -32.24
CA LEU A 1021 -22.26 -47.35 -33.62
C LEU A 1021 -21.40 -48.47 -34.21
N ALA A 1022 -20.11 -48.45 -33.92
CA ALA A 1022 -19.23 -49.51 -34.40
C ALA A 1022 -19.57 -50.85 -33.75
N ALA A 1023 -20.05 -50.82 -32.51
CA ALA A 1023 -20.49 -52.05 -31.87
C ALA A 1023 -21.75 -52.60 -32.52
N THR A 1024 -22.61 -51.72 -33.04
CA THR A 1024 -23.80 -52.17 -33.74
C THR A 1024 -23.47 -52.65 -35.14
N LYS A 1025 -22.57 -51.94 -35.84
CA LYS A 1025 -22.13 -52.41 -37.16
C LYS A 1025 -21.43 -53.75 -37.07
N MET A 1026 -20.62 -53.96 -36.03
CA MET A 1026 -19.93 -55.23 -35.85
C MET A 1026 -20.90 -56.37 -35.57
N SER A 1027 -21.96 -56.10 -34.81
CA SER A 1027 -22.93 -57.13 -34.47
C SER A 1027 -23.82 -57.54 -35.64
N GLU A 1028 -24.48 -56.58 -36.27
CA GLU A 1028 -25.45 -56.88 -37.32
C GLU A 1028 -24.83 -57.17 -38.68
N CYS A 1029 -23.85 -56.37 -39.12
CA CYS A 1029 -23.29 -56.52 -40.45
C CYS A 1029 -22.30 -57.67 -40.54
N VAL A 1030 -21.52 -57.91 -39.50
CA VAL A 1030 -20.48 -58.94 -39.51
C VAL A 1030 -21.00 -60.27 -39.00
N LEU A 1031 -21.41 -60.32 -37.72
CA LEU A 1031 -21.84 -61.58 -37.12
C LEU A 1031 -23.04 -62.18 -37.85
N GLY A 1032 -24.14 -61.44 -37.97
CA GLY A 1032 -25.32 -61.90 -38.64
C GLY A 1032 -25.50 -61.20 -39.97
N GLN A 1033 -26.75 -61.15 -40.44
CA GLN A 1033 -27.12 -60.49 -41.67
C GLN A 1033 -28.24 -59.50 -41.37
N SER A 1034 -27.96 -58.21 -41.57
CA SER A 1034 -28.93 -57.17 -41.27
C SER A 1034 -29.74 -56.81 -42.51
N LYS A 1035 -31.06 -56.70 -42.33
CA LYS A 1035 -31.97 -56.32 -43.39
C LYS A 1035 -32.23 -54.82 -43.43
N ARG A 1036 -31.56 -54.06 -42.56
CA ARG A 1036 -31.78 -52.63 -42.48
C ARG A 1036 -31.25 -51.94 -43.73
N VAL A 1037 -32.06 -51.02 -44.27
CA VAL A 1037 -31.72 -50.33 -45.51
C VAL A 1037 -30.76 -49.20 -45.21
N ASP A 1038 -29.70 -49.10 -46.02
CA ASP A 1038 -28.67 -48.07 -45.87
C ASP A 1038 -28.05 -48.11 -44.48
N PHE A 1039 -27.73 -49.31 -44.00
CA PHE A 1039 -27.05 -49.52 -42.73
C PHE A 1039 -25.67 -50.14 -42.94
N CYS A 1040 -25.63 -51.34 -43.53
CA CYS A 1040 -24.38 -52.03 -43.87
C CYS A 1040 -23.82 -51.53 -45.19
N GLY A 1041 -24.42 -50.50 -45.75
CA GLY A 1041 -24.01 -49.93 -47.02
C GLY A 1041 -25.03 -50.17 -48.12
N LYS A 1042 -24.85 -49.42 -49.21
CA LYS A 1042 -25.83 -49.38 -50.29
C LYS A 1042 -25.98 -50.76 -50.94
N GLY A 1043 -27.21 -51.07 -51.35
CA GLY A 1043 -27.52 -52.34 -51.95
C GLY A 1043 -27.99 -53.35 -50.92
N TYR A 1044 -28.36 -54.53 -51.42
CA TYR A 1044 -28.78 -55.62 -50.55
C TYR A 1044 -27.55 -56.22 -49.87
N HIS A 1045 -27.55 -56.21 -48.54
CA HIS A 1045 -26.37 -56.61 -47.78
C HIS A 1045 -26.19 -58.12 -47.81
N LEU A 1046 -24.93 -58.57 -47.80
CA LEU A 1046 -24.58 -59.97 -47.71
C LEU A 1046 -23.74 -60.27 -46.46
N MET A 1047 -22.48 -59.85 -46.46
CA MET A 1047 -21.59 -60.10 -45.34
C MET A 1047 -20.67 -58.90 -45.17
N SER A 1048 -20.00 -58.84 -44.02
CA SER A 1048 -19.04 -57.79 -43.73
C SER A 1048 -17.79 -58.41 -43.12
N PHE A 1049 -16.63 -57.90 -43.54
CA PHE A 1049 -15.34 -58.34 -43.01
C PHE A 1049 -14.68 -57.20 -42.24
N PRO A 1050 -14.53 -57.31 -40.93
CA PRO A 1050 -13.86 -56.25 -40.17
C PRO A 1050 -12.35 -56.25 -40.43
N GLN A 1051 -11.76 -55.07 -40.25
CA GLN A 1051 -10.33 -54.89 -40.41
C GLN A 1051 -9.81 -53.95 -39.33
N SER A 1052 -8.59 -54.24 -38.87
CA SER A 1052 -7.98 -53.41 -37.84
C SER A 1052 -7.46 -52.11 -38.43
N ALA A 1053 -7.65 -51.02 -37.66
CA ALA A 1053 -7.23 -49.70 -38.07
C ALA A 1053 -6.77 -48.93 -36.84
N PRO A 1054 -5.81 -48.01 -36.98
CA PRO A 1054 -5.37 -47.23 -35.83
C PRO A 1054 -6.50 -46.37 -35.29
N HIS A 1055 -6.71 -46.47 -33.97
CA HIS A 1055 -7.74 -45.68 -33.27
C HIS A 1055 -9.12 -45.84 -33.90
N GLY A 1056 -9.41 -47.01 -34.44
CA GLY A 1056 -10.69 -47.23 -35.07
C GLY A 1056 -10.80 -48.63 -35.65
N VAL A 1057 -11.78 -48.80 -36.53
CA VAL A 1057 -12.02 -50.08 -37.20
C VAL A 1057 -12.58 -49.79 -38.58
N VAL A 1058 -12.20 -50.65 -39.54
CA VAL A 1058 -12.63 -50.52 -40.92
C VAL A 1058 -13.47 -51.74 -41.27
N PHE A 1059 -14.68 -51.50 -41.75
CA PHE A 1059 -15.59 -52.57 -42.17
C PHE A 1059 -15.58 -52.67 -43.68
N LEU A 1060 -15.45 -53.90 -44.19
CA LEU A 1060 -15.51 -54.17 -45.62
C LEU A 1060 -16.83 -54.91 -45.88
N HIS A 1061 -17.76 -54.23 -46.55
CA HIS A 1061 -19.10 -54.77 -46.73
C HIS A 1061 -19.26 -55.35 -48.12
N VAL A 1062 -19.92 -56.51 -48.19
CA VAL A 1062 -20.25 -57.18 -49.45
C VAL A 1062 -21.75 -57.00 -49.67
N THR A 1063 -22.11 -56.37 -50.78
CA THR A 1063 -23.50 -56.04 -51.08
C THR A 1063 -23.91 -56.61 -52.42
N TYR A 1064 -25.23 -56.69 -52.62
CA TYR A 1064 -25.83 -57.20 -53.84
C TYR A 1064 -26.46 -56.04 -54.60
N VAL A 1065 -25.86 -55.67 -55.73
CA VAL A 1065 -26.30 -54.55 -56.53
C VAL A 1065 -26.74 -55.07 -57.90
N PRO A 1066 -28.00 -54.93 -58.28
CA PRO A 1066 -28.40 -55.32 -59.64
C PRO A 1066 -27.82 -54.38 -60.68
N ALA A 1067 -27.61 -54.92 -61.88
CA ALA A 1067 -26.94 -54.19 -62.95
C ALA A 1067 -27.86 -53.88 -64.12
N GLN A 1068 -28.19 -54.88 -64.94
CA GLN A 1068 -28.95 -54.68 -66.17
C GLN A 1068 -30.43 -54.88 -65.90
N GLU A 1069 -31.27 -54.07 -66.55
CA GLU A 1069 -32.71 -54.12 -66.39
C GLU A 1069 -33.37 -54.23 -67.76
N LYS A 1070 -34.62 -54.72 -67.75
CA LYS A 1070 -35.41 -54.83 -68.97
C LYS A 1070 -36.88 -54.61 -68.62
N ASN A 1071 -37.59 -53.93 -69.51
CA ASN A 1071 -38.99 -53.59 -69.28
C ASN A 1071 -39.89 -54.74 -69.71
N PHE A 1072 -40.96 -54.95 -68.95
CA PHE A 1072 -41.93 -56.00 -69.24
C PHE A 1072 -43.33 -55.48 -68.94
N THR A 1073 -44.33 -56.21 -69.42
CA THR A 1073 -45.73 -55.92 -69.16
C THR A 1073 -46.25 -56.90 -68.12
N THR A 1074 -46.88 -56.37 -67.07
CA THR A 1074 -47.34 -57.20 -65.96
C THR A 1074 -48.87 -57.18 -65.89
N ALA A 1075 -49.39 -57.98 -64.97
CA ALA A 1075 -50.82 -58.03 -64.70
C ALA A 1075 -51.02 -58.34 -63.22
N PRO A 1076 -52.08 -57.82 -62.59
CA PRO A 1076 -52.32 -58.15 -61.18
C PRO A 1076 -52.75 -59.59 -60.97
N ALA A 1077 -53.45 -60.19 -61.93
CA ALA A 1077 -53.95 -61.56 -61.77
C ALA A 1077 -54.21 -62.16 -63.14
N ILE A 1078 -54.33 -63.48 -63.17
CA ILE A 1078 -54.68 -64.23 -64.37
C ILE A 1078 -56.08 -64.81 -64.17
N CYS A 1079 -56.94 -64.61 -65.15
CA CYS A 1079 -58.31 -65.13 -65.13
C CYS A 1079 -58.40 -66.30 -66.10
N HIS A 1080 -58.73 -67.48 -65.59
CA HIS A 1080 -58.80 -68.69 -66.40
C HIS A 1080 -60.24 -69.19 -66.54
N ASP A 1081 -60.76 -69.83 -65.49
CA ASP A 1081 -62.11 -70.39 -65.52
C ASP A 1081 -63.13 -69.42 -64.90
N GLY A 1082 -62.69 -68.22 -64.54
CA GLY A 1082 -63.51 -67.28 -63.82
C GLY A 1082 -63.08 -67.06 -62.38
N LYS A 1083 -62.14 -67.84 -61.87
CA LYS A 1083 -61.56 -67.63 -60.55
C LYS A 1083 -60.18 -67.01 -60.70
N ALA A 1084 -59.90 -66.00 -59.87
CA ALA A 1084 -58.66 -65.26 -59.96
C ALA A 1084 -57.49 -66.09 -59.46
N HIS A 1085 -56.30 -65.81 -60.00
CA HIS A 1085 -55.06 -66.47 -59.62
C HIS A 1085 -54.03 -65.41 -59.27
N PHE A 1086 -53.37 -65.57 -58.12
CA PHE A 1086 -52.41 -64.59 -57.68
C PHE A 1086 -51.05 -65.23 -57.39
N PRO A 1087 -49.95 -64.54 -57.68
CA PRO A 1087 -48.63 -65.14 -57.47
C PRO A 1087 -48.36 -65.40 -56.00
N ARG A 1088 -47.83 -66.59 -55.72
CA ARG A 1088 -47.36 -66.88 -54.36
C ARG A 1088 -46.03 -66.17 -54.09
N GLU A 1089 -45.08 -66.31 -55.02
CA GLU A 1089 -43.81 -65.61 -54.95
C GLU A 1089 -43.47 -65.11 -56.34
N GLY A 1090 -43.17 -63.82 -56.46
CA GLY A 1090 -42.87 -63.20 -57.73
C GLY A 1090 -44.07 -62.45 -58.27
N VAL A 1091 -43.96 -62.06 -59.55
CA VAL A 1091 -44.99 -61.32 -60.25
C VAL A 1091 -45.15 -61.89 -61.66
N PHE A 1092 -46.25 -61.51 -62.30
CA PHE A 1092 -46.53 -61.90 -63.68
C PHE A 1092 -45.83 -60.96 -64.64
N VAL A 1093 -45.22 -61.53 -65.68
CA VAL A 1093 -44.53 -60.77 -66.70
C VAL A 1093 -44.94 -61.30 -68.07
N SER A 1094 -44.65 -60.52 -69.11
CA SER A 1094 -44.98 -60.91 -70.47
C SER A 1094 -43.93 -60.37 -71.42
N ASN A 1095 -43.58 -61.16 -72.43
CA ASN A 1095 -42.68 -60.75 -73.50
C ASN A 1095 -43.44 -60.20 -74.70
N GLY A 1096 -44.76 -60.07 -74.60
CA GLY A 1096 -45.58 -59.62 -75.69
C GLY A 1096 -46.45 -60.73 -76.26
N THR A 1097 -46.15 -61.97 -75.90
CA THR A 1097 -46.93 -63.12 -76.32
C THR A 1097 -47.34 -64.05 -75.17
N HIS A 1098 -46.38 -64.65 -74.47
CA HIS A 1098 -46.69 -65.61 -73.41
C HIS A 1098 -46.41 -64.98 -72.05
N TRP A 1099 -47.23 -65.35 -71.07
CA TRP A 1099 -47.13 -64.82 -69.72
C TRP A 1099 -46.34 -65.77 -68.84
N PHE A 1100 -45.32 -65.23 -68.17
CA PHE A 1100 -44.43 -66.02 -67.33
C PHE A 1100 -44.44 -65.47 -65.91
N VAL A 1101 -43.98 -66.28 -64.97
CA VAL A 1101 -43.83 -65.90 -63.58
C VAL A 1101 -42.35 -65.83 -63.25
N THR A 1102 -41.89 -64.69 -62.73
CA THR A 1102 -40.50 -64.51 -62.41
C THR A 1102 -40.38 -63.70 -61.12
N GLN A 1103 -39.24 -63.81 -60.47
CA GLN A 1103 -38.95 -63.07 -59.26
C GLN A 1103 -38.67 -61.61 -59.57
N ARG A 1104 -38.79 -60.77 -58.54
CA ARG A 1104 -38.55 -59.34 -58.69
C ARG A 1104 -37.07 -58.98 -58.72
N ASN A 1105 -36.24 -59.69 -57.95
CA ASN A 1105 -34.82 -59.40 -57.88
C ASN A 1105 -34.01 -60.10 -58.97
N PHE A 1106 -34.59 -61.07 -59.66
CA PHE A 1106 -33.88 -61.77 -60.73
C PHE A 1106 -34.90 -62.25 -61.75
N TYR A 1107 -34.49 -62.28 -63.02
CA TYR A 1107 -35.39 -62.65 -64.11
C TYR A 1107 -35.26 -64.14 -64.38
N GLU A 1108 -36.31 -64.91 -64.04
CA GLU A 1108 -36.31 -66.35 -64.20
C GLU A 1108 -37.70 -66.79 -64.68
N PRO A 1109 -37.95 -66.76 -66.00
CA PRO A 1109 -39.27 -67.11 -66.51
C PRO A 1109 -39.70 -68.50 -66.08
N GLN A 1110 -40.95 -68.61 -65.63
CA GLN A 1110 -41.53 -69.88 -65.23
C GLN A 1110 -42.96 -69.97 -65.76
N ILE A 1111 -43.35 -71.17 -66.17
CA ILE A 1111 -44.70 -71.39 -66.66
C ILE A 1111 -45.69 -71.23 -65.52
N ILE A 1112 -46.82 -70.58 -65.82
CA ILE A 1112 -47.87 -70.37 -64.82
C ILE A 1112 -48.49 -71.71 -64.47
N THR A 1113 -48.48 -72.07 -63.19
CA THR A 1113 -48.99 -73.35 -62.73
C THR A 1113 -49.89 -73.15 -61.52
N THR A 1114 -50.44 -74.27 -61.03
CA THR A 1114 -51.31 -74.24 -59.86
C THR A 1114 -50.52 -74.18 -58.56
N ASP A 1115 -49.34 -74.80 -58.50
CA ASP A 1115 -48.54 -74.78 -57.28
C ASP A 1115 -47.82 -73.45 -57.08
N ASN A 1116 -47.67 -72.65 -58.13
CA ASN A 1116 -47.04 -71.34 -58.02
C ASN A 1116 -48.03 -70.22 -57.73
N THR A 1117 -49.32 -70.50 -57.78
CA THR A 1117 -50.36 -69.49 -57.53
C THR A 1117 -51.38 -70.05 -56.55
N PHE A 1118 -52.40 -69.24 -56.28
CA PHE A 1118 -53.50 -69.64 -55.41
C PHE A 1118 -54.78 -68.97 -55.89
N VAL A 1119 -55.91 -69.61 -55.58
CA VAL A 1119 -57.22 -69.18 -56.04
C VAL A 1119 -57.90 -68.39 -54.94
N SER A 1120 -58.17 -67.11 -55.20
CA SER A 1120 -58.87 -66.27 -54.25
C SER A 1120 -59.78 -65.32 -55.01
N GLY A 1121 -61.02 -65.18 -54.52
CA GLY A 1121 -61.95 -64.24 -55.14
C GLY A 1121 -62.37 -64.70 -56.52
N ASN A 1122 -62.72 -63.72 -57.36
CA ASN A 1122 -63.14 -63.99 -58.73
C ASN A 1122 -62.54 -62.93 -59.65
N CYS A 1123 -62.97 -62.96 -60.92
CA CYS A 1123 -62.42 -62.08 -61.93
C CYS A 1123 -63.17 -60.76 -62.05
N ASP A 1124 -64.30 -60.62 -61.36
CA ASP A 1124 -65.13 -59.42 -61.48
C ASP A 1124 -64.78 -58.35 -60.47
N VAL A 1125 -63.76 -58.55 -59.65
CA VAL A 1125 -63.37 -57.60 -58.62
C VAL A 1125 -62.05 -56.91 -58.96
N VAL A 1126 -60.97 -57.67 -59.10
CA VAL A 1126 -59.64 -57.10 -59.35
C VAL A 1126 -59.65 -56.36 -60.69
N ILE A 1127 -59.21 -55.11 -60.66
CA ILE A 1127 -59.15 -54.28 -61.87
C ILE A 1127 -57.84 -54.55 -62.59
N GLY A 1128 -57.88 -54.57 -63.92
CA GLY A 1128 -56.71 -54.81 -64.72
C GLY A 1128 -56.36 -56.27 -64.93
N ILE A 1129 -57.22 -57.20 -64.52
CA ILE A 1129 -56.97 -58.61 -64.67
C ILE A 1129 -57.05 -58.99 -66.15
N VAL A 1130 -56.24 -59.95 -66.56
CA VAL A 1130 -56.19 -60.40 -67.95
C VAL A 1130 -56.56 -61.87 -68.01
N ASN A 1131 -56.99 -62.30 -69.19
CA ASN A 1131 -57.43 -63.67 -69.42
C ASN A 1131 -56.27 -64.49 -69.97
N ASN A 1132 -56.10 -65.69 -69.42
CA ASN A 1132 -55.07 -66.62 -69.87
C ASN A 1132 -55.41 -67.99 -69.31
N THR A 1133 -54.59 -68.99 -69.65
CA THR A 1133 -54.77 -70.35 -69.18
C THR A 1133 -53.72 -70.68 -68.12
N VAL A 1134 -54.11 -71.54 -67.18
CA VAL A 1134 -53.25 -71.95 -66.07
C VAL A 1134 -52.91 -73.42 -66.24
N TYR A 1135 -51.61 -73.72 -66.40
CA TYR A 1135 -51.17 -75.08 -66.54
C TYR A 1135 -51.32 -75.84 -65.21
N ASP A 1136 -51.80 -77.07 -65.30
CA ASP A 1136 -51.99 -77.93 -64.14
C ASP A 1136 -51.01 -79.09 -64.26
N PRO A 1137 -50.05 -79.24 -63.33
CA PRO A 1137 -49.13 -80.38 -63.40
C PRO A 1137 -49.82 -81.72 -63.31
N LEU A 1138 -51.00 -81.80 -62.70
CA LEU A 1138 -51.74 -83.05 -62.59
C LEU A 1138 -52.45 -83.41 -63.89
N GLN A 1139 -52.68 -82.44 -64.77
CA GLN A 1139 -53.44 -82.73 -66.00
C GLN A 1139 -52.71 -83.70 -66.91
N PRO A 1140 -51.46 -83.48 -67.32
CA PRO A 1140 -50.82 -84.43 -68.25
C PRO A 1140 -50.51 -85.79 -67.64
N GLU A 1141 -50.30 -85.86 -66.32
CA GLU A 1141 -50.07 -87.16 -65.69
C GLU A 1141 -51.29 -88.06 -65.81
N LEU A 1142 -52.49 -87.52 -65.57
CA LEU A 1142 -53.72 -88.25 -65.80
C LEU A 1142 -54.11 -88.33 -67.26
N ASP A 1143 -53.66 -87.37 -68.08
CA ASP A 1143 -53.90 -87.45 -69.51
C ASP A 1143 -53.10 -88.58 -70.13
N SER A 1144 -51.80 -88.66 -69.82
CA SER A 1144 -51.00 -89.79 -70.27
C SER A 1144 -51.49 -91.08 -69.63
N PHE A 1145 -52.00 -91.02 -68.40
CA PHE A 1145 -52.61 -92.20 -67.80
C PHE A 1145 -53.91 -92.57 -68.50
N LYS A 1146 -54.65 -91.57 -68.99
CA LYS A 1146 -55.87 -91.86 -69.74
C LYS A 1146 -55.55 -92.51 -71.08
N GLU A 1147 -54.52 -92.01 -71.77
CA GLU A 1147 -54.08 -92.67 -73.01
C GLU A 1147 -53.56 -94.07 -72.72
N GLU A 1148 -52.87 -94.26 -71.60
CA GLU A 1148 -52.50 -95.61 -71.18
C GLU A 1148 -53.72 -96.43 -70.81
N LEU A 1149 -54.71 -95.80 -70.15
CA LEU A 1149 -55.95 -96.50 -69.83
C LEU A 1149 -56.75 -96.81 -71.09
N ASP A 1150 -56.74 -95.92 -72.08
CA ASP A 1150 -57.48 -96.15 -73.32
C ASP A 1150 -56.93 -97.36 -74.07
N LYS A 1151 -55.61 -97.53 -74.08
CA LYS A 1151 -55.01 -98.68 -74.76
C LYS A 1151 -55.36 -100.00 -74.09
N TYR A 1152 -55.75 -99.98 -72.81
CA TYR A 1152 -56.14 -101.22 -72.14
C TYR A 1152 -57.50 -101.72 -72.62
N PHE A 1153 -58.43 -100.81 -72.90
CA PHE A 1153 -59.74 -101.23 -73.41
C PHE A 1153 -59.64 -101.70 -74.86
N LYS A 1154 -58.79 -101.06 -75.67
CA LYS A 1154 -58.61 -101.47 -77.05
C LYS A 1154 -57.99 -102.86 -77.14
N ASN A 1155 -57.12 -103.20 -76.18
CA ASN A 1155 -56.53 -104.53 -76.16
C ASN A 1155 -57.54 -105.60 -75.74
N HIS A 1156 -58.38 -105.32 -74.74
CA HIS A 1156 -59.38 -106.27 -74.29
C HIS A 1156 -60.39 -106.61 -75.38
N THR A 1157 -60.86 -105.61 -76.13
CA THR A 1157 -61.81 -105.84 -77.21
C THR A 1157 -61.24 -106.67 -78.34
N SER A 1158 -59.92 -106.66 -78.52
CA SER A 1158 -59.28 -107.43 -79.58
C SER A 1158 -59.21 -108.91 -79.21
N GLU B 1 10.65 45.48 29.04
CA GLU B 1 9.72 45.27 27.93
C GLU B 1 9.84 46.41 26.93
N VAL B 2 10.16 47.59 27.44
CA VAL B 2 10.28 48.80 26.62
C VAL B 2 11.27 49.74 27.30
N GLN B 3 11.93 50.58 26.51
CA GLN B 3 12.87 51.56 27.01
C GLN B 3 12.53 52.93 26.42
N LEU B 4 12.15 53.86 27.29
CA LEU B 4 11.85 55.24 26.91
C LEU B 4 13.03 56.10 27.34
N GLN B 5 13.76 56.65 26.37
CA GLN B 5 14.94 57.44 26.65
C GLN B 5 14.69 58.91 26.28
N GLN B 6 15.27 59.80 27.05
CA GLN B 6 15.19 61.24 26.82
C GLN B 6 16.57 61.85 26.99
N SER B 7 16.64 63.18 26.90
CA SER B 7 17.90 63.89 27.07
C SER B 7 18.19 64.09 28.55
N GLY B 8 19.33 64.73 28.83
CA GLY B 8 19.72 65.03 30.19
C GLY B 8 19.34 66.45 30.57
N PRO B 9 19.82 66.92 31.72
CA PRO B 9 19.56 68.31 32.11
C PRO B 9 20.26 69.28 31.18
N GLU B 10 19.56 70.37 30.86
CA GLU B 10 20.10 71.45 30.03
C GLU B 10 20.16 72.73 30.83
N LEU B 11 21.18 73.54 30.55
CA LEU B 11 21.31 74.88 31.12
C LEU B 11 21.11 75.88 29.99
N VAL B 12 19.99 76.61 30.02
CA VAL B 12 19.64 77.53 28.96
C VAL B 12 19.41 78.93 29.54
N LYS B 13 19.66 79.93 28.72
CA LYS B 13 19.46 81.33 29.05
C LYS B 13 18.05 81.76 28.65
N PRO B 14 17.40 82.58 29.47
CA PRO B 14 16.06 83.08 29.11
C PRO B 14 16.07 83.79 27.77
N GLY B 15 15.13 83.43 26.91
CA GLY B 15 15.04 83.96 25.56
C GLY B 15 15.47 83.00 24.48
N ALA B 16 16.11 81.90 24.84
CA ALA B 16 16.57 80.91 23.87
C ALA B 16 15.49 79.85 23.69
N SER B 17 15.82 78.78 22.96
CA SER B 17 14.89 77.68 22.70
C SER B 17 15.54 76.37 23.08
N VAL B 18 14.78 75.50 23.74
CA VAL B 18 15.25 74.18 24.17
C VAL B 18 14.42 73.13 23.47
N LYS B 19 15.07 72.01 23.12
CA LYS B 19 14.42 70.90 22.44
C LYS B 19 14.50 69.66 23.32
N ILE B 20 13.36 69.04 23.57
CA ILE B 20 13.27 67.84 24.39
C ILE B 20 12.91 66.67 23.48
N SER B 21 13.68 65.58 23.58
CA SER B 21 13.50 64.41 22.75
C SER B 21 13.00 63.23 23.58
N CYS B 22 12.23 62.36 22.94
CA CYS B 22 11.70 61.16 23.57
C CYS B 22 11.99 59.99 22.64
N LYS B 23 12.81 59.05 23.09
CA LYS B 23 13.23 57.93 22.27
C LYS B 23 12.27 56.77 22.43
N THR B 24 11.95 56.10 21.32
CA THR B 24 11.02 54.99 21.29
C THR B 24 11.73 53.75 20.75
N SER B 25 11.60 52.64 21.46
CA SER B 25 12.23 51.38 21.05
C SER B 25 11.39 50.22 21.55
N GLY B 26 11.41 49.13 20.78
CA GLY B 26 10.68 47.92 21.11
C GLY B 26 9.28 47.83 20.53
N TYR B 27 8.83 48.85 19.80
CA TYR B 27 7.50 48.84 19.23
C TYR B 27 7.46 49.79 18.04
N THR B 28 6.41 49.63 17.22
CA THR B 28 6.25 50.46 16.04
C THR B 28 5.84 51.87 16.44
N PHE B 29 6.51 52.87 15.84
CA PHE B 29 6.27 54.26 16.17
C PHE B 29 5.06 54.85 15.44
N THR B 30 4.61 54.21 14.35
CA THR B 30 3.55 54.74 13.52
C THR B 30 2.16 54.40 14.03
N GLU B 31 2.05 53.70 15.15
CA GLU B 31 0.76 53.26 15.67
C GLU B 31 0.28 54.05 16.88
N TYR B 32 0.98 53.95 18.01
CA TYR B 32 0.52 54.53 19.26
C TYR B 32 0.98 55.98 19.40
N THR B 33 0.08 56.83 19.86
CA THR B 33 0.33 58.25 20.05
C THR B 33 1.21 58.49 21.28
N MET B 34 1.81 59.67 21.32
CA MET B 34 2.67 60.08 22.43
C MET B 34 2.11 61.35 23.06
N TYR B 35 2.19 61.45 24.38
CA TYR B 35 1.72 62.60 25.13
C TYR B 35 2.85 63.18 25.98
N TRP B 36 2.65 64.41 26.44
CA TRP B 36 3.61 65.12 27.26
C TRP B 36 2.90 65.70 28.47
N VAL B 37 3.55 65.62 29.64
CA VAL B 37 2.99 66.09 30.89
C VAL B 37 4.05 66.92 31.61
N LYS B 38 3.64 68.06 32.15
CA LYS B 38 4.53 68.97 32.86
C LYS B 38 4.31 68.85 34.36
N GLN B 39 5.40 68.69 35.11
CA GLN B 39 5.35 68.56 36.57
C GLN B 39 5.85 69.85 37.20
N SER B 40 4.95 70.59 37.83
CA SER B 40 5.28 71.88 38.43
C SER B 40 5.17 71.79 39.95
N HIS B 41 6.06 72.53 40.61
CA HIS B 41 6.09 72.65 42.07
C HIS B 41 6.33 71.31 42.76
N GLY B 42 6.91 70.35 42.03
CA GLY B 42 7.29 69.06 42.59
C GLY B 42 6.16 68.06 42.76
N GLN B 43 4.92 68.52 42.71
CA GLN B 43 3.75 67.67 42.89
C GLN B 43 2.70 67.81 41.81
N SER B 44 2.09 68.98 41.66
CA SER B 44 1.02 69.18 40.68
C SER B 44 1.53 68.92 39.28
N LEU B 45 0.72 68.22 38.48
CA LEU B 45 1.05 67.87 37.10
C LEU B 45 0.24 68.73 36.16
N GLU B 46 0.82 69.06 35.00
CA GLU B 46 0.15 69.84 33.97
C GLU B 46 0.23 69.11 32.64
N TRP B 47 -0.90 69.04 31.94
CA TRP B 47 -0.98 68.37 30.65
C TRP B 47 -0.50 69.31 29.55
N ILE B 48 0.52 68.88 28.82
CA ILE B 48 1.13 69.71 27.78
C ILE B 48 0.35 69.54 26.49
N GLY B 49 0.43 68.37 25.88
CA GLY B 49 -0.26 68.13 24.64
C GLY B 49 -0.02 66.71 24.14
N GLY B 50 -0.45 66.46 22.91
CA GLY B 50 -0.27 65.16 22.30
C GLY B 50 -0.22 65.28 20.79
N ILE B 51 0.38 64.27 20.17
CA ILE B 51 0.57 64.26 18.71
C ILE B 51 0.46 62.83 18.22
N ASN B 52 -0.13 62.67 17.03
CA ASN B 52 -0.23 61.36 16.40
C ASN B 52 0.71 61.31 15.20
N PRO B 53 1.71 60.43 15.19
CA PRO B 53 2.76 60.51 14.16
C PRO B 53 2.27 60.36 12.73
N ASN B 54 1.40 59.38 12.43
CA ASN B 54 1.07 59.07 11.05
C ASN B 54 0.09 60.06 10.43
N ILE B 55 -0.96 60.46 11.16
CA ILE B 55 -2.00 61.32 10.63
C ILE B 55 -1.77 62.79 10.96
N ASP B 56 -0.68 63.12 11.66
CA ASP B 56 -0.31 64.50 11.96
C ASP B 56 -1.45 65.22 12.71
N ASP B 57 -1.89 64.62 13.80
CA ASP B 57 -2.95 65.19 14.63
C ASP B 57 -2.31 65.87 15.84
N THR B 58 -2.52 67.18 15.95
CA THR B 58 -1.88 67.98 17.00
C THR B 58 -2.94 68.78 17.74
N THR B 59 -2.99 68.62 19.06
CA THR B 59 -3.85 69.41 19.93
C THR B 59 -3.05 69.84 21.15
N TYR B 60 -3.19 71.11 21.53
CA TYR B 60 -2.41 71.67 22.62
C TYR B 60 -3.33 72.28 23.66
N ASN B 61 -2.80 72.43 24.87
CA ASN B 61 -3.54 73.00 25.97
C ASN B 61 -3.65 74.52 25.80
N GLN B 62 -4.64 75.10 26.48
CA GLN B 62 -4.86 76.55 26.38
C GLN B 62 -3.71 77.34 27.00
N ASN B 63 -2.97 76.74 27.94
CA ASN B 63 -1.82 77.40 28.55
C ASN B 63 -0.61 77.39 27.62
N PHE B 64 -0.43 76.33 26.84
CA PHE B 64 0.75 76.14 26.00
C PHE B 64 0.57 76.72 24.60
N LYS B 65 -0.54 77.42 24.37
CA LYS B 65 -0.78 78.06 23.08
C LYS B 65 0.40 78.95 22.68
N ASP B 66 0.86 78.79 21.44
CA ASP B 66 1.98 79.55 20.88
C ASP B 66 3.26 79.37 21.69
N LYS B 67 3.38 78.21 22.35
CA LYS B 67 4.57 77.88 23.14
C LYS B 67 5.14 76.52 22.79
N ALA B 68 4.41 75.44 23.07
CA ALA B 68 4.87 74.08 22.86
C ALA B 68 4.36 73.58 21.52
N THR B 69 5.27 73.19 20.63
CA THR B 69 4.94 72.60 19.35
C THR B 69 5.61 71.23 19.26
N LEU B 70 4.86 70.23 18.83
CA LEU B 70 5.33 68.86 18.79
C LEU B 70 5.69 68.45 17.37
N THR B 71 6.78 67.69 17.24
CA THR B 71 7.25 67.18 15.96
C THR B 71 7.72 65.76 16.14
N VAL B 72 7.29 64.88 15.22
CA VAL B 72 7.63 63.46 15.29
C VAL B 72 8.59 63.13 14.16
N ASP B 73 9.44 62.13 14.42
CA ASP B 73 10.42 61.64 13.44
C ASP B 73 10.05 60.21 13.08
N LYS B 74 9.61 60.00 11.84
CA LYS B 74 9.22 58.68 11.37
C LYS B 74 10.40 57.79 11.03
N SER B 75 11.54 58.37 10.64
CA SER B 75 12.72 57.61 10.25
C SER B 75 13.48 57.02 11.42
N SER B 76 13.75 57.80 12.47
CA SER B 76 14.51 57.34 13.62
C SER B 76 13.63 56.84 14.76
N SER B 77 12.30 56.90 14.60
CA SER B 77 11.36 56.43 15.61
C SER B 77 11.58 57.14 16.95
N THR B 78 11.33 58.45 16.94
CA THR B 78 11.48 59.27 18.14
C THR B 78 10.62 60.51 18.01
N ALA B 79 10.35 61.14 19.15
CA ALA B 79 9.53 62.34 19.22
C ALA B 79 10.38 63.52 19.67
N TYR B 80 10.00 64.72 19.20
CA TYR B 80 10.70 65.95 19.54
C TYR B 80 9.72 66.97 20.09
N MET B 81 10.15 67.72 21.10
CA MET B 81 9.35 68.79 21.69
C MET B 81 10.25 70.00 21.89
N GLU B 82 9.85 71.13 21.33
CA GLU B 82 10.60 72.37 21.44
C GLU B 82 9.71 73.48 22.00
N PHE B 83 10.34 74.41 22.72
CA PHE B 83 9.65 75.53 23.34
C PHE B 83 10.15 76.84 22.76
N ARG B 84 9.31 77.87 22.86
CA ARG B 84 9.64 79.22 22.41
C ARG B 84 9.26 80.22 23.48
N SER B 85 10.08 81.26 23.63
CA SER B 85 9.88 82.33 24.61
C SER B 85 9.81 81.75 26.03
N LEU B 86 10.96 81.25 26.48
CA LEU B 86 11.07 80.66 27.80
C LEU B 86 11.05 81.74 28.87
N THR B 87 10.25 81.53 29.91
CA THR B 87 10.12 82.46 31.02
C THR B 87 10.56 81.77 32.32
N PHE B 88 10.46 82.50 33.43
CA PHE B 88 10.91 81.99 34.72
C PHE B 88 10.02 80.88 35.26
N ASP B 89 8.76 80.83 34.86
CA ASP B 89 7.84 79.79 35.30
C ASP B 89 7.90 78.52 34.45
N ASP B 90 8.80 78.48 33.46
CA ASP B 90 8.89 77.38 32.52
C ASP B 90 9.83 76.28 32.99
N SER B 91 10.36 76.37 34.20
CA SER B 91 11.30 75.36 34.71
C SER B 91 10.50 74.28 35.43
N ALA B 92 10.49 73.09 34.83
CA ALA B 92 9.71 71.98 35.36
C ALA B 92 10.27 70.67 34.83
N VAL B 93 9.91 69.58 35.50
CA VAL B 93 10.27 68.23 35.07
C VAL B 93 9.29 67.80 33.99
N TYR B 94 9.80 67.28 32.88
CA TYR B 94 8.99 66.93 31.72
C TYR B 94 9.00 65.43 31.51
N TYR B 95 7.83 64.88 31.17
CA TYR B 95 7.67 63.46 30.89
C TYR B 95 7.00 63.28 29.53
N CYS B 96 7.37 62.20 28.84
CA CYS B 96 6.68 61.79 27.63
C CYS B 96 6.01 60.44 27.88
N ALA B 97 4.68 60.44 27.91
CA ALA B 97 3.89 59.26 28.24
C ALA B 97 3.30 58.68 26.97
N ARG B 98 3.49 57.38 26.78
CA ARG B 98 2.95 56.68 25.61
C ARG B 98 1.53 56.24 25.93
N ASP B 99 0.65 56.30 24.92
CA ASP B 99 -0.72 55.81 25.08
C ASP B 99 -0.82 54.48 24.35
N ASP B 100 -0.97 53.40 25.12
CA ASP B 100 -1.17 52.08 24.53
C ASP B 100 -2.65 51.75 24.42
N LYS B 101 -3.29 51.47 25.56
CA LYS B 101 -4.71 51.27 25.63
C LYS B 101 -5.26 52.17 26.73
N ALA B 102 -6.55 52.06 27.00
CA ALA B 102 -7.15 52.83 28.09
C ALA B 102 -6.72 52.33 29.46
N SER B 103 -6.26 51.08 29.57
CA SER B 103 -5.89 50.48 30.84
C SER B 103 -4.60 51.03 31.44
N PHE B 104 -3.49 50.99 30.71
CA PHE B 104 -2.20 51.29 31.29
C PHE B 104 -1.36 52.08 30.28
N ALA B 105 -0.43 52.88 30.80
CA ALA B 105 0.43 53.74 29.99
C ALA B 105 1.86 53.69 30.50
N PHE B 106 2.81 54.03 29.64
CA PHE B 106 4.22 54.04 29.97
C PHE B 106 4.72 55.46 30.22
N TRP B 107 5.67 55.58 31.15
CA TRP B 107 6.26 56.85 31.53
C TRP B 107 7.79 56.77 31.43
N GLY B 108 8.42 57.92 31.23
CA GLY B 108 9.86 58.02 31.15
C GLY B 108 10.49 58.54 32.42
N GLN B 109 11.83 58.54 32.43
CA GLN B 109 12.58 58.98 33.59
C GLN B 109 12.51 60.49 33.81
N GLY B 110 12.35 61.28 32.75
CA GLY B 110 12.19 62.71 32.89
C GLY B 110 13.41 63.53 32.56
N THR B 111 13.19 64.80 32.23
CA THR B 111 14.26 65.76 31.95
C THR B 111 14.12 66.94 32.89
N LEU B 112 15.21 67.31 33.54
CA LEU B 112 15.22 68.46 34.45
C LEU B 112 15.67 69.68 33.66
N VAL B 113 14.76 70.63 33.46
CA VAL B 113 15.02 71.81 32.66
C VAL B 113 14.83 73.02 33.55
N THR B 114 15.92 73.74 33.81
CA THR B 114 15.89 74.99 34.56
C THR B 114 16.42 76.12 33.69
N VAL B 115 15.86 77.32 33.89
CA VAL B 115 16.23 78.48 33.10
C VAL B 115 16.40 79.67 34.03
N SER B 116 17.56 80.32 33.95
CA SER B 116 17.86 81.51 34.74
C SER B 116 18.98 82.26 34.06
N ALA B 117 19.13 83.53 34.44
CA ALA B 117 20.22 84.37 33.93
C ALA B 117 21.27 84.43 35.03
N ALA B 118 22.41 83.74 34.80
CA ALA B 118 23.28 83.31 35.89
C ALA B 118 24.67 82.98 35.36
N LYS B 119 25.64 82.95 36.26
CA LYS B 119 27.00 82.55 35.94
C LYS B 119 27.54 81.65 37.05
N THR B 120 28.25 80.59 36.65
CA THR B 120 28.77 79.64 37.62
C THR B 120 29.81 80.31 38.51
N THR B 121 29.71 80.06 39.81
CA THR B 121 30.60 80.66 40.80
C THR B 121 30.99 79.61 41.85
N PRO B 122 32.21 79.67 42.36
CA PRO B 122 32.60 78.76 43.44
C PRO B 122 31.76 79.00 44.68
N PRO B 123 31.33 77.94 45.36
CA PRO B 123 30.49 78.12 46.55
C PRO B 123 31.27 78.72 47.70
N SER B 124 30.65 79.68 48.38
CA SER B 124 31.25 80.34 49.54
C SER B 124 30.58 79.79 50.80
N VAL B 125 31.33 79.03 51.59
CA VAL B 125 30.80 78.39 52.78
C VAL B 125 31.41 79.06 54.01
N TYR B 126 30.59 79.19 55.06
CA TYR B 126 31.01 79.81 56.31
C TYR B 126 30.70 78.86 57.46
N PRO B 127 31.58 78.75 58.46
CA PRO B 127 31.27 77.91 59.62
C PRO B 127 30.31 78.60 60.58
N LEU B 128 29.54 77.77 61.30
CA LEU B 128 28.61 78.24 62.31
C LEU B 128 28.84 77.48 63.60
N ALA B 129 28.86 78.21 64.72
CA ALA B 129 29.07 77.61 66.03
C ALA B 129 28.18 78.33 67.04
N PRO B 130 27.65 77.61 68.03
CA PRO B 130 26.82 78.26 69.05
C PRO B 130 27.63 79.28 69.85
N GLY B 131 27.03 80.42 70.12
CA GLY B 131 27.68 81.48 70.87
C GLY B 131 27.53 81.40 72.36
N SER B 132 26.81 80.40 72.88
CA SER B 132 26.61 80.25 74.31
C SER B 132 27.75 79.42 74.91
N ALA B 133 28.17 79.81 76.11
CA ALA B 133 29.25 79.12 76.80
C ALA B 133 28.81 77.80 77.40
N ALA B 134 27.51 77.61 77.62
CA ALA B 134 27.00 76.38 78.21
C ALA B 134 25.56 76.18 77.77
N GLN B 135 25.08 74.95 77.92
CA GLN B 135 23.71 74.60 77.57
C GLN B 135 23.25 73.46 78.45
N THR B 136 21.93 73.26 78.51
CA THR B 136 21.33 72.22 79.32
C THR B 136 21.16 70.90 78.57
N ASN B 137 21.51 70.85 77.30
CA ASN B 137 21.34 69.64 76.51
C ASN B 137 22.66 68.87 76.42
N SER B 138 22.56 67.53 76.48
CA SER B 138 23.71 66.68 76.33
C SER B 138 24.22 66.60 74.90
N MET B 139 23.49 67.16 73.94
CA MET B 139 23.90 67.17 72.54
C MET B 139 24.33 68.57 72.14
N VAL B 140 25.34 68.64 71.28
CA VAL B 140 25.83 69.91 70.73
C VAL B 140 25.69 69.82 69.22
N THR B 141 24.80 70.64 68.67
CA THR B 141 24.55 70.67 67.24
C THR B 141 25.38 71.76 66.58
N LEU B 142 25.86 71.48 65.37
CA LEU B 142 26.67 72.41 64.60
C LEU B 142 26.06 72.54 63.21
N GLY B 143 26.74 73.30 62.35
CA GLY B 143 26.26 73.48 61.00
C GLY B 143 27.14 74.47 60.26
N CYS B 144 26.95 74.49 58.94
CA CYS B 144 27.66 75.42 58.06
C CYS B 144 26.78 75.75 56.88
N LEU B 145 26.82 77.01 56.44
CA LEU B 145 25.96 77.50 55.38
C LEU B 145 26.69 77.44 54.04
N VAL B 146 25.95 77.10 52.98
CA VAL B 146 26.50 77.03 51.64
C VAL B 146 25.73 78.07 50.80
N LYS B 147 26.44 79.10 50.36
CA LYS B 147 25.82 80.20 49.63
C LYS B 147 26.65 80.54 48.40
N GLY B 148 25.99 81.13 47.40
CA GLY B 148 26.66 81.58 46.20
C GLY B 148 27.24 80.48 45.34
N TYR B 149 26.40 79.52 44.94
CA TYR B 149 26.82 78.42 44.08
C TYR B 149 25.82 78.25 42.95
N PHE B 150 26.29 77.57 41.89
CA PHE B 150 25.51 77.34 40.69
C PHE B 150 26.32 76.49 39.71
N PRO B 151 25.68 75.51 39.05
CA PRO B 151 24.30 75.06 39.25
C PRO B 151 24.16 73.90 40.24
N GLU B 152 22.94 73.41 40.40
CA GLU B 152 22.68 72.21 41.18
C GLU B 152 23.32 70.98 40.54
N PRO B 153 23.58 69.93 41.33
CA PRO B 153 23.47 69.84 42.79
C PRO B 153 24.78 70.15 43.50
N VAL B 154 24.76 70.08 44.83
CA VAL B 154 25.95 70.20 45.66
C VAL B 154 25.92 69.11 46.71
N THR B 155 26.93 68.24 46.70
CA THR B 155 27.04 67.16 47.67
C THR B 155 27.81 67.66 48.88
N VAL B 156 27.20 67.55 50.06
CA VAL B 156 27.79 68.01 51.31
C VAL B 156 27.91 66.82 52.25
N THR B 157 29.14 66.46 52.61
CA THR B 157 29.40 65.40 53.57
C THR B 157 30.03 66.00 54.83
N TRP B 158 30.31 65.13 55.79
CA TRP B 158 30.79 65.56 57.10
C TRP B 158 31.96 64.66 57.52
N ASN B 159 33.12 65.28 57.71
CA ASN B 159 34.33 64.58 58.18
C ASN B 159 34.67 63.40 57.27
N SER B 160 34.75 63.66 55.97
CA SER B 160 35.10 62.65 54.98
C SER B 160 34.14 61.46 55.03
N GLY B 161 32.88 61.73 55.36
CA GLY B 161 31.87 60.71 55.45
C GLY B 161 32.02 59.74 56.62
N SER B 162 32.75 60.12 57.67
CA SER B 162 32.91 59.23 58.81
C SER B 162 31.64 59.13 59.62
N LEU B 163 30.93 60.24 59.81
CA LEU B 163 29.66 60.24 60.54
C LEU B 163 28.50 60.36 59.55
N SER B 164 27.79 59.25 59.39
CA SER B 164 26.63 59.21 58.50
C SER B 164 25.31 59.38 59.23
N SER B 165 25.34 59.53 60.55
CA SER B 165 24.10 59.61 61.33
C SER B 165 23.85 61.03 61.82
N GLY B 166 22.57 61.40 61.90
CA GLY B 166 22.20 62.71 62.39
C GLY B 166 22.37 63.83 61.38
N VAL B 167 22.55 63.50 60.11
CA VAL B 167 22.74 64.50 59.06
C VAL B 167 21.38 64.83 58.45
N HIS B 168 21.17 66.12 58.17
CA HIS B 168 19.93 66.61 57.57
C HIS B 168 20.27 67.58 56.45
N THR B 169 19.83 67.26 55.25
CA THR B 169 20.09 68.08 54.07
C THR B 169 18.81 68.82 53.67
N PHE B 170 18.86 70.16 53.75
CA PHE B 170 17.72 71.01 53.43
C PHE B 170 17.74 71.40 51.96
N PRO B 171 16.58 71.40 51.30
CA PRO B 171 16.53 71.79 49.89
C PRO B 171 16.94 73.25 49.70
N ALA B 172 17.46 73.55 48.51
CA ALA B 172 17.93 74.88 48.19
C ALA B 172 16.75 75.80 47.85
N VAL B 173 16.96 77.09 48.07
CA VAL B 173 15.98 78.12 47.74
C VAL B 173 16.63 79.09 46.75
N LEU B 174 15.85 79.57 45.79
CA LEU B 174 16.36 80.43 44.74
C LEU B 174 16.21 81.89 45.16
N GLN B 175 17.34 82.57 45.35
CA GLN B 175 17.35 83.98 45.72
C GLN B 175 18.42 84.69 44.90
N SER B 176 18.03 85.75 44.19
CA SER B 176 18.94 86.52 43.36
C SER B 176 19.67 85.62 42.34
N ASP B 177 18.90 84.71 41.75
CA ASP B 177 19.41 83.78 40.73
C ASP B 177 20.53 82.90 41.25
N LEU B 178 20.57 82.64 42.55
CA LEU B 178 21.54 81.73 43.12
C LEU B 178 20.90 80.95 44.26
N TYR B 179 21.19 79.66 44.33
CA TYR B 179 20.65 78.77 45.34
C TYR B 179 21.48 78.83 46.62
N THR B 180 20.80 78.63 47.75
CA THR B 180 21.45 78.54 49.05
C THR B 180 20.83 77.39 49.84
N LEU B 181 21.69 76.57 50.44
CA LEU B 181 21.25 75.43 51.23
C LEU B 181 21.92 75.49 52.59
N SER B 182 21.60 74.51 53.45
CA SER B 182 22.18 74.43 54.78
C SER B 182 22.10 72.99 55.26
N SER B 183 22.89 72.67 56.29
CA SER B 183 22.92 71.34 56.87
C SER B 183 23.21 71.44 58.36
N SER B 184 22.74 70.45 59.10
CA SER B 184 22.94 70.39 60.55
C SER B 184 23.17 68.95 60.97
N VAL B 185 24.17 68.73 61.84
CA VAL B 185 24.50 67.41 62.34
C VAL B 185 24.71 67.49 63.84
N THR B 186 24.09 66.55 64.54
CA THR B 186 24.21 66.44 65.99
C THR B 186 25.58 65.86 66.36
N VAL B 187 26.16 66.37 67.45
CA VAL B 187 27.45 65.93 67.94
C VAL B 187 27.34 65.81 69.46
N PRO B 188 27.93 64.80 70.08
CA PRO B 188 27.91 64.72 71.55
C PRO B 188 28.68 65.86 72.20
N SER B 189 28.39 66.08 73.48
CA SER B 189 29.03 67.15 74.23
C SER B 189 30.41 66.77 74.76
N SER B 190 30.77 65.48 74.72
CA SER B 190 32.05 65.03 75.26
C SER B 190 33.19 65.18 74.26
N THR B 191 32.91 65.64 73.04
CA THR B 191 33.95 65.84 72.03
C THR B 191 34.26 67.32 71.80
N TRP B 192 33.28 68.08 71.29
CA TRP B 192 33.48 69.51 71.04
C TRP B 192 33.46 70.29 72.35
N PRO B 193 34.28 71.36 72.43
CA PRO B 193 35.31 71.73 71.47
C PRO B 193 36.71 71.20 71.78
N SER B 194 36.88 69.89 71.96
CA SER B 194 38.21 69.35 72.15
C SER B 194 38.78 68.81 70.83
N GLU B 195 37.97 68.82 69.77
CA GLU B 195 38.39 68.40 68.45
C GLU B 195 37.69 69.25 67.40
N THR B 196 38.18 69.21 66.17
CA THR B 196 37.62 70.03 65.11
C THR B 196 36.94 69.17 64.04
N VAL B 197 35.77 69.63 63.62
CA VAL B 197 35.03 69.01 62.53
C VAL B 197 35.03 69.96 61.34
N THR B 198 34.99 69.37 60.14
CA THR B 198 35.11 70.14 58.91
C THR B 198 33.86 69.96 58.06
N CYS B 199 33.61 70.94 57.20
CA CYS B 199 32.54 70.88 56.21
C CYS B 199 33.14 70.69 54.83
N ASN B 200 32.91 69.51 54.25
CA ASN B 200 33.44 69.15 52.94
C ASN B 200 32.32 69.31 51.92
N VAL B 201 32.47 70.30 51.04
CA VAL B 201 31.50 70.54 49.97
C VAL B 201 32.18 70.24 48.64
N ALA B 202 31.38 69.73 47.70
CA ALA B 202 31.89 69.36 46.39
C ALA B 202 31.03 70.01 45.31
N HIS B 203 31.69 70.66 44.35
CA HIS B 203 31.02 71.31 43.24
C HIS B 203 31.64 70.79 41.95
N PRO B 204 31.16 69.68 41.40
CA PRO B 204 31.79 69.09 40.21
C PRO B 204 31.79 70.01 39.00
N ALA B 205 30.85 70.95 38.90
CA ALA B 205 30.83 71.87 37.77
C ALA B 205 32.04 72.79 37.74
N SER B 206 32.35 73.45 38.86
CA SER B 206 33.50 74.34 38.94
C SER B 206 34.77 73.64 39.39
N SER B 207 34.69 72.37 39.79
CA SER B 207 35.84 71.59 40.24
C SER B 207 36.55 72.27 41.41
N THR B 208 35.77 72.61 42.43
CA THR B 208 36.27 73.29 43.62
C THR B 208 35.91 72.49 44.86
N LYS B 209 36.91 72.22 45.69
CA LYS B 209 36.72 71.51 46.95
C LYS B 209 37.41 72.29 48.05
N VAL B 210 36.63 72.75 49.03
CA VAL B 210 37.13 73.55 50.14
C VAL B 210 36.63 72.94 51.44
N ASP B 211 37.47 72.98 52.48
CA ASP B 211 37.15 72.43 53.78
C ASP B 211 37.29 73.52 54.84
N LYS B 212 36.27 73.67 55.68
CA LYS B 212 36.26 74.64 56.76
C LYS B 212 36.16 73.91 58.09
N LYS B 213 37.22 73.97 58.88
CA LYS B 213 37.27 73.32 60.18
C LYS B 213 36.65 74.22 61.23
N ILE B 214 35.76 73.66 62.05
CA ILE B 214 35.07 74.43 63.08
C ILE B 214 35.77 74.21 64.43
N ASP C 1 -13.48 73.45 30.88
CA ASP C 1 -12.96 72.13 31.22
C ASP C 1 -13.62 71.58 32.48
N ILE C 2 -13.36 70.32 32.78
CA ILE C 2 -13.94 69.66 33.95
C ILE C 2 -12.83 69.50 34.99
N VAL C 3 -12.96 70.23 36.10
CA VAL C 3 -11.95 70.22 37.16
C VAL C 3 -12.33 69.18 38.20
N MET C 4 -11.33 68.49 38.74
CA MET C 4 -11.52 67.48 39.76
C MET C 4 -10.89 67.93 41.07
N SER C 5 -11.50 67.52 42.17
CA SER C 5 -11.03 67.86 43.51
C SER C 5 -10.66 66.59 44.26
N GLN C 6 -9.77 66.73 45.23
CA GLN C 6 -9.28 65.61 46.03
C GLN C 6 -9.25 65.99 47.50
N SER C 7 -9.85 65.13 48.34
CA SER C 7 -9.83 65.34 49.78
C SER C 7 -9.66 64.02 50.52
N PRO C 8 -8.92 64.03 51.63
CA PRO C 8 -8.20 65.20 52.17
C PRO C 8 -6.85 65.41 51.49
N SER C 9 -6.12 66.45 51.91
CA SER C 9 -4.82 66.73 51.32
C SER C 9 -3.75 65.76 51.83
N SER C 10 -3.69 65.55 53.14
CA SER C 10 -2.70 64.66 53.73
C SER C 10 -3.28 64.06 55.01
N LEU C 11 -2.87 62.83 55.30
CA LEU C 11 -3.34 62.14 56.49
C LEU C 11 -2.23 61.21 56.97
N ALA C 12 -2.11 61.08 58.30
CA ALA C 12 -1.08 60.26 58.92
C ALA C 12 -1.62 58.85 59.12
N VAL C 13 -0.91 57.86 58.57
CA VAL C 13 -1.34 56.47 58.62
C VAL C 13 -0.29 55.63 59.33
N SER C 14 -0.73 54.50 59.86
CA SER C 14 0.12 53.50 60.48
C SER C 14 0.35 52.34 59.52
N ASP C 15 1.06 51.32 59.99
CA ASP C 15 1.39 50.16 59.18
C ASP C 15 0.35 49.07 59.46
N GLY C 16 -0.35 48.64 58.41
CA GLY C 16 -1.29 47.54 58.50
C GLY C 16 -2.75 47.94 58.50
N GLU C 17 -3.08 49.22 58.37
CA GLU C 17 -4.46 49.67 58.37
C GLU C 17 -4.92 50.01 56.95
N ARG C 18 -6.16 50.47 56.85
CA ARG C 18 -6.79 50.75 55.56
C ARG C 18 -6.70 52.25 55.26
N VAL C 19 -6.47 52.56 53.98
CA VAL C 19 -6.38 53.94 53.50
C VAL C 19 -7.39 54.10 52.36
N THR C 20 -8.18 55.17 52.42
CA THR C 20 -9.20 55.44 51.42
C THR C 20 -8.96 56.82 50.82
N LEU C 21 -8.88 56.87 49.49
CA LEU C 21 -8.70 58.11 48.75
C LEU C 21 -9.92 58.36 47.88
N THR C 22 -10.27 59.64 47.71
CA THR C 22 -11.46 60.03 46.98
C THR C 22 -11.12 61.11 45.95
N CYS C 23 -11.60 60.92 44.73
CA CYS C 23 -11.54 61.93 43.67
C CYS C 23 -12.94 62.19 43.16
N LYS C 24 -13.38 63.44 43.22
CA LYS C 24 -14.70 63.85 42.77
C LYS C 24 -14.57 64.69 41.51
N SER C 25 -15.50 64.49 40.57
CA SER C 25 -15.52 65.22 39.31
C SER C 25 -16.75 66.12 39.26
N SER C 26 -16.59 67.24 38.56
CA SER C 26 -17.69 68.21 38.47
C SER C 26 -18.77 67.74 37.50
N GLN C 27 -18.45 66.81 36.60
CA GLN C 27 -19.42 66.30 35.63
C GLN C 27 -19.33 64.78 35.60
N SER C 28 -20.33 64.17 34.98
CA SER C 28 -20.40 62.72 34.87
C SER C 28 -19.40 62.22 33.83
N LEU C 29 -18.56 61.27 34.23
CA LEU C 29 -17.54 60.70 33.36
C LEU C 29 -18.00 59.42 32.69
N LEU C 30 -19.24 59.02 32.92
CA LEU C 30 -19.78 57.74 32.45
C LEU C 30 -20.09 57.82 30.96
N TYR C 31 -19.86 56.72 30.24
CA TYR C 31 -20.24 56.59 28.85
C TYR C 31 -21.34 55.53 28.76
N SER C 32 -22.38 55.82 27.97
CA SER C 32 -23.65 55.09 28.08
C SER C 32 -23.57 53.64 27.63
N THR C 33 -23.10 53.37 26.41
CA THR C 33 -23.28 52.04 25.83
C THR C 33 -22.42 50.98 26.49
N ASN C 34 -21.19 51.33 26.87
CA ASN C 34 -20.25 50.35 27.41
C ASN C 34 -20.30 50.24 28.93
N GLN C 35 -21.19 51.01 29.58
CA GLN C 35 -21.31 51.08 31.04
C GLN C 35 -19.93 51.13 31.73
N LYS C 36 -19.09 52.04 31.24
CA LYS C 36 -17.76 52.25 31.79
C LYS C 36 -17.60 53.69 32.25
N ASN C 37 -16.61 53.91 33.12
CA ASN C 37 -16.30 55.23 33.66
C ASN C 37 -14.82 55.51 33.40
N TYR C 38 -14.52 56.72 32.95
CA TYR C 38 -13.16 57.08 32.54
C TYR C 38 -12.42 57.71 33.71
N LEU C 39 -11.46 56.96 34.24
CA LEU C 39 -10.53 57.49 35.22
C LEU C 39 -9.30 56.59 35.26
N ALA C 40 -8.18 57.14 35.73
CA ALA C 40 -6.96 56.38 35.93
C ALA C 40 -6.29 56.85 37.21
N TRP C 41 -5.90 55.90 38.06
CA TRP C 41 -5.20 56.20 39.29
C TRP C 41 -3.69 56.10 39.08
N TYR C 42 -2.95 57.02 39.71
CA TYR C 42 -1.51 57.09 39.55
C TYR C 42 -0.82 56.92 40.89
N GLN C 43 0.37 56.32 40.84
CA GLN C 43 1.25 56.25 42.00
C GLN C 43 2.65 56.65 41.55
N GLN C 44 3.16 57.75 42.10
CA GLN C 44 4.46 58.29 41.71
C GLN C 44 5.41 58.19 42.88
N LYS C 45 6.44 57.36 42.73
CA LYS C 45 7.48 57.24 43.75
C LYS C 45 8.47 58.39 43.64
N PRO C 46 9.03 58.84 44.77
CA PRO C 46 10.02 59.92 44.72
C PRO C 46 11.24 59.54 43.88
N GLY C 47 11.63 60.42 42.95
CA GLY C 47 12.73 60.15 42.06
C GLY C 47 12.46 59.13 40.98
N GLN C 48 11.24 58.63 40.87
CA GLN C 48 10.87 57.62 39.88
C GLN C 48 9.74 58.15 39.00
N SER C 49 9.32 57.32 38.05
CA SER C 49 8.26 57.68 37.13
C SER C 49 6.90 57.27 37.69
N PRO C 50 5.85 58.02 37.36
CA PRO C 50 4.49 57.64 37.81
C PRO C 50 4.08 56.30 37.21
N LYS C 51 3.21 55.60 37.92
CA LYS C 51 2.70 54.30 37.49
C LYS C 51 1.21 54.21 37.77
N LEU C 52 0.53 53.40 36.97
CA LEU C 52 -0.92 53.26 37.06
C LEU C 52 -1.29 52.08 37.94
N LEU C 53 -2.37 52.23 38.69
CA LEU C 53 -2.85 51.22 39.62
C LEU C 53 -4.19 50.63 39.23
N ILE C 54 -5.24 51.44 39.20
CA ILE C 54 -6.60 50.97 38.95
C ILE C 54 -7.07 51.57 37.63
N TYR C 55 -7.49 50.71 36.71
CA TYR C 55 -7.97 51.16 35.40
C TYR C 55 -9.48 50.94 35.30
N TRP C 56 -10.16 51.95 34.77
CA TRP C 56 -11.62 52.05 34.70
C TRP C 56 -12.25 52.00 36.09
N ALA C 57 -11.45 52.30 37.12
CA ALA C 57 -11.88 52.42 38.51
C ALA C 57 -12.38 51.10 39.11
N SER C 58 -12.69 50.12 38.26
CA SER C 58 -13.26 48.87 38.72
C SER C 58 -12.30 47.69 38.81
N SER C 59 -11.04 47.84 38.40
CA SER C 59 -10.18 46.68 38.20
C SER C 59 -8.71 47.03 38.42
N ARG C 60 -7.91 45.99 38.60
CA ARG C 60 -6.50 46.12 38.98
C ARG C 60 -5.60 45.83 37.78
N GLU C 61 -4.49 46.57 37.70
CA GLU C 61 -3.48 46.32 36.67
C GLU C 61 -2.85 44.95 36.85
N SER C 62 -2.30 44.43 35.75
CA SER C 62 -1.52 43.20 35.82
C SER C 62 -0.13 43.50 36.37
N GLY C 63 0.22 42.83 37.46
CA GLY C 63 1.48 43.05 38.14
C GLY C 63 1.38 43.85 39.41
N VAL C 64 0.27 44.56 39.61
CA VAL C 64 0.05 45.32 40.84
C VAL C 64 -0.48 44.37 41.92
N PRO C 65 0.05 44.42 43.13
CA PRO C 65 -0.44 43.51 44.19
C PRO C 65 -1.92 43.74 44.48
N ASP C 66 -2.53 42.71 45.07
CA ASP C 66 -3.96 42.69 45.32
C ASP C 66 -4.41 43.73 46.35
N ARG C 67 -3.49 44.38 47.05
CA ARG C 67 -3.88 45.34 48.07
C ARG C 67 -4.40 46.64 47.49
N PHE C 68 -4.25 46.86 46.18
CA PHE C 68 -4.73 48.08 45.54
C PHE C 68 -6.02 47.77 44.79
N THR C 69 -7.14 48.32 45.28
CA THR C 69 -8.44 48.13 44.66
C THR C 69 -9.22 49.43 44.73
N GLY C 70 -10.30 49.49 43.96
CA GLY C 70 -11.13 50.68 43.90
C GLY C 70 -12.56 50.35 43.57
N SER C 71 -13.45 51.27 43.93
CA SER C 71 -14.88 51.12 43.72
C SER C 71 -15.49 52.48 43.41
N GLY C 72 -16.71 52.46 42.92
CA GLY C 72 -17.43 53.69 42.62
C GLY C 72 -17.58 53.92 41.13
N SER C 73 -18.57 54.73 40.78
CA SER C 73 -18.89 55.02 39.38
C SER C 73 -19.53 56.39 39.31
N GLY C 74 -19.60 56.94 38.10
CA GLY C 74 -20.16 58.26 37.91
C GLY C 74 -19.32 59.36 38.52
N THR C 75 -19.92 60.13 39.44
CA THR C 75 -19.26 61.28 40.04
C THR C 75 -18.18 60.88 41.03
N ASP C 76 -18.54 60.22 42.13
CA ASP C 76 -17.59 59.86 43.17
C ASP C 76 -16.66 58.75 42.70
N PHE C 77 -15.47 58.68 43.31
CA PHE C 77 -14.51 57.63 43.06
C PHE C 77 -13.79 57.31 44.36
N THR C 78 -13.52 56.03 44.60
CA THR C 78 -12.91 55.58 45.85
C THR C 78 -11.72 54.68 45.53
N LEU C 79 -10.60 54.93 46.20
CA LEU C 79 -9.41 54.08 46.13
C LEU C 79 -9.09 53.59 47.52
N THR C 80 -9.23 52.28 47.75
CA THR C 80 -9.04 51.69 49.07
C THR C 80 -7.87 50.72 49.04
N ILE C 81 -7.04 50.77 50.07
CA ILE C 81 -5.91 49.87 50.23
C ILE C 81 -6.14 49.00 51.47
N SER C 82 -6.09 47.68 51.28
CA SER C 82 -6.40 46.77 52.39
C SER C 82 -5.32 46.81 53.46
N SER C 83 -4.06 46.58 53.07
CA SER C 83 -2.96 46.60 54.02
C SER C 83 -1.79 47.37 53.42
N VAL C 84 -1.39 48.45 54.08
CA VAL C 84 -0.27 49.25 53.60
C VAL C 84 1.04 48.59 53.98
N LYS C 85 2.08 48.88 53.21
CA LYS C 85 3.42 48.36 53.43
C LYS C 85 4.39 49.52 53.62
N ALA C 86 5.67 49.20 53.85
CA ALA C 86 6.69 50.21 54.02
C ALA C 86 7.06 50.91 52.73
N GLU C 87 6.82 50.28 51.58
CA GLU C 87 7.10 50.86 50.28
C GLU C 87 5.92 51.64 49.72
N ASP C 88 4.84 51.78 50.48
CA ASP C 88 3.61 52.39 50.01
C ASP C 88 3.67 53.92 50.06
N LEU C 89 4.79 54.49 50.51
CA LEU C 89 4.91 55.95 50.59
C LEU C 89 5.09 56.49 49.18
N ALA C 90 4.16 57.35 48.78
CA ALA C 90 4.14 57.91 47.44
C ALA C 90 3.11 59.03 47.38
N VAL C 91 2.95 59.59 46.18
CA VAL C 91 1.94 60.60 45.90
C VAL C 91 0.99 60.04 44.86
N TYR C 92 -0.30 60.07 45.16
CA TYR C 92 -1.33 59.49 44.31
C TYR C 92 -2.05 60.55 43.50
N TYR C 93 -2.38 60.21 42.25
CA TYR C 93 -3.06 61.11 41.34
C TYR C 93 -4.23 60.39 40.69
N CYS C 94 -5.17 61.18 40.17
CA CYS C 94 -6.31 60.65 39.42
C CYS C 94 -6.58 61.54 38.21
N GLN C 95 -6.67 60.92 37.03
CA GLN C 95 -6.84 61.63 35.78
C GLN C 95 -8.15 61.20 35.12
N GLN C 96 -8.76 62.12 34.38
CA GLN C 96 -9.94 61.81 33.58
C GLN C 96 -9.60 61.84 32.10
N TYR C 97 -10.01 60.78 31.38
CA TYR C 97 -9.79 60.66 29.95
C TYR C 97 -11.01 61.13 29.15
N TYR C 98 -12.01 61.67 29.85
CA TYR C 98 -13.31 61.93 29.22
C TYR C 98 -13.21 62.98 28.13
N SER C 99 -12.70 64.17 28.45
CA SER C 99 -12.70 65.27 27.49
C SER C 99 -11.39 66.03 27.54
N TYR C 100 -11.05 66.64 26.41
CA TYR C 100 -9.88 67.50 26.31
C TYR C 100 -10.24 68.94 26.66
N PRO C 101 -9.33 69.68 27.31
CA PRO C 101 -8.00 69.23 27.74
C PRO C 101 -8.04 68.32 28.96
N LEU C 102 -7.05 67.44 29.08
CA LEU C 102 -7.00 66.49 30.18
C LEU C 102 -6.64 67.21 31.48
N THR C 103 -7.48 67.03 32.50
CA THR C 103 -7.30 67.67 33.79
C THR C 103 -6.79 66.65 34.80
N PHE C 104 -5.96 67.13 35.73
CA PHE C 104 -5.27 66.28 36.69
C PHE C 104 -5.77 66.58 38.11
N GLY C 105 -5.20 65.85 39.07
CA GLY C 105 -5.57 66.00 40.46
C GLY C 105 -4.57 66.81 41.25
N ALA C 106 -4.96 67.12 42.49
CA ALA C 106 -4.11 67.90 43.38
C ALA C 106 -3.01 67.04 44.01
N GLY C 107 -3.30 65.77 44.27
CA GLY C 107 -2.34 64.87 44.86
C GLY C 107 -2.56 64.65 46.35
N THR C 108 -2.20 63.46 46.83
CA THR C 108 -2.33 63.10 48.24
C THR C 108 -1.02 62.49 48.72
N LYS C 109 -0.81 62.49 50.03
CA LYS C 109 0.41 61.96 50.63
C LYS C 109 0.10 61.40 52.01
N LEU C 110 0.78 60.32 52.35
CA LEU C 110 0.60 59.64 53.63
C LEU C 110 1.78 59.91 54.56
N GLU C 111 1.49 59.97 55.85
CA GLU C 111 2.49 60.29 56.87
C GLU C 111 2.51 59.19 57.93
N LEU C 112 3.31 59.39 58.97
CA LEU C 112 3.50 58.41 60.03
C LEU C 112 3.28 59.06 61.39
N ARG C 113 3.58 58.29 62.45
CA ARG C 113 3.11 58.57 63.79
C ARG C 113 4.17 58.22 64.86
N ALA C 114 4.35 59.10 65.86
CA ALA C 114 4.06 60.59 65.86
C ALA C 114 4.93 61.28 66.91
N ASP C 115 4.57 62.52 67.24
CA ASP C 115 5.05 63.15 68.47
C ASP C 115 6.56 63.33 68.48
N ALA C 116 7.04 64.28 67.70
CA ALA C 116 8.42 64.73 67.78
C ALA C 116 8.46 66.24 68.00
N ALA C 117 9.39 66.71 68.83
CA ALA C 117 9.50 68.15 69.09
C ALA C 117 10.95 68.55 69.28
N PRO C 118 11.36 69.73 68.80
CA PRO C 118 12.72 70.22 69.09
C PRO C 118 12.77 71.10 70.33
N THR C 119 13.94 71.64 70.65
CA THR C 119 14.05 72.60 71.76
C THR C 119 14.78 73.88 71.37
N VAL C 120 16.11 73.86 71.19
CA VAL C 120 16.84 75.05 70.76
C VAL C 120 17.82 74.68 69.66
N SER C 121 17.58 75.18 68.45
CA SER C 121 18.49 74.98 67.32
C SER C 121 19.33 76.23 67.06
N ILE C 122 19.16 77.26 67.89
CA ILE C 122 19.65 78.60 67.58
C ILE C 122 21.16 78.58 67.37
N PHE C 123 21.59 79.12 66.23
CA PHE C 123 23.00 79.37 65.93
C PHE C 123 23.24 80.87 65.79
N PRO C 124 24.02 81.49 66.66
CA PRO C 124 24.40 82.89 66.45
C PRO C 124 25.27 83.03 65.22
N PRO C 125 25.26 84.20 64.57
CA PRO C 125 26.13 84.41 63.41
C PRO C 125 27.60 84.32 63.76
N SER C 126 28.42 84.08 62.74
CA SER C 126 29.86 83.93 62.92
C SER C 126 30.58 85.22 62.56
N SER C 127 31.90 85.22 62.73
CA SER C 127 32.71 86.40 62.44
C SER C 127 33.07 86.54 60.97
N GLU C 128 33.00 85.45 60.20
CA GLU C 128 33.37 85.52 58.80
C GLU C 128 32.23 86.01 57.92
N GLN C 129 31.00 86.00 58.42
CA GLN C 129 29.86 86.47 57.65
C GLN C 129 29.93 87.97 57.40
N LEU C 130 30.37 88.74 58.38
CA LEU C 130 30.44 90.19 58.24
C LEU C 130 31.54 90.65 57.32
N THR C 131 32.50 89.77 57.00
CA THR C 131 33.59 90.16 56.10
C THR C 131 33.12 90.32 54.66
N SER C 132 32.07 89.60 54.28
CA SER C 132 31.53 89.70 52.93
C SER C 132 30.56 90.86 52.77
N GLY C 133 30.19 91.54 53.85
CA GLY C 133 29.27 92.66 53.79
C GLY C 133 27.86 92.37 54.24
N GLY C 134 27.45 91.10 54.30
CA GLY C 134 26.13 90.72 54.74
C GLY C 134 26.14 90.12 56.14
N ALA C 135 24.93 89.83 56.62
CA ALA C 135 24.74 89.18 57.91
C ALA C 135 23.54 88.25 57.80
N SER C 136 23.67 87.06 58.40
CA SER C 136 22.62 86.05 58.31
C SER C 136 22.46 85.37 59.66
N VAL C 137 21.22 85.31 60.14
CA VAL C 137 20.87 84.55 61.33
C VAL C 137 19.88 83.47 60.92
N VAL C 138 20.03 82.28 61.50
CA VAL C 138 19.26 81.12 61.09
C VAL C 138 18.60 80.46 62.30
N CYS C 139 17.44 79.86 62.05
CA CYS C 139 16.74 79.05 63.05
C CYS C 139 16.41 77.73 62.36
N PHE C 140 16.70 76.62 63.03
CA PHE C 140 16.43 75.30 62.49
C PHE C 140 15.31 74.60 63.26
N LEU C 141 14.62 73.71 62.57
CA LEU C 141 13.59 72.85 63.18
C LEU C 141 13.95 71.42 62.79
N ASN C 142 14.29 70.61 63.80
CA ASN C 142 14.69 69.23 63.59
C ASN C 142 13.98 68.33 64.58
N ASN C 143 13.58 67.14 64.10
CA ASN C 143 12.87 66.15 64.91
C ASN C 143 11.58 66.74 65.47
N PHE C 144 10.65 67.08 64.56
CA PHE C 144 9.39 67.68 64.93
C PHE C 144 8.25 67.03 64.15
N TYR C 145 7.09 66.97 64.78
CA TYR C 145 5.88 66.48 64.15
C TYR C 145 4.69 67.31 64.63
N PRO C 146 3.73 67.61 63.74
CA PRO C 146 3.71 67.33 62.30
C PRO C 146 4.46 68.37 61.49
N LYS C 147 4.36 68.30 60.16
CA LYS C 147 5.03 69.27 59.30
C LYS C 147 4.41 70.65 59.40
N ASP C 148 3.18 70.77 59.92
CA ASP C 148 2.51 72.06 60.01
C ASP C 148 3.05 72.80 61.22
N ILE C 149 3.63 73.98 60.97
CA ILE C 149 4.18 74.82 62.03
C ILE C 149 4.24 76.25 61.50
N ASN C 150 4.28 77.21 62.42
CA ASN C 150 4.37 78.62 62.08
C ASN C 150 5.58 79.23 62.76
N VAL C 151 6.56 79.65 61.97
CA VAL C 151 7.78 80.26 62.46
C VAL C 151 7.62 81.78 62.43
N LYS C 152 8.09 82.44 63.49
CA LYS C 152 7.98 83.89 63.60
C LYS C 152 9.35 84.48 63.91
N TRP C 153 9.58 85.70 63.44
CA TRP C 153 10.84 86.39 63.62
C TRP C 153 10.60 87.68 64.39
N LYS C 154 11.30 87.83 65.52
CA LYS C 154 11.16 89.01 66.38
C LYS C 154 12.52 89.65 66.59
N ILE C 155 12.67 90.88 66.10
CA ILE C 155 13.91 91.64 66.23
C ILE C 155 13.63 92.82 67.16
N ASP C 156 14.29 92.81 68.32
CA ASP C 156 14.12 93.84 69.34
C ASP C 156 12.65 94.03 69.70
N GLY C 157 11.89 92.93 69.72
CA GLY C 157 10.48 92.97 70.00
C GLY C 157 9.60 93.35 68.83
N SER C 158 10.18 93.59 67.66
CA SER C 158 9.44 93.97 66.47
C SER C 158 9.39 92.81 65.48
N GLU C 159 8.27 92.69 64.79
CA GLU C 159 8.09 91.62 63.82
C GLU C 159 8.61 92.06 62.46
N ARG C 160 9.34 91.17 61.79
CA ARG C 160 9.96 91.47 60.51
C ARG C 160 9.65 90.35 59.53
N GLN C 161 8.88 90.66 58.49
CA GLN C 161 8.42 89.66 57.52
C GLN C 161 9.30 89.52 56.29
N ASN C 162 10.26 90.41 56.07
CA ASN C 162 11.05 90.36 54.84
C ASN C 162 12.42 89.76 55.11
N GLY C 163 12.93 89.04 54.13
CA GLY C 163 14.19 88.35 54.26
C GLY C 163 14.11 86.96 54.87
N VAL C 164 12.90 86.43 55.04
CA VAL C 164 12.70 85.13 55.67
C VAL C 164 12.75 84.06 54.59
N LEU C 165 13.67 83.10 54.75
CA LEU C 165 13.82 81.98 53.83
C LEU C 165 13.48 80.70 54.58
N ASN C 166 12.36 80.08 54.21
CA ASN C 166 11.91 78.84 54.83
C ASN C 166 12.12 77.67 53.89
N SER C 167 12.56 76.54 54.45
CA SER C 167 12.83 75.34 53.66
C SER C 167 12.31 74.13 54.43
N TRP C 168 11.53 73.30 53.75
CA TRP C 168 11.02 72.06 54.32
C TRP C 168 11.66 70.86 53.63
N THR C 169 11.77 69.77 54.37
CA THR C 169 12.38 68.54 53.87
C THR C 169 11.34 67.44 53.76
N ASP C 170 11.79 66.27 53.32
CA ASP C 170 10.93 65.09 53.23
C ASP C 170 10.90 64.41 54.60
N GLN C 171 10.31 63.21 54.65
CA GLN C 171 10.20 62.48 55.90
C GLN C 171 11.41 61.57 56.09
N ASP C 172 11.91 61.50 57.32
CA ASP C 172 13.08 60.69 57.62
C ASP C 172 12.72 59.20 57.54
N SER C 173 13.70 58.39 57.17
CA SER C 173 13.55 56.95 57.07
C SER C 173 13.91 56.24 58.37
N LYS C 174 14.34 56.96 59.39
CA LYS C 174 14.71 56.39 60.68
C LYS C 174 13.68 56.68 61.76
N ASP C 175 13.60 57.92 62.23
CA ASP C 175 12.64 58.31 63.26
C ASP C 175 11.31 58.76 62.65
N SER C 176 11.23 58.82 61.33
CA SER C 176 10.02 59.24 60.62
C SER C 176 9.60 60.65 61.04
N THR C 177 10.55 61.58 61.01
CA THR C 177 10.34 62.96 61.43
C THR C 177 10.68 63.90 60.28
N TYR C 178 10.62 65.20 60.57
CA TYR C 178 10.79 66.25 59.57
C TYR C 178 11.92 67.18 59.99
N SER C 179 12.40 67.94 59.01
CA SER C 179 13.46 68.93 59.24
C SER C 179 13.11 70.21 58.50
N MET C 180 13.20 71.33 59.20
CA MET C 180 12.89 72.63 58.64
C MET C 180 13.98 73.62 59.00
N SER C 181 14.35 74.47 58.05
CA SER C 181 15.38 75.49 58.24
C SER C 181 14.83 76.85 57.83
N SER C 182 14.97 77.84 58.73
CA SER C 182 14.54 79.20 58.46
C SER C 182 15.74 80.12 58.53
N THR C 183 16.02 80.83 57.43
CA THR C 183 17.18 81.70 57.31
C THR C 183 16.70 83.13 57.14
N LEU C 184 17.26 84.04 57.94
CA LEU C 184 16.97 85.48 57.85
C LEU C 184 18.27 86.19 57.51
N THR C 185 18.28 86.90 56.39
CA THR C 185 19.46 87.62 55.94
C THR C 185 19.22 89.12 55.98
N LEU C 186 20.30 89.87 56.19
CA LEU C 186 20.25 91.33 56.28
C LEU C 186 21.65 91.88 56.08
N THR C 187 21.76 93.21 56.09
CA THR C 187 22.99 93.89 55.74
C THR C 187 23.87 94.10 56.97
N LYS C 188 25.03 94.73 56.77
CA LYS C 188 26.03 94.81 57.82
C LYS C 188 25.71 95.88 58.86
N ASP C 189 25.26 97.06 58.42
CA ASP C 189 24.98 98.14 59.37
C ASP C 189 23.67 97.95 60.10
N GLU C 190 22.75 97.15 59.57
CA GLU C 190 21.52 96.86 60.28
C GLU C 190 21.74 95.89 61.43
N TYR C 191 22.72 94.99 61.30
CA TYR C 191 23.01 94.05 62.37
C TYR C 191 23.65 94.74 63.58
N GLU C 192 24.38 95.83 63.34
CA GLU C 192 25.04 96.54 64.43
C GLU C 192 24.09 97.49 65.17
N ARG C 193 22.95 97.82 64.57
CA ARG C 193 21.96 98.69 65.19
C ARG C 193 20.98 97.92 66.07
N HIS C 194 21.10 96.60 66.16
CA HIS C 194 20.22 95.78 66.97
C HIS C 194 21.04 94.81 67.81
N ASN C 195 20.53 94.49 68.99
CA ASN C 195 21.21 93.62 69.94
C ASN C 195 20.53 92.27 70.11
N SER C 196 19.33 92.25 70.67
CA SER C 196 18.61 91.01 70.95
C SER C 196 17.88 90.53 69.71
N TYR C 197 18.01 89.24 69.43
CA TYR C 197 17.32 88.59 68.31
C TYR C 197 16.54 87.40 68.86
N THR C 198 15.22 87.48 68.79
CA THR C 198 14.34 86.44 69.30
C THR C 198 13.72 85.67 68.15
N CYS C 199 13.72 84.35 68.25
CA CYS C 199 13.19 83.48 67.19
C CYS C 199 12.03 82.69 67.78
N GLU C 200 10.82 82.95 67.27
CA GLU C 200 9.60 82.37 67.79
C GLU C 200 9.13 81.20 66.94
N ALA C 201 8.63 80.16 67.60
CA ALA C 201 8.05 79.01 66.94
C ALA C 201 6.88 78.50 67.78
N THR C 202 5.76 78.19 67.12
CA THR C 202 4.56 77.72 67.80
C THR C 202 4.23 76.30 67.32
N HIS C 203 4.05 75.40 68.27
CA HIS C 203 3.77 74.01 67.99
C HIS C 203 2.42 73.62 68.57
N LYS C 204 1.81 72.60 67.99
CA LYS C 204 0.45 72.20 68.34
C LYS C 204 0.35 71.54 69.72
N THR C 205 1.18 70.54 70.01
CA THR C 205 1.05 69.80 71.26
C THR C 205 1.42 70.62 72.48
N SER C 206 2.03 71.79 72.31
CA SER C 206 2.42 72.65 73.41
C SER C 206 1.41 73.78 73.57
N THR C 207 0.88 73.92 74.79
CA THR C 207 -0.09 74.96 75.11
C THR C 207 0.52 76.35 75.17
N SER C 208 1.84 76.46 75.17
CA SER C 208 2.53 77.74 75.21
C SER C 208 3.65 77.74 74.18
N PRO C 209 3.89 78.85 73.51
CA PRO C 209 4.97 78.90 72.52
C PRO C 209 6.34 78.95 73.19
N ILE C 210 7.33 78.35 72.53
CA ILE C 210 8.69 78.34 73.04
C ILE C 210 9.35 79.68 72.72
N VAL C 211 9.80 80.37 73.76
CA VAL C 211 10.41 81.69 73.62
C VAL C 211 11.89 81.59 74.00
N LYS C 212 12.76 81.76 73.01
CA LYS C 212 14.20 81.74 73.23
C LYS C 212 14.81 82.93 72.50
N SER C 213 15.90 83.47 73.06
CA SER C 213 16.53 84.64 72.48
C SER C 213 17.99 84.69 72.90
N PHE C 214 18.76 85.49 72.16
CA PHE C 214 20.17 85.71 72.47
C PHE C 214 20.50 87.18 72.26
N ASN C 215 21.64 87.59 72.79
CA ASN C 215 22.09 88.97 72.72
C ASN C 215 23.34 89.09 71.86
N ARG C 216 23.46 90.22 71.16
CA ARG C 216 24.63 90.47 70.32
C ARG C 216 25.84 90.85 71.16
N ASN C 217 25.65 91.76 72.11
CA ASN C 217 26.75 92.21 72.96
C ASN C 217 26.73 91.51 74.31
N GLN D 14 -54.17 36.96 5.85
CA GLN D 14 -52.91 36.31 5.49
C GLN D 14 -52.48 35.31 6.56
N CYS D 15 -52.19 35.83 7.76
CA CYS D 15 -51.75 35.01 8.87
C CYS D 15 -52.90 34.43 9.68
N VAL D 16 -54.14 34.70 9.29
CA VAL D 16 -55.32 34.21 9.99
C VAL D 16 -55.98 33.13 9.14
N ASN D 17 -56.21 31.96 9.75
CA ASN D 17 -56.83 30.85 9.05
C ASN D 17 -58.32 31.12 8.81
N PHE D 18 -58.88 30.40 7.84
CA PHE D 18 -60.29 30.55 7.52
C PHE D 18 -61.16 30.07 8.67
N THR D 19 -62.35 30.67 8.79
CA THR D 19 -63.31 30.23 9.78
C THR D 19 -64.07 28.99 9.34
N THR D 20 -64.08 28.69 8.04
CA THR D 20 -64.72 27.51 7.48
C THR D 20 -63.74 26.35 7.30
N ARG D 21 -62.48 26.54 7.69
CA ARG D 21 -61.45 25.52 7.50
C ARG D 21 -61.61 24.46 8.59
N THR D 22 -61.84 23.22 8.16
CA THR D 22 -61.99 22.09 9.07
C THR D 22 -61.35 20.87 8.44
N GLN D 23 -60.62 20.10 9.25
CA GLN D 23 -59.95 18.91 8.73
C GLN D 23 -60.96 17.79 8.52
N LEU D 24 -61.04 17.30 7.28
CA LEU D 24 -62.02 16.28 6.93
C LEU D 24 -61.46 14.87 7.16
N PRO D 25 -62.33 13.90 7.38
CA PRO D 25 -61.87 12.51 7.55
C PRO D 25 -61.16 12.02 6.31
N PRO D 26 -59.95 11.36 6.47
CA PRO D 26 -59.16 10.87 5.31
C PRO D 26 -59.72 9.60 4.69
N ALA D 27 -60.71 9.77 3.82
CA ALA D 27 -61.27 8.64 3.10
C ALA D 27 -60.25 8.07 2.11
N TYR D 28 -60.41 6.79 1.78
CA TYR D 28 -59.49 6.09 0.91
C TYR D 28 -60.22 5.54 -0.31
N THR D 29 -59.44 5.33 -1.38
CA THR D 29 -59.97 4.77 -2.62
C THR D 29 -58.82 4.11 -3.38
N ASN D 30 -59.19 3.28 -4.35
CA ASN D 30 -58.23 2.50 -5.12
C ASN D 30 -57.91 3.19 -6.43
N SER D 31 -56.63 3.17 -6.81
CA SER D 31 -56.18 3.69 -8.10
C SER D 31 -55.77 2.50 -8.98
N PHE D 32 -56.58 2.24 -10.02
CA PHE D 32 -56.46 1.02 -10.79
C PHE D 32 -55.09 0.85 -11.45
N THR D 33 -54.81 1.61 -12.51
CA THR D 33 -53.49 1.59 -13.15
C THR D 33 -52.64 2.81 -12.78
N ARG D 34 -53.19 3.74 -12.00
CA ARG D 34 -52.57 5.03 -11.79
C ARG D 34 -51.19 4.90 -11.13
N GLY D 35 -50.31 5.84 -11.45
CA GLY D 35 -48.94 5.85 -10.98
C GLY D 35 -47.90 5.47 -12.01
N VAL D 36 -48.31 5.20 -13.25
CA VAL D 36 -47.38 4.82 -14.31
C VAL D 36 -46.91 6.08 -15.04
N TYR D 37 -45.65 6.06 -15.46
CA TYR D 37 -45.09 7.16 -16.24
C TYR D 37 -43.95 6.61 -17.10
N TYR D 38 -43.32 7.50 -17.85
CA TYR D 38 -42.18 7.13 -18.67
C TYR D 38 -40.91 7.24 -17.85
N PRO D 39 -40.21 6.13 -17.58
CA PRO D 39 -39.02 6.21 -16.72
C PRO D 39 -37.91 7.08 -17.27
N ASP D 40 -37.68 7.09 -18.58
CA ASP D 40 -36.59 7.85 -19.17
C ASP D 40 -37.00 8.28 -20.57
N LYS D 41 -36.05 8.87 -21.30
CA LYS D 41 -36.29 9.39 -22.65
C LYS D 41 -35.96 8.36 -23.73
N VAL D 42 -35.57 7.16 -23.34
CA VAL D 42 -35.19 6.10 -24.27
C VAL D 42 -36.45 5.62 -24.98
N PHE D 43 -36.43 5.64 -26.32
CA PHE D 43 -37.55 5.21 -27.12
C PHE D 43 -37.46 3.71 -27.39
N ARG D 44 -38.61 3.04 -27.35
CA ARG D 44 -38.69 1.61 -27.63
C ARG D 44 -39.98 1.32 -28.37
N SER D 45 -39.94 0.30 -29.24
CA SER D 45 -41.09 -0.06 -30.06
C SER D 45 -41.20 -1.58 -30.11
N SER D 46 -42.40 -2.09 -29.83
CA SER D 46 -42.71 -3.52 -29.96
C SER D 46 -41.83 -4.39 -29.08
N VAL D 47 -41.41 -3.88 -27.93
CA VAL D 47 -40.61 -4.63 -26.98
C VAL D 47 -41.19 -4.44 -25.58
N LEU D 48 -40.75 -5.28 -24.65
CA LEU D 48 -41.17 -5.24 -23.27
C LEU D 48 -39.95 -4.89 -22.41
N HIS D 49 -39.97 -3.72 -21.79
CA HIS D 49 -38.87 -3.24 -20.97
C HIS D 49 -39.20 -3.43 -19.50
N SER D 50 -38.25 -3.95 -18.74
CA SER D 50 -38.39 -4.17 -17.31
C SER D 50 -37.42 -3.27 -16.57
N THR D 51 -37.94 -2.28 -15.86
CA THR D 51 -37.12 -1.34 -15.11
C THR D 51 -37.65 -1.25 -13.68
N GLN D 52 -36.79 -0.77 -12.78
CA GLN D 52 -37.15 -0.60 -11.38
C GLN D 52 -36.85 0.82 -10.95
N ASP D 53 -37.90 1.58 -10.67
CA ASP D 53 -37.80 2.96 -10.18
C ASP D 53 -38.85 3.16 -9.11
N LEU D 54 -39.00 4.41 -8.67
CA LEU D 54 -40.04 4.76 -7.70
C LEU D 54 -41.35 4.89 -8.43
N PHE D 55 -42.34 4.08 -8.02
CA PHE D 55 -43.66 4.08 -8.65
C PHE D 55 -44.75 3.94 -7.62
N LEU D 56 -45.98 4.17 -8.05
CA LEU D 56 -47.14 3.95 -7.20
C LEU D 56 -47.69 2.55 -7.42
N PRO D 57 -47.81 1.74 -6.37
CA PRO D 57 -48.34 0.38 -6.54
C PRO D 57 -49.78 0.39 -7.05
N PHE D 58 -50.13 -0.66 -7.77
CA PHE D 58 -51.48 -0.81 -8.29
C PHE D 58 -52.43 -1.27 -7.19
N PHE D 59 -53.70 -0.87 -7.32
CA PHE D 59 -54.76 -1.25 -6.38
C PHE D 59 -54.43 -0.84 -4.95
N SER D 60 -53.73 0.27 -4.79
CA SER D 60 -53.37 0.80 -3.48
C SER D 60 -54.45 1.74 -2.97
N ASN D 61 -54.23 2.26 -1.77
CA ASN D 61 -55.17 3.17 -1.12
C ASN D 61 -54.58 4.57 -1.05
N VAL D 62 -55.28 5.53 -1.63
CA VAL D 62 -54.87 6.93 -1.61
C VAL D 62 -55.92 7.74 -0.88
N THR D 63 -55.46 8.78 -0.18
CA THR D 63 -56.34 9.63 0.60
C THR D 63 -56.99 10.68 -0.29
N TRP D 64 -58.29 10.86 -0.12
CA TRP D 64 -59.08 11.77 -0.95
C TRP D 64 -59.58 12.94 -0.10
N PHE D 65 -59.29 14.16 -0.55
CA PHE D 65 -59.76 15.38 0.08
C PHE D 65 -60.67 16.13 -0.87
N HIS D 66 -61.55 16.96 -0.29
CA HIS D 66 -62.41 17.80 -1.10
C HIS D 66 -62.64 19.13 -0.38
N ALA D 67 -63.05 20.13 -1.15
CA ALA D 67 -63.34 21.45 -0.62
C ALA D 67 -64.71 21.89 -1.11
N ILE D 68 -65.44 22.58 -0.23
CA ILE D 68 -66.76 23.10 -0.54
C ILE D 68 -66.81 24.56 -0.08
N HIS D 69 -67.99 25.17 -0.25
CA HIS D 69 -68.19 26.56 0.15
C HIS D 69 -68.31 26.69 1.65
N LYS D 77 -68.88 24.58 4.02
CA LYS D 77 -68.00 25.16 5.03
C LYS D 77 -66.94 24.16 5.48
N ARG D 78 -66.38 23.43 4.52
CA ARG D 78 -65.34 22.43 4.79
C ARG D 78 -64.19 22.63 3.83
N PHE D 79 -63.02 22.94 4.38
CA PHE D 79 -61.81 23.10 3.57
C PHE D 79 -60.66 22.45 4.31
N ALA D 80 -59.91 21.59 3.62
CA ALA D 80 -58.80 20.83 4.22
C ALA D 80 -57.58 20.98 3.33
N ASN D 81 -56.47 21.42 3.93
CA ASN D 81 -55.18 21.52 3.25
C ASN D 81 -54.07 21.07 4.19
N PRO D 82 -54.04 19.78 4.55
CA PRO D 82 -53.06 19.31 5.52
C PRO D 82 -51.66 19.20 4.93
N VAL D 83 -50.70 19.10 5.82
CA VAL D 83 -49.29 18.95 5.47
C VAL D 83 -48.96 17.46 5.50
N LEU D 84 -48.35 16.96 4.41
CA LEU D 84 -48.08 15.54 4.27
C LEU D 84 -46.61 15.30 3.93
N PRO D 85 -46.04 14.15 4.32
CA PRO D 85 -44.62 13.91 4.09
C PRO D 85 -44.29 13.64 2.64
N PHE D 86 -43.17 14.22 2.20
CA PHE D 86 -42.65 14.05 0.85
C PHE D 86 -41.57 12.97 0.83
N ASN D 87 -41.36 12.31 1.97
CA ASN D 87 -40.17 11.50 2.21
C ASN D 87 -39.84 10.58 1.03
N ASP D 88 -40.71 9.61 0.74
CA ASP D 88 -40.42 8.65 -0.31
C ASP D 88 -40.96 9.06 -1.67
N GLY D 89 -41.53 10.25 -1.79
CA GLY D 89 -42.16 10.65 -3.04
C GLY D 89 -43.66 10.48 -2.99
N VAL D 90 -44.39 11.33 -3.71
CA VAL D 90 -45.84 11.35 -3.65
C VAL D 90 -46.42 11.33 -5.06
N TYR D 91 -47.72 11.00 -5.12
CA TYR D 91 -48.48 10.96 -6.36
C TYR D 91 -49.65 11.92 -6.25
N PHE D 92 -49.76 12.83 -7.22
CA PHE D 92 -50.83 13.82 -7.25
C PHE D 92 -51.79 13.52 -8.39
N ALA D 93 -53.07 13.34 -8.05
CA ALA D 93 -54.13 13.18 -9.02
C ALA D 93 -55.25 14.14 -8.62
N SER D 94 -55.56 15.09 -9.50
CA SER D 94 -56.53 16.13 -9.20
C SER D 94 -57.57 16.17 -10.32
N THR D 95 -58.81 15.86 -9.98
CA THR D 95 -59.95 16.08 -10.87
C THR D 95 -60.53 17.45 -10.57
N GLU D 96 -60.78 18.23 -11.62
CA GLU D 96 -61.16 19.62 -11.44
C GLU D 96 -62.22 20.01 -12.46
N LYS D 97 -63.12 20.89 -12.02
CA LYS D 97 -64.06 21.57 -12.91
C LYS D 97 -63.63 22.98 -13.25
N SER D 98 -63.56 23.87 -12.25
CA SER D 98 -63.05 25.22 -12.48
C SER D 98 -61.57 25.35 -12.17
N ASN D 99 -60.89 24.25 -11.82
CA ASN D 99 -59.45 24.25 -11.51
C ASN D 99 -59.13 25.21 -10.36
N ILE D 100 -59.58 24.81 -9.16
CA ILE D 100 -59.34 25.62 -7.97
C ILE D 100 -57.86 25.58 -7.58
N ILE D 101 -57.23 24.41 -7.68
CA ILE D 101 -55.85 24.27 -7.25
C ILE D 101 -54.94 24.85 -8.32
N ARG D 102 -54.16 25.87 -7.95
CA ARG D 102 -53.26 26.54 -8.88
C ARG D 102 -51.82 26.07 -8.77
N GLY D 103 -51.50 25.16 -7.86
CA GLY D 103 -50.14 24.68 -7.75
C GLY D 103 -49.89 24.07 -6.39
N TRP D 104 -48.60 24.02 -6.03
CA TRP D 104 -48.15 23.37 -4.81
C TRP D 104 -47.00 24.16 -4.20
N ILE D 105 -46.71 23.86 -2.94
CA ILE D 105 -45.59 24.46 -2.22
C ILE D 105 -44.75 23.34 -1.63
N PHE D 106 -43.44 23.56 -1.55
CA PHE D 106 -42.51 22.55 -1.05
C PHE D 106 -41.44 23.21 -0.20
N GLY D 107 -41.09 22.55 0.90
CA GLY D 107 -40.07 23.08 1.79
C GLY D 107 -40.03 22.28 3.07
N THR D 108 -38.95 22.48 3.82
CA THR D 108 -38.76 21.82 5.11
C THR D 108 -39.50 22.54 6.23
N THR D 109 -39.06 23.72 6.62
CA THR D 109 -39.73 24.49 7.67
C THR D 109 -40.91 25.30 7.16
N LEU D 110 -41.03 25.48 5.84
CA LEU D 110 -42.11 26.28 5.24
C LEU D 110 -42.13 27.69 5.83
N ASP D 111 -40.97 28.33 5.80
CA ASP D 111 -40.81 29.66 6.38
C ASP D 111 -39.57 30.29 5.73
N SER D 112 -39.19 31.47 6.22
CA SER D 112 -38.02 32.18 5.71
C SER D 112 -36.71 31.68 6.31
N LYS D 113 -36.77 30.70 7.22
CA LYS D 113 -35.56 30.18 7.83
C LYS D 113 -34.67 29.47 6.82
N THR D 114 -35.25 29.02 5.71
CA THR D 114 -34.49 28.31 4.68
C THR D 114 -35.18 28.56 3.33
N GLN D 115 -34.65 27.93 2.29
CA GLN D 115 -35.21 28.07 0.96
C GLN D 115 -36.57 27.37 0.88
N SER D 116 -37.37 27.78 -0.10
CA SER D 116 -38.70 27.22 -0.32
C SER D 116 -38.94 27.08 -1.81
N LEU D 117 -39.86 26.18 -2.17
CA LEU D 117 -40.19 25.91 -3.57
C LEU D 117 -41.66 26.25 -3.82
N LEU D 118 -41.91 27.01 -4.89
CA LEU D 118 -43.26 27.40 -5.27
C LEU D 118 -43.50 27.04 -6.73
N ILE D 119 -44.68 26.49 -7.00
CA ILE D 119 -45.16 26.22 -8.35
C ILE D 119 -46.53 26.85 -8.49
N VAL D 120 -46.65 27.84 -9.38
CA VAL D 120 -47.88 28.61 -9.55
C VAL D 120 -48.32 28.48 -10.99
N ASN D 121 -49.59 28.12 -11.18
CA ASN D 121 -50.20 28.03 -12.51
C ASN D 121 -51.25 29.13 -12.62
N ASN D 122 -50.96 30.12 -13.45
CA ASN D 122 -51.85 31.25 -13.68
C ASN D 122 -52.81 30.99 -14.84
N ALA D 123 -52.81 29.75 -15.35
CA ALA D 123 -53.47 29.36 -16.60
C ALA D 123 -52.87 30.07 -17.81
N THR D 124 -51.62 30.49 -17.70
CA THR D 124 -50.85 31.07 -18.80
C THR D 124 -49.50 30.39 -18.95
N ASN D 125 -48.62 30.53 -17.95
CA ASN D 125 -47.33 29.87 -17.94
C ASN D 125 -47.15 29.22 -16.57
N VAL D 126 -46.01 28.55 -16.40
CA VAL D 126 -45.67 27.90 -15.14
C VAL D 126 -44.59 28.73 -14.46
N VAL D 127 -44.90 29.27 -13.28
CA VAL D 127 -43.99 30.12 -12.53
C VAL D 127 -43.40 29.29 -11.40
N ILE D 128 -42.09 29.03 -11.47
CA ILE D 128 -41.38 28.28 -10.45
C ILE D 128 -40.24 29.14 -9.94
N LYS D 129 -40.30 29.50 -8.66
CA LYS D 129 -39.30 30.36 -8.04
C LYS D 129 -38.86 29.76 -6.72
N VAL D 130 -37.55 29.76 -6.49
CA VAL D 130 -36.96 29.27 -5.24
C VAL D 130 -36.33 30.47 -4.55
N CYS D 131 -36.91 30.88 -3.43
CA CYS D 131 -36.44 32.03 -2.67
C CYS D 131 -36.57 31.70 -1.19
N GLU D 132 -36.35 32.72 -0.35
CA GLU D 132 -36.71 32.64 1.07
C GLU D 132 -38.01 33.43 1.24
N PHE D 133 -39.09 32.69 1.48
CA PHE D 133 -40.42 33.28 1.51
C PHE D 133 -40.92 33.37 2.94
N GLN D 134 -41.71 34.41 3.23
CA GLN D 134 -42.43 34.49 4.49
C GLN D 134 -43.80 33.86 4.26
N PHE D 135 -44.01 32.70 4.89
CA PHE D 135 -45.17 31.88 4.57
C PHE D 135 -46.36 32.24 5.44
N CYS D 136 -47.45 32.64 4.80
CA CYS D 136 -48.69 32.92 5.52
C CYS D 136 -49.31 31.63 6.03
N ASN D 137 -49.96 31.71 7.18
CA ASN D 137 -50.53 30.54 7.83
C ASN D 137 -51.56 29.82 6.97
N ASP D 138 -52.29 30.54 6.12
CA ASP D 138 -53.28 29.95 5.23
C ASP D 138 -53.12 30.56 3.84
N PRO D 139 -52.24 30.03 3.01
CA PRO D 139 -52.05 30.58 1.66
C PRO D 139 -53.24 30.29 0.76
N PHE D 140 -53.61 31.30 -0.02
CA PHE D 140 -54.70 31.17 -0.98
C PHE D 140 -54.53 32.21 -2.06
N LEU D 141 -55.21 32.00 -3.18
CA LEU D 141 -55.26 32.95 -4.28
C LEU D 141 -56.68 33.46 -4.40
N GLY D 142 -56.90 34.73 -4.06
CA GLY D 142 -58.25 35.27 -4.00
C GLY D 142 -58.76 35.70 -5.37
N VAL D 143 -60.07 35.50 -5.56
CA VAL D 143 -60.78 35.94 -6.76
C VAL D 143 -62.10 36.57 -6.33
N TYR D 144 -62.55 37.57 -7.09
CA TYR D 144 -63.75 38.30 -6.71
C TYR D 144 -64.38 38.92 -7.94
N TYR D 145 -65.64 39.33 -7.79
CA TYR D 145 -66.40 40.03 -8.82
C TYR D 145 -66.49 39.18 -10.10
N HIS D 146 -67.26 38.10 -9.96
CA HIS D 146 -67.48 37.15 -11.04
C HIS D 146 -68.78 37.41 -11.80
N LYS D 147 -69.52 38.46 -11.47
CA LYS D 147 -70.81 38.70 -12.09
C LYS D 147 -70.65 39.22 -13.51
N ASN D 148 -70.14 40.44 -13.65
CA ASN D 148 -69.94 41.07 -14.96
C ASN D 148 -68.45 41.05 -15.29
N ASN D 149 -68.13 40.53 -16.47
CA ASN D 149 -66.75 40.34 -16.91
C ASN D 149 -65.95 39.55 -15.88
N LYS D 150 -66.41 38.31 -15.68
CA LYS D 150 -65.79 37.39 -14.73
C LYS D 150 -64.32 37.11 -15.05
N SER D 151 -64.06 36.38 -16.14
CA SER D 151 -62.73 36.04 -16.62
C SER D 151 -61.98 35.10 -15.69
N TRP D 152 -62.49 34.93 -14.46
CA TRP D 152 -61.92 34.02 -13.46
C TRP D 152 -60.40 34.16 -13.35
N MET D 153 -59.92 35.41 -13.41
CA MET D 153 -58.50 35.68 -13.43
C MET D 153 -57.97 35.96 -12.04
N GLU D 154 -56.75 35.50 -11.79
CA GLU D 154 -56.08 35.75 -10.51
C GLU D 154 -55.83 37.25 -10.32
N SER D 155 -56.12 37.73 -9.12
CA SER D 155 -55.93 39.15 -8.78
C SER D 155 -55.03 39.35 -7.58
N GLU D 156 -55.49 39.01 -6.38
CA GLU D 156 -54.72 39.17 -5.16
C GLU D 156 -53.81 37.97 -4.97
N PHE D 157 -52.56 38.21 -4.58
CA PHE D 157 -51.60 37.15 -4.35
C PHE D 157 -51.27 37.15 -2.84
N ARG D 158 -51.82 36.17 -2.13
CA ARG D 158 -51.73 36.09 -0.68
C ARG D 158 -50.68 35.08 -0.21
N VAL D 159 -49.98 34.45 -1.15
CA VAL D 159 -49.10 33.33 -0.82
C VAL D 159 -47.99 33.75 0.14
N TYR D 160 -47.17 34.73 -0.23
CA TYR D 160 -46.10 35.19 0.64
C TYR D 160 -46.06 36.71 0.64
N SER D 161 -45.65 37.28 1.77
CA SER D 161 -45.53 38.72 1.93
C SER D 161 -44.25 39.27 1.32
N SER D 162 -43.13 38.57 1.44
CA SER D 162 -41.86 39.06 0.92
C SER D 162 -41.00 37.86 0.49
N ALA D 163 -40.00 38.15 -0.33
CA ALA D 163 -39.09 37.13 -0.82
C ALA D 163 -37.68 37.71 -0.89
N ASN D 164 -36.69 36.86 -0.61
CA ASN D 164 -35.29 37.28 -0.63
C ASN D 164 -34.43 36.04 -0.84
N ASN D 165 -33.18 36.28 -1.24
CA ASN D 165 -32.18 35.22 -1.41
C ASN D 165 -32.66 34.14 -2.39
N CYS D 166 -33.02 34.59 -3.59
CA CYS D 166 -33.58 33.70 -4.59
C CYS D 166 -32.47 32.96 -5.34
N THR D 167 -32.45 31.63 -5.19
CA THR D 167 -31.45 30.80 -5.84
C THR D 167 -31.89 30.22 -7.18
N PHE D 168 -33.16 30.30 -7.54
CA PHE D 168 -33.63 29.68 -8.77
C PHE D 168 -34.87 30.40 -9.28
N GLU D 169 -35.00 30.47 -10.61
CA GLU D 169 -36.20 30.98 -11.26
C GLU D 169 -36.35 30.30 -12.60
N TYR D 170 -37.60 30.03 -12.99
CA TYR D 170 -37.85 29.34 -14.24
C TYR D 170 -39.21 29.75 -14.79
N VAL D 171 -39.32 29.75 -16.12
CA VAL D 171 -40.57 30.01 -16.82
C VAL D 171 -40.73 28.93 -17.89
N SER D 172 -41.88 28.26 -17.89
CA SER D 172 -42.12 27.16 -18.80
C SER D 172 -42.89 27.64 -20.04
N GLN D 173 -43.27 26.70 -20.90
CA GLN D 173 -43.99 27.05 -22.11
C GLN D 173 -45.44 27.43 -21.78
N PRO D 174 -46.07 28.26 -22.61
CA PRO D 174 -47.46 28.64 -22.35
C PRO D 174 -48.42 27.49 -22.60
N PHE D 175 -49.61 27.61 -22.01
CA PHE D 175 -50.63 26.58 -22.11
C PHE D 175 -51.99 27.22 -21.90
N LEU D 176 -53.02 26.37 -21.82
CA LEU D 176 -54.38 26.81 -21.60
C LEU D 176 -55.04 25.96 -20.52
N MET D 177 -55.94 26.58 -19.76
CA MET D 177 -56.64 25.90 -18.68
C MET D 177 -58.03 26.49 -18.56
N ASP D 178 -59.01 25.64 -18.23
CA ASP D 178 -60.39 26.09 -18.10
C ASP D 178 -60.67 26.42 -16.63
N LEU D 179 -60.86 27.71 -16.34
CA LEU D 179 -61.14 28.17 -14.99
C LEU D 179 -62.63 28.39 -14.73
N GLU D 180 -63.49 28.13 -15.71
CA GLU D 180 -64.91 28.40 -15.58
C GLU D 180 -65.57 27.46 -14.59
N GLY D 181 -66.37 28.03 -13.68
CA GLY D 181 -67.10 27.21 -12.73
C GLY D 181 -68.27 26.50 -13.39
N LYS D 182 -68.44 25.23 -13.06
CA LYS D 182 -69.50 24.40 -13.62
C LYS D 182 -70.21 23.64 -12.50
N GLN D 183 -71.36 23.08 -12.85
CA GLN D 183 -72.20 22.33 -11.93
C GLN D 183 -72.31 20.89 -12.42
N GLY D 184 -72.49 19.96 -11.48
CA GLY D 184 -72.61 18.56 -11.82
C GLY D 184 -71.31 17.78 -11.64
N ASN D 185 -71.22 16.63 -12.30
CA ASN D 185 -70.07 15.76 -12.14
C ASN D 185 -68.81 16.41 -12.73
N PHE D 186 -67.67 15.94 -12.26
CA PHE D 186 -66.38 16.47 -12.69
C PHE D 186 -66.11 16.11 -14.14
N LYS D 187 -65.21 16.88 -14.77
CA LYS D 187 -64.85 16.68 -16.17
C LYS D 187 -63.35 16.56 -16.39
N ASN D 188 -62.58 17.61 -16.14
CA ASN D 188 -61.15 17.60 -16.35
C ASN D 188 -60.44 16.79 -15.28
N LEU D 189 -59.35 16.15 -15.67
CA LEU D 189 -58.55 15.35 -14.74
C LEU D 189 -57.08 15.61 -15.01
N ARG D 190 -56.34 15.94 -13.96
CA ARG D 190 -54.91 16.21 -14.05
C ARG D 190 -54.15 15.35 -13.05
N GLU D 191 -53.02 14.80 -13.50
CA GLU D 191 -52.18 13.95 -12.68
C GLU D 191 -50.76 14.48 -12.67
N PHE D 192 -50.11 14.39 -11.51
CA PHE D 192 -48.75 14.89 -11.34
C PHE D 192 -47.96 13.93 -10.46
N VAL D 193 -46.70 13.71 -10.83
CA VAL D 193 -45.78 12.91 -10.05
C VAL D 193 -44.51 13.71 -9.83
N PHE D 194 -44.15 13.92 -8.56
CA PHE D 194 -42.99 14.71 -8.19
C PHE D 194 -41.99 13.79 -7.49
N LYS D 195 -40.84 13.56 -8.13
CA LYS D 195 -39.82 12.67 -7.63
C LYS D 195 -38.48 13.38 -7.63
N ASN D 196 -37.69 13.15 -6.57
CA ASN D 196 -36.38 13.78 -6.41
C ASN D 196 -35.29 12.78 -6.77
N ILE D 197 -34.47 13.12 -7.76
CA ILE D 197 -33.31 12.33 -8.12
C ILE D 197 -32.10 13.20 -7.83
N ASP D 198 -31.37 12.83 -6.76
CA ASP D 198 -30.06 13.37 -6.36
C ASP D 198 -29.96 14.88 -6.53
N GLY D 199 -31.03 15.61 -6.20
CA GLY D 199 -31.07 17.05 -6.31
C GLY D 199 -31.88 17.58 -7.48
N TYR D 200 -32.18 16.74 -8.46
CA TYR D 200 -32.95 17.16 -9.63
C TYR D 200 -34.42 16.79 -9.43
N PHE D 201 -35.31 17.72 -9.74
CA PHE D 201 -36.75 17.47 -9.67
C PHE D 201 -37.32 17.34 -11.08
N LYS D 202 -38.17 16.35 -11.29
CA LYS D 202 -38.82 16.11 -12.57
C LYS D 202 -40.33 16.11 -12.38
N ILE D 203 -41.03 16.73 -13.32
CA ILE D 203 -42.48 16.93 -13.22
C ILE D 203 -43.16 16.17 -14.35
N TYR D 204 -44.24 15.46 -14.01
CA TYR D 204 -45.04 14.72 -14.97
C TYR D 204 -46.43 15.32 -15.05
N SER D 205 -46.94 15.46 -16.27
CA SER D 205 -48.24 16.09 -16.47
C SER D 205 -48.99 15.38 -17.59
N LYS D 206 -50.27 15.11 -17.35
CA LYS D 206 -51.15 14.56 -18.37
C LYS D 206 -52.57 15.02 -18.08
N HIS D 207 -53.35 15.23 -19.14
CA HIS D 207 -54.72 15.72 -19.02
C HIS D 207 -55.63 14.94 -19.94
N THR D 208 -56.70 14.37 -19.38
CA THR D 208 -57.70 13.65 -20.16
C THR D 208 -59.08 13.94 -19.59
N PRO D 209 -60.10 14.04 -20.45
CA PRO D 209 -61.47 14.24 -19.94
C PRO D 209 -62.07 12.95 -19.40
N ILE D 210 -62.87 13.09 -18.34
CA ILE D 210 -63.57 11.98 -17.71
C ILE D 210 -64.93 12.47 -17.25
N ASN D 211 -65.72 11.54 -16.68
CA ASN D 211 -66.97 11.86 -16.01
C ASN D 211 -66.95 11.11 -14.67
N LEU D 212 -66.95 11.87 -13.57
CA LEU D 212 -66.72 11.31 -12.25
C LEU D 212 -67.47 12.11 -11.20
N VAL D 213 -68.01 11.39 -10.20
CA VAL D 213 -68.62 12.01 -9.03
C VAL D 213 -67.76 11.79 -7.78
N ARG D 214 -67.56 10.54 -7.38
CA ARG D 214 -66.67 10.23 -6.27
C ARG D 214 -65.88 8.97 -6.62
N GLY D 215 -64.70 8.85 -6.01
CA GLY D 215 -63.83 7.73 -6.32
C GLY D 215 -62.96 8.00 -7.53
N LEU D 216 -62.64 6.93 -8.26
CA LEU D 216 -61.84 7.03 -9.47
C LEU D 216 -62.43 6.15 -10.57
N PRO D 217 -62.42 6.62 -11.81
CA PRO D 217 -62.83 5.78 -12.93
C PRO D 217 -61.75 4.78 -13.31
N GLN D 218 -62.18 3.71 -13.96
CA GLN D 218 -61.25 2.68 -14.41
C GLN D 218 -60.69 3.02 -15.78
N GLY D 219 -59.37 3.17 -15.85
CA GLY D 219 -58.73 3.52 -17.10
C GLY D 219 -57.23 3.42 -16.98
N PHE D 220 -56.56 3.74 -18.08
CA PHE D 220 -55.11 3.71 -18.16
C PHE D 220 -54.61 4.90 -18.96
N SER D 221 -53.60 5.59 -18.44
CA SER D 221 -53.04 6.75 -19.11
C SER D 221 -51.57 6.85 -18.77
N ALA D 222 -50.79 7.48 -19.65
CA ALA D 222 -49.35 7.62 -19.46
C ALA D 222 -49.01 9.06 -19.08
N LEU D 223 -47.98 9.20 -18.24
CA LEU D 223 -47.55 10.49 -17.74
C LEU D 223 -46.24 10.90 -18.40
N GLU D 224 -46.29 11.98 -19.20
CA GLU D 224 -45.14 12.48 -19.95
C GLU D 224 -44.33 13.46 -19.11
N PRO D 225 -43.01 13.47 -19.27
CA PRO D 225 -42.16 14.45 -18.56
C PRO D 225 -42.51 15.87 -18.98
N LEU D 226 -42.47 16.79 -18.02
CA LEU D 226 -42.80 18.19 -18.26
C LEU D 226 -41.60 19.10 -18.09
N VAL D 227 -41.16 19.31 -16.85
CA VAL D 227 -40.06 20.22 -16.55
C VAL D 227 -39.09 19.53 -15.59
N ASP D 228 -37.81 19.59 -15.94
CA ASP D 228 -36.75 19.12 -15.05
C ASP D 228 -36.15 20.31 -14.31
N LEU D 229 -36.11 20.21 -12.98
CA LEU D 229 -35.66 21.30 -12.12
C LEU D 229 -34.32 20.99 -11.49
N PRO D 230 -33.19 21.67 -11.94
CA PRO D 230 -31.88 21.50 -11.30
C PRO D 230 -31.70 22.42 -10.10
N ILE D 231 -32.35 22.07 -8.99
CA ILE D 231 -32.39 22.92 -7.81
C ILE D 231 -31.46 22.35 -6.74
N GLY D 232 -31.86 21.21 -6.15
CA GLY D 232 -31.08 20.60 -5.10
C GLY D 232 -31.60 20.83 -3.70
N ILE D 233 -32.80 21.38 -3.55
CA ILE D 233 -33.38 21.64 -2.23
C ILE D 233 -33.93 20.35 -1.65
N ASN D 234 -33.80 20.19 -0.34
CA ASN D 234 -34.42 19.07 0.35
C ASN D 234 -35.85 19.45 0.76
N ILE D 235 -36.79 18.54 0.53
CA ILE D 235 -38.20 18.78 0.82
C ILE D 235 -38.71 17.67 1.72
N THR D 236 -39.01 18.01 2.97
CA THR D 236 -39.60 17.05 3.90
C THR D 236 -41.11 17.17 4.05
N ARG D 237 -41.75 18.19 3.47
CA ARG D 237 -43.18 18.42 3.64
C ARG D 237 -43.70 19.24 2.47
N PHE D 238 -45.02 19.21 2.29
CA PHE D 238 -45.68 19.99 1.26
C PHE D 238 -47.11 20.29 1.71
N GLN D 239 -47.72 21.29 1.05
CA GLN D 239 -49.06 21.71 1.40
C GLN D 239 -49.80 22.12 0.14
N THR D 240 -51.13 21.95 0.16
CA THR D 240 -51.96 22.32 -0.97
C THR D 240 -52.20 23.83 -0.98
N LEU D 241 -52.02 24.45 -2.14
CA LEU D 241 -52.27 25.88 -2.29
C LEU D 241 -53.70 26.14 -2.76
N HIS D 242 -65.89 33.63 -4.67
CA HIS D 242 -65.45 33.54 -3.28
C HIS D 242 -64.21 34.40 -3.02
N ILE D 243 -64.40 35.49 -2.29
CA ILE D 243 -65.70 35.86 -1.75
C ILE D 243 -66.38 36.86 -2.68
N SER D 244 -67.70 36.73 -2.81
CA SER D 244 -68.48 37.61 -3.67
C SER D 244 -68.61 39.01 -3.05
N SER D 252 -58.07 37.84 6.79
CA SER D 252 -58.50 37.11 5.61
C SER D 252 -59.22 35.81 6.00
N SER D 253 -59.90 35.85 7.15
CA SER D 253 -60.63 34.68 7.63
C SER D 253 -61.97 34.49 6.94
N GLY D 254 -62.51 35.54 6.32
CA GLY D 254 -63.79 35.46 5.64
C GLY D 254 -63.77 34.81 4.29
N TRP D 255 -62.60 34.44 3.79
CA TRP D 255 -62.50 33.82 2.47
C TRP D 255 -62.93 32.35 2.55
N THR D 256 -63.50 31.86 1.45
CA THR D 256 -63.94 30.48 1.33
C THR D 256 -63.32 29.86 0.08
N ALA D 257 -63.71 28.63 -0.21
CA ALA D 257 -63.19 27.89 -1.35
C ALA D 257 -64.35 27.33 -2.18
N GLY D 258 -64.03 26.95 -3.41
CA GLY D 258 -65.01 26.37 -4.31
C GLY D 258 -65.09 24.87 -4.19
N ALA D 259 -65.64 24.24 -5.24
CA ALA D 259 -65.80 22.80 -5.29
C ALA D 259 -64.59 22.19 -6.01
N ALA D 260 -63.79 21.42 -5.29
CA ALA D 260 -62.60 20.80 -5.85
C ALA D 260 -62.26 19.56 -5.05
N ALA D 261 -61.45 18.70 -5.65
CA ALA D 261 -60.98 17.47 -5.00
C ALA D 261 -59.64 17.09 -5.59
N TYR D 262 -58.84 16.37 -4.80
CA TYR D 262 -57.52 15.95 -5.24
C TYR D 262 -57.13 14.67 -4.51
N TYR D 263 -56.13 13.98 -5.06
CA TYR D 263 -55.65 12.73 -4.50
C TYR D 263 -54.16 12.86 -4.18
N VAL D 264 -53.73 12.20 -3.12
CA VAL D 264 -52.33 12.20 -2.69
C VAL D 264 -51.89 10.76 -2.53
N GLY D 265 -50.95 10.33 -3.38
CA GLY D 265 -50.36 9.01 -3.28
C GLY D 265 -48.96 9.07 -2.71
N TYR D 266 -48.29 7.91 -2.75
CA TYR D 266 -46.92 7.80 -2.29
C TYR D 266 -46.17 6.81 -3.20
N LEU D 267 -44.97 7.19 -3.59
CA LEU D 267 -44.16 6.37 -4.49
C LEU D 267 -43.32 5.38 -3.72
N GLN D 268 -43.19 4.18 -4.28
CA GLN D 268 -42.37 3.11 -3.71
C GLN D 268 -41.51 2.50 -4.80
N PRO D 269 -40.35 1.94 -4.44
CA PRO D 269 -39.47 1.34 -5.46
C PRO D 269 -40.07 0.09 -6.08
N ARG D 270 -41.06 0.27 -6.95
CA ARG D 270 -41.74 -0.83 -7.62
C ARG D 270 -40.98 -1.21 -8.90
N THR D 271 -41.52 -2.21 -9.60
CA THR D 271 -40.96 -2.68 -10.85
C THR D 271 -42.09 -2.86 -11.86
N PHE D 272 -42.02 -2.14 -12.97
CA PHE D 272 -42.99 -2.26 -14.05
C PHE D 272 -42.40 -3.02 -15.23
N LEU D 273 -43.27 -3.79 -15.90
CA LEU D 273 -42.97 -4.36 -17.20
C LEU D 273 -43.94 -3.71 -18.18
N LEU D 274 -43.41 -2.86 -19.05
CA LEU D 274 -44.24 -1.99 -19.88
C LEU D 274 -44.31 -2.49 -21.31
N LYS D 275 -45.48 -2.32 -21.94
CA LYS D 275 -45.67 -2.63 -23.35
C LYS D 275 -45.48 -1.34 -24.14
N TYR D 276 -44.85 -1.46 -25.31
CA TYR D 276 -44.58 -0.33 -26.17
C TYR D 276 -45.10 -0.62 -27.57
N ASN D 277 -46.03 0.20 -28.04
CA ASN D 277 -46.61 0.03 -29.37
C ASN D 277 -45.65 0.59 -30.42
N GLU D 278 -46.09 0.63 -31.68
CA GLU D 278 -45.26 1.16 -32.74
C GLU D 278 -45.08 2.67 -32.63
N ASN D 279 -45.97 3.36 -31.93
CA ASN D 279 -45.88 4.81 -31.77
C ASN D 279 -45.12 5.21 -30.51
N GLY D 280 -44.72 4.26 -29.67
CA GLY D 280 -43.98 4.55 -28.47
C GLY D 280 -44.82 4.84 -27.24
N THR D 281 -46.14 4.81 -27.36
CA THR D 281 -47.02 5.07 -26.24
C THR D 281 -47.21 3.80 -25.42
N ILE D 282 -47.29 3.96 -24.10
CA ILE D 282 -47.45 2.81 -23.21
C ILE D 282 -48.91 2.41 -23.20
N THR D 283 -49.21 1.19 -23.67
CA THR D 283 -50.56 0.66 -23.65
C THR D 283 -50.88 -0.23 -22.46
N ASP D 284 -49.89 -0.64 -21.68
CA ASP D 284 -50.14 -1.57 -20.59
C ASP D 284 -49.01 -1.46 -19.58
N ALA D 285 -49.30 -1.92 -18.36
CA ALA D 285 -48.31 -1.93 -17.28
C ALA D 285 -48.56 -3.14 -16.38
N VAL D 286 -47.48 -3.74 -15.92
CA VAL D 286 -47.53 -4.89 -15.02
C VAL D 286 -46.52 -4.67 -13.91
N ASP D 287 -47.01 -4.64 -12.67
CA ASP D 287 -46.17 -4.47 -11.49
C ASP D 287 -46.32 -5.71 -10.63
N CYS D 288 -45.21 -6.40 -10.37
CA CYS D 288 -45.31 -7.63 -9.58
C CYS D 288 -44.59 -7.49 -8.25
N ALA D 289 -45.35 -7.09 -7.19
CA ALA D 289 -45.40 -7.85 -5.94
C ALA D 289 -46.77 -8.48 -5.74
N LEU D 290 -47.73 -8.17 -6.62
CA LEU D 290 -49.14 -8.27 -6.26
C LEU D 290 -49.68 -9.69 -6.38
N ASP D 291 -49.43 -10.36 -7.50
CA ASP D 291 -50.15 -11.58 -7.82
C ASP D 291 -49.19 -12.62 -8.36
N PRO D 292 -49.31 -13.88 -7.93
CA PRO D 292 -48.54 -14.95 -8.58
C PRO D 292 -48.85 -15.09 -10.06
N LEU D 293 -50.06 -14.76 -10.50
CA LEU D 293 -50.33 -14.67 -11.93
C LEU D 293 -49.45 -13.61 -12.57
N SER D 294 -49.31 -12.45 -11.92
CA SER D 294 -48.41 -11.43 -12.43
C SER D 294 -46.96 -11.87 -12.34
N GLU D 295 -46.57 -12.50 -11.23
CA GLU D 295 -45.18 -12.95 -11.05
C GLU D 295 -44.67 -13.75 -12.23
N THR D 296 -45.55 -14.55 -12.85
CA THR D 296 -45.18 -15.25 -14.06
C THR D 296 -44.97 -14.29 -15.23
N LYS D 297 -45.79 -13.25 -15.34
CA LYS D 297 -45.61 -12.27 -16.41
C LYS D 297 -44.31 -11.49 -16.27
N CYS D 298 -43.98 -11.02 -15.06
CA CYS D 298 -42.72 -10.33 -14.86
C CYS D 298 -41.52 -11.25 -15.04
N THR D 299 -41.68 -12.54 -14.73
CA THR D 299 -40.57 -13.49 -14.89
C THR D 299 -40.39 -13.91 -16.34
N LEU D 300 -41.48 -14.28 -17.01
CA LEU D 300 -41.41 -14.78 -18.37
C LEU D 300 -41.24 -13.68 -19.42
N LYS D 301 -41.31 -12.40 -19.01
CA LYS D 301 -41.18 -11.27 -19.93
C LYS D 301 -42.23 -11.33 -21.02
N SER D 302 -43.44 -11.75 -20.66
CA SER D 302 -44.56 -11.82 -21.59
C SER D 302 -45.86 -11.63 -20.81
N PHE D 303 -46.84 -11.00 -21.46
CA PHE D 303 -48.13 -10.77 -20.83
C PHE D 303 -49.11 -11.92 -21.04
N THR D 304 -48.79 -12.87 -21.90
CA THR D 304 -49.62 -14.04 -22.14
C THR D 304 -48.92 -15.26 -21.59
N VAL D 305 -49.45 -15.82 -20.50
CA VAL D 305 -48.87 -16.97 -19.82
C VAL D 305 -49.61 -18.22 -20.27
N GLU D 306 -48.91 -19.09 -20.99
CA GLU D 306 -49.49 -20.34 -21.44
C GLU D 306 -49.67 -21.30 -20.25
N LYS D 307 -50.55 -22.28 -20.44
CA LYS D 307 -50.89 -23.22 -19.38
C LYS D 307 -49.68 -24.06 -19.00
N GLY D 308 -49.40 -24.12 -17.70
CA GLY D 308 -48.27 -24.89 -17.21
C GLY D 308 -47.84 -24.40 -15.84
N ILE D 309 -46.85 -25.09 -15.28
CA ILE D 309 -46.29 -24.77 -13.98
C ILE D 309 -44.93 -24.10 -14.19
N TYR D 310 -44.72 -22.98 -13.50
CA TYR D 310 -43.51 -22.18 -13.65
C TYR D 310 -42.99 -21.75 -12.29
N GLN D 311 -41.67 -21.61 -12.19
CA GLN D 311 -41.01 -21.17 -10.98
C GLN D 311 -40.66 -19.69 -11.11
N THR D 312 -41.13 -18.88 -10.17
CA THR D 312 -40.92 -17.44 -10.20
C THR D 312 -39.81 -16.97 -9.27
N SER D 313 -40.03 -17.00 -7.96
CA SER D 313 -39.05 -16.52 -7.00
C SER D 313 -38.81 -17.59 -5.95
N ASN D 314 -38.01 -17.25 -4.95
CA ASN D 314 -37.68 -18.16 -3.86
C ASN D 314 -38.17 -17.56 -2.54
N PHE D 315 -38.46 -18.44 -1.58
CA PHE D 315 -38.91 -18.03 -0.27
C PHE D 315 -37.87 -18.41 0.78
N ARG D 316 -37.76 -17.56 1.81
CA ARG D 316 -36.77 -17.76 2.86
C ARG D 316 -37.38 -17.39 4.20
N VAL D 317 -37.13 -18.22 5.20
CA VAL D 317 -37.62 -17.93 6.55
C VAL D 317 -36.61 -17.02 7.25
N GLN D 318 -37.08 -15.86 7.69
CA GLN D 318 -36.18 -14.89 8.31
C GLN D 318 -35.98 -15.20 9.79
N PRO D 319 -34.75 -15.06 10.28
CA PRO D 319 -34.51 -15.31 11.70
C PRO D 319 -35.24 -14.31 12.59
N THR D 320 -35.87 -14.83 13.64
CA THR D 320 -36.62 -14.01 14.58
C THR D 320 -35.71 -13.27 15.55
N GLU D 321 -34.72 -13.96 16.13
CA GLU D 321 -33.84 -13.39 17.13
C GLU D 321 -32.51 -14.14 17.11
N SER D 322 -31.68 -13.88 18.12
CA SER D 322 -30.36 -14.48 18.21
C SER D 322 -30.09 -14.95 19.64
N ILE D 323 -29.14 -15.87 19.77
CA ILE D 323 -28.73 -16.39 21.07
C ILE D 323 -27.22 -16.25 21.21
N VAL D 324 -26.81 -15.40 22.15
CA VAL D 324 -25.41 -15.08 22.42
C VAL D 324 -24.87 -15.87 23.61
N ARG D 325 -25.59 -16.93 24.01
CA ARG D 325 -25.32 -17.64 25.26
C ARG D 325 -24.30 -18.74 25.03
N PHE D 326 -23.06 -18.47 25.44
CA PHE D 326 -21.98 -19.46 25.32
C PHE D 326 -20.79 -19.44 26.32
N PRO D 327 -20.93 -19.97 27.54
CA PRO D 327 -21.89 -20.31 28.61
C PRO D 327 -21.93 -19.25 29.70
N ASN D 328 -22.66 -19.55 30.78
CA ASN D 328 -22.55 -18.81 32.05
C ASN D 328 -21.31 -19.31 32.79
N ILE D 329 -20.40 -18.38 33.09
CA ILE D 329 -19.14 -18.71 33.75
C ILE D 329 -18.82 -17.73 34.87
N THR D 330 -18.21 -18.21 35.96
CA THR D 330 -18.05 -19.65 36.19
C THR D 330 -18.66 -20.05 37.55
N ASN D 331 -17.98 -19.74 38.66
CA ASN D 331 -18.62 -19.82 39.97
C ASN D 331 -18.41 -18.53 40.74
N LEU D 332 -17.20 -18.35 41.29
CA LEU D 332 -16.76 -17.06 41.82
C LEU D 332 -15.25 -16.97 41.60
N CYS D 333 -14.77 -15.87 41.02
CA CYS D 333 -13.33 -15.67 41.07
C CYS D 333 -12.97 -14.18 41.12
N PRO D 334 -13.31 -13.44 42.19
CA PRO D 334 -12.76 -12.09 42.31
C PRO D 334 -11.43 -12.10 43.05
N PHE D 335 -10.56 -13.05 42.70
CA PHE D 335 -9.17 -13.11 43.15
C PHE D 335 -9.04 -13.30 44.67
N GLY D 336 -10.12 -12.99 45.40
CA GLY D 336 -9.94 -12.51 46.74
C GLY D 336 -11.01 -11.48 47.10
N GLU D 337 -10.59 -10.47 47.86
CA GLU D 337 -9.24 -10.46 48.43
C GLU D 337 -9.20 -9.92 49.84
N VAL D 338 -9.31 -8.59 49.90
CA VAL D 338 -9.24 -7.82 51.14
C VAL D 338 -10.61 -7.42 51.66
N PHE D 339 -11.67 -7.71 50.91
CA PHE D 339 -12.99 -7.15 51.23
C PHE D 339 -13.56 -7.77 52.50
N ASN D 340 -13.67 -9.09 52.53
CA ASN D 340 -14.16 -9.83 53.68
C ASN D 340 -13.02 -10.38 54.52
N ALA D 341 -11.78 -10.09 54.11
CA ALA D 341 -10.61 -10.61 54.79
C ALA D 341 -10.51 -10.05 56.21
N THR D 342 -10.15 -10.93 57.14
CA THR D 342 -10.10 -10.58 58.56
C THR D 342 -8.73 -10.08 59.01
N ARG D 343 -7.69 -10.21 58.19
CA ARG D 343 -6.35 -9.78 58.59
C ARG D 343 -5.68 -9.07 57.43
N PHE D 344 -5.09 -7.92 57.71
CA PHE D 344 -4.49 -7.05 56.70
C PHE D 344 -3.03 -6.79 57.03
N ALA D 345 -2.28 -6.32 56.05
CA ALA D 345 -0.87 -5.98 56.21
C ALA D 345 -0.71 -4.47 56.38
N SER D 346 0.53 -4.05 56.56
CA SER D 346 0.84 -2.63 56.73
C SER D 346 1.02 -1.97 55.36
N VAL D 347 1.32 -0.67 55.38
CA VAL D 347 1.49 0.07 54.14
C VAL D 347 2.82 -0.30 53.47
N TYR D 348 3.90 -0.40 54.26
CA TYR D 348 5.17 -0.87 53.73
C TYR D 348 5.22 -2.40 53.62
N ALA D 349 4.32 -3.09 54.30
CA ALA D 349 4.25 -4.55 54.29
C ALA D 349 3.28 -5.05 53.23
N TRP D 350 2.79 -4.14 52.38
CA TRP D 350 1.67 -4.43 51.50
C TRP D 350 1.88 -5.71 50.69
N ASN D 351 0.90 -6.60 50.76
CA ASN D 351 0.90 -7.85 50.03
C ASN D 351 0.42 -7.65 48.59
N ARG D 352 0.85 -8.55 47.71
CA ARG D 352 0.39 -8.58 46.32
C ARG D 352 0.14 -10.05 45.96
N LYS D 353 -1.08 -10.35 45.51
CA LYS D 353 -1.47 -11.72 45.20
C LYS D 353 -1.73 -11.84 43.69
N ARG D 354 -1.43 -13.00 43.13
CA ARG D 354 -1.58 -13.22 41.70
C ARG D 354 -2.50 -14.41 41.43
N ILE D 355 -3.65 -14.14 40.81
CA ILE D 355 -4.59 -15.17 40.37
C ILE D 355 -4.90 -14.92 38.91
N SER D 356 -4.99 -16.01 38.13
CA SER D 356 -5.20 -15.89 36.69
C SER D 356 -6.19 -16.96 36.25
N ASN D 357 -6.64 -16.83 34.99
CA ASN D 357 -7.48 -17.82 34.33
C ASN D 357 -8.81 -18.01 35.06
N CYS D 358 -9.66 -16.99 34.99
CA CYS D 358 -11.01 -17.04 35.53
C CYS D 358 -11.72 -15.74 35.17
N VAL D 359 -13.00 -15.66 35.53
CA VAL D 359 -13.86 -14.53 35.21
C VAL D 359 -14.17 -13.79 36.50
N ALA D 360 -14.37 -12.47 36.40
CA ALA D 360 -14.72 -11.64 37.54
C ALA D 360 -15.84 -10.68 37.14
N ASP D 361 -16.47 -10.06 38.14
CA ASP D 361 -17.58 -9.15 37.93
C ASP D 361 -17.28 -7.82 38.60
N TYR D 362 -17.30 -6.74 37.81
CA TYR D 362 -17.02 -5.41 38.34
C TYR D 362 -18.27 -4.66 38.77
N SER D 363 -19.46 -5.20 38.51
CA SER D 363 -20.70 -4.51 38.85
C SER D 363 -21.01 -4.55 40.34
N VAL D 364 -20.29 -5.36 41.12
CA VAL D 364 -20.58 -5.47 42.54
C VAL D 364 -20.00 -4.28 43.30
N LEU D 365 -18.81 -3.83 42.93
CA LEU D 365 -18.12 -2.78 43.68
C LEU D 365 -18.67 -1.38 43.42
N TYR D 366 -18.96 -1.05 42.17
CA TYR D 366 -19.39 0.29 41.78
C TYR D 366 -20.89 0.50 41.89
N ASN D 367 -21.69 -0.26 41.11
CA ASN D 367 -23.13 -0.09 41.09
C ASN D 367 -23.76 -0.14 42.47
N SER D 368 -23.29 -1.03 43.35
CA SER D 368 -23.87 -1.13 44.69
C SER D 368 -23.67 0.14 45.50
N ALA D 369 -22.59 0.89 45.23
CA ALA D 369 -22.29 2.15 45.91
C ALA D 369 -22.24 1.96 47.43
N SER D 370 -21.62 0.85 47.85
CA SER D 370 -21.46 0.53 49.26
C SER D 370 -20.16 1.04 49.86
N PHE D 371 -19.37 1.78 49.10
CA PHE D 371 -18.06 2.24 49.54
C PHE D 371 -18.04 3.76 49.65
N SER D 372 -17.14 4.26 50.50
CA SER D 372 -17.07 5.69 50.78
C SER D 372 -16.45 6.45 49.61
N THR D 373 -15.14 6.25 49.38
CA THR D 373 -14.41 6.95 48.34
C THR D 373 -13.85 5.94 47.34
N PHE D 374 -14.30 6.05 46.09
CA PHE D 374 -13.80 5.20 45.02
C PHE D 374 -13.64 6.03 43.76
N LYS D 375 -12.48 5.90 43.12
CA LYS D 375 -12.19 6.67 41.91
C LYS D 375 -11.26 5.87 41.02
N CYS D 376 -11.45 5.97 39.71
CA CYS D 376 -10.58 5.35 38.73
C CYS D 376 -9.76 6.41 38.00
N TYR D 377 -8.52 6.05 37.66
CA TYR D 377 -7.61 6.94 36.96
C TYR D 377 -7.28 6.35 35.60
N GLY D 378 -7.74 7.01 34.53
CA GLY D 378 -7.46 6.62 33.18
C GLY D 378 -8.49 5.67 32.57
N VAL D 379 -9.26 4.99 33.40
CA VAL D 379 -10.26 4.03 32.94
C VAL D 379 -11.63 4.43 33.47
N SER D 380 -12.67 3.94 32.79
CA SER D 380 -14.08 4.14 33.12
C SER D 380 -14.63 2.94 33.85
N PRO D 381 -15.30 3.15 34.99
CA PRO D 381 -15.86 2.01 35.74
C PRO D 381 -16.95 1.25 35.00
N THR D 382 -17.75 1.93 34.18
CA THR D 382 -18.78 1.26 33.41
C THR D 382 -18.25 0.59 32.15
N LYS D 383 -17.06 0.94 31.70
CA LYS D 383 -16.46 0.37 30.50
C LYS D 383 -15.63 -0.88 30.81
N LEU D 384 -15.54 -1.27 32.07
CA LEU D 384 -14.83 -2.50 32.43
C LEU D 384 -15.57 -3.75 32.01
N ASN D 385 -16.83 -3.64 31.62
CA ASN D 385 -17.59 -4.82 31.21
C ASN D 385 -17.10 -5.35 29.86
N ASP D 386 -17.03 -4.49 28.84
CA ASP D 386 -16.59 -4.91 27.52
C ASP D 386 -15.09 -4.76 27.29
N LEU D 387 -14.33 -4.33 28.29
CA LEU D 387 -12.88 -4.16 28.17
C LEU D 387 -12.21 -4.99 29.25
N CYS D 388 -11.35 -5.92 28.83
CA CYS D 388 -10.60 -6.78 29.73
C CYS D 388 -9.12 -6.59 29.49
N PHE D 389 -8.31 -6.99 30.46
CA PHE D 389 -6.86 -6.87 30.38
C PHE D 389 -6.23 -8.25 30.46
N THR D 390 -4.91 -8.30 30.28
CA THR D 390 -4.19 -9.57 30.33
C THR D 390 -3.89 -10.01 31.76
N ASN D 391 -3.58 -9.07 32.65
CA ASN D 391 -3.37 -9.35 34.05
C ASN D 391 -3.67 -8.11 34.88
N VAL D 392 -4.14 -8.32 36.10
CA VAL D 392 -4.41 -7.24 37.05
C VAL D 392 -3.92 -7.69 38.41
N TYR D 393 -3.64 -6.72 39.28
CA TYR D 393 -3.09 -6.98 40.62
C TYR D 393 -3.99 -6.34 41.66
N ALA D 394 -3.84 -6.76 42.91
CA ALA D 394 -4.63 -6.23 44.02
C ALA D 394 -3.69 -5.90 45.17
N ASP D 395 -3.64 -4.62 45.54
CA ASP D 395 -2.83 -4.15 46.66
C ASP D 395 -3.73 -3.74 47.82
N SER D 396 -3.27 -4.01 49.04
CA SER D 396 -4.06 -3.77 50.23
C SER D 396 -3.23 -3.09 51.30
N PHE D 397 -3.69 -1.94 51.77
CA PHE D 397 -3.06 -1.23 52.87
C PHE D 397 -4.09 -0.33 53.52
N VAL D 398 -3.81 0.06 54.77
CA VAL D 398 -4.70 0.89 55.56
C VAL D 398 -3.96 2.18 55.91
N ILE D 399 -4.61 3.32 55.67
CA ILE D 399 -4.01 4.63 55.91
C ILE D 399 -5.01 5.52 56.65
N ARG D 400 -4.62 6.76 56.90
CA ARG D 400 -5.43 7.67 57.70
C ARG D 400 -6.53 8.31 56.85
N GLY D 401 -7.34 9.15 57.51
CA GLY D 401 -8.47 9.76 56.83
C GLY D 401 -8.11 10.76 55.76
N ASP D 402 -7.34 11.79 56.11
CA ASP D 402 -6.87 12.75 55.12
C ASP D 402 -5.73 12.21 54.27
N GLU D 403 -5.22 11.03 54.59
CA GLU D 403 -4.08 10.43 53.91
C GLU D 403 -4.49 9.78 52.59
N VAL D 404 -5.79 9.60 52.35
CA VAL D 404 -6.24 8.99 51.09
C VAL D 404 -5.97 9.90 49.89
N ARG D 405 -5.89 11.21 50.08
CA ARG D 405 -5.53 12.11 48.99
C ARG D 405 -4.07 11.95 48.58
N GLN D 406 -3.24 11.37 49.45
CA GLN D 406 -1.84 11.17 49.12
C GLN D 406 -1.61 10.01 48.17
N ILE D 407 -2.62 9.19 47.91
CA ILE D 407 -2.49 8.11 46.93
C ILE D 407 -3.21 8.59 45.68
N ALA D 408 -2.41 9.05 44.71
CA ALA D 408 -2.86 9.40 43.37
C ALA D 408 -1.70 9.20 42.43
N PRO D 409 -1.95 8.99 41.13
CA PRO D 409 -0.84 8.96 40.17
C PRO D 409 -0.07 10.28 40.18
N GLY D 410 1.24 10.19 40.35
CA GLY D 410 2.10 11.36 40.32
C GLY D 410 1.88 12.37 41.42
N GLN D 411 1.97 11.94 42.68
CA GLN D 411 1.81 12.83 43.81
C GLN D 411 2.90 12.59 44.84
N THR D 412 3.09 13.57 45.72
CA THR D 412 4.06 13.50 46.81
C THR D 412 3.34 13.65 48.13
N GLY D 413 3.98 13.14 49.19
CA GLY D 413 3.37 13.22 50.52
C GLY D 413 4.17 12.43 51.53
N ASN D 414 3.50 12.09 52.63
CA ASN D 414 4.15 11.33 53.71
C ASN D 414 4.54 9.93 53.24
N ILE D 415 3.59 9.16 52.73
CA ILE D 415 3.87 7.80 52.27
C ILE D 415 4.16 7.72 50.79
N ALA D 416 4.07 8.83 50.05
CA ALA D 416 4.25 8.78 48.60
C ALA D 416 5.71 8.53 48.22
N ASP D 417 6.63 9.32 48.76
CA ASP D 417 8.05 9.17 48.46
C ASP D 417 8.74 8.15 49.35
N TYR D 418 8.01 7.50 50.25
CA TYR D 418 8.60 6.60 51.24
C TYR D 418 7.96 5.22 51.25
N ASN D 419 6.67 5.13 51.56
CA ASN D 419 5.98 3.85 51.70
C ASN D 419 5.38 3.32 50.40
N TYR D 420 4.43 4.03 49.80
CA TYR D 420 3.77 3.54 48.59
C TYR D 420 3.60 4.68 47.61
N LYS D 421 3.88 4.41 46.33
CA LYS D 421 3.84 5.42 45.28
C LYS D 421 3.18 4.85 44.03
N LEU D 422 2.38 5.74 43.31
CA LEU D 422 1.75 5.52 42.01
C LEU D 422 2.44 6.33 40.92
N PRO D 423 2.87 5.69 39.84
CA PRO D 423 3.50 6.42 38.74
C PRO D 423 2.45 7.19 37.93
N ASP D 424 2.94 7.88 36.90
CA ASP D 424 2.06 8.68 36.04
C ASP D 424 1.26 7.82 35.08
N ASP D 425 1.72 6.61 34.78
CA ASP D 425 1.07 5.74 33.80
C ASP D 425 0.09 4.77 34.43
N PHE D 426 -0.14 4.87 35.74
CA PHE D 426 -1.03 3.95 36.42
C PHE D 426 -2.46 4.10 35.89
N THR D 427 -3.01 3.01 35.35
CA THR D 427 -4.34 3.00 34.75
C THR D 427 -5.41 2.44 35.68
N GLY D 428 -5.04 2.00 36.88
CA GLY D 428 -5.95 1.27 37.74
C GLY D 428 -6.95 2.15 38.46
N CYS D 429 -7.64 1.56 39.42
CA CYS D 429 -8.66 2.23 40.21
C CYS D 429 -8.28 2.18 41.69
N VAL D 430 -8.88 3.08 42.46
CA VAL D 430 -8.65 3.17 43.90
C VAL D 430 -10.01 3.13 44.59
N ILE D 431 -10.22 2.12 45.44
CA ILE D 431 -11.46 1.95 46.18
C ILE D 431 -11.14 1.95 47.67
N ALA D 432 -11.82 2.81 48.43
CA ALA D 432 -11.57 2.93 49.86
C ALA D 432 -12.89 3.02 50.61
N TRP D 433 -12.89 2.53 51.84
CA TRP D 433 -14.06 2.59 52.70
C TRP D 433 -13.61 2.71 54.15
N ASN D 434 -14.55 3.10 55.01
CA ASN D 434 -14.27 3.34 56.42
C ASN D 434 -14.85 2.21 57.27
N SER D 435 -13.98 1.52 58.01
CA SER D 435 -14.44 0.56 59.02
C SER D 435 -14.05 1.07 60.41
N ASN D 436 -15.06 1.55 61.13
CA ASN D 436 -14.86 2.04 62.49
C ASN D 436 -14.87 0.91 63.51
N ASN D 437 -15.81 -0.04 63.36
CA ASN D 437 -16.07 -1.03 64.40
C ASN D 437 -15.03 -2.15 64.41
N LEU D 438 -14.57 -2.58 63.25
CA LEU D 438 -13.70 -3.76 63.20
C LEU D 438 -12.30 -3.42 63.70
N ASP D 439 -11.59 -2.54 62.98
CA ASP D 439 -10.28 -2.06 63.44
C ASP D 439 -10.47 -0.76 64.21
N SER D 440 -10.27 -0.86 65.52
CA SER D 440 -10.38 0.27 66.43
C SER D 440 -9.17 0.39 67.34
N LYS D 441 -8.98 -0.59 68.23
CA LYS D 441 -7.86 -0.62 69.17
C LYS D 441 -7.85 0.63 70.06
N VAL D 442 -8.85 0.66 70.95
CA VAL D 442 -8.98 1.75 71.91
C VAL D 442 -7.71 1.83 72.75
N GLY D 443 -7.11 3.01 72.80
CA GLY D 443 -5.82 3.21 73.46
C GLY D 443 -4.64 3.17 72.53
N GLY D 444 -4.86 3.19 71.21
CA GLY D 444 -3.78 3.16 70.25
C GLY D 444 -3.53 1.79 69.68
N ASN D 445 -3.10 1.73 68.41
CA ASN D 445 -2.78 0.46 67.77
C ASN D 445 -1.28 0.41 67.44
N TYR D 446 -0.56 -0.45 68.15
CA TYR D 446 0.89 -0.60 67.99
C TYR D 446 1.23 -1.68 66.98
N ASN D 447 0.22 -2.25 66.34
CA ASN D 447 0.40 -3.31 65.36
C ASN D 447 0.95 -2.80 64.03
N TYR D 448 0.19 -1.99 63.31
CA TYR D 448 0.65 -1.47 62.02
C TYR D 448 1.69 -0.37 62.24
N LEU D 449 2.60 -0.24 61.28
CA LEU D 449 3.69 0.72 61.36
C LEU D 449 3.78 1.47 60.03
N TYR D 450 4.55 2.56 60.02
CA TYR D 450 4.67 3.38 58.83
C TYR D 450 6.04 4.05 58.81
N ARG D 451 6.50 4.38 57.60
CA ARG D 451 7.82 4.92 57.37
C ARG D 451 7.74 6.43 57.15
N LEU D 452 8.25 7.20 58.12
CA LEU D 452 8.37 8.64 57.96
C LEU D 452 9.60 9.07 57.17
N PHE D 453 10.69 8.29 57.20
CA PHE D 453 11.96 8.71 56.64
C PHE D 453 12.58 7.59 55.82
N ARG D 454 13.25 7.96 54.75
CA ARG D 454 14.01 7.02 53.93
C ARG D 454 15.16 7.77 53.28
N LYS D 455 16.27 7.07 53.06
CA LYS D 455 17.47 7.72 52.56
C LYS D 455 17.29 8.30 51.15
N SER D 456 16.25 7.88 50.42
CA SER D 456 16.00 8.39 49.09
C SER D 456 14.52 8.23 48.78
N ASN D 457 14.07 8.95 47.76
CA ASN D 457 12.69 8.84 47.30
C ASN D 457 12.43 7.43 46.77
N LEU D 458 11.20 6.95 46.97
CA LEU D 458 10.86 5.58 46.62
C LEU D 458 10.44 5.47 45.17
N LYS D 459 10.85 4.38 44.53
CA LYS D 459 10.39 4.09 43.17
C LYS D 459 8.99 3.49 43.21
N PRO D 460 8.20 3.67 42.16
CA PRO D 460 6.84 3.14 42.16
C PRO D 460 6.82 1.62 42.19
N PHE D 461 5.84 1.07 42.92
CA PHE D 461 5.69 -0.38 43.08
C PHE D 461 6.95 -1.02 43.65
N GLU D 462 7.43 -0.49 44.77
CA GLU D 462 8.59 -1.03 45.47
C GLU D 462 8.26 -1.23 46.94
N ARG D 463 8.66 -2.38 47.48
CA ARG D 463 8.40 -2.73 48.86
C ARG D 463 9.71 -2.97 49.59
N ASP D 464 9.92 -2.22 50.68
CA ASP D 464 11.12 -2.32 51.50
C ASP D 464 10.73 -2.88 52.86
N ILE D 465 11.09 -4.14 53.12
CA ILE D 465 10.86 -4.75 54.41
C ILE D 465 12.00 -4.48 55.39
N SER D 466 13.18 -4.09 54.91
CA SER D 466 14.33 -3.91 55.78
C SER D 466 14.25 -2.58 56.51
N THR D 467 14.45 -2.63 57.83
CA THR D 467 14.42 -1.45 58.69
C THR D 467 15.82 -1.25 59.26
N GLU D 468 16.50 -0.20 58.80
CA GLU D 468 17.81 0.18 59.29
C GLU D 468 17.68 1.43 60.16
N ILE D 469 18.82 1.93 60.65
CA ILE D 469 18.87 3.13 61.46
C ILE D 469 19.11 4.33 60.54
N TYR D 470 18.15 5.24 60.49
CA TYR D 470 18.27 6.40 59.62
C TYR D 470 19.24 7.42 60.21
N GLN D 471 19.96 8.10 59.32
CA GLN D 471 20.93 9.13 59.71
C GLN D 471 20.75 10.34 58.80
N ALA D 472 20.45 11.49 59.39
CA ALA D 472 20.41 12.76 58.68
C ALA D 472 21.77 13.46 58.67
N GLY D 473 22.78 12.84 59.28
CA GLY D 473 24.11 13.39 59.32
C GLY D 473 25.10 12.29 59.59
N SER D 474 26.35 12.67 59.86
CA SER D 474 27.36 11.67 60.22
C SER D 474 27.37 11.53 61.73
N THR D 475 26.78 10.44 62.20
CA THR D 475 26.75 10.05 63.61
C THR D 475 26.77 8.52 63.68
N PRO D 476 27.92 7.87 63.52
CA PRO D 476 27.92 6.40 63.47
C PRO D 476 27.39 5.81 64.77
N CYS D 477 26.39 4.94 64.64
CA CYS D 477 25.70 4.36 65.78
C CYS D 477 25.32 2.92 65.45
N ASN D 478 25.60 2.01 66.37
CA ASN D 478 25.23 0.60 66.24
C ASN D 478 24.22 0.30 67.35
N GLY D 479 22.97 0.09 66.95
CA GLY D 479 21.90 -0.17 67.90
C GLY D 479 21.73 0.91 68.96
N VAL D 480 21.90 2.18 68.57
CA VAL D 480 21.84 3.30 69.49
C VAL D 480 20.56 4.09 69.22
N LYS D 481 19.83 4.41 70.27
CA LYS D 481 18.59 5.19 70.19
C LYS D 481 18.83 6.68 70.43
N GLY D 482 20.10 7.09 70.52
CA GLY D 482 20.45 8.46 70.86
C GLY D 482 20.21 9.44 69.73
N PHE D 483 20.89 10.57 69.81
CA PHE D 483 20.66 11.67 68.88
C PHE D 483 20.89 11.22 67.43
N ASN D 484 19.91 11.53 66.57
CA ASN D 484 19.97 11.26 65.14
C ASN D 484 20.10 9.76 64.84
N CYS D 485 19.71 8.91 65.79
CA CYS D 485 19.65 7.47 65.57
C CYS D 485 18.39 6.95 66.28
N TYR D 486 17.54 6.24 65.55
CA TYR D 486 16.29 5.74 66.10
C TYR D 486 15.69 4.70 65.17
N PHE D 487 14.54 4.16 65.59
CA PHE D 487 13.79 3.15 64.85
C PHE D 487 12.72 3.83 63.99
N PRO D 488 12.91 3.87 62.67
CA PRO D 488 12.05 4.70 61.82
C PRO D 488 10.71 4.07 61.49
N LEU D 489 10.00 3.56 62.49
CA LEU D 489 8.62 3.13 62.31
C LEU D 489 7.83 3.57 63.53
N GLN D 490 6.78 4.36 63.32
CA GLN D 490 5.89 4.76 64.40
C GLN D 490 4.55 4.04 64.25
N SER D 491 3.65 4.32 65.17
CA SER D 491 2.35 3.66 65.25
C SER D 491 1.24 4.60 64.81
N TYR D 492 0.20 4.03 64.22
CA TYR D 492 -0.98 4.79 63.81
C TYR D 492 -1.80 5.13 65.06
N GLY D 493 -1.99 6.42 65.32
CA GLY D 493 -2.91 6.83 66.36
C GLY D 493 -4.35 6.58 65.97
N PHE D 494 -5.07 5.79 66.77
CA PHE D 494 -6.47 5.48 66.53
C PHE D 494 -7.28 5.86 67.75
N GLN D 495 -8.16 6.85 67.60
CA GLN D 495 -9.08 7.27 68.64
C GLN D 495 -10.48 6.83 68.29
N PRO D 496 -11.17 6.11 69.18
CA PRO D 496 -12.53 5.65 68.85
C PRO D 496 -13.51 6.78 68.59
N THR D 497 -13.50 7.85 69.39
CA THR D 497 -14.36 9.02 69.17
C THR D 497 -13.46 10.19 68.81
N TYR D 498 -13.49 10.58 67.55
CA TYR D 498 -12.65 11.66 67.05
C TYR D 498 -13.27 12.17 65.75
N GLY D 499 -12.84 13.35 65.31
CA GLY D 499 -13.32 13.90 64.05
C GLY D 499 -12.86 13.08 62.86
N VAL D 500 -13.21 13.52 61.65
CA VAL D 500 -12.82 12.82 60.42
C VAL D 500 -11.31 12.56 60.47
N GLY D 501 -10.51 13.62 60.33
CA GLY D 501 -9.11 13.58 60.69
C GLY D 501 -8.29 12.42 60.15
N TYR D 502 -7.60 11.73 61.06
CA TYR D 502 -6.71 10.63 60.75
C TYR D 502 -7.38 9.27 60.83
N GLN D 503 -8.71 9.24 61.04
CA GLN D 503 -9.42 7.97 61.18
C GLN D 503 -9.10 7.03 60.01
N PRO D 504 -8.84 5.76 60.30
CA PRO D 504 -8.29 4.87 59.26
C PRO D 504 -9.31 4.55 58.18
N TYR D 505 -8.85 4.52 56.93
CA TYR D 505 -9.62 4.02 55.80
C TYR D 505 -8.87 2.84 55.19
N ARG D 506 -9.59 1.99 54.48
CA ARG D 506 -8.99 0.81 53.87
C ARG D 506 -8.95 1.00 52.36
N VAL D 507 -7.76 1.21 51.81
CA VAL D 507 -7.57 1.56 50.41
C VAL D 507 -7.21 0.30 49.64
N VAL D 508 -7.82 0.12 48.48
CA VAL D 508 -7.58 -1.03 47.62
C VAL D 508 -7.10 -0.51 46.26
N VAL D 509 -5.92 -0.96 45.85
CA VAL D 509 -5.35 -0.58 44.56
C VAL D 509 -5.46 -1.78 43.63
N LEU D 510 -6.32 -1.66 42.62
CA LEU D 510 -6.45 -2.66 41.57
C LEU D 510 -5.75 -2.11 40.33
N SER D 511 -4.61 -2.70 39.98
CA SER D 511 -3.81 -2.20 38.88
C SER D 511 -4.18 -2.91 37.59
N PHE D 512 -4.77 -2.16 36.65
CA PHE D 512 -5.18 -2.69 35.36
C PHE D 512 -4.02 -2.46 34.39
N GLU D 513 -3.47 -3.56 33.87
CA GLU D 513 -2.33 -3.51 32.96
C GLU D 513 -2.66 -4.30 31.70
N LEU D 514 -2.41 -3.68 30.54
CA LEU D 514 -2.67 -4.30 29.25
C LEU D 514 -1.34 -4.54 28.55
N LEU D 515 -1.05 -5.80 28.24
CA LEU D 515 0.15 -6.20 27.54
C LEU D 515 -0.21 -6.88 26.23
N HIS D 516 0.80 -7.33 25.49
CA HIS D 516 0.58 -8.00 24.21
C HIS D 516 0.16 -9.45 24.38
N ALA D 517 0.18 -9.99 25.60
CA ALA D 517 -0.24 -11.36 25.83
C ALA D 517 -1.76 -11.46 25.75
N PRO D 518 -2.27 -12.65 25.38
CA PRO D 518 -3.73 -12.82 25.33
C PRO D 518 -4.36 -12.62 26.70
N ALA D 519 -5.59 -12.12 26.70
CA ALA D 519 -6.30 -11.82 27.94
C ALA D 519 -7.20 -12.99 28.33
N THR D 520 -6.81 -13.70 29.39
CA THR D 520 -7.59 -14.81 29.94
C THR D 520 -8.40 -14.38 31.17
N VAL D 521 -8.37 -13.10 31.52
CA VAL D 521 -8.78 -12.63 32.84
C VAL D 521 -10.15 -11.98 32.75
N CYS D 522 -10.92 -12.11 33.85
CA CYS D 522 -12.18 -11.44 34.13
C CYS D 522 -13.25 -11.58 33.06
N GLY D 523 -13.97 -10.50 32.79
CA GLY D 523 -15.30 -10.57 32.21
C GLY D 523 -16.02 -9.26 32.46
N PRO D 524 -17.36 -9.29 32.58
CA PRO D 524 -18.23 -10.47 32.52
C PRO D 524 -18.85 -10.74 31.15
N LYS D 525 -19.64 -11.81 31.06
CA LYS D 525 -20.43 -12.10 29.88
C LYS D 525 -21.79 -12.62 30.34
N LYS D 526 -22.90 -11.95 29.94
CA LYS D 526 -24.23 -12.16 30.55
C LYS D 526 -25.18 -12.77 29.52
N SER D 527 -25.49 -14.05 29.68
CA SER D 527 -26.10 -14.77 28.57
C SER D 527 -26.96 -15.99 28.91
N THR D 528 -28.05 -16.22 28.16
CA THR D 528 -28.79 -15.18 27.45
C THR D 528 -30.28 -15.38 27.66
N ASN D 529 -30.79 -16.39 26.97
CA ASN D 529 -32.19 -16.82 27.02
C ASN D 529 -32.22 -18.23 26.42
N LEU D 530 -33.30 -18.98 26.66
CA LEU D 530 -33.46 -20.31 26.09
C LEU D 530 -34.76 -20.36 25.30
N VAL D 531 -34.66 -20.64 24.00
CA VAL D 531 -35.80 -20.77 23.12
C VAL D 531 -35.47 -21.80 22.04
N LYS D 532 -36.47 -22.57 21.63
CA LYS D 532 -36.30 -23.64 20.66
C LYS D 532 -37.40 -23.59 19.61
N ASN D 533 -37.30 -24.52 18.65
CA ASN D 533 -38.29 -24.69 17.59
C ASN D 533 -38.53 -23.42 16.79
N LYS D 534 -37.49 -22.59 16.67
CA LYS D 534 -37.57 -21.36 15.88
C LYS D 534 -36.25 -21.17 15.14
N CYS D 535 -36.32 -20.51 13.98
CA CYS D 535 -35.12 -20.26 13.20
C CYS D 535 -34.47 -18.98 13.70
N VAL D 536 -33.26 -19.08 14.24
CA VAL D 536 -32.59 -17.97 14.91
C VAL D 536 -31.13 -17.95 14.48
N ASN D 537 -30.46 -16.85 14.82
CA ASN D 537 -29.04 -16.68 14.57
C ASN D 537 -28.30 -17.16 15.81
N PHE D 538 -27.58 -18.27 15.69
CA PHE D 538 -26.91 -18.87 16.83
C PHE D 538 -25.40 -18.62 16.76
N ASN D 539 -24.85 -18.25 17.91
CA ASN D 539 -23.40 -18.17 18.07
C ASN D 539 -23.06 -18.97 19.33
N PHE D 540 -22.41 -20.12 19.16
CA PHE D 540 -21.87 -20.88 20.29
C PHE D 540 -20.37 -21.05 20.08
N ASN D 541 -19.59 -20.21 20.79
CA ASN D 541 -18.17 -20.35 21.05
C ASN D 541 -17.27 -20.44 19.83
N GLY D 542 -17.75 -21.00 18.72
CA GLY D 542 -16.94 -21.04 17.51
C GLY D 542 -17.44 -20.36 16.25
N LEU D 543 -18.75 -20.15 16.14
CA LEU D 543 -19.34 -19.89 14.83
C LEU D 543 -20.66 -19.14 14.97
N THR D 544 -20.96 -18.31 13.97
CA THR D 544 -22.26 -17.70 13.80
C THR D 544 -22.95 -18.29 12.57
N GLY D 545 -24.23 -18.62 12.74
CA GLY D 545 -24.97 -19.23 11.65
C GLY D 545 -26.47 -19.13 11.88
N THR D 546 -27.21 -19.70 10.93
CA THR D 546 -28.67 -19.70 10.96
C THR D 546 -29.17 -21.13 11.00
N GLY D 547 -30.10 -21.40 11.90
CA GLY D 547 -30.66 -22.74 12.03
C GLY D 547 -31.67 -22.79 13.14
N VAL D 548 -32.24 -23.99 13.34
CA VAL D 548 -33.24 -24.26 14.36
C VAL D 548 -32.65 -25.21 15.37
N LEU D 549 -32.74 -24.86 16.65
CA LEU D 549 -32.24 -25.70 17.73
C LEU D 549 -33.35 -26.67 18.16
N THR D 550 -33.01 -27.95 18.23
CA THR D 550 -33.97 -28.99 18.57
C THR D 550 -33.31 -30.03 19.47
N GLU D 551 -34.01 -30.41 20.53
CA GLU D 551 -33.50 -31.42 21.45
C GLU D 551 -33.49 -32.79 20.77
N SER D 552 -32.41 -33.54 20.98
CA SER D 552 -32.29 -34.86 20.39
C SER D 552 -31.76 -35.88 21.39
N ASN D 553 -31.64 -37.14 20.97
CA ASN D 553 -31.16 -38.23 21.81
C ASN D 553 -29.67 -38.50 21.61
N LYS D 554 -29.01 -37.68 20.80
CA LYS D 554 -27.59 -37.86 20.52
C LYS D 554 -26.77 -37.75 21.79
N LYS D 555 -25.64 -38.46 21.82
CA LYS D 555 -24.74 -38.49 22.96
C LYS D 555 -23.35 -38.07 22.51
N PHE D 556 -22.77 -37.11 23.23
CA PHE D 556 -21.42 -36.64 22.97
C PHE D 556 -20.51 -36.97 24.14
N LEU D 557 -19.21 -37.09 23.84
CA LEU D 557 -18.24 -37.34 24.90
C LEU D 557 -18.12 -36.12 25.82
N PRO D 558 -17.84 -36.34 27.10
CA PRO D 558 -17.71 -35.20 28.02
C PRO D 558 -16.65 -34.19 27.61
N PHE D 559 -15.63 -34.61 26.86
CA PHE D 559 -14.58 -33.72 26.40
C PHE D 559 -14.86 -33.13 25.03
N GLN D 560 -16.01 -33.42 24.44
CA GLN D 560 -16.37 -32.94 23.11
C GLN D 560 -17.37 -31.80 23.21
N GLN D 561 -17.22 -30.83 22.32
CA GLN D 561 -18.08 -29.65 22.25
C GLN D 561 -19.00 -29.64 21.05
N PHE D 562 -18.45 -29.65 19.85
CA PHE D 562 -19.19 -29.46 18.61
C PHE D 562 -19.12 -30.73 17.77
N GLY D 563 -20.02 -30.82 16.81
CA GLY D 563 -20.03 -31.95 15.89
C GLY D 563 -20.53 -31.54 14.52
N ARG D 564 -20.14 -32.32 13.52
CA ARG D 564 -20.41 -31.98 12.13
C ARG D 564 -20.80 -33.25 11.36
N ASP D 565 -21.36 -33.03 10.18
CA ASP D 565 -21.74 -34.12 9.28
C ASP D 565 -20.60 -34.40 8.30
N ILE D 566 -20.86 -35.23 7.30
CA ILE D 566 -19.84 -35.55 6.30
C ILE D 566 -19.62 -34.35 5.37
N ALA D 567 -20.54 -33.39 5.37
CA ALA D 567 -20.47 -32.23 4.49
C ALA D 567 -19.68 -31.08 5.10
N ASP D 568 -19.06 -31.30 6.26
CA ASP D 568 -18.27 -30.28 6.95
C ASP D 568 -19.14 -29.09 7.35
N THR D 569 -20.33 -29.39 7.88
CA THR D 569 -21.23 -28.39 8.43
C THR D 569 -21.71 -28.87 9.79
N THR D 570 -21.83 -27.94 10.74
CA THR D 570 -22.19 -28.31 12.11
C THR D 570 -23.69 -28.55 12.20
N ASP D 571 -24.07 -29.80 12.50
CA ASP D 571 -25.47 -30.15 12.70
C ASP D 571 -25.88 -30.26 14.16
N ALA D 572 -24.93 -30.15 15.11
CA ALA D 572 -25.28 -30.30 16.52
C ALA D 572 -24.26 -29.54 17.36
N VAL D 573 -24.72 -28.99 18.48
CA VAL D 573 -23.87 -28.31 19.45
C VAL D 573 -24.35 -28.64 20.86
N ARG D 574 -23.42 -28.94 21.75
CA ARG D 574 -23.74 -29.10 23.16
C ARG D 574 -24.17 -27.76 23.76
N ASP D 575 -25.23 -27.78 24.55
CA ASP D 575 -25.67 -26.57 25.21
C ASP D 575 -24.60 -26.08 26.18
N PRO D 576 -24.12 -24.84 26.02
CA PRO D 576 -22.93 -24.43 26.78
C PRO D 576 -23.10 -24.41 28.28
N GLN D 577 -24.18 -23.83 28.81
CA GLN D 577 -24.30 -23.65 30.25
C GLN D 577 -24.56 -24.95 30.99
N THR D 578 -25.63 -25.64 30.64
CA THR D 578 -26.01 -26.89 31.29
C THR D 578 -25.45 -28.07 30.50
N LEU D 579 -25.90 -29.26 30.88
CA LEU D 579 -25.59 -30.46 30.10
C LEU D 579 -26.79 -30.84 29.23
N GLU D 580 -26.64 -30.59 27.94
CA GLU D 580 -27.69 -30.80 26.95
C GLU D 580 -27.05 -30.89 25.57
N ILE D 581 -27.75 -31.51 24.64
CA ILE D 581 -27.28 -31.66 23.26
C ILE D 581 -28.42 -31.28 22.33
N LEU D 582 -28.17 -30.28 21.48
CA LEU D 582 -29.15 -29.79 20.54
C LEU D 582 -28.66 -30.01 19.11
N ASP D 583 -29.61 -30.09 18.17
CA ASP D 583 -29.27 -30.24 16.77
C ASP D 583 -29.55 -28.94 16.02
N ILE D 584 -28.72 -28.67 15.02
CA ILE D 584 -28.83 -27.47 14.20
C ILE D 584 -29.48 -27.87 12.88
N THR D 585 -30.71 -27.42 12.66
CA THR D 585 -31.41 -27.64 11.40
C THR D 585 -31.67 -26.29 10.75
N PRO D 586 -31.02 -25.96 9.64
CA PRO D 586 -31.35 -24.73 8.92
C PRO D 586 -32.82 -24.74 8.50
N CYS D 587 -33.50 -23.63 8.78
CA CYS D 587 -34.94 -23.59 8.53
C CYS D 587 -35.24 -23.62 7.04
N SER D 588 -36.48 -24.02 6.73
CA SER D 588 -36.84 -24.42 5.38
C SER D 588 -36.75 -23.26 4.40
N PHE D 589 -36.57 -23.61 3.12
CA PHE D 589 -36.54 -22.65 2.02
C PHE D 589 -36.79 -23.43 0.73
N GLY D 590 -36.79 -22.73 -0.38
CA GLY D 590 -36.96 -23.35 -1.68
C GLY D 590 -37.58 -22.38 -2.67
N GLY D 591 -37.99 -22.93 -3.81
CA GLY D 591 -38.59 -22.16 -4.88
C GLY D 591 -40.10 -22.10 -4.78
N VAL D 592 -40.68 -21.09 -5.42
CA VAL D 592 -42.12 -20.88 -5.44
C VAL D 592 -42.62 -21.27 -6.82
N SER D 593 -43.48 -22.28 -6.87
CA SER D 593 -44.08 -22.74 -8.13
C SER D 593 -45.48 -22.19 -8.27
N VAL D 594 -45.78 -21.65 -9.45
CA VAL D 594 -47.08 -21.04 -9.75
C VAL D 594 -47.80 -21.92 -10.76
N ILE D 595 -48.98 -22.40 -10.37
CA ILE D 595 -49.81 -23.23 -11.23
C ILE D 595 -51.01 -22.39 -11.66
N THR D 596 -51.05 -22.05 -12.95
CA THR D 596 -52.15 -21.27 -13.50
C THR D 596 -52.39 -21.73 -14.93
N PRO D 597 -53.65 -21.69 -15.39
CA PRO D 597 -53.91 -22.00 -16.81
C PRO D 597 -53.59 -20.81 -17.71
N GLY D 598 -53.94 -20.92 -18.99
CA GLY D 598 -53.69 -19.83 -19.90
C GLY D 598 -54.46 -18.58 -19.53
N THR D 599 -53.88 -17.42 -19.87
CA THR D 599 -54.52 -16.15 -19.57
C THR D 599 -55.79 -15.92 -20.36
N ASN D 600 -56.01 -16.70 -21.43
CA ASN D 600 -57.22 -16.60 -22.22
C ASN D 600 -58.37 -17.44 -21.66
N THR D 601 -58.15 -18.13 -20.55
CA THR D 601 -59.17 -18.98 -19.94
C THR D 601 -59.63 -18.45 -18.59
N SER D 602 -58.77 -18.46 -17.59
CA SER D 602 -59.13 -18.00 -16.25
C SER D 602 -57.89 -17.47 -15.56
N ASN D 603 -58.10 -16.60 -14.57
CA ASN D 603 -57.02 -15.99 -13.80
C ASN D 603 -56.75 -16.76 -12.50
N GLN D 604 -57.43 -17.87 -12.28
CA GLN D 604 -57.23 -18.66 -11.07
C GLN D 604 -55.80 -19.17 -11.00
N VAL D 605 -55.20 -19.08 -9.81
CA VAL D 605 -53.79 -19.41 -9.62
C VAL D 605 -53.64 -20.27 -8.37
N ALA D 606 -52.83 -21.31 -8.46
CA ALA D 606 -52.48 -22.16 -7.33
C ALA D 606 -50.99 -22.08 -7.09
N VAL D 607 -50.61 -21.71 -5.85
CA VAL D 607 -49.22 -21.51 -5.48
C VAL D 607 -48.72 -22.77 -4.78
N LEU D 608 -47.55 -23.24 -5.18
CA LEU D 608 -46.93 -24.43 -4.61
C LEU D 608 -45.59 -24.07 -3.99
N TYR D 609 -45.41 -24.42 -2.71
CA TYR D 609 -44.17 -24.24 -2.00
C TYR D 609 -43.48 -25.60 -1.89
N GLN D 610 -42.26 -25.70 -2.42
CA GLN D 610 -41.58 -26.97 -2.53
C GLN D 610 -40.86 -27.31 -1.23
N GLY D 611 -41.04 -28.54 -0.76
CA GLY D 611 -40.31 -29.06 0.38
C GLY D 611 -40.52 -28.33 1.68
N VAL D 612 -41.74 -27.85 1.94
CA VAL D 612 -42.04 -27.14 3.18
C VAL D 612 -43.53 -27.30 3.46
N ASN D 613 -43.88 -27.25 4.74
CA ASN D 613 -45.28 -27.22 5.14
C ASN D 613 -45.87 -25.82 4.91
N CYS D 614 -47.12 -25.64 5.33
CA CYS D 614 -47.78 -24.36 5.18
C CYS D 614 -47.40 -23.45 6.33
N THR D 615 -46.83 -22.28 6.02
CA THR D 615 -46.32 -21.35 7.01
C THR D 615 -46.97 -19.98 6.93
N GLU D 616 -46.74 -19.25 5.83
CA GLU D 616 -47.23 -17.88 5.74
C GLU D 616 -48.74 -17.85 5.49
N VAL D 617 -49.17 -18.29 4.31
CA VAL D 617 -50.55 -18.26 3.84
C VAL D 617 -51.36 -17.08 4.38
N ASN D 638 -58.40 -23.01 0.98
CA ASN D 638 -57.84 -24.10 0.19
C ASN D 638 -56.40 -24.39 0.59
N VAL D 639 -56.17 -24.51 1.89
CA VAL D 639 -54.85 -24.80 2.44
C VAL D 639 -54.71 -26.31 2.54
N PHE D 640 -53.72 -26.86 1.82
CA PHE D 640 -53.50 -28.29 1.79
C PHE D 640 -52.00 -28.58 1.74
N GLN D 641 -51.66 -29.83 2.05
CA GLN D 641 -50.28 -30.29 2.05
C GLN D 641 -50.18 -31.61 1.32
N THR D 642 -49.08 -31.79 0.59
CA THR D 642 -48.84 -33.02 -0.17
C THR D 642 -47.37 -33.39 -0.05
N ARG D 643 -46.95 -34.42 -0.78
CA ARG D 643 -45.56 -34.85 -0.75
C ARG D 643 -44.64 -33.79 -1.35
N ALA D 644 -45.14 -32.97 -2.26
CA ALA D 644 -44.32 -31.91 -2.84
C ALA D 644 -44.14 -30.74 -1.89
N GLY D 645 -45.18 -30.40 -1.13
CA GLY D 645 -45.13 -29.31 -0.18
C GLY D 645 -46.49 -28.68 -0.02
N CYS D 646 -46.51 -27.50 0.57
CA CYS D 646 -47.75 -26.76 0.77
C CYS D 646 -48.27 -26.25 -0.57
N LEU D 647 -49.52 -26.57 -0.88
CA LEU D 647 -50.18 -26.15 -2.11
C LEU D 647 -51.45 -25.39 -1.73
N ILE D 648 -51.50 -24.10 -2.04
CA ILE D 648 -52.64 -23.25 -1.75
C ILE D 648 -53.32 -22.86 -3.05
N GLY D 649 -54.63 -22.64 -2.97
CA GLY D 649 -55.42 -22.31 -4.13
C GLY D 649 -55.99 -23.48 -4.89
N ALA D 650 -55.71 -24.71 -4.44
CA ALA D 650 -56.19 -25.92 -5.10
C ALA D 650 -56.98 -26.76 -4.11
N GLU D 651 -57.79 -27.67 -4.65
CA GLU D 651 -58.65 -28.54 -3.86
C GLU D 651 -58.38 -30.00 -4.23
N HIS D 652 -58.23 -30.85 -3.22
CA HIS D 652 -57.99 -32.26 -3.46
C HIS D 652 -59.27 -32.96 -3.89
N VAL D 653 -59.15 -33.82 -4.90
CA VAL D 653 -60.27 -34.62 -5.40
C VAL D 653 -59.85 -36.08 -5.37
N ASN D 654 -60.69 -36.93 -4.79
CA ASN D 654 -60.37 -38.35 -4.68
C ASN D 654 -60.40 -39.07 -6.03
N ASN D 655 -61.06 -38.48 -7.02
CA ASN D 655 -61.13 -39.09 -8.34
C ASN D 655 -59.79 -38.94 -9.07
N SER D 656 -59.58 -39.81 -10.06
CA SER D 656 -58.33 -39.84 -10.82
C SER D 656 -58.62 -39.68 -12.30
N TYR D 657 -57.98 -38.70 -12.93
CA TYR D 657 -58.17 -38.39 -14.33
C TYR D 657 -56.82 -38.25 -15.01
N GLU D 658 -56.84 -38.23 -16.34
CA GLU D 658 -55.64 -37.89 -17.10
C GLU D 658 -55.34 -36.41 -16.90
N CYS D 659 -54.13 -36.10 -16.46
CA CYS D 659 -53.80 -34.75 -16.01
C CYS D 659 -52.75 -34.10 -16.90
N ASP D 660 -52.76 -32.77 -16.91
CA ASP D 660 -51.95 -31.96 -17.81
C ASP D 660 -50.82 -31.24 -17.08
N ILE D 661 -51.16 -30.30 -16.20
CA ILE D 661 -50.17 -29.47 -15.51
C ILE D 661 -49.45 -30.34 -14.48
N PRO D 662 -48.15 -30.58 -14.64
CA PRO D 662 -47.43 -31.43 -13.69
C PRO D 662 -47.16 -30.73 -12.36
N ILE D 663 -47.28 -31.52 -11.30
CA ILE D 663 -46.86 -31.13 -9.96
C ILE D 663 -45.60 -31.87 -9.55
N GLY D 664 -45.65 -33.19 -9.53
CA GLY D 664 -44.55 -34.02 -9.07
C GLY D 664 -44.91 -34.74 -7.78
N ALA D 665 -44.12 -35.78 -7.46
CA ALA D 665 -44.42 -36.69 -6.36
C ALA D 665 -45.76 -37.38 -6.57
N GLY D 666 -46.06 -37.69 -7.84
CA GLY D 666 -47.27 -38.39 -8.20
C GLY D 666 -48.55 -37.58 -8.14
N ILE D 667 -48.46 -36.25 -8.28
CA ILE D 667 -49.61 -35.36 -8.17
C ILE D 667 -49.66 -34.51 -9.44
N CYS D 668 -50.87 -34.13 -9.85
CA CYS D 668 -51.09 -33.17 -10.92
C CYS D 668 -51.99 -32.03 -10.43
N ALA D 669 -52.31 -31.15 -11.37
CA ALA D 669 -53.26 -30.07 -11.15
C ALA D 669 -53.95 -29.77 -12.47
N SER D 670 -55.24 -29.44 -12.40
CA SER D 670 -56.01 -29.17 -13.60
C SER D 670 -57.10 -28.15 -13.28
N TYR D 671 -57.58 -27.50 -14.33
CA TYR D 671 -58.64 -26.49 -14.23
C TYR D 671 -59.94 -27.14 -14.69
N GLN D 672 -60.84 -27.39 -13.76
CA GLN D 672 -62.12 -28.04 -14.03
C GLN D 672 -63.21 -27.35 -13.22
N THR D 673 -64.42 -27.90 -13.30
CA THR D 673 -65.56 -27.37 -12.57
C THR D 673 -65.47 -27.71 -11.09
N SER D 686 -67.95 -20.94 -12.29
CA SER D 686 -67.85 -21.86 -11.16
C SER D 686 -66.81 -22.95 -11.43
N GLN D 687 -65.60 -22.53 -11.78
CA GLN D 687 -64.50 -23.43 -12.07
C GLN D 687 -63.24 -22.97 -11.34
N SER D 688 -62.49 -23.94 -10.83
CA SER D 688 -61.28 -23.66 -10.06
C SER D 688 -60.23 -24.70 -10.40
N ILE D 689 -59.11 -24.64 -9.69
CA ILE D 689 -58.00 -25.56 -9.90
C ILE D 689 -58.08 -26.69 -8.87
N ILE D 690 -57.98 -27.92 -9.36
CA ILE D 690 -58.07 -29.10 -8.50
C ILE D 690 -56.77 -29.89 -8.60
N ALA D 691 -56.48 -30.64 -7.55
CA ALA D 691 -55.30 -31.49 -7.48
C ALA D 691 -55.72 -32.90 -7.11
N TYR D 692 -55.15 -33.88 -7.81
CA TYR D 692 -55.54 -35.28 -7.62
C TYR D 692 -54.40 -36.18 -8.05
N THR D 693 -54.45 -37.43 -7.60
CA THR D 693 -53.45 -38.42 -7.94
C THR D 693 -53.54 -38.77 -9.43
N MET D 694 -52.39 -38.96 -10.06
CA MET D 694 -52.33 -39.24 -11.49
C MET D 694 -53.06 -40.54 -11.81
N SER D 695 -53.77 -40.54 -12.93
CA SER D 695 -54.48 -41.72 -13.40
C SER D 695 -53.78 -42.31 -14.62
N LEU D 696 -53.85 -43.64 -14.73
CA LEU D 696 -53.17 -44.37 -15.79
C LEU D 696 -54.07 -44.63 -16.99
N GLY D 697 -55.31 -44.18 -16.95
CA GLY D 697 -56.26 -44.41 -18.03
C GLY D 697 -57.28 -45.48 -17.66
N VAL D 698 -58.12 -45.80 -18.65
CA VAL D 698 -59.19 -46.75 -18.46
C VAL D 698 -58.63 -48.15 -18.27
N GLU D 699 -59.29 -48.93 -17.41
CA GLU D 699 -58.89 -50.31 -17.13
C GLU D 699 -59.60 -51.25 -18.10
N ASN D 700 -58.83 -51.95 -18.92
CA ASN D 700 -59.37 -52.91 -19.89
C ASN D 700 -58.89 -54.31 -19.48
N SER D 701 -59.82 -55.15 -19.06
CA SER D 701 -59.50 -56.53 -18.70
C SER D 701 -59.72 -57.44 -19.90
N VAL D 702 -58.65 -58.05 -20.38
CA VAL D 702 -58.71 -58.92 -21.55
C VAL D 702 -59.03 -60.34 -21.10
N ALA D 703 -60.04 -60.94 -21.72
CA ALA D 703 -60.39 -62.32 -21.42
C ALA D 703 -59.29 -63.26 -21.89
N TYR D 704 -58.94 -64.21 -21.02
CA TYR D 704 -57.85 -65.13 -21.28
C TYR D 704 -58.37 -66.56 -21.15
N SER D 705 -58.10 -67.39 -22.16
CA SER D 705 -58.47 -68.79 -22.13
C SER D 705 -57.54 -69.56 -23.05
N ASN D 706 -57.51 -70.88 -22.85
CA ASN D 706 -56.62 -71.73 -23.64
C ASN D 706 -57.06 -71.82 -25.10
N ASN D 707 -58.35 -71.95 -25.36
CA ASN D 707 -58.86 -72.07 -26.72
C ASN D 707 -59.33 -70.75 -27.33
N SER D 708 -59.28 -69.66 -26.58
CA SER D 708 -59.78 -68.38 -27.06
C SER D 708 -58.73 -67.66 -27.89
N ILE D 709 -59.16 -67.13 -29.03
CA ILE D 709 -58.27 -66.41 -29.95
C ILE D 709 -59.10 -65.36 -30.67
N ALA D 710 -58.45 -64.25 -31.04
CA ALA D 710 -59.10 -63.16 -31.74
C ALA D 710 -58.28 -62.82 -32.99
N ILE D 711 -58.97 -62.53 -34.08
CA ILE D 711 -58.33 -62.13 -35.34
C ILE D 711 -59.05 -60.90 -35.87
N PRO D 712 -58.33 -59.92 -36.40
CA PRO D 712 -59.00 -58.72 -36.94
C PRO D 712 -59.81 -59.05 -38.18
N THR D 713 -61.05 -58.58 -38.20
CA THR D 713 -61.91 -58.69 -39.37
C THR D 713 -61.93 -57.43 -40.22
N ASN D 714 -61.24 -56.37 -39.80
CA ASN D 714 -61.22 -55.10 -40.53
C ASN D 714 -59.97 -54.34 -40.12
N PHE D 715 -59.59 -53.38 -40.95
CA PHE D 715 -58.38 -52.59 -40.71
C PHE D 715 -58.60 -51.16 -41.16
N THR D 716 -57.84 -50.25 -40.57
CA THR D 716 -57.88 -48.83 -40.90
C THR D 716 -56.46 -48.34 -41.15
N ILE D 717 -56.29 -47.58 -42.23
CA ILE D 717 -54.99 -47.03 -42.59
C ILE D 717 -54.88 -45.64 -41.97
N SER D 718 -53.93 -45.48 -41.05
CA SER D 718 -53.71 -44.22 -40.35
C SER D 718 -52.37 -43.65 -40.75
N VAL D 719 -52.31 -42.32 -40.87
CA VAL D 719 -51.09 -41.61 -41.25
C VAL D 719 -50.74 -40.66 -40.12
N THR D 720 -49.60 -40.91 -39.48
CA THR D 720 -49.10 -40.08 -38.39
C THR D 720 -48.00 -39.18 -38.90
N THR D 721 -47.42 -38.40 -37.99
CA THR D 721 -46.35 -37.46 -38.32
C THR D 721 -45.27 -37.51 -37.25
N GLU D 722 -44.04 -37.20 -37.66
CA GLU D 722 -42.90 -37.16 -36.75
C GLU D 722 -42.02 -35.98 -37.13
N ILE D 723 -41.61 -35.21 -36.12
CA ILE D 723 -40.82 -34.01 -36.31
C ILE D 723 -39.51 -34.17 -35.54
N LEU D 724 -38.38 -33.99 -36.23
CA LEU D 724 -37.07 -34.08 -35.62
C LEU D 724 -36.23 -32.90 -36.08
N PRO D 725 -35.40 -32.33 -35.20
CA PRO D 725 -34.53 -31.23 -35.62
C PRO D 725 -33.33 -31.76 -36.41
N VAL D 726 -32.82 -30.92 -37.31
CA VAL D 726 -31.67 -31.25 -38.15
C VAL D 726 -30.59 -30.18 -38.08
N SER D 727 -30.91 -28.97 -38.53
CA SER D 727 -29.95 -27.89 -38.64
C SER D 727 -30.07 -26.91 -37.48
N MET D 728 -28.93 -26.39 -37.05
CA MET D 728 -28.86 -25.37 -36.01
C MET D 728 -28.22 -24.12 -36.59
N THR D 729 -28.62 -22.97 -36.06
CA THR D 729 -28.16 -21.68 -36.58
C THR D 729 -26.63 -21.59 -36.47
N LYS D 730 -25.99 -21.24 -37.59
CA LYS D 730 -24.53 -21.12 -37.63
C LYS D 730 -24.12 -19.73 -37.17
N THR D 731 -23.16 -19.68 -36.25
CA THR D 731 -22.72 -18.41 -35.68
C THR D 731 -21.20 -18.40 -35.55
N SER D 732 -20.57 -17.34 -36.05
CA SER D 732 -19.14 -17.12 -35.91
C SER D 732 -18.93 -15.87 -35.07
N VAL D 733 -18.06 -15.96 -34.07
CA VAL D 733 -17.85 -14.90 -33.09
C VAL D 733 -16.40 -14.45 -33.16
N ASP D 734 -16.19 -13.14 -33.16
CA ASP D 734 -14.85 -12.57 -33.13
C ASP D 734 -14.55 -12.09 -31.71
N CYS D 735 -13.41 -12.50 -31.17
CA CYS D 735 -13.09 -12.16 -29.79
C CYS D 735 -12.62 -10.71 -29.67
N THR D 736 -12.02 -10.16 -30.73
CA THR D 736 -11.39 -8.85 -30.63
C THR D 736 -12.39 -7.75 -30.30
N MET D 737 -13.43 -7.59 -31.13
CA MET D 737 -14.35 -6.48 -30.94
C MET D 737 -15.35 -6.75 -29.82
N TYR D 738 -15.79 -8.00 -29.66
CA TYR D 738 -16.80 -8.29 -28.64
C TYR D 738 -16.26 -8.04 -27.24
N ILE D 739 -14.99 -8.38 -26.99
CA ILE D 739 -14.42 -8.17 -25.65
C ILE D 739 -14.14 -6.69 -25.42
N CYS D 740 -13.15 -6.14 -26.13
CA CYS D 740 -12.92 -4.70 -26.08
C CYS D 740 -12.80 -4.20 -27.53
N GLY D 741 -13.78 -3.42 -27.97
CA GLY D 741 -13.77 -2.87 -29.31
C GLY D 741 -13.20 -1.46 -29.33
N ASP D 742 -12.66 -1.09 -30.49
CA ASP D 742 -12.16 0.26 -30.75
C ASP D 742 -11.19 0.71 -29.65
N SER D 743 -10.35 -0.22 -29.21
CA SER D 743 -9.39 0.08 -28.15
C SER D 743 -8.03 -0.47 -28.57
N THR D 744 -7.05 0.42 -28.74
CA THR D 744 -5.69 0.01 -29.06
C THR D 744 -4.91 -0.47 -27.83
N GLU D 745 -5.14 0.16 -26.68
CA GLU D 745 -4.43 -0.24 -25.47
C GLU D 745 -4.88 -1.62 -24.99
N CYS D 746 -6.16 -1.93 -25.13
CA CYS D 746 -6.66 -3.24 -24.73
C CYS D 746 -6.19 -4.34 -25.68
N SER D 747 -5.93 -4.01 -26.94
CA SER D 747 -5.43 -5.01 -27.88
C SER D 747 -4.07 -5.55 -27.45
N ASN D 748 -3.27 -4.73 -26.78
CA ASN D 748 -1.99 -5.21 -26.27
C ASN D 748 -2.19 -6.05 -25.01
N LEU D 749 -3.22 -5.73 -24.22
CA LEU D 749 -3.51 -6.51 -23.02
C LEU D 749 -4.14 -7.86 -23.36
N LEU D 750 -5.01 -7.91 -24.38
CA LEU D 750 -5.62 -9.16 -24.79
C LEU D 750 -4.60 -10.12 -25.39
N LEU D 751 -3.54 -9.61 -26.03
CA LEU D 751 -2.50 -10.47 -26.57
C LEU D 751 -1.78 -11.26 -25.50
N GLN D 752 -1.77 -10.75 -24.25
CA GLN D 752 -1.12 -11.46 -23.15
C GLN D 752 -1.79 -12.79 -22.83
N TYR D 753 -3.02 -13.02 -23.27
CA TYR D 753 -3.71 -14.28 -23.06
C TYR D 753 -3.38 -15.32 -24.13
N GLY D 754 -2.57 -14.97 -25.12
CA GLY D 754 -2.09 -15.96 -26.07
C GLY D 754 -3.18 -16.42 -27.02
N SER D 755 -3.32 -17.74 -27.13
CA SER D 755 -4.15 -18.39 -28.15
C SER D 755 -5.59 -18.58 -27.71
N PHE D 756 -5.97 -18.01 -26.57
CA PHE D 756 -7.32 -18.20 -26.03
C PHE D 756 -8.41 -17.93 -27.07
N CYS D 757 -8.18 -16.99 -27.99
CA CYS D 757 -9.13 -16.78 -29.07
C CYS D 757 -9.14 -17.94 -30.05
N THR D 758 -7.98 -18.54 -30.31
CA THR D 758 -7.90 -19.62 -31.29
C THR D 758 -8.75 -20.82 -30.88
N GLN D 759 -8.77 -21.15 -29.59
CA GLN D 759 -9.59 -22.26 -29.13
C GLN D 759 -11.08 -21.98 -29.32
N LEU D 760 -11.52 -20.74 -29.09
CA LEU D 760 -12.93 -20.41 -29.24
C LEU D 760 -13.32 -20.22 -30.70
N ASN D 761 -12.41 -19.70 -31.53
CA ASN D 761 -12.72 -19.50 -32.94
C ASN D 761 -12.78 -20.83 -33.70
N ARG D 762 -11.90 -21.77 -33.37
CA ARG D 762 -11.93 -23.07 -34.03
C ARG D 762 -13.09 -23.93 -33.54
N ALA D 763 -13.51 -23.76 -32.28
CA ALA D 763 -14.64 -24.53 -31.77
C ALA D 763 -15.94 -24.11 -32.44
N LEU D 764 -16.13 -22.81 -32.64
CA LEU D 764 -17.34 -22.32 -33.31
C LEU D 764 -17.27 -22.53 -34.83
N THR D 765 -16.06 -22.59 -35.40
CA THR D 765 -15.95 -22.87 -36.83
C THR D 765 -16.30 -24.33 -37.11
N GLY D 766 -15.85 -25.25 -36.26
CA GLY D 766 -16.21 -26.65 -36.42
C GLY D 766 -17.68 -26.93 -36.28
N ILE D 767 -18.39 -26.13 -35.50
CA ILE D 767 -19.85 -26.29 -35.40
C ILE D 767 -20.51 -25.88 -36.71
N ALA D 768 -20.07 -24.77 -37.29
CA ALA D 768 -20.64 -24.32 -38.56
C ALA D 768 -20.40 -25.32 -39.68
N VAL D 769 -19.26 -26.00 -39.66
CA VAL D 769 -18.99 -27.03 -40.66
C VAL D 769 -19.82 -28.27 -40.39
N GLU D 770 -20.00 -28.62 -39.11
CA GLU D 770 -20.77 -29.80 -38.74
C GLU D 770 -22.26 -29.65 -39.06
N GLN D 771 -22.80 -28.43 -38.96
CA GLN D 771 -24.21 -28.23 -39.27
C GLN D 771 -24.49 -28.48 -40.75
N ASP D 772 -23.58 -28.10 -41.64
CA ASP D 772 -23.73 -28.40 -43.05
C ASP D 772 -23.59 -29.88 -43.36
N LYS D 773 -22.84 -30.62 -42.53
CA LYS D 773 -22.71 -32.05 -42.70
C LYS D 773 -23.99 -32.81 -42.34
N ASN D 774 -24.75 -32.31 -41.36
CA ASN D 774 -25.99 -32.96 -40.97
C ASN D 774 -27.03 -32.94 -42.08
N THR D 775 -27.00 -31.94 -42.96
CA THR D 775 -27.97 -31.87 -44.06
C THR D 775 -27.64 -32.85 -45.18
N GLN D 776 -26.35 -33.12 -45.42
CA GLN D 776 -25.97 -34.02 -46.49
C GLN D 776 -26.27 -35.48 -46.15
N GLU D 777 -26.33 -35.82 -44.86
CA GLU D 777 -26.58 -37.19 -44.44
C GLU D 777 -28.06 -37.48 -44.24
N VAL D 778 -28.93 -36.48 -44.32
CA VAL D 778 -30.36 -36.65 -44.06
C VAL D 778 -31.20 -36.35 -45.30
N PHE D 779 -31.15 -35.09 -45.77
CA PHE D 779 -32.02 -34.65 -46.85
C PHE D 779 -31.75 -35.38 -48.16
N ALA D 780 -30.49 -35.48 -48.59
CA ALA D 780 -30.17 -36.15 -49.85
C ALA D 780 -29.46 -37.47 -49.57
N GLN D 781 -30.21 -38.55 -49.79
CA GLN D 781 -29.68 -39.90 -49.71
C GLN D 781 -29.00 -40.34 -51.01
N VAL D 782 -29.60 -40.01 -52.15
CA VAL D 782 -29.13 -40.46 -53.45
C VAL D 782 -28.71 -39.24 -54.27
N LYS D 783 -27.83 -39.47 -55.23
CA LYS D 783 -27.32 -38.41 -56.10
C LYS D 783 -28.16 -38.23 -57.36
N GLN D 784 -29.23 -39.00 -57.52
CA GLN D 784 -30.09 -38.94 -58.70
C GLN D 784 -31.38 -38.22 -58.33
N ILE D 785 -31.89 -37.39 -59.23
CA ILE D 785 -33.10 -36.62 -59.01
C ILE D 785 -34.21 -37.20 -59.88
N TYR D 786 -35.36 -37.47 -59.26
CA TYR D 786 -36.52 -38.01 -59.96
C TYR D 786 -37.66 -37.01 -59.93
N LYS D 787 -38.47 -37.02 -61.00
CA LYS D 787 -39.59 -36.10 -61.12
C LYS D 787 -40.87 -36.88 -61.41
N THR D 788 -41.99 -36.21 -61.18
CA THR D 788 -43.30 -36.82 -61.39
C THR D 788 -43.65 -36.79 -62.86
N PRO D 789 -44.16 -37.90 -63.43
CA PRO D 789 -44.55 -37.88 -64.84
C PRO D 789 -45.71 -36.94 -65.06
N PRO D 790 -45.90 -36.44 -66.29
CA PRO D 790 -46.96 -35.45 -66.53
C PRO D 790 -48.37 -35.98 -66.30
N ILE D 791 -48.66 -37.21 -66.72
CA ILE D 791 -49.97 -37.82 -66.48
C ILE D 791 -49.91 -38.57 -65.15
N LYS D 792 -50.93 -38.37 -64.31
CA LYS D 792 -50.96 -38.92 -62.97
C LYS D 792 -52.10 -39.91 -62.84
N ASP D 793 -51.76 -41.21 -62.76
CA ASP D 793 -52.71 -42.20 -62.25
C ASP D 793 -51.95 -43.00 -61.19
N PHE D 794 -52.32 -42.80 -59.93
CA PHE D 794 -51.66 -43.46 -58.81
C PHE D 794 -52.46 -44.65 -58.29
N GLY D 795 -53.63 -44.92 -58.86
CA GLY D 795 -54.46 -45.99 -58.35
C GLY D 795 -55.55 -45.53 -57.41
N GLY D 796 -55.87 -44.24 -57.39
CA GLY D 796 -56.94 -43.72 -56.57
C GLY D 796 -56.52 -42.88 -55.39
N PHE D 797 -55.25 -42.90 -55.00
CA PHE D 797 -54.77 -42.05 -53.92
C PHE D 797 -54.58 -40.63 -54.44
N ASN D 798 -54.70 -39.64 -53.56
CA ASN D 798 -54.49 -38.25 -53.93
C ASN D 798 -53.17 -37.79 -53.34
N PHE D 799 -52.16 -37.61 -54.19
CA PHE D 799 -50.83 -37.18 -53.78
C PHE D 799 -50.62 -35.68 -53.96
N SER D 800 -51.65 -34.94 -54.40
CA SER D 800 -51.50 -33.51 -54.66
C SER D 800 -51.05 -32.73 -53.43
N GLN D 801 -51.33 -33.23 -52.23
CA GLN D 801 -50.90 -32.56 -51.00
C GLN D 801 -49.39 -32.65 -50.78
N ILE D 802 -48.79 -33.82 -51.00
CA ILE D 802 -47.36 -34.00 -50.79
C ILE D 802 -46.53 -33.61 -52.00
N LEU D 803 -47.15 -33.43 -53.19
CA LEU D 803 -46.33 -33.07 -54.34
C LEU D 803 -46.17 -31.55 -54.43
N PRO D 804 -45.01 -31.08 -54.90
CA PRO D 804 -44.80 -29.63 -54.99
C PRO D 804 -45.63 -29.01 -56.10
N ASP D 805 -45.87 -27.70 -55.97
CA ASP D 805 -46.65 -26.97 -56.95
C ASP D 805 -45.70 -26.26 -57.91
N PRO D 806 -45.66 -26.64 -59.18
CA PRO D 806 -44.74 -25.98 -60.14
C PRO D 806 -45.13 -24.55 -60.47
N SER D 807 -46.39 -24.15 -60.23
CA SER D 807 -46.83 -22.80 -60.55
C SER D 807 -46.36 -21.76 -59.55
N LYS D 808 -45.83 -22.19 -58.40
CA LYS D 808 -45.35 -21.25 -57.40
C LYS D 808 -43.92 -20.81 -57.71
N PRO D 809 -43.54 -19.59 -57.31
CA PRO D 809 -42.15 -19.16 -57.52
C PRO D 809 -41.16 -19.97 -56.71
N SER D 810 -41.52 -20.39 -55.50
CA SER D 810 -40.71 -21.28 -54.68
C SER D 810 -41.37 -22.65 -54.70
N LYS D 811 -40.57 -23.69 -54.92
CA LYS D 811 -41.10 -25.04 -55.03
C LYS D 811 -41.37 -25.57 -53.63
N ARG D 812 -42.64 -25.87 -53.36
CA ARG D 812 -43.06 -26.37 -52.06
C ARG D 812 -44.41 -27.05 -52.22
N SER D 813 -44.75 -27.90 -51.26
CA SER D 813 -46.01 -28.62 -51.27
C SER D 813 -47.05 -27.89 -50.44
N PHE D 814 -48.27 -28.44 -50.43
CA PHE D 814 -49.33 -27.83 -49.62
C PHE D 814 -49.16 -28.16 -48.15
N ILE D 815 -48.59 -29.32 -47.82
CA ILE D 815 -48.27 -29.62 -46.43
C ILE D 815 -47.10 -28.77 -45.96
N GLU D 816 -46.14 -28.51 -46.86
CA GLU D 816 -45.02 -27.64 -46.52
C GLU D 816 -45.45 -26.18 -46.38
N ASP D 817 -46.65 -25.83 -46.85
CA ASP D 817 -47.18 -24.49 -46.61
C ASP D 817 -47.36 -24.22 -45.12
N LEU D 818 -47.92 -25.20 -44.40
CA LEU D 818 -48.15 -25.03 -42.97
C LEU D 818 -46.87 -25.23 -42.17
N LEU D 819 -45.99 -26.12 -42.60
CA LEU D 819 -44.75 -26.37 -41.87
C LEU D 819 -43.84 -25.15 -41.87
N PHE D 820 -43.78 -24.41 -42.99
CA PHE D 820 -42.92 -23.24 -43.06
C PHE D 820 -43.54 -22.03 -42.36
N ASN D 821 -44.86 -21.91 -42.39
CA ASN D 821 -45.52 -20.74 -41.81
C ASN D 821 -45.63 -20.81 -40.29
N LYS D 822 -45.83 -22.00 -39.74
CA LYS D 822 -46.00 -22.16 -38.30
C LYS D 822 -44.68 -22.22 -37.54
N VAL D 823 -43.55 -22.18 -38.24
CA VAL D 823 -42.23 -22.20 -37.62
C VAL D 823 -41.53 -20.89 -37.95
N THR D 824 -41.20 -20.11 -36.93
CA THR D 824 -40.54 -18.83 -37.12
C THR D 824 -39.08 -18.90 -36.67
N ASP D 845 -34.91 -6.11 -37.13
CA ASP D 845 -34.92 -7.57 -37.12
C ASP D 845 -33.94 -8.11 -36.09
N LEU D 846 -34.24 -9.28 -35.52
CA LEU D 846 -33.41 -9.87 -34.50
C LEU D 846 -32.02 -10.27 -35.01
N ILE D 847 -31.93 -10.74 -36.25
CA ILE D 847 -30.65 -11.18 -36.79
C ILE D 847 -29.69 -10.00 -36.94
N CYS D 848 -30.12 -8.95 -37.64
CA CYS D 848 -29.25 -7.81 -37.90
C CYS D 848 -28.91 -7.04 -36.62
N ALA D 849 -29.82 -7.02 -35.65
CA ALA D 849 -29.53 -6.34 -34.39
C ALA D 849 -28.41 -7.04 -33.62
N GLN D 850 -28.33 -8.36 -33.71
CA GLN D 850 -27.28 -9.11 -33.04
C GLN D 850 -25.97 -9.08 -33.82
N LYS D 851 -26.01 -8.76 -35.11
CA LYS D 851 -24.79 -8.72 -35.92
C LYS D 851 -23.98 -7.46 -35.70
N PHE D 852 -24.50 -6.48 -34.96
CA PHE D 852 -23.77 -5.24 -34.73
C PHE D 852 -22.69 -5.38 -33.68
N ASN D 853 -22.85 -6.30 -32.73
CA ASN D 853 -21.93 -6.45 -31.61
C ASN D 853 -20.86 -7.50 -31.87
N GLY D 854 -20.81 -8.06 -33.09
CA GLY D 854 -19.82 -9.05 -33.43
C GLY D 854 -20.31 -10.47 -33.52
N LEU D 855 -21.62 -10.69 -33.50
CA LEU D 855 -22.20 -12.04 -33.63
C LEU D 855 -22.63 -12.19 -35.08
N THR D 856 -21.91 -13.03 -35.82
CA THR D 856 -22.15 -13.16 -37.26
C THR D 856 -22.88 -14.45 -37.55
N VAL D 857 -24.07 -14.34 -38.15
CA VAL D 857 -24.85 -15.50 -38.55
C VAL D 857 -24.42 -15.90 -39.95
N LEU D 858 -23.91 -17.12 -40.08
CA LEU D 858 -23.44 -17.54 -41.39
C LEU D 858 -24.57 -18.18 -42.19
N PRO D 859 -24.70 -17.83 -43.47
CA PRO D 859 -25.75 -18.44 -44.30
C PRO D 859 -25.45 -19.89 -44.56
N PRO D 860 -26.46 -20.75 -44.55
CA PRO D 860 -26.23 -22.18 -44.76
C PRO D 860 -25.82 -22.50 -46.18
N LEU D 861 -24.96 -23.51 -46.31
CA LEU D 861 -24.52 -23.96 -47.64
C LEU D 861 -25.68 -24.51 -48.45
N LEU D 862 -26.69 -25.07 -47.79
CA LEU D 862 -27.84 -25.67 -48.44
C LEU D 862 -29.03 -24.74 -48.26
N THR D 863 -29.51 -24.17 -49.37
CA THR D 863 -30.62 -23.23 -49.33
C THR D 863 -31.94 -23.97 -49.16
N ASP D 864 -33.03 -23.21 -49.10
CA ASP D 864 -34.35 -23.81 -48.92
C ASP D 864 -34.91 -24.41 -50.22
N GLU D 865 -34.54 -23.84 -51.38
CA GLU D 865 -35.01 -24.38 -52.64
C GLU D 865 -34.46 -25.78 -52.91
N MET D 866 -33.18 -26.01 -52.60
CA MET D 866 -32.57 -27.31 -52.84
C MET D 866 -33.08 -28.38 -51.88
N ILE D 867 -33.56 -27.98 -50.69
CA ILE D 867 -34.10 -28.96 -49.75
C ILE D 867 -35.39 -29.56 -50.29
N ALA D 868 -36.29 -28.72 -50.82
CA ALA D 868 -37.52 -29.23 -51.42
C ALA D 868 -37.23 -30.04 -52.67
N GLN D 869 -36.10 -29.77 -53.33
CA GLN D 869 -35.73 -30.57 -54.50
C GLN D 869 -35.17 -31.93 -54.10
N TYR D 870 -34.49 -32.01 -52.95
CA TYR D 870 -34.11 -33.31 -52.42
C TYR D 870 -35.34 -34.10 -51.96
N THR D 871 -36.30 -33.43 -51.32
CA THR D 871 -37.51 -34.10 -50.89
C THR D 871 -38.35 -34.57 -52.08
N SER D 872 -38.48 -33.74 -53.11
CA SER D 872 -39.24 -34.12 -54.29
C SER D 872 -38.61 -35.32 -55.01
N ALA D 873 -37.28 -35.43 -54.96
CA ALA D 873 -36.63 -36.59 -55.55
C ALA D 873 -36.91 -37.85 -54.75
N LEU D 874 -37.06 -37.73 -53.43
CA LEU D 874 -37.38 -38.88 -52.60
C LEU D 874 -38.86 -39.22 -52.67
N LEU D 875 -39.73 -38.22 -52.85
CA LEU D 875 -41.15 -38.49 -52.96
C LEU D 875 -41.51 -39.11 -54.32
N ALA D 876 -40.93 -38.59 -55.40
CA ALA D 876 -41.20 -39.14 -56.72
C ALA D 876 -40.62 -40.54 -56.89
N GLY D 877 -39.51 -40.84 -56.22
CA GLY D 877 -38.93 -42.17 -56.34
C GLY D 877 -39.65 -43.22 -55.52
N THR D 878 -40.09 -42.86 -54.32
CA THR D 878 -40.81 -43.82 -53.48
C THR D 878 -42.14 -44.20 -54.09
N ILE D 879 -42.83 -43.26 -54.71
CA ILE D 879 -44.10 -43.54 -55.36
C ILE D 879 -43.90 -44.38 -56.61
N THR D 880 -42.83 -44.12 -57.36
CA THR D 880 -42.60 -44.81 -58.62
C THR D 880 -41.80 -46.10 -58.43
N SER D 881 -40.53 -45.97 -58.04
CA SER D 881 -39.62 -47.10 -57.93
C SER D 881 -39.81 -47.92 -56.67
N GLY D 882 -40.62 -47.44 -55.73
CA GLY D 882 -40.82 -48.17 -54.49
C GLY D 882 -39.58 -48.27 -53.64
N TRP D 883 -39.18 -49.50 -53.31
CA TRP D 883 -37.99 -49.74 -52.51
C TRP D 883 -36.75 -50.02 -53.36
N THR D 884 -36.88 -50.03 -54.68
CA THR D 884 -35.81 -50.47 -55.56
C THR D 884 -34.82 -49.39 -55.93
N PHE D 885 -35.14 -48.10 -55.72
CA PHE D 885 -34.23 -47.06 -56.18
C PHE D 885 -33.12 -46.78 -55.17
N GLY D 886 -33.25 -47.27 -53.93
CA GLY D 886 -32.23 -47.09 -52.93
C GLY D 886 -31.10 -48.08 -52.98
N ALA D 887 -31.35 -49.30 -53.45
CA ALA D 887 -30.32 -50.32 -53.56
C ALA D 887 -29.69 -50.41 -54.95
N GLY D 888 -30.09 -49.55 -55.88
CA GLY D 888 -29.57 -49.60 -57.24
C GLY D 888 -30.32 -48.73 -58.21
N ALA D 889 -30.27 -49.07 -59.49
CA ALA D 889 -30.97 -48.30 -60.50
C ALA D 889 -32.47 -48.34 -60.29
N ALA D 890 -33.15 -47.30 -60.76
CA ALA D 890 -34.59 -47.17 -60.56
C ALA D 890 -35.33 -48.24 -61.36
N LEU D 891 -36.20 -48.98 -60.67
CA LEU D 891 -37.05 -50.00 -61.28
C LEU D 891 -38.49 -49.55 -61.16
N GLN D 892 -39.11 -49.20 -62.29
CA GLN D 892 -40.49 -48.75 -62.27
C GLN D 892 -41.42 -49.92 -61.98
N ILE D 893 -42.35 -49.74 -61.06
CA ILE D 893 -43.27 -50.79 -60.65
C ILE D 893 -44.66 -50.17 -60.53
N PRO D 894 -45.71 -50.87 -60.94
CA PRO D 894 -47.07 -50.36 -60.73
C PRO D 894 -47.34 -50.18 -59.24
N PHE D 895 -47.93 -49.03 -58.90
CA PHE D 895 -48.18 -48.71 -57.50
C PHE D 895 -49.11 -49.72 -56.83
N ALA D 896 -50.04 -50.32 -57.58
CA ALA D 896 -50.88 -51.37 -57.02
C ALA D 896 -50.05 -52.59 -56.63
N MET D 897 -48.96 -52.85 -57.35
CA MET D 897 -48.04 -53.93 -56.98
C MET D 897 -47.13 -53.57 -55.82
N GLN D 898 -46.81 -52.28 -55.66
CA GLN D 898 -45.99 -51.86 -54.53
C GLN D 898 -46.72 -52.06 -53.21
N MET D 899 -48.03 -51.77 -53.19
CA MET D 899 -48.83 -52.00 -52.00
C MET D 899 -48.93 -53.48 -51.65
N ALA D 900 -48.83 -54.37 -52.64
CA ALA D 900 -48.89 -55.80 -52.37
C ALA D 900 -47.68 -56.27 -51.58
N TYR D 901 -46.51 -55.68 -51.83
CA TYR D 901 -45.31 -56.06 -51.10
C TYR D 901 -45.32 -55.53 -49.67
N ARG D 902 -45.76 -54.29 -49.48
CA ARG D 902 -45.78 -53.72 -48.14
C ARG D 902 -46.79 -54.42 -47.25
N PHE D 903 -47.85 -54.98 -47.84
CA PHE D 903 -48.74 -55.84 -47.07
C PHE D 903 -48.16 -57.22 -46.88
N ASN D 904 -47.32 -57.69 -47.82
CA ASN D 904 -46.70 -58.99 -47.70
C ASN D 904 -45.68 -59.03 -46.56
N GLY D 905 -44.86 -57.98 -46.41
CA GLY D 905 -43.86 -57.96 -45.36
C GLY D 905 -44.41 -57.93 -43.95
N ILE D 906 -45.64 -57.42 -43.78
CA ILE D 906 -46.27 -57.36 -42.47
C ILE D 906 -47.11 -58.60 -42.19
N GLY D 907 -47.10 -59.58 -43.08
CA GLY D 907 -47.83 -60.81 -42.87
C GLY D 907 -49.24 -60.85 -43.40
N VAL D 908 -49.56 -60.02 -44.39
CA VAL D 908 -50.89 -59.98 -44.99
C VAL D 908 -50.76 -60.39 -46.45
N THR D 909 -51.59 -61.34 -46.88
CA THR D 909 -51.59 -61.76 -48.27
C THR D 909 -52.03 -60.61 -49.17
N GLN D 910 -51.39 -60.52 -50.35
CA GLN D 910 -51.64 -59.41 -51.26
C GLN D 910 -53.08 -59.37 -51.76
N ASN D 911 -53.85 -60.44 -51.57
CA ASN D 911 -55.22 -60.44 -52.06
C ASN D 911 -56.10 -59.46 -51.31
N VAL D 912 -55.83 -59.25 -50.02
CA VAL D 912 -56.66 -58.36 -49.20
C VAL D 912 -56.71 -56.96 -49.80
N LEU D 913 -55.61 -56.50 -50.39
CA LEU D 913 -55.59 -55.20 -51.04
C LEU D 913 -56.61 -55.11 -52.17
N TYR D 914 -56.74 -56.16 -52.97
CA TYR D 914 -57.41 -56.06 -54.27
C TYR D 914 -58.90 -55.82 -54.13
N GLU D 915 -59.56 -56.47 -53.15
CA GLU D 915 -60.95 -56.15 -52.88
C GLU D 915 -61.11 -54.86 -52.08
N ASN D 916 -60.08 -54.46 -51.34
CA ASN D 916 -60.11 -53.29 -50.47
C ASN D 916 -59.55 -52.06 -51.17
N GLN D 917 -59.25 -52.18 -52.47
CA GLN D 917 -58.68 -51.05 -53.22
C GLN D 917 -59.50 -49.78 -53.06
N LYS D 918 -60.84 -49.88 -53.15
CA LYS D 918 -61.67 -48.71 -52.95
C LYS D 918 -61.77 -48.31 -51.49
N LEU D 919 -61.68 -49.26 -50.57
CA LEU D 919 -61.73 -48.95 -49.15
C LEU D 919 -60.46 -48.24 -48.69
N ILE D 920 -59.29 -48.74 -49.10
CA ILE D 920 -58.04 -48.10 -48.73
C ILE D 920 -57.89 -46.75 -49.41
N ALA D 921 -58.48 -46.60 -50.60
CA ALA D 921 -58.41 -45.31 -51.30
C ALA D 921 -59.07 -44.20 -50.51
N ASN D 922 -60.20 -44.48 -49.86
CA ASN D 922 -60.87 -43.45 -49.07
C ASN D 922 -60.22 -43.26 -47.72
N GLN D 923 -59.56 -44.29 -47.17
CA GLN D 923 -58.92 -44.17 -45.88
C GLN D 923 -57.61 -43.39 -45.96
N PHE D 924 -56.84 -43.58 -47.04
CA PHE D 924 -55.57 -42.87 -47.18
C PHE D 924 -55.80 -41.39 -47.45
N ASN D 925 -56.72 -41.06 -48.35
CA ASN D 925 -56.99 -39.66 -48.67
C ASN D 925 -57.61 -38.92 -47.50
N SER D 926 -58.36 -39.62 -46.64
CA SER D 926 -58.94 -38.98 -45.47
C SER D 926 -57.89 -38.72 -44.39
N ALA D 927 -56.85 -39.56 -44.32
CA ALA D 927 -55.81 -39.36 -43.34
C ALA D 927 -54.88 -38.21 -43.70
N ILE D 928 -54.69 -37.97 -45.00
CA ILE D 928 -53.87 -36.84 -45.43
C ILE D 928 -54.58 -35.53 -45.13
N GLY D 929 -55.91 -35.50 -45.29
CA GLY D 929 -56.67 -34.31 -44.98
C GLY D 929 -56.66 -33.94 -43.50
N LYS D 930 -56.52 -34.93 -42.61
CA LYS D 930 -56.43 -34.64 -41.19
C LYS D 930 -55.10 -33.96 -40.82
N ILE D 931 -54.07 -34.11 -41.65
CA ILE D 931 -52.80 -33.45 -41.37
C ILE D 931 -52.93 -31.94 -41.59
N GLN D 932 -53.65 -31.54 -42.63
CA GLN D 932 -53.87 -30.11 -42.87
C GLN D 932 -54.66 -29.47 -41.74
N ASP D 933 -55.60 -30.21 -41.14
CA ASP D 933 -56.37 -29.68 -40.03
C ASP D 933 -55.59 -29.68 -38.72
N SER D 934 -54.65 -30.62 -38.58
CA SER D 934 -53.87 -30.69 -37.35
C SER D 934 -52.78 -29.62 -37.31
N LEU D 935 -52.12 -29.38 -38.45
CA LEU D 935 -51.05 -28.38 -38.49
C LEU D 935 -51.61 -26.96 -38.44
N SER D 936 -52.80 -26.73 -38.97
CA SER D 936 -53.40 -25.40 -38.93
C SER D 936 -53.93 -25.05 -37.55
N SER D 937 -54.67 -25.97 -36.93
CA SER D 937 -55.28 -25.71 -35.63
C SER D 937 -54.27 -25.79 -34.48
N THR D 938 -53.43 -26.83 -34.47
CA THR D 938 -52.47 -27.04 -33.39
C THR D 938 -51.09 -26.61 -33.88
N ALA D 939 -50.58 -25.50 -33.32
CA ALA D 939 -49.26 -25.02 -33.64
C ALA D 939 -48.19 -25.57 -32.72
N SER D 940 -48.58 -26.28 -31.65
CA SER D 940 -47.62 -26.80 -30.69
C SER D 940 -46.99 -28.12 -31.13
N ALA D 941 -47.52 -28.75 -32.18
CA ALA D 941 -46.92 -30.00 -32.66
C ALA D 941 -45.55 -29.76 -33.28
N LEU D 942 -45.31 -28.54 -33.77
CA LEU D 942 -44.03 -28.16 -34.36
C LEU D 942 -43.09 -27.53 -33.34
N GLY D 943 -43.49 -27.51 -32.06
CA GLY D 943 -42.69 -26.89 -31.03
C GLY D 943 -41.30 -27.45 -30.87
N LYS D 944 -41.05 -28.67 -31.36
CA LYS D 944 -39.69 -29.21 -31.35
C LYS D 944 -38.74 -28.39 -32.20
N LEU D 945 -39.21 -27.87 -33.35
CA LEU D 945 -38.39 -27.00 -34.18
C LEU D 945 -38.37 -25.56 -33.67
N GLN D 946 -39.35 -25.18 -32.85
CA GLN D 946 -39.37 -23.83 -32.29
C GLN D 946 -38.37 -23.67 -31.16
N ASP D 947 -38.12 -24.72 -30.39
CA ASP D 947 -37.14 -24.66 -29.31
C ASP D 947 -35.72 -24.49 -29.84
N VAL D 948 -35.44 -24.98 -31.04
CA VAL D 948 -34.11 -24.80 -31.62
C VAL D 948 -33.84 -23.33 -31.89
N VAL D 949 -34.85 -22.60 -32.39
CA VAL D 949 -34.69 -21.18 -32.63
C VAL D 949 -34.67 -20.41 -31.31
N ASN D 950 -35.48 -20.85 -30.35
CA ASN D 950 -35.56 -20.15 -29.06
C ASN D 950 -34.26 -20.30 -28.27
N GLN D 951 -33.71 -21.52 -28.21
CA GLN D 951 -32.45 -21.71 -27.50
C GLN D 951 -31.30 -20.98 -28.17
N ASN D 952 -31.35 -20.81 -29.50
CA ASN D 952 -30.33 -20.05 -30.20
C ASN D 952 -30.53 -18.55 -30.02
N ALA D 953 -31.78 -18.10 -29.92
CA ALA D 953 -32.04 -16.67 -29.72
C ALA D 953 -31.75 -16.23 -28.29
N GLN D 954 -32.08 -17.06 -27.30
CA GLN D 954 -31.80 -16.71 -25.92
C GLN D 954 -30.31 -16.74 -25.62
N ALA D 955 -29.57 -17.64 -26.26
CA ALA D 955 -28.13 -17.71 -26.04
C ALA D 955 -27.40 -16.51 -26.63
N LEU D 956 -27.87 -15.99 -27.76
CA LEU D 956 -27.25 -14.81 -28.34
C LEU D 956 -27.66 -13.53 -27.62
N ASN D 957 -28.95 -13.40 -27.27
CA ASN D 957 -29.41 -12.22 -26.57
C ASN D 957 -28.79 -12.07 -25.19
N THR D 958 -28.68 -13.17 -24.44
CA THR D 958 -28.03 -13.12 -23.13
C THR D 958 -26.54 -12.79 -23.27
N LEU D 959 -25.89 -13.31 -24.31
CA LEU D 959 -24.48 -13.00 -24.53
C LEU D 959 -24.27 -11.53 -24.84
N VAL D 960 -25.27 -10.88 -25.43
CA VAL D 960 -25.19 -9.44 -25.69
C VAL D 960 -25.35 -8.65 -24.40
N LYS D 961 -26.27 -9.07 -23.53
CA LYS D 961 -26.52 -8.34 -22.29
C LYS D 961 -25.34 -8.40 -21.33
N GLN D 962 -24.37 -9.29 -21.57
CA GLN D 962 -23.18 -9.34 -20.73
C GLN D 962 -22.27 -8.15 -20.94
N LEU D 963 -22.42 -7.42 -22.05
CA LEU D 963 -21.57 -6.25 -22.29
C LEU D 963 -21.94 -5.10 -21.37
N SER D 964 -23.19 -5.04 -20.92
CA SER D 964 -23.63 -3.98 -20.03
C SER D 964 -23.23 -4.20 -18.58
N SER D 965 -22.71 -5.37 -18.25
CA SER D 965 -22.30 -5.66 -16.88
C SER D 965 -20.91 -5.09 -16.61
N ASN D 966 -20.75 -4.53 -15.41
CA ASN D 966 -19.46 -3.94 -15.04
C ASN D 966 -18.45 -4.98 -14.61
N PHE D 967 -18.92 -6.13 -14.12
CA PHE D 967 -18.04 -7.21 -13.64
C PHE D 967 -17.10 -6.71 -12.54
N GLY D 968 -17.62 -5.81 -11.70
CA GLY D 968 -16.83 -5.25 -10.61
C GLY D 968 -16.01 -4.03 -10.98
N ALA D 969 -16.12 -3.52 -12.19
CA ALA D 969 -15.38 -2.35 -12.62
C ALA D 969 -16.21 -1.08 -12.38
N ILE D 970 -15.64 0.06 -12.73
CA ILE D 970 -16.33 1.34 -12.55
C ILE D 970 -17.46 1.48 -13.56
N SER D 971 -17.16 1.27 -14.85
CA SER D 971 -18.15 1.40 -15.90
C SER D 971 -17.81 0.42 -17.02
N SER D 972 -18.87 -0.08 -17.68
CA SER D 972 -18.69 -1.01 -18.78
C SER D 972 -18.23 -0.34 -20.07
N VAL D 973 -18.27 0.99 -20.14
CA VAL D 973 -17.87 1.71 -21.33
C VAL D 973 -16.35 1.86 -21.32
N LEU D 974 -15.72 1.51 -22.44
CA LEU D 974 -14.26 1.61 -22.52
C LEU D 974 -13.79 3.05 -22.58
N ASN D 975 -14.48 3.90 -23.37
CA ASN D 975 -14.07 5.29 -23.50
C ASN D 975 -14.25 6.07 -22.19
N ASP D 976 -15.09 5.58 -21.28
CA ASP D 976 -15.26 6.26 -20.00
C ASP D 976 -14.04 6.08 -19.11
N ILE D 977 -13.49 4.87 -19.05
CA ILE D 977 -12.33 4.61 -18.19
C ILE D 977 -11.08 5.27 -18.76
N LEU D 978 -10.90 5.22 -20.08
CA LEU D 978 -9.69 5.77 -20.68
C LEU D 978 -9.66 7.30 -20.59
N SER D 979 -10.81 7.95 -20.67
CA SER D 979 -10.89 9.40 -20.62
C SER D 979 -10.99 9.94 -19.20
N ARG D 980 -10.97 9.08 -18.19
CA ARG D 980 -11.08 9.50 -16.79
C ARG D 980 -9.84 9.19 -15.98
N LEU D 981 -9.54 7.91 -15.78
CA LEU D 981 -8.41 7.49 -14.96
C LEU D 981 -7.10 7.62 -15.71
N ASP D 982 -6.01 7.27 -15.03
CA ASP D 982 -4.68 7.34 -15.62
C ASP D 982 -4.37 6.04 -16.37
N PRO D 983 -3.45 6.10 -17.33
CA PRO D 983 -3.07 4.88 -18.07
C PRO D 983 -2.61 3.76 -17.14
N PRO D 984 -1.78 4.03 -16.12
CA PRO D 984 -1.48 2.94 -15.16
C PRO D 984 -2.67 2.52 -14.33
N GLU D 985 -3.59 3.44 -14.03
CA GLU D 985 -4.78 3.10 -13.26
C GLU D 985 -5.85 2.42 -14.10
N ALA D 986 -5.98 2.81 -15.37
CA ALA D 986 -7.01 2.23 -16.23
C ALA D 986 -6.76 0.76 -16.54
N GLU D 987 -5.51 0.31 -16.52
CA GLU D 987 -5.21 -1.09 -16.81
C GLU D 987 -5.82 -2.03 -15.79
N VAL D 988 -6.06 -1.56 -14.56
CA VAL D 988 -6.71 -2.40 -13.56
C VAL D 988 -8.20 -2.52 -13.85
N GLN D 989 -8.84 -1.41 -14.22
CA GLN D 989 -10.28 -1.44 -14.53
C GLN D 989 -10.55 -2.17 -15.84
N ILE D 990 -9.65 -2.07 -16.82
CA ILE D 990 -9.84 -2.78 -18.07
C ILE D 990 -9.67 -4.28 -17.87
N ASP D 991 -8.72 -4.68 -17.03
CA ASP D 991 -8.50 -6.09 -16.75
C ASP D 991 -9.72 -6.75 -16.12
N ARG D 992 -10.47 -6.02 -15.30
CA ARG D 992 -11.70 -6.57 -14.74
C ARG D 992 -12.76 -6.77 -15.81
N LEU D 993 -12.80 -5.89 -16.81
CA LEU D 993 -13.73 -6.06 -17.93
C LEU D 993 -13.32 -7.17 -18.87
N ILE D 994 -12.02 -7.40 -19.04
CA ILE D 994 -11.55 -8.47 -19.92
C ILE D 994 -11.87 -9.83 -19.32
N THR D 995 -11.42 -10.06 -18.09
CA THR D 995 -11.65 -11.35 -17.45
C THR D 995 -13.12 -11.67 -17.26
N GLY D 996 -13.97 -10.65 -17.09
CA GLY D 996 -15.39 -10.90 -17.00
C GLY D 996 -15.99 -11.31 -18.33
N ARG D 997 -15.52 -10.72 -19.43
CA ARG D 997 -16.02 -11.05 -20.75
C ARG D 997 -15.35 -12.27 -21.35
N LEU D 998 -14.21 -12.71 -20.80
CA LEU D 998 -13.62 -13.98 -21.24
C LEU D 998 -14.45 -15.15 -20.74
N GLN D 999 -15.02 -15.04 -19.54
CA GLN D 999 -15.83 -16.13 -19.00
C GLN D 999 -17.21 -16.17 -19.65
N SER D 1000 -17.77 -14.99 -19.96
CA SER D 1000 -19.09 -14.96 -20.61
C SER D 1000 -19.03 -15.54 -22.01
N LEU D 1001 -17.95 -15.26 -22.74
CA LEU D 1001 -17.78 -15.83 -24.07
C LEU D 1001 -17.44 -17.31 -24.02
N GLN D 1002 -16.66 -17.73 -23.03
CA GLN D 1002 -16.35 -19.14 -22.86
C GLN D 1002 -17.59 -19.94 -22.48
N THR D 1003 -18.51 -19.32 -21.72
CA THR D 1003 -19.74 -20.01 -21.36
C THR D 1003 -20.64 -20.26 -22.56
N TYR D 1004 -20.70 -19.30 -23.49
CA TYR D 1004 -21.52 -19.48 -24.69
C TYR D 1004 -20.96 -20.58 -25.58
N VAL D 1005 -19.64 -20.59 -25.79
CA VAL D 1005 -19.04 -21.61 -26.64
C VAL D 1005 -19.20 -22.99 -26.03
N THR D 1006 -19.03 -23.11 -24.71
CA THR D 1006 -19.26 -24.37 -24.03
C THR D 1006 -20.72 -24.79 -24.15
N GLN D 1007 -21.64 -23.84 -24.09
CA GLN D 1007 -23.05 -24.16 -24.23
C GLN D 1007 -23.39 -24.62 -25.65
N GLN D 1008 -22.73 -24.04 -26.66
CA GLN D 1008 -22.98 -24.45 -28.04
C GLN D 1008 -22.42 -25.83 -28.34
N LEU D 1009 -21.26 -26.17 -27.79
CA LEU D 1009 -20.70 -27.51 -28.00
C LEU D 1009 -21.59 -28.60 -27.41
N ILE D 1010 -22.25 -28.32 -26.28
CA ILE D 1010 -23.14 -29.30 -25.69
C ILE D 1010 -24.45 -29.38 -26.48
N ARG D 1011 -24.96 -28.22 -26.91
CA ARG D 1011 -26.19 -28.21 -27.69
C ARG D 1011 -25.98 -28.83 -29.08
N ALA D 1012 -24.80 -28.64 -29.67
CA ALA D 1012 -24.51 -29.24 -30.97
C ALA D 1012 -24.46 -30.76 -30.90
N ALA D 1013 -24.08 -31.32 -29.74
CA ALA D 1013 -24.08 -32.77 -29.60
C ALA D 1013 -25.49 -33.33 -29.59
N GLU D 1014 -26.45 -32.61 -29.00
CA GLU D 1014 -27.84 -33.05 -29.04
C GLU D 1014 -28.42 -32.94 -30.44
N ILE D 1015 -28.04 -31.91 -31.20
CA ILE D 1015 -28.50 -31.79 -32.57
C ILE D 1015 -27.85 -32.84 -33.45
N ARG D 1016 -26.57 -33.16 -33.19
CA ARG D 1016 -25.90 -34.21 -33.94
C ARG D 1016 -26.50 -35.57 -33.65
N ALA D 1017 -26.90 -35.82 -32.39
CA ALA D 1017 -27.56 -37.08 -32.07
C ALA D 1017 -28.92 -37.19 -32.73
N SER D 1018 -29.62 -36.06 -32.88
CA SER D 1018 -30.92 -36.07 -33.56
C SER D 1018 -30.75 -36.14 -35.08
N ALA D 1019 -29.67 -35.58 -35.61
CA ALA D 1019 -29.42 -35.67 -37.05
C ALA D 1019 -29.09 -37.09 -37.47
N ASN D 1020 -28.36 -37.84 -36.64
CA ASN D 1020 -28.09 -39.24 -36.95
C ASN D 1020 -29.34 -40.09 -36.87
N LEU D 1021 -30.28 -39.71 -35.99
CA LEU D 1021 -31.56 -40.41 -35.93
C LEU D 1021 -32.41 -40.12 -37.16
N ALA D 1022 -32.40 -38.86 -37.62
CA ALA D 1022 -33.14 -38.51 -38.83
C ALA D 1022 -32.56 -39.20 -40.06
N ALA D 1023 -31.25 -39.45 -40.07
CA ALA D 1023 -30.66 -40.18 -41.18
C ALA D 1023 -31.08 -41.64 -41.17
N THR D 1024 -31.32 -42.21 -39.99
CA THR D 1024 -31.80 -43.59 -39.91
C THR D 1024 -33.28 -43.68 -40.23
N LYS D 1025 -34.08 -42.70 -39.77
CA LYS D 1025 -35.49 -42.67 -40.13
C LYS D 1025 -35.68 -42.48 -41.63
N MET D 1026 -34.82 -41.67 -42.26
CA MET D 1026 -34.90 -41.47 -43.70
C MET D 1026 -34.53 -42.72 -44.48
N SER D 1027 -33.54 -43.48 -44.00
CA SER D 1027 -33.09 -44.67 -44.70
C SER D 1027 -34.09 -45.82 -44.61
N GLU D 1028 -34.49 -46.21 -43.40
CA GLU D 1028 -35.33 -47.38 -43.19
C GLU D 1028 -36.81 -47.12 -43.47
N CYS D 1029 -37.37 -46.02 -42.97
CA CYS D 1029 -38.81 -45.78 -43.10
C CYS D 1029 -39.20 -45.29 -44.49
N VAL D 1030 -38.37 -44.44 -45.12
CA VAL D 1030 -38.68 -43.86 -46.42
C VAL D 1030 -38.19 -44.74 -47.56
N LEU D 1031 -36.87 -44.92 -47.66
CA LEU D 1031 -36.31 -45.67 -48.79
C LEU D 1031 -36.82 -47.10 -48.84
N GLY D 1032 -36.64 -47.86 -47.76
CA GLY D 1032 -37.07 -49.24 -47.69
C GLY D 1032 -38.28 -49.38 -46.78
N GLN D 1033 -38.46 -50.59 -46.27
CA GLN D 1033 -39.55 -50.92 -45.36
C GLN D 1033 -38.95 -51.52 -44.10
N SER D 1034 -39.15 -50.85 -42.96
CA SER D 1034 -38.57 -51.28 -41.70
C SER D 1034 -39.56 -52.13 -40.92
N LYS D 1035 -39.10 -53.27 -40.43
CA LYS D 1035 -39.89 -54.17 -39.60
C LYS D 1035 -39.73 -53.86 -38.11
N ARG D 1036 -38.96 -52.83 -37.77
CA ARG D 1036 -38.71 -52.49 -36.38
C ARG D 1036 -39.98 -51.96 -35.72
N VAL D 1037 -40.26 -52.47 -34.52
CA VAL D 1037 -41.49 -52.12 -33.80
C VAL D 1037 -41.29 -50.78 -33.11
N ASP D 1038 -42.29 -49.90 -33.23
CA ASP D 1038 -42.26 -48.56 -32.64
C ASP D 1038 -41.04 -47.78 -33.09
N PHE D 1039 -40.74 -47.84 -34.39
CA PHE D 1039 -39.66 -47.08 -35.00
C PHE D 1039 -40.20 -46.07 -36.01
N CYS D 1040 -40.88 -46.56 -37.05
CA CYS D 1040 -41.53 -45.72 -38.05
C CYS D 1040 -42.90 -45.23 -37.57
N GLY D 1041 -43.23 -45.51 -36.33
CA GLY D 1041 -44.50 -45.13 -35.74
C GLY D 1041 -45.38 -46.33 -35.45
N LYS D 1042 -46.42 -46.08 -34.64
CA LYS D 1042 -47.27 -47.13 -34.12
C LYS D 1042 -47.98 -47.88 -35.25
N GLY D 1043 -48.14 -49.18 -35.08
CA GLY D 1043 -48.78 -50.03 -36.07
C GLY D 1043 -47.74 -50.66 -36.99
N TYR D 1044 -48.24 -51.52 -37.88
CA TYR D 1044 -47.38 -52.16 -38.87
C TYR D 1044 -47.04 -51.14 -39.95
N HIS D 1045 -45.74 -50.90 -40.14
CA HIS D 1045 -45.29 -49.85 -41.04
C HIS D 1045 -45.50 -50.23 -42.49
N LEU D 1046 -45.78 -49.23 -43.33
CA LEU D 1046 -45.90 -49.40 -44.77
C LEU D 1046 -44.92 -48.52 -45.53
N MET D 1047 -45.10 -47.20 -45.49
CA MET D 1047 -44.23 -46.29 -46.21
C MET D 1047 -44.16 -44.98 -45.43
N SER D 1048 -43.17 -44.16 -45.79
CA SER D 1048 -42.98 -42.85 -45.18
C SER D 1048 -42.71 -41.81 -46.25
N PHE D 1049 -43.32 -40.65 -46.11
CA PHE D 1049 -43.13 -39.53 -47.02
C PHE D 1049 -42.44 -38.39 -46.31
N PRO D 1050 -41.19 -38.07 -46.64
CA PRO D 1050 -40.51 -36.94 -45.99
C PRO D 1050 -41.06 -35.61 -46.46
N GLN D 1051 -40.92 -34.60 -45.59
CA GLN D 1051 -41.37 -33.25 -45.88
C GLN D 1051 -40.34 -32.26 -45.35
N SER D 1052 -40.17 -31.16 -46.09
CA SER D 1052 -39.23 -30.13 -45.69
C SER D 1052 -39.80 -29.30 -44.55
N ALA D 1053 -38.93 -28.95 -43.60
CA ALA D 1053 -39.30 -28.15 -42.44
C ALA D 1053 -38.12 -27.27 -42.08
N PRO D 1054 -38.38 -26.07 -41.54
CA PRO D 1054 -37.28 -25.19 -41.14
C PRO D 1054 -36.44 -25.83 -40.03
N HIS D 1055 -35.13 -25.85 -40.25
CA HIS D 1055 -34.17 -26.39 -39.28
C HIS D 1055 -34.52 -27.81 -38.85
N GLY D 1056 -35.07 -28.60 -39.77
CA GLY D 1056 -35.44 -29.96 -39.44
C GLY D 1056 -36.09 -30.66 -40.61
N VAL D 1057 -36.77 -31.76 -40.31
CA VAL D 1057 -37.46 -32.56 -41.32
C VAL D 1057 -38.68 -33.21 -40.66
N VAL D 1058 -39.75 -33.31 -41.43
CA VAL D 1058 -41.01 -33.90 -40.95
C VAL D 1058 -41.28 -35.15 -41.77
N PHE D 1059 -41.47 -36.28 -41.08
CA PHE D 1059 -41.78 -37.55 -41.71
C PHE D 1059 -43.27 -37.83 -41.59
N LEU D 1060 -43.89 -38.24 -42.69
CA LEU D 1060 -45.29 -38.63 -42.72
C LEU D 1060 -45.32 -40.15 -42.93
N HIS D 1061 -45.72 -40.86 -41.88
CA HIS D 1061 -45.66 -42.32 -41.90
C HIS D 1061 -47.04 -42.92 -42.17
N VAL D 1062 -47.07 -43.94 -43.03
CA VAL D 1062 -48.28 -44.69 -43.32
C VAL D 1062 -48.16 -46.05 -42.65
N THR D 1063 -49.10 -46.36 -41.77
CA THR D 1063 -49.06 -47.58 -40.97
C THR D 1063 -50.33 -48.39 -41.16
N TYR D 1064 -50.26 -49.66 -40.78
CA TYR D 1064 -51.37 -50.60 -40.87
C TYR D 1064 -51.88 -50.89 -39.47
N VAL D 1065 -53.08 -50.40 -39.16
CA VAL D 1065 -53.68 -50.53 -37.84
C VAL D 1065 -54.96 -51.34 -37.98
N PRO D 1066 -55.06 -52.52 -37.37
CA PRO D 1066 -56.33 -53.25 -37.37
C PRO D 1066 -57.38 -52.54 -36.52
N ALA D 1067 -58.64 -52.75 -36.88
CA ALA D 1067 -59.75 -52.05 -36.24
C ALA D 1067 -60.68 -52.99 -35.48
N GLN D 1068 -61.49 -53.77 -36.18
CA GLN D 1068 -62.51 -54.60 -35.56
C GLN D 1068 -61.96 -56.00 -35.31
N GLU D 1069 -62.33 -56.59 -34.18
CA GLU D 1069 -61.89 -57.91 -33.78
C GLU D 1069 -63.08 -58.79 -33.46
N LYS D 1070 -62.86 -60.10 -33.50
CA LYS D 1070 -63.90 -61.07 -33.16
C LYS D 1070 -63.24 -62.28 -32.51
N ASN D 1071 -63.92 -62.84 -31.51
CA ASN D 1071 -63.39 -63.96 -30.75
C ASN D 1071 -63.68 -65.28 -31.46
N PHE D 1072 -62.73 -66.21 -31.41
CA PHE D 1072 -62.87 -67.51 -32.03
C PHE D 1072 -62.26 -68.56 -31.12
N THR D 1073 -62.58 -69.82 -31.42
CA THR D 1073 -62.01 -70.97 -30.73
C THR D 1073 -60.98 -71.64 -31.62
N THR D 1074 -59.79 -71.86 -31.08
CA THR D 1074 -58.68 -72.41 -31.86
C THR D 1074 -58.29 -73.79 -31.35
N ALA D 1075 -57.35 -74.41 -32.05
CA ALA D 1075 -56.79 -75.69 -31.66
C ALA D 1075 -55.35 -75.74 -32.11
N PRO D 1076 -54.47 -76.43 -31.37
CA PRO D 1076 -53.07 -76.52 -31.81
C PRO D 1076 -52.88 -77.42 -33.03
N ALA D 1077 -53.73 -78.43 -33.22
CA ALA D 1077 -53.58 -79.34 -34.33
C ALA D 1077 -54.92 -80.03 -34.61
N ILE D 1078 -55.02 -80.61 -35.80
CA ILE D 1078 -56.17 -81.40 -36.20
C ILE D 1078 -55.74 -82.86 -36.30
N CYS D 1079 -56.48 -83.74 -35.64
CA CYS D 1079 -56.21 -85.17 -35.68
C CYS D 1079 -57.24 -85.84 -36.58
N HIS D 1080 -56.78 -86.47 -37.66
CA HIS D 1080 -57.65 -87.11 -38.63
C HIS D 1080 -57.52 -88.63 -38.62
N ASP D 1081 -56.43 -89.14 -39.20
CA ASP D 1081 -56.19 -90.58 -39.27
C ASP D 1081 -55.30 -91.07 -38.14
N GLY D 1082 -54.95 -90.18 -37.21
CA GLY D 1082 -53.99 -90.46 -36.17
C GLY D 1082 -52.66 -89.75 -36.32
N LYS D 1083 -52.43 -89.08 -37.45
CA LYS D 1083 -51.25 -88.25 -37.64
C LYS D 1083 -51.61 -86.79 -37.53
N ALA D 1084 -50.83 -86.04 -36.76
CA ALA D 1084 -51.12 -84.65 -36.46
C ALA D 1084 -50.90 -83.78 -37.69
N HIS D 1085 -51.71 -82.73 -37.80
CA HIS D 1085 -51.62 -81.76 -38.88
C HIS D 1085 -51.41 -80.37 -38.27
N PHE D 1086 -50.45 -79.62 -38.81
CA PHE D 1086 -50.14 -78.32 -38.25
C PHE D 1086 -50.19 -77.24 -39.34
N PRO D 1087 -50.66 -76.04 -38.99
CA PRO D 1087 -50.80 -74.99 -40.01
C PRO D 1087 -49.44 -74.57 -40.57
N ARG D 1088 -49.38 -74.47 -41.90
CA ARG D 1088 -48.19 -73.91 -42.53
C ARG D 1088 -48.16 -72.39 -42.38
N GLU D 1089 -49.27 -71.74 -42.68
CA GLU D 1089 -49.43 -70.29 -42.49
C GLU D 1089 -50.81 -70.04 -41.92
N GLY D 1090 -50.87 -69.30 -40.82
CA GLY D 1090 -52.11 -69.03 -40.13
C GLY D 1090 -52.33 -69.97 -38.96
N VAL D 1091 -53.56 -69.94 -38.45
CA VAL D 1091 -53.96 -70.77 -37.32
C VAL D 1091 -55.34 -71.35 -37.60
N PHE D 1092 -55.71 -72.34 -36.79
CA PHE D 1092 -57.02 -72.97 -36.86
C PHE D 1092 -58.04 -72.15 -36.08
N VAL D 1093 -59.20 -71.93 -36.68
CA VAL D 1093 -60.29 -71.18 -36.06
C VAL D 1093 -61.59 -71.96 -36.22
N SER D 1094 -62.58 -71.58 -35.41
CA SER D 1094 -63.88 -72.26 -35.45
C SER D 1094 -64.97 -71.25 -35.13
N ASN D 1095 -66.10 -71.38 -35.83
CA ASN D 1095 -67.29 -70.60 -35.56
C ASN D 1095 -68.24 -71.30 -34.61
N GLY D 1096 -67.84 -72.44 -34.06
CA GLY D 1096 -68.70 -73.23 -33.19
C GLY D 1096 -69.17 -74.51 -33.84
N THR D 1097 -69.00 -74.62 -35.15
CA THR D 1097 -69.35 -75.82 -35.90
C THR D 1097 -68.24 -76.34 -36.80
N HIS D 1098 -67.80 -75.56 -37.79
CA HIS D 1098 -66.79 -76.00 -38.75
C HIS D 1098 -65.47 -75.30 -38.46
N TRP D 1099 -64.38 -76.03 -38.66
CA TRP D 1099 -63.03 -75.53 -38.42
C TRP D 1099 -62.43 -74.98 -39.71
N PHE D 1100 -61.93 -73.75 -39.65
CA PHE D 1100 -61.36 -73.08 -40.81
C PHE D 1100 -59.93 -72.67 -40.50
N VAL D 1101 -59.19 -72.35 -41.57
CA VAL D 1101 -57.82 -71.86 -41.48
C VAL D 1101 -57.80 -70.43 -41.99
N THR D 1102 -57.29 -69.51 -41.16
CA THR D 1102 -57.23 -68.12 -41.53
C THR D 1102 -55.94 -67.50 -40.99
N GLN D 1103 -55.56 -66.37 -41.57
CA GLN D 1103 -54.38 -65.64 -41.17
C GLN D 1103 -54.64 -64.91 -39.85
N ARG D 1104 -53.53 -64.55 -39.17
CA ARG D 1104 -53.63 -63.85 -37.90
C ARG D 1104 -53.92 -62.37 -38.06
N ASN D 1105 -53.42 -61.74 -39.12
CA ASN D 1105 -53.63 -60.31 -39.35
C ASN D 1105 -54.92 -60.00 -40.09
N PHE D 1106 -55.57 -60.99 -40.69
CA PHE D 1106 -56.81 -60.77 -41.41
C PHE D 1106 -57.63 -62.06 -41.36
N TYR D 1107 -58.96 -61.91 -41.33
CA TYR D 1107 -59.85 -63.06 -41.20
C TYR D 1107 -60.27 -63.51 -42.59
N GLU D 1108 -59.80 -64.68 -43.01
CA GLU D 1108 -60.06 -65.22 -44.33
C GLU D 1108 -60.29 -66.72 -44.22
N PRO D 1109 -61.52 -67.15 -43.92
CA PRO D 1109 -61.78 -68.58 -43.71
C PRO D 1109 -61.38 -69.41 -44.92
N GLN D 1110 -60.68 -70.50 -44.66
CA GLN D 1110 -60.27 -71.44 -45.71
C GLN D 1110 -60.48 -72.86 -45.21
N ILE D 1111 -60.88 -73.73 -46.12
CA ILE D 1111 -61.11 -75.13 -45.79
C ILE D 1111 -59.77 -75.80 -45.48
N ILE D 1112 -59.76 -76.67 -44.45
CA ILE D 1112 -58.55 -77.37 -44.06
C ILE D 1112 -58.20 -78.37 -45.15
N THR D 1113 -56.99 -78.27 -45.69
CA THR D 1113 -56.54 -79.11 -46.77
C THR D 1113 -55.16 -79.67 -46.48
N THR D 1114 -54.66 -80.49 -47.41
CA THR D 1114 -53.34 -81.08 -47.28
C THR D 1114 -52.22 -80.12 -47.67
N ASP D 1115 -52.47 -79.24 -48.64
CA ASP D 1115 -51.45 -78.28 -49.06
C ASP D 1115 -51.30 -77.12 -48.09
N ASN D 1116 -52.29 -76.88 -47.23
CA ASN D 1116 -52.22 -75.82 -46.24
C ASN D 1116 -51.61 -76.28 -44.92
N THR D 1117 -51.40 -77.58 -44.74
CA THR D 1117 -50.85 -78.13 -43.51
C THR D 1117 -49.73 -79.10 -43.85
N PHE D 1118 -49.18 -79.73 -42.82
CA PHE D 1118 -48.15 -80.74 -42.98
C PHE D 1118 -48.28 -81.77 -41.87
N VAL D 1119 -47.76 -82.97 -42.13
CA VAL D 1119 -47.90 -84.11 -41.24
C VAL D 1119 -46.62 -84.26 -40.43
N SER D 1120 -46.73 -84.10 -39.12
CA SER D 1120 -45.58 -84.30 -38.23
C SER D 1120 -46.07 -84.91 -36.93
N GLY D 1121 -45.34 -85.92 -36.44
CA GLY D 1121 -45.68 -86.51 -35.16
C GLY D 1121 -46.97 -87.31 -35.22
N ASN D 1122 -47.64 -87.40 -34.07
CA ASN D 1122 -48.90 -88.14 -33.97
C ASN D 1122 -49.84 -87.36 -33.05
N CYS D 1123 -50.97 -87.97 -32.74
CA CYS D 1123 -52.02 -87.33 -31.95
C CYS D 1123 -51.86 -87.56 -30.45
N ASP D 1124 -50.94 -88.43 -30.03
CA ASP D 1124 -50.78 -88.79 -28.63
C ASP D 1124 -49.78 -87.91 -27.90
N VAL D 1125 -49.21 -86.90 -28.56
CA VAL D 1125 -48.22 -86.02 -27.96
C VAL D 1125 -48.77 -84.62 -27.71
N VAL D 1126 -49.19 -83.93 -28.76
CA VAL D 1126 -49.67 -82.55 -28.64
C VAL D 1126 -50.90 -82.52 -27.75
N ILE D 1127 -50.88 -81.65 -26.75
CA ILE D 1127 -51.99 -81.48 -25.83
C ILE D 1127 -52.99 -80.49 -26.42
N GLY D 1128 -54.28 -80.75 -26.22
CA GLY D 1128 -55.32 -79.90 -26.74
C GLY D 1128 -55.71 -80.17 -28.18
N ILE D 1129 -55.18 -81.22 -28.80
CA ILE D 1129 -55.50 -81.54 -30.19
C ILE D 1129 -56.94 -82.01 -30.27
N VAL D 1130 -57.60 -81.67 -31.38
CA VAL D 1130 -59.00 -82.01 -31.58
C VAL D 1130 -59.11 -82.91 -32.81
N ASN D 1131 -60.21 -83.65 -32.88
CA ASN D 1131 -60.47 -84.58 -33.97
C ASN D 1131 -61.32 -83.91 -35.04
N ASN D 1132 -60.90 -84.04 -36.29
CA ASN D 1132 -61.63 -83.48 -37.42
C ASN D 1132 -61.13 -84.19 -38.68
N THR D 1133 -61.71 -83.83 -39.82
CA THR D 1133 -61.34 -84.39 -41.11
C THR D 1133 -60.58 -83.36 -41.93
N VAL D 1134 -59.66 -83.85 -42.75
CA VAL D 1134 -58.81 -83.00 -43.59
C VAL D 1134 -59.17 -83.25 -45.04
N TYR D 1135 -59.65 -82.20 -45.72
CA TYR D 1135 -59.99 -82.30 -47.12
C TYR D 1135 -58.73 -82.50 -47.96
N ASP D 1136 -58.84 -83.38 -48.96
CA ASP D 1136 -57.74 -83.67 -49.87
C ASP D 1136 -58.15 -83.19 -51.26
N PRO D 1137 -57.46 -82.21 -51.84
CA PRO D 1137 -57.80 -81.77 -53.20
C PRO D 1137 -57.67 -82.86 -54.25
N LEU D 1138 -56.84 -83.88 -54.00
CA LEU D 1138 -56.68 -84.97 -54.95
C LEU D 1138 -57.81 -85.99 -54.88
N GLN D 1139 -58.56 -86.02 -53.77
CA GLN D 1139 -59.61 -87.02 -53.61
C GLN D 1139 -60.73 -86.86 -54.64
N PRO D 1140 -61.37 -85.70 -54.79
CA PRO D 1140 -62.46 -85.59 -55.77
C PRO D 1140 -62.01 -85.68 -57.22
N GLU D 1141 -60.75 -85.33 -57.52
CA GLU D 1141 -60.26 -85.49 -58.88
C GLU D 1141 -60.23 -86.96 -59.29
N LEU D 1142 -59.74 -87.84 -58.42
CA LEU D 1142 -59.81 -89.27 -58.67
C LEU D 1142 -61.18 -89.86 -58.41
N ASP D 1143 -61.97 -89.24 -57.52
CA ASP D 1143 -63.34 -89.71 -57.31
C ASP D 1143 -64.20 -89.48 -58.54
N SER D 1144 -64.15 -88.26 -59.09
CA SER D 1144 -64.84 -88.00 -60.35
C SER D 1144 -64.23 -88.81 -61.49
N PHE D 1145 -62.93 -89.09 -61.42
CA PHE D 1145 -62.31 -89.97 -62.40
C PHE D 1145 -62.75 -91.42 -62.20
N LYS D 1146 -62.99 -91.83 -60.94
CA LYS D 1146 -63.49 -93.17 -60.68
C LYS D 1146 -64.92 -93.33 -61.17
N GLU D 1147 -65.77 -92.32 -60.93
CA GLU D 1147 -67.12 -92.35 -61.47
C GLU D 1147 -67.11 -92.31 -63.00
N GLU D 1148 -66.17 -91.54 -63.58
CA GLU D 1148 -66.00 -91.58 -65.04
C GLU D 1148 -65.46 -92.92 -65.49
N LEU D 1149 -64.54 -93.51 -64.71
CA LEU D 1149 -64.04 -94.85 -65.05
C LEU D 1149 -65.11 -95.91 -64.85
N ASP D 1150 -66.00 -95.72 -63.87
CA ASP D 1150 -67.07 -96.68 -63.64
C ASP D 1150 -68.04 -96.73 -64.83
N LYS D 1151 -68.32 -95.58 -65.44
CA LYS D 1151 -69.20 -95.55 -66.60
C LYS D 1151 -68.59 -96.21 -67.82
N TYR D 1152 -67.26 -96.40 -67.83
CA TYR D 1152 -66.63 -97.08 -68.95
C TYR D 1152 -66.83 -98.59 -68.89
N PHE D 1153 -66.85 -99.18 -67.69
CA PHE D 1153 -67.10 -100.61 -67.57
C PHE D 1153 -68.57 -100.94 -67.78
N LYS D 1154 -69.48 -100.08 -67.30
CA LYS D 1154 -70.89 -100.31 -67.52
C LYS D 1154 -71.27 -100.22 -68.99
N ASN D 1155 -70.58 -99.39 -69.76
CA ASN D 1155 -70.81 -99.30 -71.18
C ASN D 1155 -70.26 -100.51 -71.92
N HIS D 1156 -69.06 -100.98 -71.57
CA HIS D 1156 -68.47 -102.13 -72.24
C HIS D 1156 -69.29 -103.40 -72.04
N THR D 1157 -69.83 -103.60 -70.83
CA THR D 1157 -70.65 -104.78 -70.56
C THR D 1157 -71.97 -104.78 -71.33
N SER D 1158 -72.46 -103.60 -71.71
CA SER D 1158 -73.71 -103.49 -72.46
C SER D 1158 -73.48 -103.76 -73.95
N GLU E 1 25.28 30.22 48.15
CA GLU E 1 25.46 29.43 49.37
C GLU E 1 24.43 29.82 50.43
N VAL E 2 24.82 29.70 51.69
CA VAL E 2 23.95 30.02 52.82
C VAL E 2 24.45 31.30 53.47
N GLN E 3 23.53 32.23 53.73
CA GLN E 3 23.84 33.47 54.43
C GLN E 3 23.39 33.32 55.88
N LEU E 4 24.36 33.29 56.80
CA LEU E 4 24.08 33.12 58.22
C LEU E 4 24.13 34.49 58.88
N GLN E 5 22.97 34.98 59.32
CA GLN E 5 22.86 36.31 59.90
C GLN E 5 22.65 36.18 61.41
N GLN E 6 23.65 36.59 62.18
CA GLN E 6 23.61 36.52 63.63
C GLN E 6 23.28 37.90 64.21
N SER E 7 23.29 37.96 65.54
CA SER E 7 23.08 39.21 66.23
C SER E 7 24.41 39.93 66.44
N GLY E 8 24.33 41.11 67.04
CA GLY E 8 25.51 41.89 67.34
C GLY E 8 26.13 41.51 68.68
N PRO E 9 27.11 42.28 69.12
CA PRO E 9 27.72 42.02 70.43
C PRO E 9 26.78 42.40 71.56
N GLU E 10 26.79 41.57 72.61
CA GLU E 10 25.96 41.78 73.78
C GLU E 10 26.84 42.08 75.00
N LEU E 11 26.41 43.07 75.78
CA LEU E 11 27.06 43.42 77.05
C LEU E 11 26.04 43.20 78.16
N VAL E 12 26.29 42.20 79.00
CA VAL E 12 25.37 41.83 80.07
C VAL E 12 26.16 41.74 81.38
N LYS E 13 25.45 41.35 82.44
CA LYS E 13 26.02 41.19 83.77
C LYS E 13 25.84 39.75 84.24
N PRO E 14 26.75 39.27 85.10
CA PRO E 14 26.61 37.90 85.63
C PRO E 14 25.32 37.73 86.41
N GLY E 15 24.59 36.66 86.09
CA GLY E 15 23.32 36.36 86.71
C GLY E 15 22.12 36.63 85.84
N ALA E 16 22.30 37.32 84.73
CA ALA E 16 21.21 37.63 83.81
C ALA E 16 21.17 36.61 82.67
N SER E 17 20.31 36.86 81.70
CA SER E 17 20.13 35.99 80.55
C SER E 17 20.46 36.74 79.26
N VAL E 18 20.81 35.98 78.22
CA VAL E 18 21.15 36.53 76.93
C VAL E 18 20.66 35.57 75.85
N LYS E 19 20.18 36.13 74.75
CA LYS E 19 19.65 35.36 73.63
C LYS E 19 20.51 35.61 72.40
N ILE E 20 20.85 34.54 71.69
CA ILE E 20 21.65 34.61 70.48
C ILE E 20 20.87 33.95 69.36
N SER E 21 20.61 34.70 68.29
CA SER E 21 19.82 34.22 67.16
C SER E 21 20.73 33.93 65.96
N CYS E 22 20.35 32.90 65.21
CA CYS E 22 21.08 32.51 64.01
C CYS E 22 20.06 32.35 62.89
N LYS E 23 20.20 33.16 61.84
CA LYS E 23 19.26 33.18 60.73
C LYS E 23 19.85 32.44 59.54
N THR E 24 19.04 31.57 58.94
CA THR E 24 19.44 30.79 57.78
C THR E 24 18.59 31.14 56.57
N SER E 25 19.20 31.04 55.38
CA SER E 25 18.50 31.37 54.16
C SER E 25 19.11 30.58 53.01
N GLY E 26 18.31 30.36 51.97
CA GLY E 26 18.78 29.72 50.75
C GLY E 26 18.43 28.26 50.61
N TYR E 27 18.19 27.58 51.73
CA TYR E 27 17.83 26.18 51.75
C TYR E 27 16.67 25.95 52.72
N THR E 28 16.32 24.68 52.90
CA THR E 28 15.25 24.31 53.82
C THR E 28 15.80 24.27 55.25
N PHE E 29 15.11 24.96 56.16
CA PHE E 29 15.57 25.00 57.54
C PHE E 29 15.23 23.72 58.30
N THR E 30 14.11 23.09 57.96
CA THR E 30 13.66 21.89 58.67
C THR E 30 14.35 20.62 58.21
N GLU E 31 15.19 20.70 57.18
CA GLU E 31 15.88 19.51 56.66
C GLU E 31 17.16 19.20 57.43
N TYR E 32 18.14 20.10 57.39
CA TYR E 32 19.45 19.85 57.95
C TYR E 32 19.43 20.10 59.46
N THR E 33 20.61 20.07 60.09
CA THR E 33 20.74 20.14 61.54
C THR E 33 21.51 21.37 61.95
N MET E 34 21.34 21.77 63.21
CA MET E 34 21.95 22.97 63.76
C MET E 34 22.87 22.60 64.92
N TYR E 35 23.99 23.31 65.03
CA TYR E 35 24.95 23.12 66.10
C TYR E 35 25.49 24.47 66.55
N TRP E 36 26.17 24.46 67.70
CA TRP E 36 26.76 25.66 68.29
C TRP E 36 28.13 25.32 68.85
N VAL E 37 29.09 26.23 68.65
CA VAL E 37 30.47 26.05 69.09
C VAL E 37 30.91 27.33 69.78
N LYS E 38 31.54 27.19 70.95
CA LYS E 38 32.09 28.30 71.70
C LYS E 38 33.61 28.24 71.64
N GLN E 39 34.24 29.42 71.52
CA GLN E 39 35.70 29.52 71.43
C GLN E 39 36.22 30.05 72.77
N SER E 40 36.92 29.20 73.52
CA SER E 40 37.38 29.52 74.86
C SER E 40 38.85 29.92 74.83
N HIS E 41 39.12 31.07 75.45
CA HIS E 41 40.46 31.67 75.56
C HIS E 41 41.07 31.95 74.19
N GLY E 42 40.23 32.00 73.17
CA GLY E 42 40.59 32.48 71.83
C GLY E 42 41.27 31.50 70.90
N GLN E 43 42.03 30.55 71.46
CA GLN E 43 42.63 29.49 70.66
C GLN E 43 41.92 28.14 70.74
N SER E 44 40.87 28.00 71.56
CA SER E 44 40.29 26.70 71.81
C SER E 44 38.78 26.73 71.62
N LEU E 45 38.28 25.79 70.82
CA LEU E 45 36.85 25.68 70.53
C LEU E 45 36.22 24.68 71.49
N GLU E 46 34.99 24.96 71.91
CA GLU E 46 34.22 24.09 72.78
C GLU E 46 32.87 23.80 72.15
N TRP E 47 32.43 22.55 72.25
CA TRP E 47 31.18 22.11 71.66
C TRP E 47 30.05 22.30 72.68
N ILE E 48 29.10 23.16 72.35
CA ILE E 48 27.99 23.47 73.24
C ILE E 48 26.93 22.37 73.13
N GLY E 49 26.31 22.27 71.97
CA GLY E 49 25.29 21.26 71.77
C GLY E 49 24.79 21.29 70.33
N GLY E 50 23.69 20.59 70.10
CA GLY E 50 23.09 20.54 68.78
C GLY E 50 21.61 20.28 68.87
N ILE E 51 20.90 20.70 67.82
CA ILE E 51 19.45 20.54 67.77
C ILE E 51 19.01 20.20 66.36
N ASN E 52 18.11 19.25 66.23
CA ASN E 52 17.51 18.93 64.94
C ASN E 52 16.15 19.61 64.85
N PRO E 53 15.99 20.65 64.02
CA PRO E 53 14.73 21.40 64.01
C PRO E 53 13.53 20.60 63.54
N ASN E 54 13.76 19.53 62.77
CA ASN E 54 12.64 18.70 62.30
C ASN E 54 11.86 18.11 63.47
N ILE E 55 12.49 17.22 64.22
CA ILE E 55 11.83 16.53 65.32
C ILE E 55 12.06 17.23 66.65
N ASP E 56 12.77 18.34 66.65
CA ASP E 56 13.03 19.13 67.86
C ASP E 56 13.75 18.30 68.92
N ASP E 57 14.83 17.64 68.51
CA ASP E 57 15.65 16.86 69.41
C ASP E 57 16.80 17.72 69.94
N THR E 58 16.97 17.69 71.26
CA THR E 58 17.95 18.55 71.92
C THR E 58 18.93 17.70 72.70
N THR E 59 20.23 17.90 72.43
CA THR E 59 21.31 17.26 73.17
C THR E 59 22.37 18.30 73.50
N TYR E 60 23.06 18.07 74.61
CA TYR E 60 24.06 19.01 75.10
C TYR E 60 25.27 18.24 75.63
N ASN E 61 26.36 18.97 75.84
CA ASN E 61 27.58 18.40 76.40
C ASN E 61 27.44 18.32 77.92
N GLN E 62 28.48 17.77 78.57
CA GLN E 62 28.44 17.63 80.02
C GLN E 62 28.71 18.95 80.73
N ASN E 63 29.58 19.79 80.15
CA ASN E 63 29.88 21.08 80.75
C ASN E 63 28.71 22.05 80.62
N PHE E 64 27.96 22.00 79.52
CA PHE E 64 26.91 22.94 79.21
C PHE E 64 25.55 22.48 79.77
N LYS E 65 25.54 21.40 80.54
CA LYS E 65 24.30 20.93 81.16
C LYS E 65 23.65 22.03 81.99
N ASP E 66 22.31 21.99 82.02
CA ASP E 66 21.44 22.89 82.81
C ASP E 66 21.89 24.34 82.75
N LYS E 67 22.36 24.78 81.59
CA LYS E 67 22.82 26.14 81.38
C LYS E 67 22.18 26.81 80.16
N ALA E 68 22.46 26.31 78.97
CA ALA E 68 21.95 26.88 77.73
C ALA E 68 20.81 26.03 77.19
N THR E 69 19.83 26.69 76.58
CA THR E 69 18.71 26.03 75.95
C THR E 69 18.69 26.36 74.46
N LEU E 70 18.05 25.49 73.68
CA LEU E 70 17.98 25.65 72.22
C LEU E 70 16.54 25.53 71.79
N THR E 71 16.02 26.58 71.15
CA THR E 71 14.69 26.59 70.58
C THR E 71 14.76 27.04 69.12
N VAL E 72 13.80 26.57 68.33
CA VAL E 72 13.76 26.87 66.91
C VAL E 72 12.45 27.55 66.57
N ASP E 73 12.43 28.25 65.44
CA ASP E 73 11.25 28.94 64.94
C ASP E 73 11.01 28.52 63.50
N LYS E 74 9.84 27.95 63.24
CA LYS E 74 9.54 27.46 61.90
C LYS E 74 9.14 28.58 60.95
N SER E 75 8.45 29.60 61.45
CA SER E 75 7.98 30.69 60.59
C SER E 75 9.13 31.54 60.05
N SER E 76 10.02 31.99 60.93
CA SER E 76 11.14 32.84 60.51
C SER E 76 12.40 32.05 60.16
N SER E 77 12.40 30.73 60.34
CA SER E 77 13.55 29.88 60.05
C SER E 77 14.79 30.36 60.81
N THR E 78 14.64 30.58 62.11
CA THR E 78 15.71 31.08 62.96
C THR E 78 15.97 30.11 64.10
N ALA E 79 17.21 30.10 64.58
CA ALA E 79 17.60 29.27 65.71
C ALA E 79 17.94 30.15 66.90
N TYR E 80 17.38 29.82 68.06
CA TYR E 80 17.55 30.58 69.28
C TYR E 80 18.38 29.80 70.28
N MET E 81 19.33 30.49 70.91
CA MET E 81 20.15 29.91 71.97
C MET E 81 20.16 30.89 73.13
N GLU E 82 19.61 30.46 74.28
CA GLU E 82 19.45 31.31 75.45
C GLU E 82 20.28 30.75 76.59
N PHE E 83 20.93 31.62 77.34
CA PHE E 83 21.77 31.23 78.47
C PHE E 83 21.13 31.69 79.78
N ARG E 84 21.36 30.91 80.84
CA ARG E 84 20.86 31.23 82.16
C ARG E 84 21.97 31.00 83.19
N SER E 85 21.94 31.80 84.25
CA SER E 85 22.96 31.75 85.32
C SER E 85 24.36 31.91 84.75
N LEU E 86 24.64 33.12 84.26
CA LEU E 86 25.93 33.40 83.65
C LEU E 86 27.00 33.61 84.72
N THR E 87 28.23 33.32 84.35
CA THR E 87 29.40 33.52 85.20
C THR E 87 30.48 34.24 84.42
N PHE E 88 31.62 34.48 85.09
CA PHE E 88 32.72 35.18 84.45
C PHE E 88 33.44 34.30 83.42
N ASP E 89 33.27 32.98 83.49
CA ASP E 89 33.87 32.09 82.51
C ASP E 89 33.01 31.91 81.26
N ASP E 90 31.84 32.53 81.21
CA ASP E 90 30.93 32.41 80.08
C ASP E 90 31.15 33.47 79.02
N SER E 91 32.17 34.33 79.18
CA SER E 91 32.46 35.38 78.20
C SER E 91 33.40 34.83 77.15
N ALA E 92 32.92 34.71 75.92
CA ALA E 92 33.69 34.11 74.84
C ALA E 92 33.00 34.47 73.51
N VAL E 93 33.51 33.90 72.43
CA VAL E 93 32.97 34.11 71.10
C VAL E 93 32.20 32.85 70.71
N TYR E 94 30.93 33.02 70.34
CA TYR E 94 30.06 31.91 69.99
C TYR E 94 29.90 31.82 68.49
N TYR E 95 29.80 30.58 67.99
CA TYR E 95 29.66 30.31 66.57
C TYR E 95 28.39 29.51 66.31
N CYS E 96 27.75 29.78 65.18
CA CYS E 96 26.57 29.05 64.73
C CYS E 96 27.01 28.05 63.66
N ALA E 97 26.95 26.76 63.99
CA ALA E 97 27.39 25.70 63.10
C ALA E 97 26.17 25.03 62.48
N ARG E 98 25.99 25.23 61.18
CA ARG E 98 24.92 24.59 60.42
C ARG E 98 25.52 23.47 59.58
N ASP E 99 25.09 22.24 59.83
CA ASP E 99 25.63 21.07 59.13
C ASP E 99 24.66 20.69 58.02
N ASP E 100 25.11 20.91 56.78
CA ASP E 100 24.28 20.60 55.62
C ASP E 100 24.76 19.32 54.94
N LYS E 101 25.96 19.35 54.38
CA LYS E 101 26.57 18.17 53.78
C LYS E 101 27.84 17.83 54.56
N ALA E 102 28.20 16.54 54.49
CA ALA E 102 29.40 16.09 55.19
C ALA E 102 30.68 16.57 54.52
N SER E 103 30.59 17.11 53.31
CA SER E 103 31.79 17.59 52.62
C SER E 103 32.33 18.85 53.27
N PHE E 104 31.49 19.86 53.48
CA PHE E 104 31.91 21.11 54.08
C PHE E 104 30.81 21.61 55.00
N ALA E 105 31.19 22.10 56.18
CA ALA E 105 30.25 22.63 57.16
C ALA E 105 30.27 24.16 57.08
N PHE E 106 29.09 24.75 57.02
CA PHE E 106 28.95 26.20 56.93
C PHE E 106 29.07 26.83 58.31
N TRP E 107 29.75 27.97 58.38
CA TRP E 107 29.99 28.67 59.62
C TRP E 107 29.56 30.14 59.49
N GLY E 108 29.20 30.73 60.62
CA GLY E 108 28.75 32.10 60.66
C GLY E 108 29.86 33.10 60.97
N GLN E 109 29.50 34.35 61.21
CA GLN E 109 30.45 35.41 61.52
C GLN E 109 30.98 35.36 62.93
N GLY E 110 30.19 34.86 63.88
CA GLY E 110 30.59 34.81 65.27
C GLY E 110 29.86 35.83 66.12
N THR E 111 29.74 35.56 67.42
CA THR E 111 29.01 36.43 68.34
C THR E 111 29.88 36.65 69.57
N LEU E 112 30.23 37.90 69.83
CA LEU E 112 31.05 38.26 70.99
C LEU E 112 30.13 38.63 72.14
N VAL E 113 30.14 37.81 73.18
CA VAL E 113 29.33 38.03 74.37
C VAL E 113 30.27 38.29 75.54
N THR E 114 30.28 39.52 76.04
CA THR E 114 31.12 39.92 77.17
C THR E 114 30.23 40.13 78.38
N VAL E 115 30.37 39.24 79.37
CA VAL E 115 29.57 39.29 80.59
C VAL E 115 30.46 39.74 81.74
N SER E 116 30.17 40.92 82.29
CA SER E 116 30.91 41.46 83.42
C SER E 116 30.04 42.51 84.10
N ALA E 117 30.39 42.83 85.33
CA ALA E 117 29.72 43.87 86.11
C ALA E 117 30.66 45.08 86.14
N ALA E 118 30.31 46.12 85.39
CA ALA E 118 31.12 47.33 85.31
C ALA E 118 30.26 48.48 84.84
N LYS E 119 30.76 49.69 85.06
CA LYS E 119 30.13 50.91 84.59
C LYS E 119 31.04 51.60 83.58
N THR E 120 30.42 52.18 82.55
CA THR E 120 31.17 52.85 81.49
C THR E 120 31.93 54.05 82.07
N THR E 121 33.23 54.09 81.84
CA THR E 121 34.08 55.15 82.36
C THR E 121 34.97 55.70 81.25
N PRO E 122 35.27 57.00 81.26
CA PRO E 122 36.16 57.56 80.26
C PRO E 122 37.59 57.13 80.52
N PRO E 123 38.39 56.94 79.47
CA PRO E 123 39.77 56.48 79.65
C PRO E 123 40.67 57.57 80.21
N SER E 124 41.71 57.13 80.91
CA SER E 124 42.72 58.02 81.48
C SER E 124 44.04 57.77 80.74
N VAL E 125 44.63 58.84 80.22
CA VAL E 125 45.84 58.76 79.41
C VAL E 125 47.02 59.27 80.23
N TYR E 126 48.04 58.42 80.40
CA TYR E 126 49.26 58.80 81.09
C TYR E 126 50.43 58.76 80.12
N PRO E 127 51.02 59.91 79.77
CA PRO E 127 52.14 59.89 78.83
C PRO E 127 53.41 59.34 79.46
N LEU E 128 54.33 58.92 78.59
CA LEU E 128 55.60 58.36 79.02
C LEU E 128 56.73 58.96 78.19
N ALA E 129 57.82 59.32 78.86
CA ALA E 129 58.99 59.87 78.21
C ALA E 129 60.23 59.32 78.90
N PRO E 130 61.31 59.05 78.17
CA PRO E 130 62.52 58.55 78.80
C PRO E 130 63.13 59.56 79.75
N GLY E 131 63.80 59.07 80.78
CA GLY E 131 64.46 59.89 81.77
C GLY E 131 65.94 60.10 81.55
N SER E 132 66.52 59.54 80.49
CA SER E 132 67.93 59.69 80.20
C SER E 132 68.15 60.86 79.23
N ALA E 133 69.16 61.66 79.49
CA ALA E 133 69.46 62.80 78.64
C ALA E 133 70.16 62.41 77.34
N ALA E 134 70.93 61.32 77.35
CA ALA E 134 71.63 60.88 76.15
C ALA E 134 71.70 59.36 76.16
N GLN E 135 71.83 58.79 74.97
CA GLN E 135 71.91 57.34 74.81
C GLN E 135 72.74 57.02 73.58
N THR E 136 73.32 55.82 73.58
CA THR E 136 74.12 55.37 72.44
C THR E 136 73.25 54.92 71.28
N ASN E 137 72.00 54.55 71.53
CA ASN E 137 71.12 54.09 70.47
C ASN E 137 70.59 55.27 69.68
N SER E 138 70.53 55.12 68.36
CA SER E 138 70.02 56.18 67.50
C SER E 138 68.50 56.20 67.44
N MET E 139 67.85 55.17 67.98
CA MET E 139 66.39 55.09 68.00
C MET E 139 65.89 55.18 69.43
N VAL E 140 65.03 56.17 69.68
CA VAL E 140 64.44 56.38 71.01
C VAL E 140 62.99 55.92 70.96
N THR E 141 62.53 55.37 72.08
CA THR E 141 61.18 54.82 72.18
C THR E 141 60.33 55.73 73.05
N LEU E 142 59.03 55.79 72.71
CA LEU E 142 58.04 56.51 73.49
C LEU E 142 56.89 55.56 73.81
N GLY E 143 56.06 55.96 74.78
CA GLY E 143 54.95 55.14 75.19
C GLY E 143 53.77 55.96 75.69
N CYS E 144 52.60 55.33 75.66
CA CYS E 144 51.36 55.97 76.10
C CYS E 144 50.55 54.95 76.86
N LEU E 145 50.12 55.31 78.07
CA LEU E 145 49.35 54.42 78.92
C LEU E 145 47.88 54.84 78.93
N VAL E 146 47.00 53.88 78.68
CA VAL E 146 45.56 54.09 78.69
C VAL E 146 44.97 53.17 79.75
N LYS E 147 44.41 53.76 80.80
CA LYS E 147 43.88 53.00 81.92
C LYS E 147 42.47 53.46 82.26
N GLY E 148 41.70 52.57 82.87
CA GLY E 148 40.36 52.90 83.33
C GLY E 148 39.36 53.21 82.23
N TYR E 149 39.20 52.29 81.29
CA TYR E 149 38.23 52.44 80.21
C TYR E 149 37.36 51.19 80.12
N PHE E 150 36.19 51.36 79.51
CA PHE E 150 35.20 50.29 79.40
C PHE E 150 34.00 50.79 78.60
N PRO E 151 33.48 49.95 77.68
CA PRO E 151 34.01 48.64 77.33
C PRO E 151 35.10 48.68 76.24
N GLU E 152 35.63 47.52 75.90
CA GLU E 152 36.65 47.39 74.87
C GLU E 152 36.01 47.19 73.50
N PRO E 153 36.74 47.48 72.41
CA PRO E 153 38.08 48.09 72.35
C PRO E 153 38.04 49.61 72.20
N VAL E 154 39.21 50.22 72.11
CA VAL E 154 39.36 51.63 71.82
C VAL E 154 40.43 51.80 70.75
N THR E 155 40.25 52.80 69.89
CA THR E 155 41.18 53.07 68.81
C THR E 155 42.22 54.09 69.28
N VAL E 156 43.49 53.70 69.22
CA VAL E 156 44.60 54.54 69.65
C VAL E 156 45.40 54.94 68.42
N THR E 157 45.59 56.25 68.24
CA THR E 157 46.35 56.78 67.12
C THR E 157 47.50 57.64 67.64
N TRP E 158 48.53 57.78 66.82
CA TRP E 158 49.73 58.54 67.17
C TRP E 158 49.82 59.76 66.26
N ASN E 159 49.82 60.94 66.87
CA ASN E 159 49.89 62.21 66.15
C ASN E 159 48.78 62.32 65.11
N SER E 160 47.54 62.12 65.57
CA SER E 160 46.35 62.14 64.71
C SER E 160 46.48 61.15 63.56
N GLY E 161 47.08 60.00 63.84
CA GLY E 161 47.26 58.95 62.86
C GLY E 161 48.22 59.28 61.74
N SER E 162 49.08 60.30 61.90
CA SER E 162 49.99 60.68 60.83
C SER E 162 51.19 59.73 60.76
N LEU E 163 51.60 59.17 61.89
CA LEU E 163 52.75 58.26 61.92
C LEU E 163 52.25 56.83 62.00
N SER E 164 52.38 56.11 60.88
CA SER E 164 51.96 54.71 60.79
C SER E 164 53.11 53.73 60.94
N SER E 165 54.35 54.19 61.09
CA SER E 165 55.51 53.32 61.09
C SER E 165 55.98 53.05 62.51
N GLY E 166 56.32 51.79 62.79
CA GLY E 166 56.86 51.40 64.08
C GLY E 166 55.86 51.49 65.22
N VAL E 167 54.58 51.28 64.91
CA VAL E 167 53.50 51.37 65.89
C VAL E 167 53.23 49.96 66.42
N HIS E 168 53.38 49.79 67.74
CA HIS E 168 53.13 48.51 68.41
C HIS E 168 51.94 48.68 69.33
N THR E 169 50.84 48.01 69.01
CA THR E 169 49.61 48.07 69.79
C THR E 169 49.43 46.76 70.53
N PHE E 170 49.52 46.80 71.86
CA PHE E 170 49.39 45.62 72.71
C PHE E 170 47.93 45.40 73.09
N PRO E 171 47.52 44.15 73.25
CA PRO E 171 46.13 43.87 73.62
C PRO E 171 45.83 44.28 75.06
N ALA E 172 44.55 44.39 75.35
CA ALA E 172 44.07 44.83 76.65
C ALA E 172 44.13 43.69 77.67
N VAL E 173 44.38 44.05 78.93
CA VAL E 173 44.37 43.12 80.04
C VAL E 173 43.28 43.53 81.01
N LEU E 174 42.73 42.54 81.72
CA LEU E 174 41.60 42.76 82.62
C LEU E 174 42.08 42.72 84.06
N GLN E 175 41.91 43.83 84.78
CA GLN E 175 42.25 43.91 86.19
C GLN E 175 41.14 44.63 86.92
N SER E 176 40.56 43.96 87.93
CA SER E 176 39.51 44.55 88.77
C SER E 176 38.34 45.06 87.93
N ASP E 177 37.92 44.24 86.97
CA ASP E 177 36.81 44.55 86.06
C ASP E 177 37.08 45.80 85.22
N LEU E 178 38.35 46.14 85.02
CA LEU E 178 38.75 47.24 84.16
C LEU E 178 39.79 46.76 83.17
N TYR E 179 39.86 47.44 82.02
CA TYR E 179 40.76 47.08 80.94
C TYR E 179 41.90 48.09 80.84
N THR E 180 43.08 47.59 80.49
CA THR E 180 44.27 48.42 80.37
C THR E 180 45.09 47.96 79.18
N LEU E 181 45.51 48.89 78.35
CA LEU E 181 46.37 48.61 77.20
C LEU E 181 47.58 49.53 77.22
N SER E 182 48.58 49.16 76.42
CA SER E 182 49.79 49.96 76.29
C SER E 182 50.20 50.01 74.83
N SER E 183 50.90 51.08 74.45
CA SER E 183 51.36 51.28 73.09
C SER E 183 52.72 51.96 73.12
N SER E 184 53.60 51.52 72.21
CA SER E 184 54.94 52.07 72.12
C SER E 184 55.33 52.21 70.66
N VAL E 185 56.08 53.27 70.35
CA VAL E 185 56.52 53.54 68.99
C VAL E 185 58.02 53.81 69.01
N THR E 186 58.63 53.66 67.83
CA THR E 186 60.05 53.91 67.64
C THR E 186 60.22 55.26 66.95
N VAL E 187 61.04 56.12 67.54
CA VAL E 187 61.27 57.48 67.04
C VAL E 187 62.77 57.65 66.84
N PRO E 188 63.21 58.31 65.77
CA PRO E 188 64.65 58.57 65.61
C PRO E 188 65.12 59.68 66.55
N SER E 189 66.42 59.68 66.81
CA SER E 189 67.02 60.66 67.72
C SER E 189 67.07 62.06 67.13
N SER E 190 66.80 62.22 65.83
CA SER E 190 66.83 63.55 65.22
C SER E 190 65.62 64.39 65.64
N THR E 191 64.41 63.85 65.54
CA THR E 191 63.19 64.58 65.90
C THR E 191 62.93 64.62 67.40
N TRP E 192 63.53 63.71 68.17
CA TRP E 192 63.33 63.67 69.62
C TRP E 192 64.57 64.11 70.38
N PRO E 193 64.44 65.08 71.30
CA PRO E 193 63.21 65.85 71.51
C PRO E 193 63.18 67.17 70.74
N SER E 194 63.36 67.11 69.42
CA SER E 194 63.32 68.34 68.63
C SER E 194 61.88 68.76 68.35
N GLU E 195 60.99 67.81 68.10
CA GLU E 195 59.58 68.10 67.87
C GLU E 195 58.74 67.28 68.84
N THR E 196 57.53 67.76 69.11
CA THR E 196 56.63 67.13 70.05
C THR E 196 55.55 66.33 69.34
N VAL E 197 55.16 65.23 69.95
CA VAL E 197 54.11 64.35 69.45
C VAL E 197 52.97 64.34 70.45
N THR E 198 51.94 63.54 70.14
CA THR E 198 50.77 63.45 70.99
C THR E 198 50.19 62.04 70.92
N CYS E 199 49.42 61.69 71.95
CA CYS E 199 48.74 60.40 72.04
C CYS E 199 47.24 60.65 71.95
N ASN E 200 46.63 60.23 70.85
CA ASN E 200 45.21 60.44 70.61
C ASN E 200 44.48 59.11 70.74
N VAL E 201 43.49 59.07 71.63
CA VAL E 201 42.66 57.90 71.83
C VAL E 201 41.21 58.26 71.56
N ALA E 202 40.43 57.25 71.17
CA ALA E 202 39.02 57.45 70.86
C ALA E 202 38.22 56.29 71.44
N HIS E 203 37.18 56.62 72.20
CA HIS E 203 36.31 55.62 72.80
C HIS E 203 34.91 55.75 72.19
N PRO E 204 34.47 54.81 71.34
CA PRO E 204 33.17 54.97 70.68
C PRO E 204 31.98 54.83 71.61
N ALA E 205 32.10 54.04 72.68
CA ALA E 205 30.95 53.82 73.55
C ALA E 205 30.61 55.06 74.36
N SER E 206 31.58 55.64 75.06
CA SER E 206 31.36 56.83 75.88
C SER E 206 31.51 58.11 75.09
N SER E 207 31.93 58.04 73.82
CA SER E 207 32.13 59.22 72.97
C SER E 207 33.11 60.20 73.61
N THR E 208 34.06 59.68 74.37
CA THR E 208 35.06 60.49 75.04
C THR E 208 36.41 60.29 74.39
N LYS E 209 36.99 61.38 73.89
CA LYS E 209 38.28 61.36 73.23
C LYS E 209 39.21 62.32 73.96
N VAL E 210 40.35 61.81 74.41
CA VAL E 210 41.30 62.58 75.22
C VAL E 210 42.61 62.68 74.45
N ASP E 211 43.20 63.88 74.43
CA ASP E 211 44.46 64.15 73.77
C ASP E 211 45.48 64.61 74.81
N LYS E 212 46.69 64.04 74.77
CA LYS E 212 47.77 64.40 75.67
C LYS E 212 49.06 64.56 74.87
N LYS E 213 49.88 65.53 75.27
CA LYS E 213 51.14 65.81 74.62
C LYS E 213 52.28 65.10 75.33
N ILE E 214 53.24 64.60 74.55
CA ILE E 214 54.38 63.90 75.11
C ILE E 214 55.65 64.71 74.90
N ASP F 1 34.71 10.03 78.19
CA ASP F 1 34.57 10.43 76.80
C ASP F 1 35.84 10.12 76.00
N ILE F 2 35.88 10.58 74.76
CA ILE F 2 37.03 10.35 73.90
C ILE F 2 37.83 11.64 73.80
N VAL F 3 39.14 11.54 73.97
CA VAL F 3 40.02 12.70 73.92
C VAL F 3 40.99 12.53 72.75
N MET F 4 41.43 13.67 72.22
CA MET F 4 42.39 13.70 71.13
C MET F 4 43.54 14.63 71.50
N SER F 5 44.66 14.44 70.82
CA SER F 5 45.86 15.21 71.09
C SER F 5 46.55 15.59 69.79
N GLN F 6 47.07 16.81 69.74
CA GLN F 6 47.82 17.32 68.60
C GLN F 6 49.25 17.62 69.03
N SER F 7 50.21 17.13 68.26
CA SER F 7 51.61 17.42 68.51
C SER F 7 52.36 17.72 67.23
N PRO F 8 53.26 18.71 67.26
CA PRO F 8 53.45 19.61 68.40
C PRO F 8 52.42 20.74 68.44
N SER F 9 52.55 21.64 69.40
CA SER F 9 51.60 22.74 69.56
C SER F 9 51.82 23.88 68.57
N SER F 10 53.05 24.09 68.11
CA SER F 10 53.34 25.18 67.19
C SER F 10 54.45 24.76 66.25
N LEU F 11 54.43 25.34 65.05
CA LEU F 11 55.44 25.06 64.03
C LEU F 11 55.81 26.35 63.32
N ALA F 12 57.11 26.60 63.17
CA ALA F 12 57.60 27.76 62.45
C ALA F 12 58.07 27.31 61.07
N VAL F 13 57.38 27.75 60.03
CA VAL F 13 57.68 27.35 58.66
C VAL F 13 57.94 28.58 57.81
N SER F 14 58.75 28.40 56.78
CA SER F 14 59.04 29.44 55.80
C SER F 14 58.26 29.16 54.52
N ASP F 15 58.43 30.06 53.55
CA ASP F 15 57.71 29.94 52.28
C ASP F 15 58.35 28.85 51.42
N GLY F 16 57.53 27.88 51.00
CA GLY F 16 57.98 26.81 50.14
C GLY F 16 58.21 25.49 50.84
N GLU F 17 58.29 25.47 52.16
CA GLU F 17 58.53 24.23 52.90
C GLU F 17 57.22 23.53 53.22
N ARG F 18 57.25 22.20 53.14
CA ARG F 18 56.09 21.38 53.44
C ARG F 18 55.92 21.23 54.95
N VAL F 19 54.68 21.09 55.37
CA VAL F 19 54.33 20.96 56.78
C VAL F 19 53.36 19.80 56.96
N THR F 20 53.51 19.06 58.05
CA THR F 20 52.66 17.93 58.37
C THR F 20 52.10 18.09 59.77
N LEU F 21 50.81 17.82 59.92
CA LEU F 21 50.12 17.90 61.22
C LEU F 21 49.64 16.50 61.60
N THR F 22 49.64 16.21 62.89
CA THR F 22 49.29 14.89 63.40
C THR F 22 48.19 15.03 64.44
N CYS F 23 47.08 14.32 64.25
CA CYS F 23 45.97 14.28 65.19
C CYS F 23 45.78 12.83 65.64
N LYS F 24 46.03 12.55 66.90
CA LYS F 24 45.90 11.22 67.47
C LYS F 24 44.76 11.20 68.47
N SER F 25 43.86 10.23 68.33
CA SER F 25 42.73 10.07 69.22
C SER F 25 43.02 9.03 70.29
N SER F 26 42.05 8.83 71.19
CA SER F 26 42.19 7.86 72.25
C SER F 26 41.87 6.43 71.81
N GLN F 27 41.13 6.28 70.72
CA GLN F 27 40.76 4.96 70.21
C GLN F 27 40.46 5.07 68.72
N SER F 28 40.44 3.91 68.07
CA SER F 28 40.18 3.88 66.63
C SER F 28 38.81 4.45 66.31
N LEU F 29 38.78 5.39 65.38
CA LEU F 29 37.55 6.06 64.96
C LEU F 29 36.92 5.41 63.73
N LEU F 30 37.50 4.31 63.25
CA LEU F 30 37.04 3.65 62.03
C LEU F 30 35.66 3.08 62.25
N TYR F 31 34.80 3.21 61.23
CA TYR F 31 33.45 2.65 61.27
C TYR F 31 33.37 1.52 60.23
N SER F 32 32.85 0.38 60.66
CA SER F 32 32.95 -0.84 59.86
C SER F 32 32.05 -0.83 58.63
N THR F 33 30.78 -0.46 58.77
CA THR F 33 29.84 -0.57 57.65
C THR F 33 30.20 0.40 56.53
N ASN F 34 30.44 1.67 56.85
CA ASN F 34 30.75 2.67 55.83
C ASN F 34 32.21 2.60 55.38
N GLN F 35 33.09 1.98 56.17
CA GLN F 35 34.52 1.84 55.83
C GLN F 35 35.18 3.21 55.65
N LYS F 36 34.73 4.19 56.43
CA LYS F 36 35.25 5.55 56.35
C LYS F 36 35.58 6.05 57.75
N ASN F 37 36.78 6.60 57.91
CA ASN F 37 37.23 7.21 59.15
C ASN F 37 36.62 8.60 59.25
N TYR F 38 35.92 8.86 60.35
CA TYR F 38 35.21 10.13 60.53
C TYR F 38 36.10 11.07 61.32
N LEU F 39 36.57 12.13 60.66
CA LEU F 39 37.37 13.16 61.30
C LEU F 39 37.26 14.43 60.47
N ALA F 40 37.54 15.58 61.09
CA ALA F 40 37.43 16.87 60.45
C ALA F 40 38.70 17.69 60.69
N TRP F 41 39.13 18.40 59.65
CA TRP F 41 40.27 19.31 59.73
C TRP F 41 39.79 20.73 59.46
N TYR F 42 40.11 21.65 60.37
CA TYR F 42 39.67 23.03 60.28
C TYR F 42 40.87 23.95 60.10
N GLN F 43 40.61 25.10 59.48
CA GLN F 43 41.58 26.19 59.39
C GLN F 43 40.86 27.49 59.71
N GLN F 44 41.29 28.16 60.77
CA GLN F 44 40.65 29.38 61.25
C GLN F 44 41.59 30.56 61.01
N LYS F 45 41.20 31.43 60.09
CA LYS F 45 41.98 32.63 59.83
C LYS F 45 41.83 33.61 61.00
N PRO F 46 42.87 34.41 61.29
CA PRO F 46 42.75 35.40 62.37
C PRO F 46 41.67 36.43 62.09
N GLY F 47 40.79 36.66 63.07
CA GLY F 47 39.68 37.56 62.90
C GLY F 47 38.54 37.03 62.07
N GLN F 48 38.61 35.79 61.62
CA GLN F 48 37.58 35.18 60.79
C GLN F 48 37.11 33.88 61.42
N SER F 49 36.15 33.24 60.76
CA SER F 49 35.58 31.99 61.24
C SER F 49 36.34 30.79 60.68
N PRO F 50 36.37 29.68 61.42
CA PRO F 50 37.03 28.48 60.91
C PRO F 50 36.21 27.83 59.79
N LYS F 51 36.92 27.12 58.93
CA LYS F 51 36.30 26.44 57.79
C LYS F 51 36.85 25.02 57.68
N LEU F 52 36.01 24.11 57.20
CA LEU F 52 36.41 22.71 57.03
C LEU F 52 37.20 22.55 55.74
N LEU F 53 38.19 21.65 55.76
CA LEU F 53 39.03 21.39 54.61
C LEU F 53 38.98 19.93 54.17
N ILE F 54 39.48 19.02 55.00
CA ILE F 54 39.56 17.60 54.67
C ILE F 54 38.46 16.88 55.44
N TYR F 55 37.50 16.32 54.71
CA TYR F 55 36.39 15.60 55.31
C TYR F 55 36.58 14.10 55.15
N TRP F 56 36.36 13.38 56.24
CA TRP F 56 36.60 11.93 56.35
C TRP F 56 38.06 11.56 56.08
N ALA F 57 38.96 12.54 56.17
CA ALA F 57 40.41 12.34 56.15
C ALA F 57 40.93 11.77 54.83
N SER F 58 40.03 11.24 54.00
CA SER F 58 40.46 10.59 52.76
C SER F 58 40.30 11.44 51.50
N SER F 59 39.72 12.64 51.60
CA SER F 59 39.36 13.41 50.41
C SER F 59 39.53 14.90 50.64
N ARG F 60 39.53 15.66 49.55
CA ARG F 60 39.62 17.10 49.58
C ARG F 60 38.27 17.70 49.18
N GLU F 61 37.88 18.76 49.88
CA GLU F 61 36.60 19.41 49.61
C GLU F 61 36.72 20.36 48.42
N SER F 62 35.64 20.43 47.63
CA SER F 62 35.67 21.18 46.38
C SER F 62 35.88 22.67 46.64
N GLY F 63 36.89 23.24 45.98
CA GLY F 63 37.28 24.62 46.19
C GLY F 63 38.53 24.79 47.02
N VAL F 64 38.93 23.76 47.75
CA VAL F 64 40.16 23.78 48.54
C VAL F 64 41.33 23.55 47.58
N PRO F 65 42.40 24.33 47.67
CA PRO F 65 43.53 24.15 46.75
C PRO F 65 44.15 22.76 46.89
N ASP F 66 44.87 22.36 45.84
CA ASP F 66 45.48 21.03 45.75
C ASP F 66 46.56 20.81 46.80
N ARG F 67 47.09 21.87 47.40
CA ARG F 67 48.18 21.69 48.37
C ARG F 67 47.71 20.97 49.62
N PHE F 68 46.40 20.92 49.87
CA PHE F 68 45.87 20.25 51.05
C PHE F 68 45.51 18.82 50.68
N THR F 69 46.25 17.85 51.23
CA THR F 69 46.04 16.44 50.97
C THR F 69 45.91 15.70 52.31
N GLY F 70 44.74 15.12 52.53
CA GLY F 70 44.47 14.39 53.75
C GLY F 70 44.87 12.92 53.63
N SER F 71 45.22 12.33 54.77
CA SER F 71 45.63 10.94 54.81
C SER F 71 45.45 10.42 56.24
N GLY F 72 45.79 9.14 56.42
CA GLY F 72 45.71 8.51 57.71
C GLY F 72 44.43 7.71 57.89
N SER F 73 44.53 6.66 58.70
CA SER F 73 43.40 5.80 58.99
C SER F 73 43.57 5.21 60.37
N GLY F 74 42.47 4.70 60.94
CA GLY F 74 42.51 4.11 62.26
C GLY F 74 42.81 5.13 63.35
N THR F 75 43.85 4.88 64.13
CA THR F 75 44.25 5.76 65.21
C THR F 75 44.96 7.02 64.74
N ASP F 76 46.14 6.88 64.12
CA ASP F 76 46.95 8.02 63.72
C ASP F 76 46.34 8.69 62.48
N PHE F 77 46.54 9.99 62.35
CA PHE F 77 46.12 10.76 61.19
C PHE F 77 47.19 11.79 60.85
N THR F 78 47.25 12.17 59.58
CA THR F 78 48.27 13.08 59.10
C THR F 78 47.66 14.05 58.08
N LEU F 79 47.93 15.33 58.26
CA LEU F 79 47.52 16.36 57.30
C LEU F 79 48.76 16.93 56.64
N THR F 80 48.93 16.65 55.34
CA THR F 80 50.12 17.02 54.59
C THR F 80 49.81 18.20 53.69
N ILE F 81 50.66 19.23 53.74
CA ILE F 81 50.57 20.38 52.86
C ILE F 81 51.82 20.41 52.00
N SER F 82 51.64 20.41 50.67
CA SER F 82 52.78 20.32 49.76
C SER F 82 53.61 21.60 49.78
N SER F 83 52.98 22.74 49.54
CA SER F 83 53.69 24.02 49.53
C SER F 83 52.84 25.05 50.24
N VAL F 84 53.40 25.66 51.29
CA VAL F 84 52.69 26.70 52.03
C VAL F 84 52.77 28.02 51.28
N LYS F 85 51.79 28.88 51.52
CA LYS F 85 51.75 30.19 50.88
C LYS F 85 51.58 31.31 51.91
N ALA F 86 51.46 32.55 51.43
CA ALA F 86 51.32 33.68 52.34
C ALA F 86 49.95 33.69 53.01
N GLU F 87 48.96 33.06 52.39
CA GLU F 87 47.61 32.98 52.95
C GLU F 87 47.40 31.75 53.82
N ASP F 88 48.45 30.95 54.05
CA ASP F 88 48.34 29.71 54.81
C ASP F 88 48.57 29.92 56.30
N LEU F 89 48.73 31.17 56.75
CA LEU F 89 48.98 31.45 58.16
C LEU F 89 47.63 31.48 58.88
N ALA F 90 47.45 30.52 59.78
CA ALA F 90 46.20 30.34 60.51
C ALA F 90 46.43 29.30 61.59
N VAL F 91 45.35 28.98 62.32
CA VAL F 91 45.35 27.92 63.32
C VAL F 91 44.49 26.78 62.81
N TYR F 92 44.92 25.56 63.09
CA TYR F 92 44.25 24.35 62.63
C TYR F 92 43.63 23.60 63.79
N TYR F 93 42.55 22.89 63.52
CA TYR F 93 41.81 22.14 64.53
C TYR F 93 41.52 20.73 64.01
N CYS F 94 41.15 19.85 64.94
CA CYS F 94 40.85 18.46 64.63
C CYS F 94 39.58 18.06 65.37
N GLN F 95 38.56 17.64 64.63
CA GLN F 95 37.28 17.23 65.19
C GLN F 95 36.99 15.79 64.79
N GLN F 96 36.33 15.06 65.69
CA GLN F 96 35.86 13.71 65.42
C GLN F 96 34.34 13.68 65.37
N TYR F 97 33.80 13.01 64.35
CA TYR F 97 32.37 12.84 64.19
C TYR F 97 31.89 11.50 64.76
N TYR F 98 32.77 10.74 65.39
CA TYR F 98 32.45 9.37 65.79
C TYR F 98 31.37 9.32 66.87
N SER F 99 31.57 10.00 68.00
CA SER F 99 30.64 9.87 69.12
C SER F 99 30.49 11.22 69.81
N TYR F 100 29.38 11.34 70.53
CA TYR F 100 29.09 12.54 71.32
C TYR F 100 29.64 12.41 72.73
N PRO F 101 30.11 13.53 73.31
CA PRO F 101 30.15 14.87 72.72
C PRO F 101 31.28 15.03 71.70
N LEU F 102 31.13 15.98 70.78
CA LEU F 102 32.13 16.18 69.75
C LEU F 102 33.37 16.82 70.34
N THR F 103 34.52 16.16 70.15
CA THR F 103 35.79 16.58 70.74
C THR F 103 36.52 17.49 69.77
N PHE F 104 37.09 18.57 70.29
CA PHE F 104 37.84 19.54 69.49
C PHE F 104 39.32 19.50 69.85
N GLY F 105 40.16 19.82 68.86
CA GLY F 105 41.58 19.81 69.05
C GLY F 105 42.09 21.00 69.83
N ALA F 106 43.35 20.92 70.24
CA ALA F 106 43.98 21.99 71.02
C ALA F 106 44.38 23.16 70.12
N GLY F 107 44.67 22.88 68.85
CA GLY F 107 45.05 23.91 67.91
C GLY F 107 46.54 24.00 67.67
N THR F 108 46.93 24.38 66.44
CA THR F 108 48.32 24.53 66.05
C THR F 108 48.44 25.81 65.24
N LYS F 109 49.28 26.74 65.70
CA LYS F 109 49.47 28.03 65.05
C LYS F 109 50.84 28.08 64.39
N LEU F 110 50.87 28.47 63.11
CA LEU F 110 52.10 28.60 62.36
C LEU F 110 52.81 29.91 62.71
N GLU F 111 54.13 29.92 62.50
CA GLU F 111 54.96 31.08 62.76
C GLU F 111 55.83 31.37 61.54
N LEU F 112 56.67 32.39 61.66
CA LEU F 112 57.60 32.79 60.60
C LEU F 112 59.03 32.72 61.12
N ARG F 113 59.97 33.11 60.26
CA ARG F 113 61.40 32.96 60.54
C ARG F 113 62.19 34.12 59.93
N ALA F 114 63.27 34.59 60.54
CA ALA F 114 63.80 34.14 61.85
C ALA F 114 64.69 35.23 62.44
N ASP F 115 65.36 34.90 63.54
CA ASP F 115 66.48 35.70 64.03
C ASP F 115 66.06 37.13 64.34
N ALA F 116 65.32 37.30 65.42
CA ALA F 116 64.97 38.62 65.93
C ALA F 116 65.62 38.85 67.28
N ALA F 117 66.34 39.97 67.41
CA ALA F 117 67.07 40.31 68.63
C ALA F 117 66.33 41.39 69.39
N PRO F 118 65.93 41.13 70.64
CA PRO F 118 65.13 42.13 71.39
C PRO F 118 65.96 43.26 71.97
N THR F 119 65.29 44.16 72.68
CA THR F 119 65.93 45.27 73.37
C THR F 119 65.04 45.70 74.53
N VAL F 120 65.65 46.41 75.49
CA VAL F 120 64.96 46.85 76.69
C VAL F 120 64.87 48.37 76.68
N SER F 121 63.65 48.88 76.85
CA SER F 121 63.40 50.32 76.90
C SER F 121 62.60 50.61 78.17
N ILE F 122 63.19 51.36 79.09
CA ILE F 122 62.57 51.63 80.38
C ILE F 122 61.99 53.04 80.39
N PHE F 123 60.87 53.22 81.10
CA PHE F 123 60.26 54.53 81.26
C PHE F 123 59.96 54.76 82.74
N PRO F 124 60.19 55.96 83.25
CA PRO F 124 59.81 56.26 84.64
C PRO F 124 58.33 56.53 84.75
N PRO F 125 57.76 56.39 85.95
CA PRO F 125 56.36 56.78 86.14
C PRO F 125 56.16 58.25 85.87
N SER F 126 55.00 58.58 85.30
CA SER F 126 54.71 59.94 84.91
C SER F 126 54.33 60.79 86.12
N SER F 127 54.08 62.08 85.85
CA SER F 127 53.67 62.99 86.91
C SER F 127 52.20 62.86 87.25
N GLU F 128 51.35 62.59 86.26
CA GLU F 128 49.93 62.40 86.51
C GLU F 128 49.62 61.09 87.21
N GLN F 129 50.52 60.12 87.14
CA GLN F 129 50.27 58.83 87.79
C GLN F 129 50.42 58.94 89.30
N LEU F 130 51.49 59.58 89.77
CA LEU F 130 51.71 59.74 91.21
C LEU F 130 50.65 60.64 91.85
N THR F 131 50.04 61.54 91.07
CA THR F 131 48.96 62.36 91.60
C THR F 131 47.70 61.54 91.83
N SER F 132 47.44 60.55 90.97
CA SER F 132 46.27 59.70 91.09
C SER F 132 46.37 58.71 92.25
N GLY F 133 47.51 58.63 92.92
CA GLY F 133 47.68 57.73 94.03
C GLY F 133 48.41 56.42 93.74
N GLY F 134 49.10 56.31 92.60
CA GLY F 134 49.80 55.09 92.27
C GLY F 134 51.00 55.33 91.37
N ALA F 135 51.68 54.23 91.00
CA ALA F 135 52.85 54.32 90.13
C ALA F 135 52.95 53.04 89.32
N SER F 136 53.54 53.16 88.13
CA SER F 136 53.69 52.02 87.23
C SER F 136 55.09 52.04 86.63
N VAL F 137 55.81 50.93 86.74
CA VAL F 137 57.14 50.77 86.17
C VAL F 137 57.05 49.71 85.08
N VAL F 138 57.24 50.13 83.83
CA VAL F 138 57.11 49.25 82.69
C VAL F 138 58.37 49.33 81.83
N CYS F 139 58.73 48.22 81.22
CA CYS F 139 59.79 48.20 80.20
C CYS F 139 59.30 47.34 79.05
N PHE F 140 59.39 47.86 77.83
CA PHE F 140 58.84 47.20 76.66
C PHE F 140 59.88 46.30 76.00
N LEU F 141 59.44 45.10 75.63
CA LEU F 141 60.27 44.13 74.91
C LEU F 141 59.67 43.95 73.53
N ASN F 142 60.36 44.43 72.50
CA ASN F 142 59.89 44.36 71.14
C ASN F 142 60.95 43.77 70.23
N ASN F 143 60.49 43.26 69.07
CA ASN F 143 61.36 42.69 68.04
C ASN F 143 62.19 41.53 68.60
N PHE F 144 61.48 40.44 68.93
CA PHE F 144 62.11 39.25 69.48
C PHE F 144 61.50 38.02 68.85
N TYR F 145 62.14 36.88 69.10
CA TYR F 145 61.78 35.59 68.51
C TYR F 145 62.66 34.50 69.11
N PRO F 146 62.08 33.33 69.44
CA PRO F 146 60.65 32.98 69.31
C PRO F 146 59.76 33.63 70.37
N LYS F 147 58.48 33.23 70.39
CA LYS F 147 57.52 33.83 71.30
C LYS F 147 57.75 33.41 72.75
N ASP F 148 58.66 32.47 73.01
CA ASP F 148 58.90 31.99 74.37
C ASP F 148 60.03 32.82 74.98
N ILE F 149 59.66 33.61 75.98
CA ILE F 149 60.60 34.47 76.69
C ILE F 149 60.08 34.67 78.11
N ASN F 150 61.02 34.80 79.05
CA ASN F 150 60.70 34.98 80.45
C ASN F 150 61.28 36.29 80.95
N VAL F 151 60.45 37.05 81.68
CA VAL F 151 60.86 38.33 82.24
C VAL F 151 60.67 38.28 83.75
N LYS F 152 61.61 38.91 84.46
CA LYS F 152 61.59 38.93 85.92
C LYS F 152 61.50 40.37 86.41
N TRP F 153 60.97 40.54 87.62
CA TRP F 153 60.84 41.84 88.25
C TRP F 153 61.45 41.77 89.65
N LYS F 154 62.53 42.53 89.87
CA LYS F 154 63.21 42.56 91.15
C LYS F 154 63.26 43.99 91.65
N ILE F 155 62.75 44.22 92.86
CA ILE F 155 62.69 45.55 93.46
C ILE F 155 63.69 45.60 94.61
N ASP F 156 64.65 46.52 94.51
CA ASP F 156 65.69 46.70 95.53
C ASP F 156 66.41 45.39 95.84
N GLY F 157 66.63 44.59 94.79
CA GLY F 157 67.26 43.29 94.95
C GLY F 157 66.33 42.17 95.37
N SER F 158 65.08 42.48 95.72
CA SER F 158 64.10 41.49 96.13
C SER F 158 63.13 41.24 94.99
N GLU F 159 62.86 39.96 94.71
CA GLU F 159 61.97 39.59 93.61
C GLU F 159 60.52 39.61 94.10
N ARG F 160 59.65 40.22 93.30
CA ARG F 160 58.25 40.41 93.67
C ARG F 160 57.36 40.08 92.48
N GLN F 161 56.40 39.18 92.69
CA GLN F 161 55.44 38.80 91.67
C GLN F 161 54.12 39.56 91.77
N ASN F 162 53.97 40.45 92.76
CA ASN F 162 52.71 41.15 92.98
C ASN F 162 52.58 42.28 91.98
N GLY F 163 51.50 42.27 91.20
CA GLY F 163 51.24 43.31 90.23
C GLY F 163 51.93 43.14 88.90
N VAL F 164 52.38 41.94 88.56
CA VAL F 164 53.08 41.69 87.30
C VAL F 164 52.06 41.26 86.26
N LEU F 165 51.92 42.05 85.20
CA LEU F 165 51.03 41.76 84.09
C LEU F 165 51.81 41.83 82.78
N ASN F 166 51.52 40.89 81.89
CA ASN F 166 52.18 40.83 80.58
C ASN F 166 51.16 41.04 79.47
N SER F 167 51.60 41.67 78.38
CA SER F 167 50.75 41.92 77.22
C SER F 167 51.50 41.39 76.00
N TRP F 168 50.93 40.38 75.36
CA TRP F 168 51.56 39.72 74.21
C TRP F 168 50.60 39.76 73.03
N THR F 169 51.01 40.46 71.97
CA THR F 169 50.22 40.60 70.75
C THR F 169 50.65 39.55 69.73
N ASP F 170 50.03 39.61 68.56
CA ASP F 170 50.35 38.67 67.49
C ASP F 170 51.67 39.06 66.81
N GLN F 171 52.02 38.32 65.77
CA GLN F 171 53.26 38.58 65.06
C GLN F 171 53.06 39.67 64.01
N ASP F 172 53.88 40.71 64.07
CA ASP F 172 53.81 41.78 63.08
C ASP F 172 54.25 41.26 61.72
N SER F 173 53.43 41.54 60.69
CA SER F 173 53.72 41.03 59.36
C SER F 173 54.87 41.77 58.68
N LYS F 174 55.15 43.01 59.09
CA LYS F 174 56.20 43.78 58.44
C LYS F 174 57.59 43.24 58.75
N ASP F 175 57.93 43.12 60.04
CA ASP F 175 59.25 42.63 60.45
C ASP F 175 59.27 41.15 60.79
N SER F 176 58.12 40.47 60.75
CA SER F 176 58.03 39.05 61.10
C SER F 176 58.62 38.79 62.49
N THR F 177 58.16 39.53 63.49
CA THR F 177 58.66 39.43 64.85
C THR F 177 57.52 39.68 65.83
N TYR F 178 57.85 39.64 67.12
CA TYR F 178 56.89 39.78 68.20
C TYR F 178 57.25 40.96 69.09
N SER F 179 56.25 41.43 69.83
CA SER F 179 56.43 42.51 70.79
C SER F 179 55.61 42.20 72.05
N MET F 180 56.24 42.32 73.21
CA MET F 180 55.59 42.00 74.47
C MET F 180 55.79 43.14 75.46
N SER F 181 54.72 43.53 76.13
CA SER F 181 54.74 44.58 77.14
C SER F 181 54.51 43.98 78.52
N SER F 182 55.25 44.47 79.50
CA SER F 182 55.15 44.02 80.88
C SER F 182 54.79 45.23 81.76
N THR F 183 53.80 45.06 82.63
CA THR F 183 53.31 46.13 83.48
C THR F 183 53.41 45.73 84.94
N LEU F 184 54.03 46.59 85.75
CA LEU F 184 54.15 46.39 87.18
C LEU F 184 53.56 47.58 87.89
N THR F 185 52.49 47.36 88.65
CA THR F 185 51.78 48.43 89.33
C THR F 185 52.05 48.42 90.82
N LEU F 186 52.10 49.61 91.41
CA LEU F 186 52.30 49.77 92.84
C LEU F 186 51.77 51.13 93.26
N THR F 187 51.48 51.27 94.55
CA THR F 187 50.87 52.48 95.06
C THR F 187 51.91 53.57 95.29
N LYS F 188 51.43 54.74 95.74
CA LYS F 188 52.33 55.87 95.98
C LYS F 188 53.14 55.71 97.25
N ASP F 189 52.66 54.92 98.21
CA ASP F 189 53.42 54.69 99.44
C ASP F 189 54.61 53.78 99.18
N GLU F 190 54.45 52.76 98.34
CA GLU F 190 55.55 51.86 98.01
C GLU F 190 56.56 52.51 97.08
N TYR F 191 56.17 53.54 96.33
CA TYR F 191 57.11 54.21 95.44
C TYR F 191 58.11 55.05 96.22
N GLU F 192 57.67 55.66 97.33
CA GLU F 192 58.56 56.48 98.14
C GLU F 192 59.47 55.65 99.04
N ARG F 193 59.06 54.43 99.40
CA ARG F 193 59.85 53.58 100.27
C ARG F 193 60.91 52.78 99.52
N HIS F 194 60.92 52.84 98.19
CA HIS F 194 61.90 52.11 97.39
C HIS F 194 62.56 53.08 96.42
N ASN F 195 63.70 52.64 95.87
CA ASN F 195 64.50 53.48 94.98
C ASN F 195 64.75 52.85 93.62
N SER F 196 65.51 51.77 93.54
CA SER F 196 65.89 51.14 92.29
C SER F 196 64.79 50.20 91.81
N TYR F 197 64.46 50.29 90.53
CA TYR F 197 63.46 49.43 89.89
C TYR F 197 64.11 48.79 88.68
N THR F 198 64.10 47.46 88.63
CA THR F 198 64.76 46.70 87.57
C THR F 198 63.78 45.70 86.96
N CYS F 199 63.91 45.49 85.64
CA CYS F 199 63.23 44.40 84.96
C CYS F 199 64.28 43.59 84.23
N GLU F 200 64.24 42.27 84.41
CA GLU F 200 65.23 41.37 83.82
C GLU F 200 64.53 40.34 82.96
N ALA F 201 65.01 40.18 81.73
CA ALA F 201 64.45 39.23 80.78
C ALA F 201 65.53 38.29 80.27
N THR F 202 65.17 37.03 80.06
CA THR F 202 66.08 36.01 79.58
C THR F 202 65.67 35.55 78.19
N HIS F 203 66.63 35.52 77.28
CA HIS F 203 66.38 35.11 75.90
C HIS F 203 67.30 33.95 75.55
N LYS F 204 66.81 33.06 74.70
CA LYS F 204 67.57 31.86 74.34
C LYS F 204 68.85 32.19 73.60
N THR F 205 68.82 33.12 72.64
CA THR F 205 69.99 33.48 71.87
C THR F 205 71.05 34.22 72.68
N SER F 206 70.67 34.87 73.78
CA SER F 206 71.60 35.63 74.60
C SER F 206 72.08 34.77 75.75
N THR F 207 73.41 34.71 75.92
CA THR F 207 74.03 33.95 76.98
C THR F 207 73.86 34.59 78.35
N SER F 208 73.55 35.88 78.41
CA SER F 208 73.34 36.59 79.66
C SER F 208 72.12 37.47 79.54
N PRO F 209 71.33 37.60 80.61
CA PRO F 209 70.15 38.45 80.56
C PRO F 209 70.52 39.92 80.40
N ILE F 210 69.60 40.70 79.86
CA ILE F 210 69.79 42.13 79.69
C ILE F 210 69.10 42.86 80.85
N VAL F 211 69.86 43.64 81.60
CA VAL F 211 69.35 44.33 82.76
C VAL F 211 69.32 45.84 82.49
N LYS F 212 68.35 46.51 83.09
CA LYS F 212 68.22 47.95 82.99
C LYS F 212 67.61 48.48 84.28
N SER F 213 68.06 49.64 84.73
CA SER F 213 67.62 50.19 86.00
C SER F 213 67.58 51.71 85.91
N PHE F 214 66.87 52.31 86.86
CA PHE F 214 66.81 53.76 86.99
C PHE F 214 66.66 54.10 88.47
N ASN F 215 66.97 55.35 88.81
CA ASN F 215 66.91 55.81 90.18
C ASN F 215 65.77 56.82 90.37
N ARG F 216 65.23 56.85 91.59
CA ARG F 216 64.14 57.77 91.89
C ARG F 216 64.66 59.20 92.03
N ASN F 217 65.84 59.36 92.63
CA ASN F 217 66.43 60.69 92.79
C ASN F 217 66.99 61.20 91.46
N GLN G 14 20.20 -33.66 47.44
CA GLN G 14 19.56 -32.79 46.46
C GLN G 14 20.46 -32.57 45.26
N CYS G 15 21.60 -31.92 45.49
CA CYS G 15 22.56 -31.62 44.43
C CYS G 15 23.52 -32.78 44.16
N VAL G 16 23.39 -33.89 44.87
CA VAL G 16 24.28 -35.04 44.71
C VAL G 16 23.48 -36.15 44.03
N ASN G 17 24.03 -36.68 42.94
CA ASN G 17 23.38 -37.75 42.20
C ASN G 17 23.48 -39.06 42.97
N PHE G 18 22.59 -40.00 42.63
CA PHE G 18 22.58 -41.30 43.29
C PHE G 18 23.85 -42.07 42.95
N THR G 19 24.26 -42.93 43.89
CA THR G 19 25.40 -43.81 43.66
C THR G 19 25.03 -45.02 42.81
N THR G 20 23.74 -45.36 42.73
CA THR G 20 23.26 -46.46 41.91
C THR G 20 22.77 -46.00 40.54
N ARG G 21 22.91 -44.70 40.24
CA ARG G 21 22.42 -44.16 38.97
C ARG G 21 23.43 -44.49 37.88
N THR G 22 22.97 -45.22 36.86
CA THR G 22 23.80 -45.61 35.73
C THR G 22 22.95 -45.57 34.46
N GLN G 23 23.52 -45.03 33.39
CA GLN G 23 22.78 -44.92 32.13
C GLN G 23 22.70 -46.29 31.46
N LEU G 24 21.48 -46.76 31.21
CA LEU G 24 21.27 -48.06 30.62
C LEU G 24 21.24 -47.98 29.10
N PRO G 25 21.56 -49.08 28.41
CA PRO G 25 21.52 -49.08 26.95
C PRO G 25 20.11 -48.82 26.44
N PRO G 26 19.97 -47.92 25.38
CA PRO G 26 18.64 -47.55 24.84
C PRO G 26 18.01 -48.62 23.94
N ALA G 27 17.39 -49.60 24.57
CA ALA G 27 16.69 -50.65 23.83
C ALA G 27 15.48 -50.08 23.11
N TYR G 28 15.12 -50.72 21.99
CA TYR G 28 14.03 -50.26 21.15
C TYR G 28 12.94 -51.32 21.06
N THR G 29 11.73 -50.86 20.76
CA THR G 29 10.59 -51.75 20.59
C THR G 29 9.56 -51.04 19.71
N ASN G 30 8.62 -51.83 19.18
CA ASN G 30 7.63 -51.33 18.24
C ASN G 30 6.32 -51.01 18.96
N SER G 31 5.71 -49.89 18.57
CA SER G 31 4.40 -49.49 19.08
C SER G 31 3.37 -49.69 17.97
N PHE G 32 2.49 -50.69 18.16
CA PHE G 32 1.62 -51.16 17.09
C PHE G 32 0.70 -50.06 16.55
N THR G 33 -0.35 -49.69 17.30
CA THR G 33 -1.22 -48.59 16.93
C THR G 33 -0.94 -47.31 17.71
N ARG G 34 -0.01 -47.36 18.66
CA ARG G 34 0.15 -46.30 19.64
C ARG G 34 0.49 -44.96 18.99
N GLY G 35 0.05 -43.88 19.64
CA GLY G 35 0.23 -42.53 19.15
C GLY G 35 -1.01 -41.87 18.61
N VAL G 36 -2.15 -42.54 18.65
CA VAL G 36 -3.41 -41.99 18.13
C VAL G 36 -4.13 -41.23 19.26
N TYR G 37 -4.79 -40.14 18.89
CA TYR G 37 -5.60 -39.38 19.83
C TYR G 37 -6.70 -38.66 19.05
N TYR G 38 -7.49 -37.88 19.78
CA TYR G 38 -8.55 -37.08 19.17
C TYR G 38 -7.99 -35.74 18.72
N PRO G 39 -7.95 -35.45 17.41
CA PRO G 39 -7.32 -34.20 16.96
C PRO G 39 -8.01 -32.95 17.48
N ASP G 40 -9.34 -32.92 17.56
CA ASP G 40 -10.05 -31.72 17.98
C ASP G 40 -11.31 -32.14 18.73
N LYS G 41 -12.15 -31.17 19.07
CA LYS G 41 -13.37 -31.40 19.84
C LYS G 41 -14.57 -31.63 18.93
N VAL G 42 -14.37 -31.66 17.62
CA VAL G 42 -15.45 -31.86 16.65
C VAL G 42 -15.92 -33.31 16.75
N PHE G 43 -17.22 -33.49 16.95
CA PHE G 43 -17.80 -34.82 17.05
C PHE G 43 -18.21 -35.33 15.67
N ARG G 44 -17.99 -36.62 15.44
CA ARG G 44 -18.35 -37.24 14.17
C ARG G 44 -18.84 -38.65 14.45
N SER G 45 -19.79 -39.11 13.63
CA SER G 45 -20.40 -40.43 13.80
C SER G 45 -20.56 -41.08 12.43
N SER G 46 -20.11 -42.32 12.31
CA SER G 46 -20.30 -43.15 11.11
C SER G 46 -19.69 -42.50 9.87
N VAL G 47 -18.59 -41.75 10.04
CA VAL G 47 -17.88 -41.13 8.93
C VAL G 47 -16.38 -41.36 9.12
N LEU G 48 -15.64 -41.11 8.05
CA LEU G 48 -14.19 -41.26 8.04
C LEU G 48 -13.56 -39.88 7.83
N HIS G 49 -12.86 -39.39 8.84
CA HIS G 49 -12.24 -38.08 8.80
C HIS G 49 -10.75 -38.21 8.52
N SER G 50 -10.23 -37.39 7.62
CA SER G 50 -8.83 -37.36 7.27
C SER G 50 -8.24 -36.01 7.66
N THR G 51 -7.34 -36.02 8.65
CA THR G 51 -6.72 -34.80 9.13
C THR G 51 -5.20 -35.01 9.21
N GLN G 52 -4.47 -33.91 9.25
CA GLN G 52 -3.01 -33.95 9.31
C GLN G 52 -2.55 -33.10 10.49
N ASP G 53 -2.00 -33.75 11.50
CA ASP G 53 -1.44 -33.09 12.68
C ASP G 53 -0.16 -33.82 13.07
N LEU G 54 0.39 -33.47 14.23
CA LEU G 54 1.58 -34.13 14.75
C LEU G 54 1.14 -35.43 15.41
N PHE G 55 1.67 -36.55 14.93
CA PHE G 55 1.32 -37.86 15.44
C PHE G 55 2.55 -38.76 15.50
N LEU G 56 2.38 -39.89 16.18
CA LEU G 56 3.42 -40.91 16.22
C LEU G 56 3.19 -41.94 15.13
N PRO G 57 4.17 -42.18 14.25
CA PRO G 57 3.97 -43.16 13.18
C PRO G 57 3.75 -44.56 13.73
N PHE G 58 3.07 -45.38 12.93
CA PHE G 58 2.81 -46.76 13.31
C PHE G 58 4.04 -47.63 13.05
N PHE G 59 4.20 -48.66 13.89
CA PHE G 59 5.30 -49.61 13.79
C PHE G 59 6.66 -48.93 13.86
N SER G 60 6.75 -47.84 14.62
CA SER G 60 7.99 -47.11 14.80
C SER G 60 8.80 -47.72 15.94
N ASN G 61 9.96 -47.13 16.20
CA ASN G 61 10.87 -47.59 17.25
C ASN G 61 10.92 -46.55 18.37
N VAL G 62 10.63 -47.00 19.59
CA VAL G 62 10.66 -46.13 20.76
C VAL G 62 11.67 -46.70 21.75
N THR G 63 12.31 -45.81 22.51
CA THR G 63 13.33 -46.18 23.47
C THR G 63 12.67 -46.55 24.79
N TRP G 64 13.11 -47.66 25.37
CA TRP G 64 12.54 -48.20 26.60
C TRP G 64 13.56 -48.12 27.73
N PHE G 65 13.17 -47.50 28.84
CA PHE G 65 13.99 -47.41 30.04
C PHE G 65 13.29 -48.13 31.18
N HIS G 66 14.07 -48.56 32.17
CA HIS G 66 13.52 -49.18 33.35
C HIS G 66 14.38 -48.80 34.56
N ALA G 67 13.77 -48.92 35.74
CA ALA G 67 14.46 -48.64 36.99
C ALA G 67 14.31 -49.82 37.92
N ILE G 68 15.38 -50.10 38.68
CA ILE G 68 15.41 -51.19 39.64
C ILE G 68 15.98 -50.66 40.95
N HIS G 69 16.14 -51.56 41.92
CA HIS G 69 16.67 -51.19 43.23
C HIS G 69 18.18 -50.99 43.17
N LYS G 77 20.40 -51.86 41.06
CA LYS G 77 21.27 -50.70 41.16
C LYS G 77 21.44 -50.01 39.81
N ARG G 78 20.33 -49.91 39.07
CA ARG G 78 20.32 -49.26 37.76
C ARG G 78 19.15 -48.29 37.68
N PHE G 79 19.46 -47.01 37.51
CA PHE G 79 18.43 -45.98 37.37
C PHE G 79 18.86 -45.04 36.25
N ALA G 80 17.95 -44.76 35.34
CA ALA G 80 18.23 -43.92 34.17
C ALA G 80 17.12 -42.88 34.03
N ASN G 81 17.50 -41.61 34.01
CA ASN G 81 16.58 -40.50 33.78
C ASN G 81 17.24 -39.47 32.87
N PRO G 82 17.49 -39.84 31.61
CA PRO G 82 18.23 -38.94 30.71
C PRO G 82 17.37 -37.78 30.23
N VAL G 83 18.06 -36.77 29.71
CA VAL G 83 17.43 -35.57 29.16
C VAL G 83 17.26 -35.80 27.66
N LEU G 84 16.07 -35.52 27.14
CA LEU G 84 15.74 -35.79 25.75
C LEU G 84 15.10 -34.58 25.08
N PRO G 85 15.28 -34.41 23.77
CA PRO G 85 14.76 -33.20 23.10
C PRO G 85 13.24 -33.23 22.96
N PHE G 86 12.65 -32.06 23.18
CA PHE G 86 11.20 -31.86 23.05
C PHE G 86 10.88 -31.26 21.68
N ASN G 87 11.90 -31.12 20.83
CA ASN G 87 11.82 -30.28 19.63
C ASN G 87 10.53 -30.51 18.84
N ASP G 88 10.35 -31.70 18.28
CA ASP G 88 9.20 -31.96 17.43
C ASP G 88 8.01 -32.54 18.19
N GLY G 89 8.09 -32.67 19.51
CA GLY G 89 7.03 -33.31 20.28
C GLY G 89 7.39 -34.74 20.61
N VAL G 90 6.88 -35.25 21.74
CA VAL G 90 7.25 -36.56 22.24
C VAL G 90 6.00 -37.34 22.61
N TYR G 91 6.15 -38.66 22.71
CA TYR G 91 5.09 -39.57 23.08
C TYR G 91 5.49 -40.30 24.35
N PHE G 92 4.65 -40.22 25.37
CA PHE G 92 4.90 -40.87 26.65
C PHE G 92 3.96 -42.04 26.85
N ALA G 93 4.55 -43.23 27.06
CA ALA G 93 3.79 -44.43 27.39
C ALA G 93 4.48 -45.06 28.60
N SER G 94 3.75 -45.16 29.71
CA SER G 94 4.31 -45.64 30.96
C SER G 94 3.44 -46.76 31.52
N THR G 95 3.99 -47.96 31.59
CA THR G 95 3.37 -49.06 32.32
C THR G 95 3.90 -49.07 33.74
N GLU G 96 3.00 -49.19 34.71
CA GLU G 96 3.36 -49.03 36.12
C GLU G 96 2.62 -50.04 36.97
N LYS G 97 3.29 -50.47 38.04
CA LYS G 97 2.66 -51.24 39.11
C LYS G 97 2.35 -50.40 40.33
N SER G 98 3.37 -49.86 41.00
CA SER G 98 3.17 -48.94 42.11
C SER G 98 3.19 -47.48 41.69
N ASN G 99 3.32 -47.19 40.39
CA ASN G 99 3.33 -45.82 39.87
C ASN G 99 4.47 -45.01 40.47
N ILE G 100 5.69 -45.37 40.09
CA ILE G 100 6.87 -44.67 40.59
C ILE G 100 6.96 -43.26 40.01
N ILE G 101 6.64 -43.12 38.73
CA ILE G 101 6.77 -41.83 38.07
C ILE G 101 5.58 -40.95 38.44
N ARG G 102 5.87 -39.82 39.09
CA ARG G 102 4.84 -38.90 39.54
C ARG G 102 4.61 -37.72 38.59
N GLY G 103 5.38 -37.61 37.52
CA GLY G 103 5.18 -36.50 36.60
C GLY G 103 6.42 -36.25 35.77
N TRP G 104 6.51 -35.03 35.24
CA TRP G 104 7.57 -34.64 34.33
C TRP G 104 7.97 -33.19 34.60
N ILE G 105 9.13 -32.81 34.07
CA ILE G 105 9.65 -31.46 34.15
C ILE G 105 9.97 -30.99 32.75
N PHE G 106 9.80 -29.69 32.50
CA PHE G 106 10.02 -29.11 31.18
C PHE G 106 10.67 -27.74 31.30
N GLY G 107 11.68 -27.51 30.46
CA GLY G 107 12.37 -26.24 30.46
C GLY G 107 13.55 -26.28 29.52
N THR G 108 14.04 -25.09 29.18
CA THR G 108 15.20 -24.94 28.30
C THR G 108 16.50 -25.21 29.06
N THR G 109 16.88 -24.32 29.97
CA THR G 109 18.09 -24.51 30.77
C THR G 109 17.89 -25.39 31.99
N LEU G 110 16.64 -25.65 32.38
CA LEU G 110 16.32 -26.44 33.57
C LEU G 110 17.02 -25.87 34.80
N ASP G 111 16.83 -24.58 35.03
CA ASP G 111 17.46 -23.87 36.13
C ASP G 111 16.64 -22.61 36.39
N SER G 112 17.13 -21.76 37.28
CA SER G 112 16.45 -20.51 37.64
C SER G 112 16.75 -19.39 36.66
N LYS G 113 17.56 -19.65 35.61
CA LYS G 113 17.86 -18.61 34.64
C LYS G 113 16.64 -18.23 33.82
N THR G 114 15.63 -19.09 33.77
CA THR G 114 14.41 -18.83 33.02
C THR G 114 13.25 -19.58 33.68
N GLN G 115 12.08 -19.49 33.08
CA GLN G 115 10.90 -20.16 33.58
C GLN G 115 11.04 -21.67 33.40
N SER G 116 10.29 -22.42 34.21
CA SER G 116 10.28 -23.88 34.16
C SER G 116 8.86 -24.39 34.29
N LEU G 117 8.63 -25.61 33.82
CA LEU G 117 7.32 -26.24 33.85
C LEU G 117 7.37 -27.51 34.69
N LEU G 118 6.47 -27.63 35.65
CA LEU G 118 6.39 -28.79 36.52
C LEU G 118 4.99 -29.39 36.47
N ILE G 119 4.93 -30.71 36.37
CA ILE G 119 3.69 -31.47 36.45
C ILE G 119 3.88 -32.55 37.51
N VAL G 120 3.12 -32.46 38.60
CA VAL G 120 3.26 -33.34 39.74
C VAL G 120 1.93 -34.03 39.99
N ASN G 121 1.96 -35.35 40.10
CA ASN G 121 0.78 -36.15 40.40
C ASN G 121 0.99 -36.75 41.79
N ASN G 122 0.21 -36.27 42.77
CA ASN G 122 0.27 -36.73 44.14
C ASN G 122 -0.70 -37.89 44.39
N ALA G 123 -1.32 -38.40 43.32
CA ALA G 123 -2.44 -39.34 43.38
C ALA G 123 -3.67 -38.74 44.03
N THR G 124 -3.78 -37.41 44.00
CA THR G 124 -4.96 -36.69 44.45
C THR G 124 -5.45 -35.69 43.40
N ASN G 125 -4.65 -34.67 43.10
CA ASN G 125 -4.95 -33.72 42.04
C ASN G 125 -3.70 -33.55 41.19
N VAL G 126 -3.81 -32.71 40.16
CA VAL G 126 -2.70 -32.41 39.26
C VAL G 126 -2.17 -31.03 39.59
N VAL G 127 -0.90 -30.98 40.01
CA VAL G 127 -0.25 -29.73 40.40
C VAL G 127 0.65 -29.29 39.25
N ILE G 128 0.27 -28.18 38.61
CA ILE G 128 1.04 -27.61 37.51
C ILE G 128 1.37 -26.16 37.87
N LYS G 129 2.66 -25.87 38.02
CA LYS G 129 3.12 -24.54 38.39
C LYS G 129 4.29 -24.14 37.51
N VAL G 130 4.26 -22.90 37.03
CA VAL G 130 5.33 -22.34 36.21
C VAL G 130 5.97 -21.22 37.02
N CYS G 131 7.20 -21.42 37.44
CA CYS G 131 7.95 -20.46 38.24
C CYS G 131 9.40 -20.46 37.78
N GLU G 132 10.25 -19.75 38.51
CA GLU G 132 11.70 -19.89 38.36
C GLU G 132 12.21 -20.76 39.50
N PHE G 133 12.60 -21.98 39.14
CA PHE G 133 12.95 -22.99 40.13
C PHE G 133 14.45 -23.20 40.18
N GLN G 134 14.96 -23.53 41.35
CA GLN G 134 16.35 -23.96 41.50
C GLN G 134 16.35 -25.49 41.37
N PHE G 135 16.91 -25.98 40.27
CA PHE G 135 16.77 -27.38 39.93
C PHE G 135 17.89 -28.22 40.54
N CYS G 136 17.51 -29.20 41.34
CA CYS G 136 18.46 -30.12 41.94
C CYS G 136 18.99 -31.08 40.87
N ASN G 137 20.27 -31.45 41.00
CA ASN G 137 20.93 -32.29 40.01
C ASN G 137 20.23 -33.63 39.81
N ASP G 138 19.60 -34.19 40.84
CA ASP G 138 18.88 -35.45 40.74
C ASP G 138 17.55 -35.30 41.45
N PRO G 139 16.52 -34.80 40.77
CA PRO G 139 15.21 -34.65 41.41
C PRO G 139 14.54 -35.99 41.66
N PHE G 140 13.94 -36.11 42.84
CA PHE G 140 13.22 -37.32 43.22
C PHE G 140 12.21 -36.98 44.31
N LEU G 141 11.24 -37.88 44.49
CA LEU G 141 10.25 -37.76 45.56
C LEU G 141 10.48 -38.92 46.52
N GLY G 142 10.95 -38.62 47.73
CA GLY G 142 11.33 -39.66 48.67
C GLY G 142 10.14 -40.21 49.44
N VAL G 143 10.20 -41.50 49.73
CA VAL G 143 9.22 -42.19 50.55
C VAL G 143 9.96 -43.11 51.51
N TYR G 144 9.37 -43.32 52.68
CA TYR G 144 10.04 -44.11 53.72
C TYR G 144 8.99 -44.68 54.67
N TYR G 145 9.44 -45.68 55.46
CA TYR G 145 8.63 -46.29 56.50
C TYR G 145 7.35 -46.90 55.92
N HIS G 146 7.54 -47.96 55.14
CA HIS G 146 6.46 -48.67 54.48
C HIS G 146 5.98 -49.90 55.25
N LYS G 147 6.54 -50.17 56.43
CA LYS G 147 6.20 -51.38 57.16
C LYS G 147 4.81 -51.27 57.80
N ASN G 148 4.68 -50.41 58.81
CA ASN G 148 3.41 -50.19 59.49
C ASN G 148 2.81 -48.88 59.02
N ASN G 149 1.53 -48.93 58.64
CA ASN G 149 0.82 -47.79 58.08
C ASN G 149 1.60 -47.18 56.91
N LYS G 150 1.77 -48.00 55.88
CA LYS G 150 2.51 -47.62 54.68
C LYS G 150 1.89 -46.41 53.98
N SER G 151 0.71 -46.58 53.38
CA SER G 151 -0.05 -45.53 52.69
C SER G 151 0.65 -45.04 51.43
N TRP G 152 1.94 -45.36 51.26
CA TRP G 152 2.73 -45.00 50.08
C TRP G 152 2.55 -43.53 49.70
N MET G 153 2.51 -42.67 50.72
CA MET G 153 2.22 -41.25 50.50
C MET G 153 3.51 -40.45 50.38
N GLU G 154 3.47 -39.45 49.51
CA GLU G 154 4.60 -38.54 49.34
C GLU G 154 4.86 -37.76 50.61
N SER G 155 6.14 -37.67 51.00
CA SER G 155 6.54 -36.96 52.20
C SER G 155 7.53 -35.84 51.92
N GLU G 156 8.77 -36.16 51.59
CA GLU G 156 9.80 -35.17 51.31
C GLU G 156 9.71 -34.74 49.86
N PHE G 157 9.86 -33.43 49.61
CA PHE G 157 9.81 -32.88 48.27
C PHE G 157 11.20 -32.35 47.93
N ARG G 158 11.93 -33.09 47.10
CA ARG G 158 13.33 -32.80 46.77
C ARG G 158 13.47 -32.12 45.42
N VAL G 159 12.37 -31.85 44.73
CA VAL G 159 12.42 -31.38 43.36
C VAL G 159 13.16 -30.05 43.24
N TYR G 160 12.72 -29.01 43.94
CA TYR G 160 13.38 -27.72 43.90
C TYR G 160 13.47 -27.15 45.30
N SER G 161 14.54 -26.38 45.54
CA SER G 161 14.77 -25.73 46.81
C SER G 161 13.95 -24.47 47.00
N SER G 162 13.80 -23.66 45.96
CA SER G 162 13.06 -22.41 46.06
C SER G 162 12.38 -22.11 44.73
N ALA G 163 11.39 -21.22 44.78
CA ALA G 163 10.65 -20.82 43.60
C ALA G 163 10.36 -19.33 43.67
N ASN G 164 10.36 -18.67 42.52
CA ASN G 164 10.11 -17.24 42.44
C ASN G 164 9.64 -16.92 41.03
N ASN G 165 9.01 -15.74 40.89
CA ASN G 165 8.57 -15.23 39.59
C ASN G 165 7.62 -16.20 38.90
N CYS G 166 6.55 -16.55 39.60
CA CYS G 166 5.61 -17.54 39.10
C CYS G 166 4.59 -16.90 38.16
N THR G 167 4.63 -17.33 36.90
CA THR G 167 3.72 -16.81 35.89
C THR G 167 2.46 -17.64 35.67
N PHE G 168 2.38 -18.85 36.23
CA PHE G 168 1.23 -19.71 35.98
C PHE G 168 1.03 -20.67 37.15
N GLU G 169 -0.24 -20.98 37.42
CA GLU G 169 -0.60 -21.99 38.41
C GLU G 169 -1.93 -22.60 38.00
N TYR G 170 -2.08 -23.90 38.23
CA TYR G 170 -3.31 -24.59 37.84
C TYR G 170 -3.55 -25.78 38.77
N VAL G 171 -4.83 -26.09 38.99
CA VAL G 171 -5.24 -27.26 39.77
C VAL G 171 -6.34 -27.96 38.97
N SER G 172 -6.16 -29.25 38.73
CA SER G 172 -7.09 -30.02 37.92
C SER G 172 -8.09 -30.75 38.80
N GLN G 173 -8.92 -31.58 38.19
CA GLN G 173 -9.93 -32.33 38.92
C GLN G 173 -9.28 -33.48 39.70
N PRO G 174 -9.89 -33.91 40.80
CA PRO G 174 -9.32 -35.02 41.57
C PRO G 174 -9.46 -36.34 40.83
N PHE G 175 -8.62 -37.30 41.24
CA PHE G 175 -8.60 -38.62 40.63
C PHE G 175 -8.06 -39.62 41.63
N LEU G 176 -7.85 -40.84 41.16
CA LEU G 176 -7.32 -41.92 41.98
C LEU G 176 -6.19 -42.64 41.25
N MET G 177 -5.22 -43.12 42.02
CA MET G 177 -4.07 -43.82 41.46
C MET G 177 -3.62 -44.88 42.46
N ASP G 178 -3.17 -46.02 41.96
CA ASP G 178 -2.72 -47.10 42.83
C ASP G 178 -1.22 -47.01 43.02
N LEU G 179 -0.80 -46.67 44.25
CA LEU G 179 0.60 -46.56 44.60
C LEU G 179 1.16 -47.80 45.28
N GLU G 180 0.35 -48.84 45.46
CA GLU G 180 0.79 -50.04 46.17
C GLU G 180 1.82 -50.82 45.36
N GLY G 181 2.90 -51.21 46.03
CA GLY G 181 3.91 -52.02 45.38
C GLY G 181 3.44 -53.45 45.17
N LYS G 182 3.71 -53.98 43.99
CA LYS G 182 3.30 -55.33 43.63
C LYS G 182 4.47 -56.08 43.01
N GLN G 183 4.33 -57.40 42.92
CA GLN G 183 5.34 -58.28 42.37
C GLN G 183 4.79 -58.99 41.15
N GLY G 184 5.67 -59.34 40.21
CA GLY G 184 5.24 -60.00 39.00
C GLY G 184 5.09 -59.07 37.82
N ASN G 185 4.33 -59.50 36.81
CA ASN G 185 4.18 -58.72 35.59
C ASN G 185 3.42 -57.43 35.87
N PHE G 186 3.61 -56.45 34.98
CA PHE G 186 2.98 -55.16 35.11
C PHE G 186 1.47 -55.26 34.88
N LYS G 187 0.75 -54.27 35.41
CA LYS G 187 -0.71 -54.22 35.28
C LYS G 187 -1.22 -52.91 34.70
N ASN G 188 -1.06 -51.79 35.40
CA ASN G 188 -1.55 -50.50 34.96
C ASN G 188 -0.71 -49.98 33.80
N LEU G 189 -1.37 -49.29 32.88
CA LEU G 189 -0.71 -48.70 31.72
C LEU G 189 -1.25 -47.29 31.51
N ARG G 190 -0.34 -46.32 31.37
CA ARG G 190 -0.72 -44.93 31.17
C ARG G 190 0.03 -44.38 29.95
N GLU G 191 -0.68 -43.58 29.16
CA GLU G 191 -0.12 -42.97 27.96
C GLU G 191 -0.34 -41.46 28.00
N PHE G 192 0.65 -40.70 27.55
CA PHE G 192 0.59 -39.26 27.56
C PHE G 192 1.21 -38.70 26.29
N VAL G 193 0.61 -37.65 25.74
CA VAL G 193 1.12 -36.94 24.57
C VAL G 193 1.12 -35.45 24.89
N PHE G 194 2.30 -34.85 24.84
CA PHE G 194 2.47 -33.43 25.14
C PHE G 194 2.88 -32.72 23.85
N LYS G 195 1.99 -31.90 23.32
CA LYS G 195 2.21 -31.20 22.07
C LYS G 195 2.02 -29.70 22.28
N ASN G 196 2.86 -28.91 21.63
CA ASN G 196 2.82 -27.45 21.75
C ASN G 196 2.16 -26.85 20.50
N ILE G 197 1.06 -26.15 20.70
CA ILE G 197 0.39 -25.41 19.63
C ILE G 197 0.53 -23.93 19.99
N ASP G 198 1.39 -23.24 19.24
CA ASP G 198 1.58 -21.79 19.24
C ASP G 198 1.54 -21.18 20.64
N GLY G 199 2.14 -21.87 21.61
CA GLY G 199 2.20 -21.42 22.99
C GLY G 199 1.26 -22.16 23.93
N TYR G 200 0.27 -22.87 23.40
CA TYR G 200 -0.69 -23.60 24.23
C TYR G 200 -0.27 -25.07 24.31
N PHE G 201 -0.32 -25.63 25.52
CA PHE G 201 0.00 -27.03 25.73
C PHE G 201 -1.27 -27.82 26.00
N LYS G 202 -1.37 -29.00 25.40
CA LYS G 202 -2.53 -29.87 25.57
C LYS G 202 -2.04 -31.24 26.05
N ILE G 203 -2.75 -31.81 27.02
CA ILE G 203 -2.35 -33.05 27.67
C ILE G 203 -3.37 -34.14 27.33
N TYR G 204 -2.87 -35.32 26.98
CA TYR G 204 -3.70 -36.48 26.70
C TYR G 204 -3.43 -37.57 27.73
N SER G 205 -4.49 -38.20 28.21
CA SER G 205 -4.37 -39.21 29.24
C SER G 205 -5.37 -40.33 29.00
N LYS G 206 -4.89 -41.57 29.14
CA LYS G 206 -5.75 -42.75 29.06
C LYS G 206 -5.14 -43.84 29.92
N HIS G 207 -6.01 -44.65 30.54
CA HIS G 207 -5.57 -45.71 31.43
C HIS G 207 -6.37 -46.97 31.15
N THR G 208 -5.66 -48.08 30.90
CA THR G 208 -6.29 -49.37 30.69
C THR G 208 -5.43 -50.46 31.32
N PRO G 209 -6.03 -51.50 31.90
CA PRO G 209 -5.25 -52.60 32.45
C PRO G 209 -4.73 -53.53 31.37
N ILE G 210 -3.52 -54.05 31.60
CA ILE G 210 -2.88 -54.99 30.69
C ILE G 210 -2.11 -56.02 31.52
N ASN G 211 -1.48 -56.96 30.84
CA ASN G 211 -0.54 -57.92 31.44
C ASN G 211 0.70 -57.93 30.56
N LEU G 212 1.83 -57.48 31.12
CA LEU G 212 3.04 -57.25 30.34
C LEU G 212 4.28 -57.48 31.19
N VAL G 213 5.30 -58.06 30.57
CA VAL G 213 6.61 -58.20 31.18
C VAL G 213 7.65 -57.29 30.53
N ARG G 214 7.91 -57.47 29.24
CA ARG G 214 8.79 -56.57 28.49
C ARG G 214 8.20 -56.37 27.10
N GLY G 215 8.54 -55.23 26.50
CA GLY G 215 7.98 -54.89 25.20
C GLY G 215 6.64 -54.19 25.33
N LEU G 216 5.79 -54.39 24.33
CA LEU G 216 4.45 -53.82 24.31
C LEU G 216 3.43 -54.85 23.87
N PRO G 217 2.25 -54.85 24.48
CA PRO G 217 1.16 -55.70 23.99
C PRO G 217 0.50 -55.11 22.76
N GLN G 218 -0.16 -56.00 22.01
CA GLN G 218 -0.86 -55.58 20.80
C GLN G 218 -2.28 -55.14 21.13
N GLY G 219 -2.59 -53.88 20.84
CA GLY G 219 -3.91 -53.36 21.13
C GLY G 219 -4.08 -51.99 20.51
N PHE G 220 -5.27 -51.44 20.74
CA PHE G 220 -5.64 -50.13 20.22
C PHE G 220 -6.43 -49.38 21.26
N SER G 221 -6.07 -48.11 21.49
CA SER G 221 -6.77 -47.28 22.47
C SER G 221 -6.69 -45.83 22.02
N ALA G 222 -7.63 -45.02 22.50
CA ALA G 222 -7.71 -43.62 22.13
C ALA G 222 -7.32 -42.72 23.30
N LEU G 223 -6.73 -41.58 22.98
CA LEU G 223 -6.24 -40.64 23.98
C LEU G 223 -7.12 -39.40 24.02
N GLU G 224 -7.79 -39.18 25.17
CA GLU G 224 -8.72 -38.08 25.40
C GLU G 224 -7.99 -36.85 25.95
N PRO G 225 -8.37 -35.66 25.51
CA PRO G 225 -7.75 -34.43 26.05
C PRO G 225 -7.99 -34.31 27.55
N LEU G 226 -6.95 -33.88 28.27
CA LEU G 226 -7.03 -33.74 29.71
C LEU G 226 -7.05 -32.27 30.15
N VAL G 227 -5.93 -31.58 30.00
CA VAL G 227 -5.79 -30.19 30.44
C VAL G 227 -5.12 -29.38 29.35
N ASP G 228 -5.72 -28.24 29.01
CA ASP G 228 -5.10 -27.28 28.11
C ASP G 228 -4.39 -26.20 28.92
N LEU G 229 -3.12 -25.97 28.60
CA LEU G 229 -2.27 -25.06 29.36
C LEU G 229 -1.96 -23.81 28.54
N PRO G 230 -2.57 -22.58 28.91
CA PRO G 230 -2.22 -21.31 28.24
C PRO G 230 -1.00 -20.66 28.88
N ILE G 231 0.18 -21.19 28.56
CA ILE G 231 1.41 -20.74 29.20
C ILE G 231 2.24 -19.94 28.21
N GLY G 232 2.79 -20.62 27.19
CA GLY G 232 3.62 -19.98 26.20
C GLY G 232 5.11 -20.15 26.39
N ILE G 233 5.54 -21.06 27.26
CA ILE G 233 6.95 -21.27 27.51
C ILE G 233 7.54 -22.14 26.40
N ASN G 234 8.77 -21.84 26.01
CA ASN G 234 9.50 -22.67 25.07
C ASN G 234 10.21 -23.79 25.82
N ILE G 235 10.11 -25.01 25.32
CA ILE G 235 10.69 -26.18 25.96
C ILE G 235 11.58 -26.90 24.97
N THR G 236 12.90 -26.86 25.21
CA THR G 236 13.85 -27.59 24.37
C THR G 236 14.30 -28.92 24.97
N ARG G 237 13.95 -29.24 26.21
CA ARG G 237 14.41 -30.45 26.88
C ARG G 237 13.44 -30.82 28.00
N PHE G 238 13.53 -32.07 28.44
CA PHE G 238 12.72 -32.56 29.54
C PHE G 238 13.46 -33.71 30.23
N GLN G 239 13.04 -34.01 31.45
CA GLN G 239 13.69 -35.04 32.25
C GLN G 239 12.65 -35.79 33.07
N THR G 240 12.93 -37.06 33.34
CA THR G 240 12.03 -37.88 34.13
C THR G 240 12.18 -37.55 35.62
N LEU G 241 11.05 -37.35 36.29
CA LEU G 241 11.06 -37.08 37.72
C LEU G 241 10.92 -38.37 38.53
N HIS G 242 12.03 -47.36 49.72
CA HIS G 242 13.29 -46.75 49.31
C HIS G 242 13.34 -45.26 49.66
N ILE G 243 14.18 -44.90 50.63
CA ILE G 243 15.02 -45.87 51.33
C ILE G 243 14.34 -46.31 52.62
N SER G 244 14.49 -47.58 52.96
CA SER G 244 13.89 -48.14 54.18
C SER G 244 14.59 -47.61 55.42
N SER G 252 21.99 -36.84 49.52
CA SER G 252 20.86 -37.69 49.13
C SER G 252 21.29 -38.73 48.10
N SER G 253 22.55 -39.16 48.19
CA SER G 253 23.07 -40.16 47.26
C SER G 253 22.66 -41.58 47.62
N GLY G 254 22.24 -41.81 48.87
CA GLY G 254 21.83 -43.13 49.30
C GLY G 254 20.45 -43.56 48.88
N TRP G 255 19.71 -42.69 48.21
CA TRP G 255 18.36 -43.03 47.76
C TRP G 255 18.42 -43.94 46.54
N THR G 256 17.41 -44.81 46.42
CA THR G 256 17.28 -45.74 45.31
C THR G 256 15.89 -45.57 44.68
N ALA G 257 15.59 -46.42 43.71
CA ALA G 257 14.31 -46.40 43.01
C ALA G 257 13.70 -47.79 43.02
N GLY G 258 12.39 -47.83 42.74
CA GLY G 258 11.66 -49.08 42.67
C GLY G 258 11.66 -49.66 41.28
N ALA G 259 10.66 -50.50 41.02
CA ALA G 259 10.49 -51.17 39.73
C ALA G 259 9.52 -50.36 38.89
N ALA G 260 10.00 -49.82 37.77
CA ALA G 260 9.16 -49.02 36.88
C ALA G 260 9.76 -49.05 35.48
N ALA G 261 8.94 -48.70 34.50
CA ALA G 261 9.36 -48.63 33.11
C ALA G 261 8.51 -47.59 32.40
N TYR G 262 9.07 -47.01 31.34
CA TYR G 262 8.37 -45.98 30.57
C TYR G 262 8.92 -45.96 29.15
N TYR G 263 8.15 -45.35 28.25
CA TYR G 263 8.50 -45.24 26.85
C TYR G 263 8.55 -43.78 26.45
N VAL G 264 9.44 -43.45 25.52
CA VAL G 264 9.59 -42.10 24.99
C VAL G 264 9.51 -42.17 23.47
N GLY G 265 8.46 -41.57 22.91
CA GLY G 265 8.31 -41.47 21.48
C GLY G 265 8.60 -40.06 20.98
N TYR G 266 8.31 -39.86 19.68
CA TYR G 266 8.47 -38.55 19.05
C TYR G 266 7.36 -38.36 18.04
N LEU G 267 6.77 -37.16 18.04
CA LEU G 267 5.67 -36.85 17.15
C LEU G 267 6.17 -36.29 15.83
N GLN G 268 5.50 -36.71 14.75
CA GLN G 268 5.81 -36.25 13.40
C GLN G 268 4.52 -35.84 12.71
N PRO G 269 4.60 -34.91 11.74
CA PRO G 269 3.39 -34.47 11.04
C PRO G 269 2.79 -35.56 10.16
N ARG G 270 2.15 -36.55 10.78
CA ARG G 270 1.54 -37.66 10.07
C ARG G 270 0.12 -37.30 9.67
N THR G 271 -0.55 -38.26 9.02
CA THR G 271 -1.93 -38.10 8.57
C THR G 271 -2.70 -39.37 8.92
N PHE G 272 -3.74 -39.23 9.74
CA PHE G 272 -4.59 -40.35 10.10
C PHE G 272 -5.93 -40.29 9.38
N LEU G 273 -6.46 -41.46 9.07
CA LEU G 273 -7.83 -41.63 8.62
C LEU G 273 -8.53 -42.48 9.67
N LEU G 274 -9.45 -41.87 10.41
CA LEU G 274 -10.02 -42.48 11.61
C LEU G 274 -11.44 -42.95 11.36
N LYS G 275 -11.80 -44.05 12.02
CA LYS G 275 -13.16 -44.58 12.01
C LYS G 275 -13.89 -44.07 13.25
N TYR G 276 -15.14 -43.67 13.07
CA TYR G 276 -15.97 -43.15 14.15
C TYR G 276 -17.26 -43.94 14.24
N ASN G 277 -17.47 -44.61 15.37
CA ASN G 277 -18.66 -45.41 15.59
C ASN G 277 -19.83 -44.49 15.97
N GLU G 278 -20.96 -45.09 16.33
CA GLU G 278 -22.13 -44.31 16.71
C GLU G 278 -21.94 -43.59 18.03
N ASN G 279 -21.02 -44.06 18.88
CA ASN G 279 -20.77 -43.43 20.17
C ASN G 279 -19.65 -42.39 20.12
N GLY G 280 -19.00 -42.21 18.97
CA GLY G 280 -17.94 -41.23 18.84
C GLY G 280 -16.58 -41.70 19.27
N THR G 281 -16.40 -42.99 19.53
CA THR G 281 -15.11 -43.54 19.93
C THR G 281 -14.35 -44.05 18.72
N ILE G 282 -13.03 -43.89 18.74
CA ILE G 282 -12.21 -44.30 17.61
C ILE G 282 -11.90 -45.78 17.73
N THR G 283 -12.39 -46.57 16.78
CA THR G 283 -12.11 -48.00 16.75
C THR G 283 -10.95 -48.40 15.83
N ASP G 284 -10.46 -47.48 15.00
CA ASP G 284 -9.43 -47.86 14.03
C ASP G 284 -8.67 -46.60 13.61
N ALA G 285 -7.47 -46.82 13.09
CA ALA G 285 -6.63 -45.73 12.60
C ALA G 285 -5.82 -46.22 11.41
N VAL G 286 -5.63 -45.33 10.44
CA VAL G 286 -4.86 -45.63 9.24
C VAL G 286 -3.95 -44.43 8.96
N ASP G 287 -2.64 -44.67 8.96
CA ASP G 287 -1.65 -43.64 8.67
C ASP G 287 -0.86 -44.09 7.45
N CYS G 288 -0.88 -43.28 6.39
CA CYS G 288 -0.19 -43.69 5.17
C CYS G 288 0.99 -42.78 4.87
N ALA G 289 2.21 -43.17 5.34
CA ALA G 289 3.38 -43.30 4.46
C ALA G 289 3.78 -44.75 4.31
N LEU G 290 3.14 -45.67 5.04
CA LEU G 290 3.75 -46.95 5.37
C LEU G 290 3.63 -47.96 4.24
N ASP G 291 2.44 -48.15 3.70
CA ASP G 291 2.19 -49.29 2.84
C ASP G 291 1.38 -48.85 1.63
N PRO G 292 1.72 -49.34 0.44
CA PRO G 292 0.85 -49.09 -0.73
C PRO G 292 -0.55 -49.66 -0.55
N LEU G 293 -0.70 -50.74 0.23
CA LEU G 293 -2.04 -51.18 0.62
C LEU G 293 -2.77 -50.09 1.39
N SER G 294 -2.09 -49.44 2.33
CA SER G 294 -2.68 -48.33 3.05
C SER G 294 -2.90 -47.13 2.15
N GLU G 295 -1.93 -46.83 1.26
CA GLU G 295 -2.05 -45.68 0.36
C GLU G 295 -3.37 -45.68 -0.39
N THR G 296 -3.89 -46.86 -0.75
CA THR G 296 -5.22 -46.93 -1.33
C THR G 296 -6.31 -46.59 -0.33
N LYS G 297 -6.17 -47.01 0.93
CA LYS G 297 -7.16 -46.67 1.95
C LYS G 297 -7.22 -45.17 2.20
N CYS G 298 -6.07 -44.52 2.37
CA CYS G 298 -6.06 -43.07 2.58
C CYS G 298 -6.56 -42.32 1.35
N THR G 299 -6.32 -42.86 0.16
CA THR G 299 -6.78 -42.19 -1.07
C THR G 299 -8.26 -42.41 -1.31
N LEU G 300 -8.73 -43.66 -1.20
CA LEU G 300 -10.11 -43.99 -1.50
C LEU G 300 -11.08 -43.63 -0.37
N LYS G 301 -10.56 -43.21 0.78
CA LYS G 301 -11.39 -42.84 1.93
C LYS G 301 -12.26 -44.01 2.38
N SER G 302 -11.69 -45.21 2.33
CA SER G 302 -12.37 -46.42 2.77
C SER G 302 -11.34 -47.41 3.27
N PHE G 303 -11.74 -48.20 4.28
CA PHE G 303 -10.85 -49.21 4.84
C PHE G 303 -10.94 -50.55 4.12
N THR G 304 -11.92 -50.73 3.24
CA THR G 304 -12.06 -51.96 2.46
C THR G 304 -11.79 -51.62 0.99
N VAL G 305 -10.68 -52.12 0.48
CA VAL G 305 -10.27 -51.86 -0.89
C VAL G 305 -10.63 -53.07 -1.75
N GLU G 306 -11.55 -52.88 -2.68
CA GLU G 306 -11.96 -53.93 -3.59
C GLU G 306 -10.84 -54.24 -4.59
N LYS G 307 -10.91 -55.42 -5.18
CA LYS G 307 -9.88 -55.90 -6.09
C LYS G 307 -9.82 -55.02 -7.33
N GLY G 308 -8.62 -54.53 -7.64
CA GLY G 308 -8.43 -53.69 -8.81
C GLY G 308 -7.16 -52.87 -8.67
N ILE G 309 -6.83 -52.16 -9.75
CA ILE G 309 -5.64 -51.31 -9.82
C ILE G 309 -6.07 -49.88 -9.60
N TYR G 310 -5.37 -49.17 -8.72
CA TYR G 310 -5.69 -47.80 -8.36
C TYR G 310 -4.43 -46.95 -8.30
N GLN G 311 -4.58 -45.68 -8.65
CA GLN G 311 -3.50 -44.72 -8.63
C GLN G 311 -3.61 -43.87 -7.37
N THR G 312 -2.55 -43.86 -6.56
CA THR G 312 -2.53 -43.14 -5.30
C THR G 312 -1.78 -41.82 -5.36
N SER G 313 -0.46 -41.84 -5.51
CA SER G 313 0.34 -40.62 -5.51
C SER G 313 1.23 -40.63 -6.75
N ASN G 314 2.08 -39.61 -6.85
CA ASN G 314 3.01 -39.47 -7.96
C ASN G 314 4.44 -39.49 -7.43
N PHE G 315 5.36 -39.92 -8.28
CA PHE G 315 6.77 -39.97 -7.93
C PHE G 315 7.55 -38.98 -8.79
N ARG G 316 8.60 -38.41 -8.19
CA ARG G 316 9.40 -37.39 -8.86
C ARG G 316 10.86 -37.63 -8.53
N VAL G 317 11.72 -37.57 -9.55
CA VAL G 317 13.15 -37.68 -9.34
C VAL G 317 13.70 -36.33 -8.90
N GLN G 318 14.31 -36.29 -7.72
CA GLN G 318 14.80 -35.03 -7.20
C GLN G 318 16.20 -34.73 -7.74
N PRO G 319 16.47 -33.46 -8.06
CA PRO G 319 17.81 -33.10 -8.55
C PRO G 319 18.88 -33.38 -7.52
N THR G 320 19.96 -34.00 -7.96
CA THR G 320 21.09 -34.33 -7.08
C THR G 320 21.91 -33.09 -6.71
N GLU G 321 22.25 -32.28 -7.71
CA GLU G 321 23.04 -31.07 -7.49
C GLU G 321 22.69 -30.06 -8.58
N SER G 322 23.47 -28.98 -8.61
CA SER G 322 23.29 -27.91 -9.58
C SER G 322 24.56 -27.75 -10.41
N ILE G 323 24.40 -27.32 -11.66
CA ILE G 323 25.51 -27.15 -12.60
C ILE G 323 25.37 -25.80 -13.29
N VAL G 324 26.49 -25.09 -13.42
CA VAL G 324 26.53 -23.81 -14.11
C VAL G 324 27.82 -23.72 -14.92
N ARG G 325 27.78 -23.04 -16.06
CA ARG G 325 28.95 -22.81 -16.90
C ARG G 325 28.93 -21.38 -17.45
N PHE G 326 30.05 -20.67 -17.29
CA PHE G 326 30.20 -19.31 -17.80
C PHE G 326 31.62 -19.11 -18.33
N PRO G 327 32.01 -19.81 -19.41
CA PRO G 327 33.34 -19.66 -20.01
C PRO G 327 33.36 -18.63 -21.14
N ASN G 328 34.50 -18.36 -21.79
CA ASN G 328 35.85 -18.75 -21.34
C ASN G 328 36.33 -17.72 -20.34
N ILE G 329 35.91 -16.48 -20.57
CA ILE G 329 35.91 -15.36 -19.63
C ILE G 329 37.28 -15.06 -19.01
N THR G 330 38.33 -15.02 -19.82
CA THR G 330 39.55 -14.34 -19.36
C THR G 330 40.07 -13.39 -20.44
N ASN G 331 39.84 -12.10 -20.27
CA ASN G 331 40.63 -11.03 -20.89
C ASN G 331 41.48 -10.31 -19.82
N LEU G 332 41.43 -10.85 -18.60
CA LEU G 332 41.26 -10.09 -17.35
C LEU G 332 42.14 -8.89 -16.92
N CYS G 333 41.44 -7.77 -16.66
CA CYS G 333 40.49 -7.27 -17.65
C CYS G 333 41.26 -6.40 -18.69
N PRO G 334 41.81 -5.21 -18.27
CA PRO G 334 43.16 -4.83 -18.75
C PRO G 334 44.27 -4.98 -17.72
N PHE G 335 44.60 -6.17 -17.25
CA PHE G 335 45.62 -6.28 -16.20
C PHE G 335 46.94 -6.79 -16.77
N GLY G 336 47.95 -6.87 -15.92
CA GLY G 336 49.29 -7.23 -16.32
C GLY G 336 50.15 -6.08 -16.78
N GLU G 337 49.67 -4.84 -16.67
CA GLU G 337 50.45 -3.69 -17.11
C GLU G 337 50.51 -2.62 -16.04
N VAL G 338 49.36 -2.07 -15.63
CA VAL G 338 49.34 -0.94 -14.71
C VAL G 338 50.05 -1.29 -13.40
N PHE G 339 49.89 -2.51 -12.91
CA PHE G 339 50.51 -2.88 -11.64
C PHE G 339 51.98 -3.21 -11.80
N ASN G 340 52.36 -3.94 -12.86
CA ASN G 340 53.76 -4.24 -13.10
C ASN G 340 54.24 -3.56 -14.37
N ALA G 341 55.09 -2.53 -14.22
CA ALA G 341 55.62 -1.78 -15.34
C ALA G 341 56.99 -1.22 -15.00
N THR G 342 57.80 -0.99 -16.03
CA THR G 342 59.17 -0.54 -15.87
C THR G 342 59.29 0.99 -15.74
N ARG G 343 58.25 1.74 -16.09
CA ARG G 343 58.33 3.19 -16.04
C ARG G 343 57.02 3.77 -15.51
N PHE G 344 57.12 4.68 -14.56
CA PHE G 344 55.98 5.35 -13.96
C PHE G 344 56.11 6.86 -14.14
N ALA G 345 54.98 7.56 -13.99
CA ALA G 345 54.93 9.00 -14.13
C ALA G 345 54.95 9.68 -12.76
N SER G 346 54.92 11.01 -12.79
CA SER G 346 54.92 11.79 -11.56
C SER G 346 53.49 11.93 -11.02
N VAL G 347 53.35 12.66 -9.92
CA VAL G 347 52.03 12.85 -9.32
C VAL G 347 51.21 13.85 -10.13
N TYR G 348 51.84 14.94 -10.58
CA TYR G 348 51.16 15.88 -11.47
C TYR G 348 51.16 15.41 -12.91
N ALA G 349 52.03 14.46 -13.25
CA ALA G 349 52.12 13.92 -14.61
C ALA G 349 51.27 12.67 -14.76
N TRP G 350 50.45 12.38 -13.75
CA TRP G 350 49.77 11.10 -13.63
C TRP G 350 49.04 10.71 -14.91
N ASN G 351 49.31 9.50 -15.39
CA ASN G 351 48.66 8.93 -16.56
C ASN G 351 47.31 8.33 -16.19
N ARG G 352 46.42 8.25 -17.19
CA ARG G 352 45.12 7.62 -17.04
C ARG G 352 44.92 6.67 -18.22
N LYS G 353 44.67 5.40 -17.92
CA LYS G 353 44.53 4.37 -18.95
C LYS G 353 43.07 3.99 -19.10
N ARG G 354 42.60 3.93 -20.34
CA ARG G 354 41.20 3.64 -20.62
C ARG G 354 41.07 2.39 -21.48
N ILE G 355 40.52 1.32 -20.90
CA ILE G 355 40.23 0.08 -21.61
C ILE G 355 38.81 -0.35 -21.27
N SER G 356 38.11 -0.93 -22.25
CA SER G 356 36.73 -1.32 -22.09
C SER G 356 36.53 -2.68 -22.73
N ASN G 357 35.35 -3.27 -22.50
CA ASN G 357 34.96 -4.54 -23.09
C ASN G 357 35.91 -5.67 -22.66
N CYS G 358 35.77 -6.08 -21.41
CA CYS G 358 36.67 -7.06 -20.79
C CYS G 358 36.12 -7.40 -19.41
N VAL G 359 36.64 -8.50 -18.85
CA VAL G 359 36.14 -9.09 -17.61
C VAL G 359 37.32 -9.70 -16.87
N ALA G 360 37.33 -9.56 -15.54
CA ALA G 360 38.52 -9.86 -14.74
C ALA G 360 38.24 -10.80 -13.59
N ASP G 361 39.33 -11.33 -13.02
CA ASP G 361 39.32 -12.01 -11.72
C ASP G 361 39.85 -11.03 -10.68
N TYR G 362 39.04 -10.72 -9.68
CA TYR G 362 39.42 -9.73 -8.67
C TYR G 362 40.15 -10.33 -7.47
N SER G 363 40.42 -11.63 -7.47
CA SER G 363 41.06 -12.26 -6.32
C SER G 363 42.57 -12.14 -6.32
N VAL G 364 43.16 -11.62 -7.40
CA VAL G 364 44.62 -11.54 -7.46
C VAL G 364 45.13 -10.35 -6.64
N LEU G 365 44.42 -9.23 -6.65
CA LEU G 365 44.89 -8.01 -6.01
C LEU G 365 44.73 -8.03 -4.50
N TYR G 366 43.71 -8.71 -3.99
CA TYR G 366 43.37 -8.69 -2.57
C TYR G 366 43.73 -9.98 -1.84
N ASN G 367 43.12 -11.10 -2.21
CA ASN G 367 43.33 -12.38 -1.56
C ASN G 367 44.81 -12.74 -1.43
N SER G 368 45.63 -12.40 -2.43
CA SER G 368 47.05 -12.70 -2.36
C SER G 368 47.73 -12.01 -1.19
N ALA G 369 47.24 -10.84 -0.79
CA ALA G 369 47.78 -10.09 0.35
C ALA G 369 49.28 -9.81 0.17
N SER G 370 49.67 -9.50 -1.07
CA SER G 370 51.05 -9.22 -1.40
C SER G 370 51.37 -7.72 -1.35
N PHE G 371 50.43 -6.89 -0.95
CA PHE G 371 50.61 -5.44 -0.92
C PHE G 371 50.59 -4.93 0.51
N SER G 372 51.24 -3.78 0.71
CA SER G 372 51.37 -3.22 2.06
C SER G 372 50.06 -2.60 2.53
N THR G 373 49.66 -1.49 1.92
CA THR G 373 48.47 -0.76 2.33
C THR G 373 47.48 -0.72 1.19
N PHE G 374 46.30 -1.31 1.41
CA PHE G 374 45.23 -1.30 0.43
C PHE G 374 43.90 -1.12 1.15
N LYS G 375 43.08 -0.20 0.65
CA LYS G 375 41.78 0.06 1.25
C LYS G 375 40.81 0.53 0.17
N CYS G 376 39.55 0.12 0.30
CA CYS G 376 38.50 0.57 -0.60
C CYS G 376 37.56 1.54 0.11
N TYR G 377 37.07 2.52 -0.63
CA TYR G 377 36.17 3.55 -0.09
C TYR G 377 34.81 3.39 -0.78
N GLY G 378 33.81 2.98 0.00
CA GLY G 378 32.45 2.84 -0.47
C GLY G 378 32.09 1.47 -1.03
N VAL G 379 33.10 0.68 -1.40
CA VAL G 379 32.87 -0.64 -1.97
C VAL G 379 33.63 -1.67 -1.14
N SER G 380 33.19 -2.94 -1.26
CA SER G 380 33.75 -4.11 -0.61
C SER G 380 34.63 -4.88 -1.59
N PRO G 381 35.85 -5.23 -1.18
CA PRO G 381 36.75 -5.98 -2.09
C PRO G 381 36.24 -7.36 -2.45
N THR G 382 35.49 -8.01 -1.56
CA THR G 382 34.93 -9.33 -1.85
C THR G 382 33.62 -9.27 -2.63
N LYS G 383 32.99 -8.09 -2.72
CA LYS G 383 31.74 -7.93 -3.44
C LYS G 383 31.95 -7.47 -4.89
N LEU G 384 33.19 -7.30 -5.31
CA LEU G 384 33.48 -6.94 -6.70
C LEU G 384 33.26 -8.10 -7.67
N ASN G 385 33.07 -9.32 -7.15
CA ASN G 385 32.87 -10.46 -8.03
C ASN G 385 31.50 -10.42 -8.70
N ASP G 386 30.42 -10.28 -7.91
CA ASP G 386 29.07 -10.27 -8.45
C ASP G 386 28.54 -8.88 -8.79
N LEU G 387 29.25 -7.82 -8.41
CA LEU G 387 28.84 -6.45 -8.70
C LEU G 387 29.94 -5.76 -9.48
N CYS G 388 29.58 -5.12 -10.59
CA CYS G 388 30.54 -4.48 -11.46
C CYS G 388 30.01 -3.14 -11.96
N PHE G 389 30.91 -2.38 -12.58
CA PHE G 389 30.65 -1.03 -13.06
C PHE G 389 30.79 -1.00 -14.58
N THR G 390 30.54 0.16 -15.17
CA THR G 390 30.59 0.29 -16.62
C THR G 390 32.01 0.46 -17.14
N ASN G 391 32.89 1.11 -16.36
CA ASN G 391 34.26 1.36 -16.79
C ASN G 391 35.15 1.58 -15.57
N VAL G 392 36.45 1.44 -15.77
CA VAL G 392 37.45 1.63 -14.72
C VAL G 392 38.50 2.61 -15.21
N TYR G 393 39.24 3.19 -14.28
CA TYR G 393 40.33 4.12 -14.59
C TYR G 393 41.51 3.82 -13.68
N ALA G 394 42.71 3.73 -14.26
CA ALA G 394 43.92 3.39 -13.52
C ALA G 394 44.82 4.62 -13.48
N ASP G 395 45.08 5.12 -12.28
CA ASP G 395 45.97 6.26 -12.07
C ASP G 395 47.21 5.82 -11.30
N SER G 396 48.36 5.92 -11.94
CA SER G 396 49.61 5.46 -11.36
C SER G 396 50.49 6.64 -10.99
N PHE G 397 50.89 6.69 -9.72
CA PHE G 397 51.79 7.74 -9.24
C PHE G 397 52.50 7.21 -7.99
N VAL G 398 53.63 7.84 -7.68
CA VAL G 398 54.46 7.46 -6.55
C VAL G 398 54.51 8.64 -5.57
N ILE G 399 54.29 8.34 -4.29
CA ILE G 399 54.28 9.36 -3.24
C ILE G 399 55.13 8.89 -2.06
N ARG G 400 55.24 9.72 -1.04
CA ARG G 400 56.10 9.43 0.10
C ARG G 400 55.40 8.47 1.07
N GLY G 401 56.12 8.10 2.12
CA GLY G 401 55.61 7.13 3.08
C GLY G 401 54.41 7.61 3.88
N ASP G 402 54.56 8.73 4.59
CA ASP G 402 53.44 9.30 5.33
C ASP G 402 52.46 10.03 4.43
N GLU G 403 52.79 10.18 3.15
CA GLU G 403 51.96 10.91 2.19
C GLU G 403 50.76 10.10 1.72
N VAL G 404 50.73 8.79 2.02
CA VAL G 404 49.60 7.97 1.61
C VAL G 404 48.33 8.33 2.36
N ARG G 405 48.42 8.86 3.58
CA ARG G 405 47.24 9.32 4.29
C ARG G 405 46.64 10.56 3.65
N GLN G 406 47.41 11.29 2.83
CA GLN G 406 46.88 12.47 2.16
C GLN G 406 45.99 12.13 0.98
N ILE G 407 45.97 10.88 0.54
CA ILE G 407 45.05 10.47 -0.54
C ILE G 407 43.90 9.74 0.14
N ALA G 408 42.79 10.45 0.29
CA ALA G 408 41.52 9.90 0.74
C ALA G 408 40.41 10.75 0.14
N PRO G 409 39.20 10.21 0.00
CA PRO G 409 38.07 11.06 -0.42
C PRO G 409 37.86 12.20 0.58
N GLY G 410 37.82 13.42 0.06
CA GLY G 410 37.55 14.59 0.90
C GLY G 410 38.60 14.90 1.94
N GLN G 411 39.85 15.08 1.53
CA GLN G 411 40.93 15.42 2.44
C GLN G 411 41.77 16.55 1.87
N THR G 412 42.54 17.19 2.74
CA THR G 412 43.46 18.26 2.37
C THR G 412 44.87 17.88 2.77
N GLY G 413 45.84 18.47 2.09
CA GLY G 413 47.24 18.17 2.38
C GLY G 413 48.17 18.82 1.39
N ASN G 414 49.38 18.27 1.29
CA ASN G 414 50.39 18.80 0.38
C ASN G 414 49.97 18.66 -1.08
N ILE G 415 49.67 17.43 -1.51
CA ILE G 415 49.27 17.17 -2.90
C ILE G 415 47.76 17.14 -3.08
N ALA G 416 46.97 17.28 -2.01
CA ALA G 416 45.52 17.17 -2.13
C ALA G 416 44.92 18.38 -2.84
N ASP G 417 45.26 19.59 -2.42
CA ASP G 417 44.72 20.79 -3.03
C ASP G 417 45.54 21.28 -4.21
N TYR G 418 46.59 20.56 -4.58
CA TYR G 418 47.53 20.98 -5.62
C TYR G 418 47.73 19.94 -6.70
N ASN G 419 48.24 18.76 -6.36
CA ASN G 419 48.59 17.73 -7.34
C ASN G 419 47.46 16.76 -7.64
N TYR G 420 47.00 15.99 -6.65
CA TYR G 420 45.98 14.97 -6.89
C TYR G 420 44.93 15.03 -5.79
N LYS G 421 43.66 14.97 -6.18
CA LYS G 421 42.55 15.11 -5.24
C LYS G 421 41.46 14.10 -5.56
N LEU G 422 40.83 13.49 -4.48
CA LEU G 422 39.69 12.61 -4.50
C LEU G 422 38.45 13.31 -3.96
N PRO G 423 37.35 13.33 -4.72
CA PRO G 423 36.11 13.94 -4.24
C PRO G 423 35.43 13.07 -3.20
N ASP G 424 34.29 13.57 -2.72
CA ASP G 424 33.53 12.85 -1.70
C ASP G 424 32.76 11.67 -2.28
N ASP G 425 32.51 11.66 -3.59
CA ASP G 425 31.72 10.61 -4.23
C ASP G 425 32.57 9.49 -4.79
N PHE G 426 33.88 9.52 -4.58
CA PHE G 426 34.77 8.51 -5.14
C PHE G 426 34.44 7.14 -4.54
N THR G 427 34.09 6.18 -5.42
CA THR G 427 33.71 4.84 -5.02
C THR G 427 34.83 3.82 -5.19
N GLY G 428 35.99 4.23 -5.71
CA GLY G 428 37.04 3.31 -6.08
C GLY G 428 37.83 2.79 -4.89
N CYS G 429 38.96 2.17 -5.20
CA CYS G 429 39.85 1.60 -4.20
C CYS G 429 41.24 2.21 -4.35
N VAL G 430 42.04 2.06 -3.30
CA VAL G 430 43.41 2.56 -3.28
C VAL G 430 44.33 1.41 -2.90
N ILE G 431 45.23 1.04 -3.81
CA ILE G 431 46.19 -0.03 -3.60
C ILE G 431 47.58 0.56 -3.64
N ALA G 432 48.36 0.30 -2.58
CA ALA G 432 49.71 0.84 -2.47
C ALA G 432 50.65 -0.26 -1.98
N TRP G 433 51.92 -0.15 -2.40
CA TRP G 433 52.95 -1.09 -1.99
C TRP G 433 54.29 -0.39 -1.98
N ASN G 434 55.26 -1.01 -1.31
CA ASN G 434 56.58 -0.43 -1.12
C ASN G 434 57.60 -1.16 -1.98
N SER G 435 58.25 -0.43 -2.89
CA SER G 435 59.39 -0.97 -3.62
C SER G 435 60.65 -0.19 -3.24
N ASN G 436 61.49 -0.85 -2.44
CA ASN G 436 62.74 -0.25 -2.01
C ASN G 436 63.84 -0.45 -3.05
N ASN G 437 63.91 -1.63 -3.64
CA ASN G 437 65.07 -2.01 -4.47
C ASN G 437 65.02 -1.40 -5.86
N LEU G 438 63.84 -1.31 -6.47
CA LEU G 438 63.76 -0.87 -7.86
C LEU G 438 64.01 0.64 -7.97
N ASP G 439 63.11 1.44 -7.39
CA ASP G 439 63.32 2.89 -7.35
C ASP G 439 64.01 3.26 -6.04
N SER G 440 65.28 3.65 -6.17
CA SER G 440 66.10 4.07 -5.04
C SER G 440 66.81 5.40 -5.33
N LYS G 441 67.72 5.41 -6.29
CA LYS G 441 68.47 6.60 -6.69
C LYS G 441 69.26 7.17 -5.50
N VAL G 442 70.29 6.42 -5.12
CA VAL G 442 71.17 6.84 -4.04
C VAL G 442 71.79 8.18 -4.39
N GLY G 443 71.65 9.15 -3.48
CA GLY G 443 72.07 10.52 -3.73
C GLY G 443 70.96 11.45 -4.16
N GLY G 444 69.71 11.01 -4.10
CA GLY G 444 68.59 11.83 -4.51
C GLY G 444 68.08 11.52 -5.89
N ASN G 445 66.78 11.68 -6.11
CA ASN G 445 66.18 11.44 -7.41
C ASN G 445 65.62 12.75 -7.96
N TYR G 446 66.24 13.26 -9.01
CA TYR G 446 65.87 14.53 -9.63
C TYR G 446 64.88 14.34 -10.78
N ASN G 447 64.46 13.09 -10.99
CA ASN G 447 63.53 12.76 -12.06
C ASN G 447 62.10 13.20 -11.77
N TYR G 448 61.46 12.60 -10.75
CA TYR G 448 60.09 12.96 -10.41
C TYR G 448 60.05 14.31 -9.72
N LEU G 449 58.94 15.04 -9.91
CA LEU G 449 58.76 16.36 -9.34
C LEU G 449 57.38 16.46 -8.70
N TYR G 450 57.17 17.51 -7.92
CA TYR G 450 55.91 17.68 -7.20
C TYR G 450 55.62 19.17 -7.05
N ARG G 451 54.33 19.48 -6.92
CA ARG G 451 53.85 20.86 -6.85
C ARG G 451 53.53 21.23 -5.41
N LEU G 452 54.34 22.13 -4.85
CA LEU G 452 54.06 22.69 -3.52
C LEU G 452 53.05 23.83 -3.55
N PHE G 453 52.99 24.61 -4.62
CA PHE G 453 52.20 25.83 -4.66
C PHE G 453 51.39 25.89 -5.95
N ARG G 454 50.18 26.44 -5.85
CA ARG G 454 49.33 26.69 -6.99
C ARG G 454 48.45 27.89 -6.68
N LYS G 455 48.11 28.65 -7.71
CA LYS G 455 47.36 29.89 -7.51
C LYS G 455 45.97 29.64 -6.95
N SER G 456 45.45 28.41 -7.01
CA SER G 456 44.14 28.10 -6.48
C SER G 456 44.10 26.61 -6.14
N ASN G 457 43.11 26.25 -5.32
CA ASN G 457 42.91 24.84 -4.98
C ASN G 457 42.53 24.05 -6.22
N LEU G 458 42.95 22.79 -6.25
CA LEU G 458 42.75 21.95 -7.44
C LEU G 458 41.39 21.27 -7.40
N LYS G 459 40.76 21.18 -8.57
CA LYS G 459 39.53 20.41 -8.69
C LYS G 459 39.85 18.91 -8.78
N PRO G 460 38.94 18.05 -8.33
CA PRO G 460 39.22 16.61 -8.38
C PRO G 460 39.33 16.11 -9.82
N PHE G 461 40.24 15.14 -10.01
CA PHE G 461 40.50 14.57 -11.33
C PHE G 461 40.90 15.63 -12.34
N GLU G 462 41.89 16.44 -11.99
CA GLU G 462 42.42 17.46 -12.88
C GLU G 462 43.95 17.37 -12.93
N ARG G 463 44.50 17.45 -14.13
CA ARG G 463 45.93 17.35 -14.35
C ARG G 463 46.45 18.63 -14.99
N ASP G 464 47.45 19.25 -14.35
CA ASP G 464 48.05 20.47 -14.85
C ASP G 464 49.49 20.16 -15.25
N ILE G 465 49.75 20.14 -16.56
CA ILE G 465 51.10 20.01 -17.08
C ILE G 465 51.86 21.33 -17.07
N SER G 466 51.22 22.44 -17.42
CA SER G 466 51.89 23.73 -17.54
C SER G 466 52.49 24.14 -16.20
N THR G 467 53.75 24.58 -16.24
CA THR G 467 54.47 25.08 -15.07
C THR G 467 54.80 26.55 -15.33
N GLU G 468 54.16 27.43 -14.58
CA GLU G 468 54.41 28.86 -14.64
C GLU G 468 55.19 29.32 -13.41
N ILE G 469 55.45 30.62 -13.33
CA ILE G 469 56.16 31.20 -12.20
C ILE G 469 55.13 31.68 -11.18
N TYR G 470 55.19 31.11 -9.97
CA TYR G 470 54.23 31.45 -8.94
C TYR G 470 54.59 32.79 -8.30
N GLN G 471 53.55 33.52 -7.90
CA GLN G 471 53.70 34.84 -7.26
C GLN G 471 52.78 34.91 -6.05
N ALA G 472 53.36 35.15 -4.88
CA ALA G 472 52.58 35.38 -3.66
C ALA G 472 52.26 36.87 -3.46
N GLY G 473 52.63 37.71 -4.42
CA GLY G 473 52.37 39.13 -4.34
C GLY G 473 52.58 39.75 -5.69
N SER G 474 52.68 41.09 -5.72
CA SER G 474 52.98 41.77 -6.98
C SER G 474 54.49 41.96 -7.06
N THR G 475 55.11 41.13 -7.89
CA THR G 475 56.52 41.21 -8.23
C THR G 475 56.69 40.73 -9.67
N PRO G 476 56.40 41.57 -10.67
CA PRO G 476 56.45 41.09 -12.06
C PRO G 476 57.86 40.63 -12.43
N CYS G 477 57.94 39.39 -12.94
CA CYS G 477 59.21 38.75 -13.25
C CYS G 477 59.03 37.88 -14.48
N ASN G 478 59.98 37.94 -15.40
CA ASN G 478 60.00 37.09 -16.58
C ASN G 478 61.25 36.22 -16.49
N GLY G 479 61.04 34.93 -16.24
CA GLY G 479 62.14 33.99 -16.11
C GLY G 479 63.16 34.37 -15.04
N VAL G 480 62.69 34.94 -13.93
CA VAL G 480 63.55 35.42 -12.86
C VAL G 480 63.45 34.47 -11.69
N LYS G 481 64.61 34.09 -11.13
CA LYS G 481 64.69 33.20 -9.97
C LYS G 481 64.79 33.98 -8.66
N GLY G 482 64.62 35.30 -8.70
CA GLY G 482 64.79 36.14 -7.54
C GLY G 482 63.65 36.03 -6.55
N PHE G 483 63.53 37.06 -5.71
CA PHE G 483 62.56 37.02 -4.60
C PHE G 483 61.14 36.84 -5.13
N ASN G 484 60.43 35.88 -4.53
CA ASN G 484 59.02 35.61 -4.83
C ASN G 484 58.82 35.20 -6.30
N CYS G 485 59.87 34.71 -6.95
CA CYS G 485 59.78 34.14 -8.30
C CYS G 485 60.72 32.94 -8.35
N TYR G 486 60.19 31.80 -8.74
CA TYR G 486 60.97 30.56 -8.78
C TYR G 486 60.23 29.49 -9.59
N PHE G 487 60.86 28.33 -9.70
CA PHE G 487 60.34 27.18 -10.41
C PHE G 487 59.62 26.25 -9.44
N PRO G 488 58.29 26.20 -9.47
CA PRO G 488 57.54 25.52 -8.39
C PRO G 488 57.46 24.01 -8.55
N LEU G 489 58.61 23.37 -8.78
CA LEU G 489 58.70 21.92 -8.73
C LEU G 489 60.00 21.55 -8.03
N GLN G 490 59.91 20.80 -6.94
CA GLN G 490 61.07 20.29 -6.24
C GLN G 490 61.19 18.79 -6.49
N SER G 491 62.21 18.17 -5.88
CA SER G 491 62.55 16.78 -6.11
C SER G 491 62.24 15.96 -4.86
N TYR G 492 61.92 14.68 -5.08
CA TYR G 492 61.66 13.76 -3.98
C TYR G 492 62.98 13.30 -3.37
N GLY G 493 63.19 13.62 -2.09
CA GLY G 493 64.33 13.08 -1.39
C GLY G 493 64.19 11.58 -1.17
N PHE G 494 65.14 10.80 -1.66
CA PHE G 494 65.14 9.35 -1.50
C PHE G 494 66.45 8.93 -0.86
N GLN G 495 66.37 8.42 0.36
CA GLN G 495 67.52 7.89 1.08
C GLN G 495 67.44 6.38 1.14
N PRO G 496 68.47 5.66 0.70
CA PRO G 496 68.41 4.19 0.74
C PRO G 496 68.26 3.61 2.14
N THR G 497 68.96 4.13 3.14
CA THR G 497 68.82 3.70 4.51
C THR G 497 68.21 4.86 5.31
N TYR G 498 66.93 4.71 5.67
CA TYR G 498 66.22 5.75 6.39
C TYR G 498 65.01 5.11 7.06
N GLY G 499 64.41 5.81 8.02
CA GLY G 499 63.23 5.30 8.67
C GLY G 499 62.03 5.25 7.73
N VAL G 500 60.86 4.87 8.25
CA VAL G 500 59.65 4.77 7.45
C VAL G 500 59.47 6.08 6.68
N GLY G 501 59.13 7.14 7.41
CA GLY G 501 59.26 8.50 6.90
C GLY G 501 58.67 8.78 5.53
N TYR G 502 59.50 9.36 4.66
CA TYR G 502 59.11 9.78 3.31
C TYR G 502 59.40 8.72 2.26
N GLN G 503 59.82 7.52 2.67
CA GLN G 503 60.17 6.47 1.72
C GLN G 503 59.04 6.26 0.71
N PRO G 504 59.36 6.10 -0.57
CA PRO G 504 58.31 6.14 -1.60
C PRO G 504 57.45 4.89 -1.59
N TYR G 505 56.16 5.06 -1.86
CA TYR G 505 55.23 3.98 -2.09
C TYR G 505 54.62 4.16 -3.47
N ARG G 506 54.07 3.09 -4.03
CA ARG G 506 53.50 3.12 -5.37
C ARG G 506 51.99 2.93 -5.27
N VAL G 507 51.23 3.98 -5.56
CA VAL G 507 49.78 3.99 -5.40
C VAL G 507 49.15 3.94 -6.77
N VAL G 508 48.35 2.90 -7.02
CA VAL G 508 47.55 2.78 -8.23
C VAL G 508 46.08 2.91 -7.83
N VAL G 509 45.46 4.01 -8.25
CA VAL G 509 44.08 4.31 -7.90
C VAL G 509 43.19 3.76 -9.00
N LEU G 510 42.29 2.84 -8.64
CA LEU G 510 41.35 2.24 -9.57
C LEU G 510 40.00 2.91 -9.35
N SER G 511 39.57 3.71 -10.33
CA SER G 511 38.31 4.43 -10.22
C SER G 511 37.17 3.57 -10.75
N PHE G 512 36.19 3.29 -9.89
CA PHE G 512 35.02 2.49 -10.23
C PHE G 512 33.82 3.43 -10.33
N GLU G 513 33.25 3.52 -11.54
CA GLU G 513 32.14 4.43 -11.81
C GLU G 513 31.02 3.66 -12.49
N LEU G 514 29.80 3.79 -11.97
CA LEU G 514 28.61 3.16 -12.53
C LEU G 514 27.81 4.20 -13.29
N LEU G 515 27.45 3.89 -14.53
CA LEU G 515 26.64 4.76 -15.36
C LEU G 515 25.43 4.00 -15.88
N HIS G 516 24.60 4.69 -16.66
CA HIS G 516 23.40 4.08 -17.24
C HIS G 516 23.71 3.32 -18.53
N ALA G 517 24.93 3.41 -19.04
CA ALA G 517 25.31 2.67 -20.22
C ALA G 517 25.50 1.20 -19.88
N PRO G 518 25.41 0.31 -20.88
CA PRO G 518 25.67 -1.11 -20.61
C PRO G 518 27.06 -1.34 -20.05
N ALA G 519 27.12 -2.15 -18.99
CA ALA G 519 28.38 -2.39 -18.30
C ALA G 519 29.34 -3.20 -19.18
N THR G 520 30.63 -2.98 -18.96
CA THR G 520 31.69 -3.67 -19.69
C THR G 520 32.61 -4.47 -18.79
N VAL G 521 33.36 -3.80 -17.91
CA VAL G 521 34.29 -4.47 -17.01
C VAL G 521 33.49 -5.10 -15.88
N CYS G 522 33.64 -6.40 -15.71
CA CYS G 522 32.93 -7.14 -14.67
C CYS G 522 33.82 -8.27 -14.14
N GLY G 523 33.25 -9.06 -13.23
CA GLY G 523 33.99 -10.09 -12.54
C GLY G 523 33.65 -11.48 -13.04
N PRO G 524 34.21 -12.48 -12.37
CA PRO G 524 34.04 -13.86 -12.82
C PRO G 524 32.60 -14.32 -12.69
N LYS G 525 32.11 -14.96 -13.75
CA LYS G 525 30.81 -15.63 -13.71
C LYS G 525 31.10 -17.12 -13.55
N LYS G 526 30.62 -17.71 -12.44
CA LYS G 526 31.29 -18.89 -11.84
C LYS G 526 30.71 -20.22 -12.28
N SER G 527 31.55 -21.23 -12.45
CA SER G 527 31.15 -22.57 -12.85
C SER G 527 31.52 -23.58 -11.79
N THR G 528 31.14 -24.84 -12.04
CA THR G 528 31.45 -25.94 -11.14
C THR G 528 31.87 -27.18 -11.93
N ASN G 529 32.09 -28.29 -11.24
CA ASN G 529 32.45 -29.53 -11.90
C ASN G 529 31.24 -30.11 -12.64
N LEU G 530 31.47 -30.48 -13.90
CA LEU G 530 30.41 -30.95 -14.80
C LEU G 530 29.99 -32.36 -14.38
N VAL G 531 28.71 -32.68 -14.61
CA VAL G 531 28.18 -34.01 -14.35
C VAL G 531 27.16 -34.34 -15.45
N LYS G 532 27.10 -35.60 -15.84
CA LYS G 532 26.20 -36.04 -16.91
C LYS G 532 25.43 -37.27 -16.46
N ASN G 533 24.38 -37.59 -17.23
CA ASN G 533 23.52 -38.75 -16.98
C ASN G 533 22.84 -38.68 -15.62
N LYS G 534 22.64 -37.48 -15.11
CA LYS G 534 21.93 -37.27 -13.84
C LYS G 534 21.02 -36.06 -13.97
N CYS G 535 19.94 -36.04 -13.20
CA CYS G 535 18.99 -34.95 -13.25
C CYS G 535 19.47 -33.84 -12.31
N VAL G 536 19.77 -32.67 -12.88
CA VAL G 536 20.40 -31.58 -12.14
C VAL G 536 19.76 -30.26 -12.57
N ASN G 537 20.06 -29.22 -11.79
CA ASN G 537 19.62 -27.86 -12.08
C ASN G 537 20.71 -27.18 -12.92
N PHE G 538 20.37 -26.81 -14.16
CA PHE G 538 21.33 -26.25 -15.08
C PHE G 538 20.98 -24.80 -15.41
N ASN G 539 22.00 -23.94 -15.36
CA ASN G 539 21.88 -22.57 -15.86
C ASN G 539 23.06 -22.31 -16.79
N PHE G 540 22.78 -22.21 -18.09
CA PHE G 540 23.78 -21.73 -19.05
C PHE G 540 23.24 -20.44 -19.65
N ASN G 541 23.70 -19.32 -19.11
CA ASN G 541 23.61 -17.98 -19.69
C ASN G 541 22.21 -17.48 -19.99
N GLY G 542 21.27 -18.38 -20.31
CA GLY G 542 19.93 -17.93 -20.62
C GLY G 542 18.77 -18.37 -19.74
N LEU G 543 18.91 -19.49 -19.04
CA LEU G 543 17.76 -20.16 -18.47
C LEU G 543 18.14 -21.04 -17.30
N THR G 544 17.22 -21.18 -16.35
CA THR G 544 17.34 -22.13 -15.25
C THR G 544 16.22 -23.16 -15.36
N GLY G 545 16.57 -24.42 -15.13
CA GLY G 545 15.60 -25.49 -15.21
C GLY G 545 16.18 -26.82 -14.78
N THR G 546 15.39 -27.86 -14.97
CA THR G 546 15.75 -29.22 -14.60
C THR G 546 15.84 -30.09 -15.84
N GLY G 547 16.68 -31.12 -15.78
CA GLY G 547 16.84 -32.02 -16.91
C GLY G 547 18.10 -32.83 -16.77
N VAL G 548 18.29 -33.73 -17.73
CA VAL G 548 19.46 -34.61 -17.79
C VAL G 548 20.25 -34.28 -19.04
N LEU G 549 21.54 -33.99 -18.87
CA LEU G 549 22.42 -33.67 -19.98
C LEU G 549 22.98 -34.95 -20.57
N THR G 550 22.91 -35.09 -21.89
CA THR G 550 23.36 -36.28 -22.58
C THR G 550 24.01 -35.89 -23.90
N GLU G 551 25.15 -36.51 -24.20
CA GLU G 551 25.86 -36.25 -25.44
C GLU G 551 25.06 -36.80 -26.62
N SER G 552 24.99 -36.02 -27.70
CA SER G 552 24.26 -36.44 -28.89
C SER G 552 25.06 -36.18 -30.16
N ASN G 553 24.51 -36.57 -31.30
CA ASN G 553 25.15 -36.38 -32.61
C ASN G 553 24.65 -35.12 -33.31
N LYS G 554 23.79 -34.35 -32.65
CA LYS G 554 23.22 -33.15 -33.25
C LYS G 554 24.31 -32.14 -33.60
N LYS G 555 24.03 -31.35 -34.64
CA LYS G 555 24.96 -30.34 -35.12
C LYS G 555 24.25 -29.00 -35.18
N PHE G 556 24.88 -27.97 -34.61
CA PHE G 556 24.36 -26.61 -34.61
C PHE G 556 25.29 -25.69 -35.37
N LEU G 557 24.74 -24.58 -35.86
CA LEU G 557 25.55 -23.60 -36.55
C LEU G 557 26.53 -22.94 -35.58
N PRO G 558 27.70 -22.51 -36.07
CA PRO G 558 28.68 -21.88 -35.17
C PRO G 558 28.17 -20.64 -34.47
N PHE G 559 27.20 -19.92 -35.05
CA PHE G 559 26.63 -18.73 -34.45
C PHE G 559 25.41 -19.01 -33.60
N GLN G 560 25.02 -20.27 -33.45
CA GLN G 560 23.85 -20.64 -32.68
C GLN G 560 24.24 -21.15 -31.30
N GLN G 561 23.42 -20.80 -30.31
CA GLN G 561 23.63 -21.19 -28.92
C GLN G 561 22.62 -22.21 -28.42
N PHE G 562 21.34 -21.86 -28.43
CA PHE G 562 20.29 -22.67 -27.84
C PHE G 562 19.35 -23.17 -28.94
N GLY G 563 18.60 -24.21 -28.62
CA GLY G 563 17.63 -24.76 -29.56
C GLY G 563 16.44 -25.33 -28.84
N ARG G 564 15.33 -25.42 -29.57
CA ARG G 564 14.04 -25.80 -28.98
C ARG G 564 13.29 -26.70 -29.93
N ASP G 565 12.28 -27.37 -29.39
CA ASP G 565 11.40 -28.24 -30.16
C ASP G 565 10.18 -27.45 -30.64
N ILE G 566 9.20 -28.16 -31.19
CA ILE G 566 7.98 -27.50 -31.66
C ILE G 566 7.12 -27.06 -30.48
N ALA G 567 7.38 -27.59 -29.29
CA ALA G 567 6.60 -27.29 -28.10
C ALA G 567 7.11 -26.05 -27.35
N ASP G 568 8.12 -25.36 -27.92
CA ASP G 568 8.70 -24.17 -27.30
C ASP G 568 9.35 -24.51 -25.97
N THR G 569 10.08 -25.62 -25.93
CA THR G 569 10.89 -26.02 -24.79
C THR G 569 12.30 -26.34 -25.27
N THR G 570 13.28 -26.08 -24.41
CA THR G 570 14.68 -26.21 -24.83
C THR G 570 15.16 -27.62 -24.52
N ASP G 571 15.38 -28.41 -25.56
CA ASP G 571 15.89 -29.77 -25.41
C ASP G 571 17.39 -29.92 -25.65
N ALA G 572 18.09 -28.84 -26.04
CA ALA G 572 19.51 -28.94 -26.32
C ALA G 572 20.17 -27.60 -26.05
N VAL G 573 21.40 -27.64 -25.52
CA VAL G 573 22.21 -26.45 -25.27
C VAL G 573 23.66 -26.78 -25.59
N ARG G 574 24.32 -25.86 -26.29
CA ARG G 574 25.75 -25.99 -26.57
C ARG G 574 26.58 -25.70 -25.32
N ASP G 575 27.56 -26.56 -25.07
CA ASP G 575 28.51 -26.29 -24.00
C ASP G 575 29.61 -25.37 -24.51
N PRO G 576 29.75 -24.18 -23.93
CA PRO G 576 30.68 -23.19 -24.50
C PRO G 576 32.16 -23.54 -24.33
N GLN G 577 32.51 -24.46 -23.43
CA GLN G 577 33.93 -24.69 -23.16
C GLN G 577 34.60 -25.49 -24.29
N THR G 578 34.35 -26.79 -24.32
CA THR G 578 34.65 -27.64 -25.45
C THR G 578 33.60 -27.41 -26.54
N LEU G 579 33.89 -27.86 -27.75
CA LEU G 579 32.86 -27.82 -28.78
C LEU G 579 32.01 -29.09 -28.68
N GLU G 580 30.77 -28.89 -28.23
CA GLU G 580 29.92 -29.95 -27.75
C GLU G 580 28.46 -29.53 -27.87
N ILE G 581 27.57 -30.51 -28.01
CA ILE G 581 26.13 -30.30 -28.00
C ILE G 581 25.50 -31.35 -27.11
N LEU G 582 24.84 -30.90 -26.03
CA LEU G 582 24.20 -31.79 -25.08
C LEU G 582 22.70 -31.64 -25.18
N ASP G 583 21.98 -32.76 -25.00
CA ASP G 583 20.53 -32.75 -25.02
C ASP G 583 19.98 -32.65 -23.60
N ILE G 584 18.88 -31.92 -23.46
CA ILE G 584 18.18 -31.74 -22.20
C ILE G 584 16.99 -32.68 -22.18
N THR G 585 17.05 -33.68 -21.30
CA THR G 585 15.94 -34.61 -21.09
C THR G 585 15.44 -34.46 -19.66
N PRO G 586 14.24 -33.90 -19.44
CA PRO G 586 13.70 -33.86 -18.08
C PRO G 586 13.58 -35.27 -17.51
N CYS G 587 14.06 -35.43 -16.28
CA CYS G 587 14.13 -36.77 -15.70
C CYS G 587 12.74 -37.31 -15.43
N SER G 588 12.67 -38.64 -15.33
CA SER G 588 11.41 -39.36 -15.40
C SER G 588 10.51 -39.05 -14.20
N PHE G 589 9.21 -39.23 -14.41
CA PHE G 589 8.19 -39.08 -13.38
C PHE G 589 6.93 -39.79 -13.86
N GLY G 590 5.89 -39.74 -13.04
CA GLY G 590 4.62 -40.34 -13.38
C GLY G 590 3.83 -40.71 -12.14
N GLY G 591 2.77 -41.47 -12.36
CA GLY G 591 1.89 -41.90 -11.29
C GLY G 591 2.28 -43.25 -10.72
N VAL G 592 1.86 -43.49 -9.49
CA VAL G 592 2.13 -44.75 -8.79
C VAL G 592 0.85 -45.58 -8.82
N SER G 593 0.92 -46.74 -9.47
CA SER G 593 -0.21 -47.66 -9.55
C SER G 593 -0.03 -48.78 -8.54
N VAL G 594 -1.09 -49.01 -7.76
CA VAL G 594 -1.07 -50.03 -6.70
C VAL G 594 -1.98 -51.17 -7.14
N ILE G 595 -1.41 -52.38 -7.22
CA ILE G 595 -2.15 -53.57 -7.60
C ILE G 595 -2.27 -54.46 -6.36
N THR G 596 -3.49 -54.59 -5.85
CA THR G 596 -3.76 -55.41 -4.68
C THR G 596 -5.13 -56.05 -4.83
N PRO G 597 -5.33 -57.26 -4.31
CA PRO G 597 -6.67 -57.85 -4.30
C PRO G 597 -7.52 -57.28 -3.19
N GLY G 598 -8.71 -57.85 -2.98
CA GLY G 598 -9.57 -57.39 -1.91
C GLY G 598 -8.95 -57.59 -0.55
N THR G 599 -9.31 -56.70 0.38
CA THR G 599 -8.78 -56.78 1.73
C THR G 599 -9.27 -58.02 2.48
N ASN G 600 -10.33 -58.66 1.99
CA ASN G 600 -10.83 -59.88 2.61
C ASN G 600 -10.12 -61.13 2.12
N THR G 601 -9.13 -61.00 1.24
CA THR G 601 -8.40 -62.14 0.69
C THR G 601 -6.95 -62.15 1.17
N SER G 602 -6.13 -61.20 0.71
CA SER G 602 -4.73 -61.16 1.08
C SER G 602 -4.26 -59.71 1.07
N ASN G 603 -3.20 -59.44 1.82
CA ASN G 603 -2.62 -58.10 1.91
C ASN G 603 -1.46 -57.90 0.94
N GLN G 604 -1.19 -58.88 0.09
CA GLN G 604 -0.10 -58.78 -0.88
C GLN G 604 -0.37 -57.64 -1.86
N VAL G 605 0.65 -56.85 -2.15
CA VAL G 605 0.52 -55.65 -2.97
C VAL G 605 1.65 -55.61 -3.98
N ALA G 606 1.33 -55.26 -5.22
CA ALA G 606 2.31 -55.04 -6.27
C ALA G 606 2.25 -53.59 -6.73
N VAL G 607 3.40 -52.92 -6.71
CA VAL G 607 3.50 -51.50 -7.04
C VAL G 607 3.96 -51.38 -8.49
N LEU G 608 3.31 -50.50 -9.24
CA LEU G 608 3.65 -50.26 -10.64
C LEU G 608 4.01 -48.80 -10.84
N TYR G 609 5.18 -48.56 -11.43
CA TYR G 609 5.63 -47.22 -11.78
C TYR G 609 5.49 -47.04 -13.29
N GLN G 610 4.74 -46.03 -13.70
CA GLN G 610 4.39 -45.86 -15.11
C GLN G 610 5.48 -45.09 -15.84
N GLY G 611 5.91 -45.61 -16.98
CA GLY G 611 6.82 -44.91 -17.87
C GLY G 611 8.21 -44.67 -17.31
N VAL G 612 8.72 -45.60 -16.49
CA VAL G 612 10.05 -45.45 -15.92
C VAL G 612 10.59 -46.85 -15.62
N ASN G 613 11.90 -46.99 -15.64
CA ASN G 613 12.56 -48.22 -15.21
C ASN G 613 12.59 -48.28 -13.69
N CYS G 614 13.24 -49.32 -13.17
CA CYS G 614 13.35 -49.51 -11.73
C CYS G 614 14.50 -48.67 -11.19
N THR G 615 14.19 -47.78 -10.25
CA THR G 615 15.16 -46.83 -9.72
C THR G 615 15.35 -46.96 -8.20
N GLU G 616 14.31 -46.65 -7.43
CA GLU G 616 14.43 -46.64 -5.98
C GLU G 616 14.51 -48.05 -5.40
N VAL G 617 13.39 -48.79 -5.49
CA VAL G 617 13.21 -50.13 -4.93
C VAL G 617 14.00 -50.37 -3.64
N ASN G 638 11.48 -59.54 -6.32
CA ASN G 638 10.51 -59.49 -7.41
C ASN G 638 10.61 -58.18 -8.18
N VAL G 639 11.82 -57.84 -8.61
CA VAL G 639 12.08 -56.63 -9.37
C VAL G 639 12.04 -56.99 -10.85
N PHE G 640 11.09 -56.41 -11.58
CA PHE G 640 10.89 -56.70 -12.99
C PHE G 640 10.52 -55.43 -13.74
N GLN G 641 10.65 -55.50 -15.07
CA GLN G 641 10.34 -54.38 -15.93
C GLN G 641 9.50 -54.86 -17.10
N THR G 642 8.56 -54.01 -17.53
CA THR G 642 7.67 -54.35 -18.65
C THR G 642 7.49 -53.10 -19.50
N ARG G 643 6.62 -53.19 -20.50
CA ARG G 643 6.37 -52.06 -21.39
C ARG G 643 5.68 -50.92 -20.65
N ALA G 644 4.95 -51.22 -19.57
CA ALA G 644 4.30 -50.19 -18.79
C ALA G 644 5.28 -49.45 -17.88
N GLY G 645 6.24 -50.17 -17.32
CA GLY G 645 7.23 -49.59 -16.44
C GLY G 645 7.69 -50.60 -15.42
N CYS G 646 8.35 -50.10 -14.36
CA CYS G 646 8.84 -50.96 -13.30
C CYS G 646 7.68 -51.49 -12.49
N LEU G 647 7.64 -52.81 -12.31
CA LEU G 647 6.61 -53.48 -11.52
C LEU G 647 7.30 -54.32 -10.45
N ILE G 648 7.09 -53.97 -9.20
CA ILE G 648 7.69 -54.67 -8.07
C ILE G 648 6.60 -55.38 -7.29
N GLY G 649 6.97 -56.49 -6.66
CA GLY G 649 6.03 -57.31 -5.91
C GLY G 649 5.30 -58.36 -6.72
N ALA G 650 5.58 -58.46 -8.01
CA ALA G 650 4.95 -59.44 -8.89
C ALA G 650 5.99 -60.31 -9.55
N GLU G 651 5.55 -61.47 -10.05
CA GLU G 651 6.43 -62.43 -10.69
C GLU G 651 5.89 -62.77 -12.07
N HIS G 652 6.77 -62.78 -13.07
CA HIS G 652 6.38 -63.09 -14.44
C HIS G 652 6.14 -64.59 -14.59
N VAL G 653 5.07 -64.95 -15.29
CA VAL G 653 4.74 -66.33 -15.59
C VAL G 653 4.57 -66.46 -17.09
N ASN G 654 5.26 -67.44 -17.69
CA ASN G 654 5.19 -67.63 -19.13
C ASN G 654 3.82 -68.12 -19.58
N ASN G 655 3.04 -68.71 -18.69
CA ASN G 655 1.71 -69.17 -19.03
C ASN G 655 0.75 -67.99 -19.21
N SER G 656 -0.34 -68.24 -19.94
CA SER G 656 -1.33 -67.21 -20.23
C SER G 656 -2.71 -67.68 -19.79
N TYR G 657 -3.39 -66.84 -19.00
CA TYR G 657 -4.70 -67.16 -18.46
C TYR G 657 -5.62 -65.96 -18.69
N GLU G 658 -6.92 -66.20 -18.48
CA GLU G 658 -7.88 -65.09 -18.47
C GLU G 658 -7.62 -64.26 -17.22
N CYS G 659 -7.41 -62.96 -17.40
CA CYS G 659 -6.93 -62.11 -16.32
C CYS G 659 -7.95 -61.04 -15.94
N ASP G 660 -7.84 -60.59 -14.69
CA ASP G 660 -8.82 -59.70 -14.08
C ASP G 660 -8.27 -58.29 -13.88
N ILE G 661 -7.26 -58.12 -13.03
CA ILE G 661 -6.71 -56.81 -12.68
C ILE G 661 -5.93 -56.29 -13.88
N PRO G 662 -6.36 -55.19 -14.49
CA PRO G 662 -5.64 -54.67 -15.65
C PRO G 662 -4.35 -53.97 -15.28
N ILE G 663 -3.34 -54.18 -16.13
CA ILE G 663 -2.09 -53.43 -16.08
C ILE G 663 -1.99 -52.45 -17.24
N GLY G 664 -2.07 -52.96 -18.47
CA GLY G 664 -1.88 -52.15 -19.67
C GLY G 664 -0.60 -52.53 -20.38
N ALA G 665 -0.52 -52.11 -21.65
CA ALA G 665 0.54 -52.55 -22.57
C ALA G 665 0.52 -54.06 -22.73
N GLY G 666 -0.69 -54.62 -22.76
CA GLY G 666 -0.87 -56.05 -22.96
C GLY G 666 -0.49 -56.92 -21.78
N ILE G 667 -0.57 -56.40 -20.56
CA ILE G 667 -0.16 -57.12 -19.36
C ILE G 667 -1.33 -57.09 -18.37
N CYS G 668 -1.46 -58.15 -17.58
CA CYS G 668 -2.39 -58.21 -16.46
C CYS G 668 -1.65 -58.57 -15.18
N ALA G 669 -2.43 -58.69 -14.11
CA ALA G 669 -1.94 -59.16 -12.82
C ALA G 669 -3.06 -59.92 -12.13
N SER G 670 -2.68 -60.95 -11.37
CA SER G 670 -3.67 -61.77 -10.70
C SER G 670 -3.05 -62.37 -9.44
N TYR G 671 -3.92 -62.76 -8.51
CA TYR G 671 -3.52 -63.38 -7.25
C TYR G 671 -3.76 -64.87 -7.37
N GLN G 672 -2.68 -65.64 -7.44
CA GLN G 672 -2.75 -67.10 -7.59
C GLN G 672 -1.67 -67.73 -6.71
N THR G 673 -1.56 -69.05 -6.80
CA THR G 673 -0.56 -69.80 -6.03
C THR G 673 0.84 -69.56 -6.58
N SER G 686 0.69 -69.71 0.68
CA SER G 686 1.68 -69.81 -0.40
C SER G 686 1.12 -69.26 -1.71
N GLN G 687 0.59 -68.04 -1.65
CA GLN G 687 0.01 -67.39 -2.80
C GLN G 687 0.51 -65.95 -2.89
N SER G 688 0.78 -65.50 -4.11
CA SER G 688 1.32 -64.17 -4.35
C SER G 688 0.70 -63.61 -5.63
N ILE G 689 1.19 -62.44 -6.04
CA ILE G 689 0.68 -61.77 -7.24
C ILE G 689 1.59 -62.12 -8.41
N ILE G 690 0.99 -62.50 -9.54
CA ILE G 690 1.71 -62.86 -10.74
C ILE G 690 1.32 -61.92 -11.87
N ALA G 691 2.22 -61.79 -12.84
CA ALA G 691 1.99 -60.96 -14.02
C ALA G 691 2.33 -61.77 -15.26
N TYR G 692 1.46 -61.68 -16.27
CA TYR G 692 1.61 -62.48 -17.48
C TYR G 692 0.89 -61.80 -18.63
N THR G 693 1.25 -62.19 -19.84
CA THR G 693 0.62 -61.66 -21.05
C THR G 693 -0.83 -62.14 -21.13
N MET G 694 -1.71 -61.25 -21.59
CA MET G 694 -3.13 -61.54 -21.65
C MET G 694 -3.40 -62.74 -22.56
N SER G 695 -4.34 -63.58 -22.15
CA SER G 695 -4.75 -64.75 -22.94
C SER G 695 -6.11 -64.50 -23.57
N LEU G 696 -6.29 -65.06 -24.77
CA LEU G 696 -7.51 -64.88 -25.54
C LEU G 696 -8.53 -66.00 -25.33
N GLY G 697 -8.22 -66.98 -24.49
CA GLY G 697 -9.10 -68.10 -24.25
C GLY G 697 -8.59 -69.36 -24.93
N VAL G 698 -9.42 -70.40 -24.83
CA VAL G 698 -9.07 -71.71 -25.38
C VAL G 698 -9.11 -71.66 -26.91
N GLU G 699 -8.21 -72.41 -27.53
CA GLU G 699 -8.13 -72.49 -28.99
C GLU G 699 -9.01 -73.64 -29.47
N ASN G 700 -10.02 -73.32 -30.26
CA ASN G 700 -10.94 -74.31 -30.82
C ASN G 700 -10.76 -74.32 -32.34
N SER G 701 -10.24 -75.43 -32.87
CA SER G 701 -10.05 -75.58 -34.30
C SER G 701 -11.27 -76.29 -34.89
N VAL G 702 -12.00 -75.59 -35.77
CA VAL G 702 -13.21 -76.13 -36.38
C VAL G 702 -12.83 -76.85 -37.66
N ALA G 703 -13.28 -78.10 -37.78
CA ALA G 703 -13.02 -78.87 -38.99
C ALA G 703 -13.79 -78.28 -40.17
N TYR G 704 -13.06 -78.03 -41.26
CA TYR G 704 -13.62 -77.42 -42.45
C TYR G 704 -13.49 -78.38 -43.62
N SER G 705 -14.58 -78.57 -44.35
CA SER G 705 -14.58 -79.42 -45.53
C SER G 705 -15.71 -78.98 -46.46
N ASN G 706 -15.61 -79.39 -47.72
CA ASN G 706 -16.61 -79.01 -48.71
C ASN G 706 -17.96 -79.69 -48.47
N ASN G 707 -17.95 -80.98 -48.13
CA ASN G 707 -19.18 -81.73 -47.91
C ASN G 707 -19.60 -81.82 -46.45
N SER G 708 -18.81 -81.28 -45.53
CA SER G 708 -19.09 -81.39 -44.10
C SER G 708 -20.06 -80.30 -43.66
N ILE G 709 -21.06 -80.69 -42.87
CA ILE G 709 -22.06 -79.76 -42.36
C ILE G 709 -22.53 -80.27 -41.01
N ALA G 710 -22.93 -79.34 -40.13
CA ALA G 710 -23.41 -79.68 -38.80
C ALA G 710 -24.74 -78.99 -38.56
N ILE G 711 -25.67 -79.71 -37.91
CA ILE G 711 -26.97 -79.16 -37.55
C ILE G 711 -27.22 -79.46 -36.08
N PRO G 712 -27.78 -78.52 -35.32
CA PRO G 712 -28.06 -78.81 -33.90
C PRO G 712 -29.14 -79.86 -33.73
N THR G 713 -28.85 -80.84 -32.87
CA THR G 713 -29.82 -81.87 -32.52
C THR G 713 -30.56 -81.58 -31.22
N ASN G 714 -30.21 -80.50 -30.52
CA ASN G 714 -30.83 -80.16 -29.25
C ASN G 714 -30.66 -78.66 -29.01
N PHE G 715 -31.48 -78.12 -28.12
CA PHE G 715 -31.46 -76.70 -27.83
C PHE G 715 -31.76 -76.47 -26.35
N THR G 716 -31.22 -75.39 -25.82
CA THR G 716 -31.44 -74.99 -24.44
C THR G 716 -31.91 -73.53 -24.41
N ILE G 717 -32.97 -73.27 -23.64
CA ILE G 717 -33.52 -71.93 -23.52
C ILE G 717 -32.85 -71.24 -22.34
N SER G 718 -32.12 -70.17 -22.62
CA SER G 718 -31.41 -69.40 -21.61
C SER G 718 -32.02 -68.02 -21.49
N VAL G 719 -32.05 -67.50 -20.25
CA VAL G 719 -32.60 -66.19 -19.96
C VAL G 719 -31.50 -65.32 -19.37
N THR G 720 -31.11 -64.27 -20.09
CA THR G 720 -30.09 -63.33 -19.66
C THR G 720 -30.76 -62.08 -19.09
N THR G 721 -29.93 -61.12 -18.70
CA THR G 721 -30.40 -59.87 -18.13
C THR G 721 -29.60 -58.71 -18.69
N GLU G 722 -30.22 -57.53 -18.72
CA GLU G 722 -29.58 -56.32 -19.20
C GLU G 722 -30.02 -55.15 -18.33
N ILE G 723 -29.06 -54.34 -17.89
CA ILE G 723 -29.33 -53.20 -17.01
C ILE G 723 -28.85 -51.94 -17.70
N LEU G 724 -29.74 -50.97 -17.84
CA LEU G 724 -29.41 -49.68 -18.44
C LEU G 724 -29.92 -48.56 -17.55
N PRO G 725 -29.17 -47.45 -17.42
CA PRO G 725 -29.67 -46.33 -16.62
C PRO G 725 -30.71 -45.53 -17.39
N VAL G 726 -31.63 -44.91 -16.64
CA VAL G 726 -32.70 -44.11 -17.20
C VAL G 726 -32.77 -42.73 -16.56
N SER G 727 -33.04 -42.67 -15.26
CA SER G 727 -33.27 -41.42 -14.56
C SER G 727 -32.03 -41.00 -13.78
N MET G 728 -31.81 -39.69 -13.74
CA MET G 728 -30.73 -39.09 -12.96
C MET G 728 -31.34 -38.15 -11.93
N THR G 729 -30.68 -38.05 -10.78
CA THR G 729 -31.18 -37.27 -9.66
C THR G 729 -31.37 -35.81 -10.08
N LYS G 730 -32.56 -35.27 -9.84
CA LYS G 730 -32.86 -33.89 -10.19
C LYS G 730 -32.38 -32.95 -9.10
N THR G 731 -31.68 -31.89 -9.50
CA THR G 731 -31.11 -30.95 -8.55
C THR G 731 -31.29 -29.53 -9.06
N SER G 732 -31.82 -28.66 -8.21
CA SER G 732 -31.96 -27.23 -8.49
C SER G 732 -31.09 -26.46 -7.53
N VAL G 733 -30.29 -25.53 -8.05
CA VAL G 733 -29.30 -24.80 -7.26
C VAL G 733 -29.65 -23.32 -7.33
N ASP G 734 -29.60 -22.65 -6.17
CA ASP G 734 -29.80 -21.21 -6.10
C ASP G 734 -28.44 -20.53 -5.95
N CYS G 735 -28.17 -19.54 -6.81
CA CYS G 735 -26.86 -18.89 -6.79
C CYS G 735 -26.74 -17.93 -5.61
N THR G 736 -27.86 -17.37 -5.15
CA THR G 736 -27.79 -16.31 -4.15
C THR G 736 -27.16 -16.77 -2.85
N MET G 737 -27.73 -17.81 -2.22
CA MET G 737 -27.24 -18.23 -0.91
C MET G 737 -25.97 -19.05 -1.00
N TYR G 738 -25.82 -19.88 -2.04
CA TYR G 738 -24.63 -20.73 -2.12
C TYR G 738 -23.37 -19.90 -2.29
N ILE G 739 -23.43 -18.81 -3.06
CA ILE G 739 -22.25 -17.98 -3.26
C ILE G 739 -21.95 -17.17 -2.01
N CYS G 740 -22.82 -16.22 -1.68
CA CYS G 740 -22.71 -15.50 -0.41
C CYS G 740 -24.10 -15.44 0.21
N GLY G 741 -24.27 -16.13 1.34
CA GLY G 741 -25.53 -16.13 2.05
C GLY G 741 -25.54 -15.11 3.18
N ASP G 742 -26.76 -14.65 3.52
CA ASP G 742 -26.99 -13.75 4.65
C ASP G 742 -26.07 -12.53 4.58
N SER G 743 -25.87 -12.03 3.36
CA SER G 743 -25.00 -10.87 3.16
C SER G 743 -25.71 -9.89 2.25
N THR G 744 -26.00 -8.69 2.76
CA THR G 744 -26.62 -7.64 1.97
C THR G 744 -25.62 -6.91 1.08
N GLU G 745 -24.41 -6.67 1.58
CA GLU G 745 -23.40 -5.97 0.78
C GLU G 745 -22.94 -6.81 -0.40
N CYS G 746 -22.87 -8.13 -0.23
CA CYS G 746 -22.48 -9.00 -1.34
C CYS G 746 -23.58 -9.12 -2.39
N SER G 747 -24.85 -8.98 -1.98
CA SER G 747 -25.94 -9.04 -2.95
C SER G 747 -25.85 -7.91 -3.96
N ASN G 748 -25.29 -6.76 -3.57
CA ASN G 748 -25.08 -5.68 -4.51
C ASN G 748 -23.89 -5.95 -5.41
N LEU G 749 -22.86 -6.63 -4.88
CA LEU G 749 -21.70 -6.99 -5.68
C LEU G 749 -22.02 -8.10 -6.67
N LEU G 750 -22.86 -9.07 -6.28
CA LEU G 750 -23.26 -10.14 -7.19
C LEU G 750 -24.11 -9.63 -8.34
N LEU G 751 -24.90 -8.58 -8.12
CA LEU G 751 -25.71 -8.00 -9.20
C LEU G 751 -24.85 -7.44 -10.32
N GLN G 752 -23.60 -7.07 -10.03
CA GLN G 752 -22.70 -6.55 -11.06
C GLN G 752 -22.37 -7.58 -12.12
N TYR G 753 -22.58 -8.87 -11.86
CA TYR G 753 -22.33 -9.92 -12.82
C TYR G 753 -23.51 -10.15 -13.77
N GLY G 754 -24.61 -9.43 -13.59
CA GLY G 754 -25.70 -9.49 -14.54
C GLY G 754 -26.46 -10.79 -14.47
N SER G 755 -26.65 -11.43 -15.62
CA SER G 755 -27.53 -12.57 -15.80
C SER G 755 -26.83 -13.90 -15.55
N PHE G 756 -25.59 -13.87 -15.05
CA PHE G 756 -24.81 -15.09 -14.86
C PHE G 756 -25.58 -16.16 -14.09
N CYS G 757 -26.45 -15.75 -13.16
CA CYS G 757 -27.32 -16.74 -12.49
C CYS G 757 -28.35 -17.32 -13.43
N THR G 758 -28.90 -16.50 -14.34
CA THR G 758 -29.95 -16.97 -15.23
C THR G 758 -29.47 -18.09 -16.14
N GLN G 759 -28.22 -18.02 -16.62
CA GLN G 759 -27.69 -19.08 -17.46
C GLN G 759 -27.55 -20.38 -16.69
N LEU G 760 -27.12 -20.32 -15.42
CA LEU G 760 -26.95 -21.53 -14.62
C LEU G 760 -28.27 -22.05 -14.08
N ASN G 761 -29.25 -21.16 -13.84
CA ASN G 761 -30.53 -21.60 -13.34
C ASN G 761 -31.39 -22.24 -14.43
N ARG G 762 -31.31 -21.73 -15.66
CA ARG G 762 -32.05 -22.34 -16.76
C ARG G 762 -31.41 -23.64 -17.23
N ALA G 763 -30.08 -23.76 -17.12
CA ALA G 763 -29.41 -24.99 -17.52
C ALA G 763 -29.79 -26.14 -16.60
N LEU G 764 -29.82 -25.90 -15.29
CA LEU G 764 -30.21 -26.94 -14.35
C LEU G 764 -31.72 -27.19 -14.37
N THR G 765 -32.52 -26.20 -14.76
CA THR G 765 -33.95 -26.42 -14.88
C THR G 765 -34.27 -27.32 -16.06
N GLY G 766 -33.59 -27.11 -17.19
CA GLY G 766 -33.79 -27.96 -18.35
C GLY G 766 -33.39 -29.40 -18.13
N ILE G 767 -32.43 -29.65 -17.24
CA ILE G 767 -32.06 -31.02 -16.91
C ILE G 767 -33.18 -31.70 -16.13
N ALA G 768 -33.77 -30.98 -15.17
CA ALA G 768 -34.85 -31.56 -14.37
C ALA G 768 -36.07 -31.91 -15.22
N VAL G 769 -36.35 -31.10 -16.25
CA VAL G 769 -37.45 -31.42 -17.14
C VAL G 769 -37.10 -32.58 -18.06
N GLU G 770 -35.84 -32.64 -18.51
CA GLU G 770 -35.41 -33.72 -19.39
C GLU G 770 -35.40 -35.06 -18.70
N GLN G 771 -35.12 -35.12 -17.39
CA GLN G 771 -35.12 -36.38 -16.68
C GLN G 771 -36.52 -36.99 -16.62
N ASP G 772 -37.55 -36.15 -16.47
CA ASP G 772 -38.93 -36.64 -16.50
C ASP G 772 -39.36 -37.08 -17.89
N LYS G 773 -38.80 -36.48 -18.94
CA LYS G 773 -39.10 -36.89 -20.31
C LYS G 773 -38.53 -38.27 -20.64
N ASN G 774 -37.39 -38.63 -20.05
CA ASN G 774 -36.78 -39.94 -20.31
C ASN G 774 -37.64 -41.07 -19.78
N THR G 775 -38.43 -40.83 -18.73
CA THR G 775 -39.28 -41.88 -18.17
C THR G 775 -40.53 -42.10 -19.01
N GLN G 776 -41.02 -41.07 -19.69
CA GLN G 776 -42.23 -41.21 -20.50
C GLN G 776 -41.96 -41.94 -21.81
N GLU G 777 -40.73 -41.91 -22.30
CA GLU G 777 -40.38 -42.57 -23.55
C GLU G 777 -39.90 -44.00 -23.37
N VAL G 778 -39.71 -44.45 -22.13
CA VAL G 778 -39.18 -45.77 -21.85
C VAL G 778 -40.19 -46.63 -21.10
N PHE G 779 -40.56 -46.24 -19.88
CA PHE G 779 -41.41 -47.06 -19.02
C PHE G 779 -42.79 -47.29 -19.60
N ALA G 780 -43.49 -46.23 -20.00
CA ALA G 780 -44.84 -46.39 -20.54
C ALA G 780 -44.82 -46.18 -22.06
N GLN G 781 -44.96 -47.30 -22.78
CA GLN G 781 -45.10 -47.28 -24.22
C GLN G 781 -46.53 -47.02 -24.67
N VAL G 782 -47.50 -47.64 -24.01
CA VAL G 782 -48.90 -47.57 -24.40
C VAL G 782 -49.70 -46.87 -23.30
N LYS G 783 -50.82 -46.28 -23.66
CA LYS G 783 -51.67 -45.57 -22.72
C LYS G 783 -52.74 -46.46 -22.09
N GLN G 784 -52.75 -47.75 -22.42
CA GLN G 784 -53.73 -48.69 -21.88
C GLN G 784 -53.05 -49.57 -20.85
N ILE G 785 -53.75 -49.88 -19.77
CA ILE G 785 -53.22 -50.69 -18.68
C ILE G 785 -53.89 -52.06 -18.72
N TYR G 786 -53.08 -53.11 -18.67
CA TYR G 786 -53.56 -54.48 -18.69
C TYR G 786 -53.19 -55.19 -17.40
N LYS G 787 -54.06 -56.10 -16.96
CA LYS G 787 -53.86 -56.84 -15.72
C LYS G 787 -53.96 -58.33 -15.99
N THR G 788 -53.44 -59.11 -15.04
CA THR G 788 -53.44 -60.56 -15.14
C THR G 788 -54.80 -61.11 -14.78
N PRO G 789 -55.35 -62.05 -15.56
CA PRO G 789 -56.64 -62.64 -15.20
C PRO G 789 -56.54 -63.42 -13.90
N PRO G 790 -57.67 -63.63 -13.20
CA PRO G 790 -57.60 -64.29 -11.89
C PRO G 790 -57.15 -65.73 -11.96
N ILE G 791 -57.55 -66.50 -12.97
CA ILE G 791 -57.11 -67.89 -13.14
C ILE G 791 -55.89 -67.89 -14.04
N LYS G 792 -54.86 -68.64 -13.63
CA LYS G 792 -53.59 -68.67 -14.32
C LYS G 792 -53.32 -70.06 -14.87
N ASP G 793 -53.42 -70.21 -16.19
CA ASP G 793 -52.80 -71.36 -16.86
C ASP G 793 -52.00 -70.78 -18.03
N PHE G 794 -50.67 -70.83 -17.92
CA PHE G 794 -49.79 -70.28 -18.93
C PHE G 794 -49.21 -71.34 -19.85
N GLY G 795 -49.53 -72.61 -19.61
CA GLY G 795 -48.95 -73.67 -20.42
C GLY G 795 -47.74 -74.34 -19.81
N GLY G 796 -47.52 -74.17 -18.51
CA GLY G 796 -46.42 -74.82 -17.83
C GLY G 796 -45.29 -73.91 -17.39
N PHE G 797 -45.27 -72.65 -17.81
CA PHE G 797 -44.25 -71.72 -17.35
C PHE G 797 -44.70 -71.08 -16.04
N ASN G 798 -43.75 -70.86 -15.12
CA ASN G 798 -44.05 -70.23 -13.85
C ASN G 798 -43.70 -68.74 -13.97
N PHE G 799 -44.73 -67.89 -13.98
CA PHE G 799 -44.57 -66.45 -14.09
C PHE G 799 -44.66 -65.75 -12.74
N SER G 800 -44.79 -66.50 -11.65
CA SER G 800 -44.96 -65.90 -10.33
C SER G 800 -43.80 -65.00 -9.94
N GLN G 801 -42.61 -65.23 -10.49
CA GLN G 801 -41.46 -64.39 -10.21
C GLN G 801 -41.57 -63.00 -10.84
N ILE G 802 -41.97 -62.91 -12.10
CA ILE G 802 -42.07 -61.63 -12.78
C ILE G 802 -43.39 -60.92 -12.50
N LEU G 803 -44.41 -61.62 -11.98
CA LEU G 803 -45.67 -60.93 -11.73
C LEU G 803 -45.67 -60.29 -10.35
N PRO G 804 -46.31 -59.13 -10.19
CA PRO G 804 -46.32 -58.46 -8.89
C PRO G 804 -47.19 -59.19 -7.88
N ASP G 805 -46.96 -58.87 -6.61
CA ASP G 805 -47.71 -59.48 -5.52
C ASP G 805 -48.78 -58.50 -5.03
N PRO G 806 -50.07 -58.79 -5.23
CA PRO G 806 -51.11 -57.85 -4.78
C PRO G 806 -51.25 -57.76 -3.27
N SER G 807 -50.75 -58.74 -2.51
CA SER G 807 -50.86 -58.71 -1.06
C SER G 807 -49.90 -57.73 -0.40
N LYS G 808 -48.85 -57.31 -1.10
CA LYS G 808 -47.90 -56.38 -0.53
C LYS G 808 -48.46 -54.95 -0.55
N PRO G 809 -48.06 -54.10 0.40
CA PRO G 809 -48.51 -52.71 0.37
C PRO G 809 -47.99 -51.94 -0.83
N SER G 810 -46.76 -52.23 -1.26
CA SER G 810 -46.19 -51.65 -2.47
C SER G 810 -46.19 -52.73 -3.54
N LYS G 811 -46.67 -52.40 -4.74
CA LYS G 811 -46.79 -53.38 -5.81
C LYS G 811 -45.41 -53.58 -6.43
N ARG G 812 -44.90 -54.81 -6.32
CA ARG G 812 -43.60 -55.16 -6.86
C ARG G 812 -43.52 -56.67 -7.03
N SER G 813 -42.59 -57.12 -7.85
CA SER G 813 -42.40 -58.54 -8.10
C SER G 813 -41.32 -59.10 -7.19
N PHE G 814 -41.11 -60.42 -7.30
CA PHE G 814 -40.06 -61.05 -6.51
C PHE G 814 -38.68 -60.77 -7.08
N ILE G 815 -38.59 -60.58 -8.40
CA ILE G 815 -37.32 -60.18 -9.00
C ILE G 815 -37.02 -58.71 -8.67
N GLU G 816 -38.06 -57.88 -8.60
CA GLU G 816 -37.87 -56.49 -8.20
C GLU G 816 -37.52 -56.36 -6.72
N ASP G 817 -37.71 -57.42 -5.93
CA ASP G 817 -37.27 -57.41 -4.55
C ASP G 817 -35.76 -57.24 -4.46
N LEU G 818 -35.03 -57.98 -5.29
CA LEU G 818 -33.57 -57.91 -5.27
C LEU G 818 -33.05 -56.66 -5.99
N LEU G 819 -33.73 -56.23 -7.05
CA LEU G 819 -33.29 -55.06 -7.80
C LEU G 819 -33.38 -53.79 -6.97
N PHE G 820 -34.42 -53.65 -6.14
CA PHE G 820 -34.58 -52.45 -5.33
C PHE G 820 -33.68 -52.47 -4.10
N ASN G 821 -33.42 -53.65 -3.53
CA ASN G 821 -32.64 -53.74 -2.29
C ASN G 821 -31.15 -53.61 -2.55
N LYS G 822 -30.65 -54.14 -3.66
CA LYS G 822 -29.22 -54.11 -3.95
C LYS G 822 -28.75 -52.79 -4.56
N VAL G 823 -29.67 -51.84 -4.81
CA VAL G 823 -29.32 -50.54 -5.36
C VAL G 823 -29.70 -49.49 -4.32
N THR G 824 -28.68 -48.78 -3.83
CA THR G 824 -28.90 -47.74 -2.83
C THR G 824 -28.86 -46.35 -3.46
N ASP G 845 -29.05 -38.09 7.13
CA ASP G 845 -29.18 -38.60 5.77
C ASP G 845 -28.40 -37.71 4.80
N LEU G 846 -27.90 -38.31 3.72
CA LEU G 846 -27.08 -37.57 2.76
C LEU G 846 -27.89 -36.51 2.01
N ILE G 847 -29.17 -36.79 1.72
CA ILE G 847 -29.97 -35.84 0.96
C ILE G 847 -30.22 -34.57 1.77
N CYS G 848 -30.73 -34.72 2.99
CA CYS G 848 -31.08 -33.56 3.80
C CYS G 848 -29.84 -32.77 4.23
N ALA G 849 -28.70 -33.45 4.41
CA ALA G 849 -27.48 -32.74 4.78
C ALA G 849 -27.00 -31.83 3.64
N GLN G 850 -27.22 -32.24 2.39
CA GLN G 850 -26.84 -31.41 1.25
C GLN G 850 -27.85 -30.33 0.95
N LYS G 851 -29.08 -30.45 1.46
CA LYS G 851 -30.12 -29.46 1.22
C LYS G 851 -29.98 -28.22 2.10
N PHE G 852 -29.07 -28.23 3.06
CA PHE G 852 -28.91 -27.09 3.96
C PHE G 852 -28.12 -25.94 3.32
N ASN G 853 -27.23 -26.25 2.38
CA ASN G 853 -26.36 -25.25 1.77
C ASN G 853 -26.93 -24.69 0.47
N GLY G 854 -28.16 -25.04 0.12
CA GLY G 854 -28.78 -24.55 -1.09
C GLY G 854 -28.86 -25.52 -2.24
N LEU G 855 -28.59 -26.81 -2.02
CA LEU G 855 -28.69 -27.82 -3.07
C LEU G 855 -30.03 -28.52 -2.86
N THR G 856 -30.97 -28.28 -3.77
CA THR G 856 -32.32 -28.78 -3.60
C THR G 856 -32.58 -29.96 -4.54
N VAL G 857 -32.92 -31.10 -3.96
CA VAL G 857 -33.27 -32.29 -4.74
C VAL G 857 -34.75 -32.23 -5.06
N LEU G 858 -35.07 -32.20 -6.35
CA LEU G 858 -36.49 -32.12 -6.70
C LEU G 858 -37.09 -33.53 -6.78
N PRO G 859 -38.31 -33.70 -6.28
CA PRO G 859 -38.95 -35.01 -6.36
C PRO G 859 -39.36 -35.34 -7.78
N PRO G 860 -39.22 -36.59 -8.21
CA PRO G 860 -39.57 -36.95 -9.58
C PRO G 860 -41.08 -36.93 -9.81
N LEU G 861 -41.44 -36.51 -11.02
CA LEU G 861 -42.86 -36.49 -11.41
C LEU G 861 -43.44 -37.90 -11.43
N LEU G 862 -42.62 -38.90 -11.71
CA LEU G 862 -43.06 -40.29 -11.79
C LEU G 862 -42.56 -41.03 -10.55
N THR G 863 -43.48 -41.47 -9.70
CA THR G 863 -43.11 -42.16 -8.47
C THR G 863 -42.78 -43.62 -8.74
N ASP G 864 -42.43 -44.35 -7.68
CA ASP G 864 -42.06 -45.75 -7.82
C ASP G 864 -43.27 -46.67 -7.99
N GLU G 865 -44.41 -46.32 -7.40
CA GLU G 865 -45.62 -47.13 -7.55
C GLU G 865 -46.12 -47.14 -8.98
N MET G 866 -46.04 -46.00 -9.67
CA MET G 866 -46.51 -45.92 -11.05
C MET G 866 -45.57 -46.61 -12.03
N ILE G 867 -44.28 -46.73 -11.69
CA ILE G 867 -43.35 -47.43 -12.57
C ILE G 867 -43.68 -48.91 -12.63
N ALA G 868 -43.91 -49.53 -11.46
CA ALA G 868 -44.28 -50.94 -11.44
C ALA G 868 -45.62 -51.19 -12.11
N GLN G 869 -46.50 -50.18 -12.13
CA GLN G 869 -47.78 -50.33 -12.81
C GLN G 869 -47.61 -50.20 -14.32
N TYR G 870 -46.63 -49.43 -14.78
CA TYR G 870 -46.30 -49.45 -16.21
C TYR G 870 -45.66 -50.78 -16.61
N THR G 871 -44.79 -51.33 -15.75
CA THR G 871 -44.18 -52.61 -16.05
C THR G 871 -45.20 -53.74 -16.04
N SER G 872 -46.11 -53.74 -15.06
CA SER G 872 -47.14 -54.77 -15.00
C SER G 872 -48.07 -54.72 -16.21
N ALA G 873 -48.27 -53.53 -16.77
CA ALA G 873 -49.09 -53.42 -17.98
C ALA G 873 -48.36 -54.01 -19.19
N LEU G 874 -47.04 -53.87 -19.24
CA LEU G 874 -46.27 -54.43 -20.33
C LEU G 874 -46.05 -55.94 -20.16
N LEU G 875 -46.00 -56.42 -18.91
CA LEU G 875 -45.84 -57.85 -18.68
C LEU G 875 -47.14 -58.61 -18.95
N ALA G 876 -48.27 -58.07 -18.48
CA ALA G 876 -49.55 -58.74 -18.71
C ALA G 876 -49.94 -58.72 -20.18
N GLY G 877 -49.55 -57.68 -20.92
CA GLY G 877 -49.87 -57.62 -22.33
C GLY G 877 -49.01 -58.53 -23.19
N THR G 878 -47.72 -58.63 -22.87
CA THR G 878 -46.83 -59.49 -23.65
C THR G 878 -47.20 -60.96 -23.49
N ILE G 879 -47.58 -61.36 -22.27
CA ILE G 879 -47.97 -62.74 -22.02
C ILE G 879 -49.31 -63.06 -22.69
N THR G 880 -50.23 -62.10 -22.69
CA THR G 880 -51.57 -62.35 -23.23
C THR G 880 -51.63 -62.01 -24.72
N SER G 881 -51.50 -60.73 -25.06
CA SER G 881 -51.67 -60.25 -26.42
C SER G 881 -50.46 -60.51 -27.31
N GLY G 882 -49.34 -60.94 -26.73
CA GLY G 882 -48.14 -61.18 -27.52
C GLY G 882 -47.57 -59.93 -28.13
N TRP G 883 -47.42 -59.93 -29.45
CA TRP G 883 -46.89 -58.78 -30.19
C TRP G 883 -47.99 -57.88 -30.73
N THR G 884 -49.26 -58.23 -30.53
CA THR G 884 -50.36 -57.54 -31.18
C THR G 884 -50.86 -56.30 -30.44
N PHE G 885 -50.50 -56.12 -29.17
CA PHE G 885 -51.05 -54.98 -28.43
C PHE G 885 -50.29 -53.70 -28.71
N GLY G 886 -49.08 -53.78 -29.26
CA GLY G 886 -48.30 -52.61 -29.59
C GLY G 886 -48.66 -51.96 -30.90
N ALA G 887 -49.15 -52.73 -31.87
CA ALA G 887 -49.55 -52.20 -33.16
C ALA G 887 -51.03 -51.87 -33.26
N GLY G 888 -51.80 -52.05 -32.19
CA GLY G 888 -53.23 -51.81 -32.24
C GLY G 888 -53.96 -52.34 -31.03
N ALA G 889 -55.25 -52.62 -31.18
CA ALA G 889 -56.05 -53.15 -30.09
C ALA G 889 -55.53 -54.51 -29.65
N ALA G 890 -55.74 -54.82 -28.37
CA ALA G 890 -55.24 -56.06 -27.79
C ALA G 890 -55.95 -57.26 -28.39
N LEU G 891 -55.18 -58.21 -28.89
CA LEU G 891 -55.70 -59.45 -29.44
C LEU G 891 -55.25 -60.61 -28.56
N GLN G 892 -56.19 -61.22 -27.86
CA GLN G 892 -55.84 -62.33 -26.97
C GLN G 892 -55.50 -63.56 -27.81
N ILE G 893 -54.38 -64.19 -27.51
CA ILE G 893 -53.89 -65.35 -28.25
C ILE G 893 -53.43 -66.40 -27.24
N PRO G 894 -53.70 -67.68 -27.48
CA PRO G 894 -53.15 -68.72 -26.60
C PRO G 894 -51.63 -68.66 -26.57
N PHE G 895 -51.09 -68.79 -25.35
CA PHE G 895 -49.65 -68.66 -25.19
C PHE G 895 -48.88 -69.75 -25.92
N ALA G 896 -49.46 -70.93 -26.07
CA ALA G 896 -48.81 -71.98 -26.86
C ALA G 896 -48.69 -71.57 -28.33
N MET G 897 -49.63 -70.79 -28.83
CA MET G 897 -49.55 -70.26 -30.18
C MET G 897 -48.57 -69.10 -30.31
N GLN G 898 -48.37 -68.34 -29.23
CA GLN G 898 -47.41 -67.24 -29.27
C GLN G 898 -45.98 -67.77 -29.40
N MET G 899 -45.68 -68.88 -28.71
CA MET G 899 -44.38 -69.52 -28.83
C MET G 899 -44.13 -70.07 -30.23
N ALA G 900 -45.19 -70.42 -30.95
CA ALA G 900 -45.02 -70.95 -32.31
C ALA G 900 -44.53 -69.87 -33.27
N TYR G 901 -44.96 -68.62 -33.08
CA TYR G 901 -44.51 -67.54 -33.94
C TYR G 901 -43.08 -67.13 -33.65
N ARG G 902 -42.71 -67.09 -32.36
CA ARG G 902 -41.36 -66.69 -32.01
C ARG G 902 -40.33 -67.72 -32.45
N PHE G 903 -40.74 -68.99 -32.55
CA PHE G 903 -39.87 -69.99 -33.17
C PHE G 903 -39.91 -69.90 -34.68
N ASN G 904 -41.03 -69.46 -35.25
CA ASN G 904 -41.15 -69.31 -36.70
C ASN G 904 -40.25 -68.19 -37.22
N GLY G 905 -40.20 -67.05 -36.54
CA GLY G 905 -39.37 -65.94 -37.00
C GLY G 905 -37.88 -66.22 -37.01
N ILE G 906 -37.41 -67.12 -36.16
CA ILE G 906 -36.00 -67.48 -36.08
C ILE G 906 -35.66 -68.63 -37.01
N GLY G 907 -36.61 -69.11 -37.79
CA GLY G 907 -36.35 -70.17 -38.75
C GLY G 907 -36.58 -71.58 -38.24
N VAL G 908 -37.40 -71.75 -37.22
CA VAL G 908 -37.71 -73.06 -36.66
C VAL G 908 -39.18 -73.33 -36.86
N THR G 909 -39.50 -74.52 -37.39
CA THR G 909 -40.90 -74.90 -37.56
C THR G 909 -41.58 -75.04 -36.21
N GLN G 910 -42.85 -74.59 -36.17
CA GLN G 910 -43.60 -74.58 -34.92
C GLN G 910 -43.81 -75.97 -34.33
N ASN G 911 -43.56 -77.03 -35.10
CA ASN G 911 -43.78 -78.38 -34.58
C ASN G 911 -42.79 -78.72 -33.48
N VAL G 912 -41.57 -78.18 -33.55
CA VAL G 912 -40.53 -78.51 -32.57
C VAL G 912 -40.99 -78.18 -31.15
N LEU G 913 -41.75 -77.10 -31.00
CA LEU G 913 -42.29 -76.74 -29.68
C LEU G 913 -43.20 -77.82 -29.12
N TYR G 914 -44.06 -78.40 -29.95
CA TYR G 914 -45.20 -79.18 -29.46
C TYR G 914 -44.77 -80.47 -28.76
N GLU G 915 -43.75 -81.16 -29.28
CA GLU G 915 -43.21 -82.30 -28.55
C GLU G 915 -42.28 -81.89 -27.42
N ASN G 916 -41.72 -80.68 -27.49
CA ASN G 916 -40.76 -80.18 -26.51
C ASN G 916 -41.44 -79.33 -25.45
N GLN G 917 -42.78 -79.27 -25.48
CA GLN G 917 -43.53 -78.46 -24.52
C GLN G 917 -43.12 -78.75 -23.07
N LYS G 918 -42.90 -80.03 -22.73
CA LYS G 918 -42.46 -80.35 -21.38
C LYS G 918 -40.98 -80.08 -21.17
N LEU G 919 -40.18 -80.15 -22.24
CA LEU G 919 -38.76 -79.86 -22.11
C LEU G 919 -38.51 -78.38 -21.92
N ILE G 920 -39.15 -77.52 -22.73
CA ILE G 920 -38.97 -76.08 -22.60
C ILE G 920 -39.58 -75.60 -21.29
N ALA G 921 -40.62 -76.27 -20.79
CA ALA G 921 -41.22 -75.88 -19.52
C ALA G 921 -40.23 -75.97 -18.37
N ASN G 922 -39.38 -77.00 -18.37
CA ASN G 922 -38.38 -77.13 -17.32
C ASN G 922 -37.18 -76.22 -17.55
N GLN G 923 -36.90 -75.88 -18.81
CA GLN G 923 -35.75 -75.03 -19.11
C GLN G 923 -36.04 -73.56 -18.79
N PHE G 924 -37.26 -73.09 -19.08
CA PHE G 924 -37.59 -71.69 -18.81
C PHE G 924 -37.71 -71.42 -17.32
N ASN G 925 -38.37 -72.32 -16.58
CA ASN G 925 -38.51 -72.12 -15.14
C ASN G 925 -37.19 -72.23 -14.41
N SER G 926 -36.27 -73.04 -14.93
CA SER G 926 -34.95 -73.16 -14.31
C SER G 926 -34.08 -71.93 -14.58
N ALA G 927 -34.27 -71.28 -15.72
CA ALA G 927 -33.50 -70.08 -16.03
C ALA G 927 -33.96 -68.88 -15.20
N ILE G 928 -35.25 -68.82 -14.86
CA ILE G 928 -35.73 -67.73 -14.01
C ILE G 928 -35.19 -67.89 -12.60
N GLY G 929 -35.09 -69.13 -12.12
CA GLY G 929 -34.52 -69.38 -10.81
C GLY G 929 -33.06 -68.98 -10.68
N LYS G 930 -32.30 -69.02 -11.78
CA LYS G 930 -30.92 -68.58 -11.75
C LYS G 930 -30.79 -67.08 -11.61
N ILE G 931 -31.84 -66.33 -11.94
CA ILE G 931 -31.79 -64.87 -11.79
C ILE G 931 -31.84 -64.49 -10.31
N GLN G 932 -32.67 -65.18 -9.53
CA GLN G 932 -32.73 -64.91 -8.09
C GLN G 932 -31.41 -65.24 -7.40
N ASP G 933 -30.70 -66.26 -7.87
CA ASP G 933 -29.42 -66.61 -7.28
C ASP G 933 -28.31 -65.69 -7.73
N SER G 934 -28.41 -65.12 -8.94
CA SER G 934 -27.37 -64.24 -9.44
C SER G 934 -27.47 -62.85 -8.81
N LEU G 935 -28.69 -62.34 -8.64
CA LEU G 935 -28.86 -61.01 -8.05
C LEU G 935 -28.59 -61.01 -6.55
N SER G 936 -28.85 -62.13 -5.87
CA SER G 936 -28.62 -62.20 -4.44
C SER G 936 -27.13 -62.34 -4.12
N SER G 937 -26.44 -63.25 -4.81
CA SER G 937 -25.03 -63.50 -4.54
C SER G 937 -24.12 -62.42 -5.13
N THR G 938 -24.35 -62.02 -6.38
CA THR G 938 -23.51 -61.05 -7.06
C THR G 938 -24.21 -59.70 -7.06
N ALA G 939 -23.66 -58.75 -6.30
CA ALA G 939 -24.22 -57.40 -6.26
C ALA G 939 -23.56 -56.48 -7.27
N SER G 940 -22.52 -56.92 -7.96
CA SER G 940 -21.81 -56.09 -8.93
C SER G 940 -22.48 -56.04 -10.29
N ALA G 941 -23.49 -56.89 -10.53
CA ALA G 941 -24.19 -56.85 -11.81
C ALA G 941 -25.04 -55.59 -11.94
N LEU G 942 -25.46 -55.01 -10.81
CA LEU G 942 -26.24 -53.78 -10.80
C LEU G 942 -25.37 -52.53 -10.68
N GLY G 943 -24.04 -52.70 -10.73
CA GLY G 943 -23.13 -51.59 -10.58
C GLY G 943 -23.31 -50.46 -11.58
N LYS G 944 -23.96 -50.74 -12.72
CA LYS G 944 -24.27 -49.68 -13.67
C LYS G 944 -25.22 -48.64 -13.08
N LEU G 945 -26.20 -49.07 -12.29
CA LEU G 945 -27.11 -48.15 -11.62
C LEU G 945 -26.49 -47.54 -10.37
N GLN G 946 -25.49 -48.19 -9.80
CA GLN G 946 -24.82 -47.64 -8.61
C GLN G 946 -23.92 -46.48 -8.96
N ASP G 947 -23.31 -46.49 -10.15
CA ASP G 947 -22.45 -45.40 -10.56
C ASP G 947 -23.23 -44.10 -10.79
N VAL G 948 -24.50 -44.20 -11.16
CA VAL G 948 -25.32 -42.99 -11.35
C VAL G 948 -25.52 -42.29 -10.02
N VAL G 949 -25.74 -43.04 -8.95
CA VAL G 949 -25.90 -42.43 -7.63
C VAL G 949 -24.57 -41.94 -7.10
N ASN G 950 -23.49 -42.68 -7.38
CA ASN G 950 -22.18 -42.28 -6.87
C ASN G 950 -21.68 -41.01 -7.56
N GLN G 951 -21.82 -40.92 -8.88
CA GLN G 951 -21.39 -39.72 -9.59
C GLN G 951 -22.23 -38.51 -9.21
N ASN G 952 -23.49 -38.73 -8.85
CA ASN G 952 -24.33 -37.62 -8.38
C ASN G 952 -24.02 -37.24 -6.94
N ALA G 953 -23.60 -38.20 -6.12
CA ALA G 953 -23.24 -37.89 -4.74
C ALA G 953 -21.86 -37.24 -4.64
N GLN G 954 -20.89 -37.70 -5.44
CA GLN G 954 -19.57 -37.10 -5.40
C GLN G 954 -19.58 -35.68 -5.97
N ALA G 955 -20.44 -35.41 -6.95
CA ALA G 955 -20.54 -34.08 -7.51
C ALA G 955 -21.15 -33.07 -6.54
N LEU G 956 -22.11 -33.52 -5.73
CA LEU G 956 -22.71 -32.62 -4.74
C LEU G 956 -21.83 -32.45 -3.51
N ASN G 957 -21.21 -33.54 -3.03
CA ASN G 957 -20.34 -33.44 -1.87
C ASN G 957 -19.10 -32.59 -2.15
N THR G 958 -18.51 -32.71 -3.34
CA THR G 958 -17.37 -31.89 -3.69
C THR G 958 -17.77 -30.42 -3.85
N LEU G 959 -18.95 -30.17 -4.40
CA LEU G 959 -19.42 -28.80 -4.56
C LEU G 959 -19.64 -28.13 -3.20
N VAL G 960 -20.00 -28.91 -2.18
CA VAL G 960 -20.15 -28.35 -0.84
C VAL G 960 -18.79 -28.03 -0.24
N LYS G 961 -17.80 -28.90 -0.44
CA LYS G 961 -16.47 -28.68 0.13
C LYS G 961 -15.78 -27.46 -0.46
N GLN G 962 -16.27 -26.93 -1.57
CA GLN G 962 -15.69 -25.72 -2.14
C GLN G 962 -15.96 -24.49 -1.29
N LEU G 963 -17.00 -24.53 -0.44
CA LEU G 963 -17.30 -23.39 0.41
C LEU G 963 -16.25 -23.18 1.49
N SER G 964 -15.56 -24.25 1.89
CA SER G 964 -14.52 -24.15 2.90
C SER G 964 -13.20 -23.61 2.36
N SER G 965 -13.08 -23.46 1.05
CA SER G 965 -11.84 -22.95 0.46
C SER G 965 -11.81 -21.42 0.50
N ASN G 966 -10.64 -20.87 0.79
CA ASN G 966 -10.49 -19.42 0.88
C ASN G 966 -10.38 -18.78 -0.50
N PHE G 967 -9.91 -19.53 -1.50
CA PHE G 967 -9.72 -19.01 -2.87
C PHE G 967 -8.81 -17.79 -2.86
N GLY G 968 -7.78 -17.81 -2.02
CA GLY G 968 -6.84 -16.71 -1.93
C GLY G 968 -7.24 -15.60 -1.00
N ALA G 969 -8.38 -15.71 -0.32
CA ALA G 969 -8.84 -14.68 0.60
C ALA G 969 -8.33 -14.98 2.01
N ILE G 970 -8.70 -14.11 2.96
CA ILE G 970 -8.26 -14.27 4.33
C ILE G 970 -8.97 -15.44 5.00
N SER G 971 -10.31 -15.47 4.89
CA SER G 971 -11.10 -16.55 5.47
C SER G 971 -12.35 -16.76 4.63
N SER G 972 -12.84 -18.00 4.65
CA SER G 972 -14.03 -18.36 3.89
C SER G 972 -15.33 -17.88 4.54
N VAL G 973 -15.29 -17.51 5.81
CA VAL G 973 -16.48 -17.05 6.53
C VAL G 973 -16.75 -15.61 6.15
N LEU G 974 -18.01 -15.31 5.78
CA LEU G 974 -18.37 -13.96 5.39
C LEU G 974 -18.41 -13.02 6.59
N ASN G 975 -18.97 -13.48 7.71
CA ASN G 975 -19.06 -12.64 8.90
C ASN G 975 -17.70 -12.30 9.48
N ASP G 976 -16.68 -13.12 9.20
CA ASP G 976 -15.33 -12.81 9.68
C ASP G 976 -14.74 -11.60 8.97
N ILE G 977 -14.93 -11.52 7.65
CA ILE G 977 -14.36 -10.40 6.89
C ILE G 977 -15.11 -9.10 7.19
N LEU G 978 -16.44 -9.17 7.29
CA LEU G 978 -17.23 -7.96 7.50
C LEU G 978 -16.99 -7.37 8.90
N SER G 979 -16.77 -8.23 9.89
CA SER G 979 -16.56 -7.77 11.27
C SER G 979 -15.11 -7.44 11.58
N ARG G 980 -14.22 -7.55 10.61
CA ARG G 980 -12.80 -7.29 10.81
C ARG G 980 -12.29 -6.12 10.01
N LEU G 981 -12.27 -6.23 8.67
CA LEU G 981 -11.71 -5.21 7.80
C LEU G 981 -12.71 -4.07 7.61
N ASP G 982 -12.28 -3.09 6.83
CA ASP G 982 -13.11 -1.93 6.54
C ASP G 982 -14.01 -2.21 5.33
N PRO G 983 -15.12 -1.50 5.20
CA PRO G 983 -16.01 -1.69 4.04
C PRO G 983 -15.28 -1.53 2.72
N PRO G 984 -14.41 -0.51 2.55
CA PRO G 984 -13.62 -0.47 1.31
C PRO G 984 -12.60 -1.60 1.20
N GLU G 985 -12.05 -2.06 2.31
CA GLU G 985 -11.08 -3.15 2.29
C GLU G 985 -11.75 -4.52 2.15
N ALA G 986 -12.94 -4.70 2.73
CA ALA G 986 -13.62 -5.98 2.67
C ALA G 986 -14.08 -6.34 1.27
N GLU G 987 -14.37 -5.35 0.42
CA GLU G 987 -14.81 -5.63 -0.94
C GLU G 987 -13.75 -6.36 -1.76
N VAL G 988 -12.47 -6.17 -1.44
CA VAL G 988 -11.43 -6.91 -2.14
C VAL G 988 -11.43 -8.37 -1.70
N GLN G 989 -11.62 -8.63 -0.40
CA GLN G 989 -11.67 -10.00 0.09
C GLN G 989 -12.95 -10.71 -0.31
N ILE G 990 -14.07 -9.99 -0.37
CA ILE G 990 -15.33 -10.61 -0.79
C ILE G 990 -15.29 -10.97 -2.26
N ASP G 991 -14.69 -10.10 -3.09
CA ASP G 991 -14.58 -10.39 -4.52
C ASP G 991 -13.77 -11.63 -4.80
N ARG G 992 -12.76 -11.93 -3.98
CA ARG G 992 -12.01 -13.17 -4.15
C ARG G 992 -12.87 -14.40 -3.85
N LEU G 993 -13.78 -14.29 -2.88
CA LEU G 993 -14.68 -15.38 -2.57
C LEU G 993 -15.79 -15.54 -3.60
N ILE G 994 -16.22 -14.44 -4.22
CA ILE G 994 -17.26 -14.53 -5.24
C ILE G 994 -16.72 -15.22 -6.50
N THR G 995 -15.63 -14.69 -7.04
CA THR G 995 -15.05 -15.24 -8.27
C THR G 995 -14.59 -16.68 -8.10
N GLY G 996 -14.16 -17.07 -6.90
CA GLY G 996 -13.78 -18.45 -6.68
C GLY G 996 -14.98 -19.39 -6.66
N ARG G 997 -16.10 -18.93 -6.12
CA ARG G 997 -17.31 -19.73 -6.07
C ARG G 997 -18.12 -19.66 -7.37
N LEU G 998 -17.86 -18.69 -8.23
CA LEU G 998 -18.50 -18.68 -9.54
C LEU G 998 -17.94 -19.78 -10.43
N GLN G 999 -16.64 -20.03 -10.36
CA GLN G 999 -16.03 -21.08 -11.16
C GLN G 999 -16.40 -22.46 -10.64
N SER G 1000 -16.52 -22.61 -9.32
CA SER G 1000 -16.90 -23.90 -8.76
C SER G 1000 -18.34 -24.26 -9.11
N LEU G 1001 -19.24 -23.28 -9.11
CA LEU G 1001 -20.62 -23.53 -9.51
C LEU G 1001 -20.75 -23.72 -11.02
N GLN G 1002 -19.94 -23.01 -11.80
CA GLN G 1002 -19.95 -23.20 -13.25
C GLN G 1002 -19.39 -24.58 -13.62
N THR G 1003 -18.43 -25.09 -12.85
CA THR G 1003 -17.88 -26.41 -13.12
C THR G 1003 -18.91 -27.51 -12.88
N TYR G 1004 -19.72 -27.38 -11.83
CA TYR G 1004 -20.74 -28.37 -11.55
C TYR G 1004 -21.82 -28.40 -12.63
N VAL G 1005 -22.29 -27.22 -13.06
CA VAL G 1005 -23.33 -27.15 -14.08
C VAL G 1005 -22.80 -27.71 -15.41
N THR G 1006 -21.55 -27.39 -15.75
CA THR G 1006 -20.96 -27.96 -16.95
C THR G 1006 -20.81 -29.47 -16.85
N GLN G 1007 -20.48 -29.96 -15.65
CA GLN G 1007 -20.35 -31.40 -15.45
C GLN G 1007 -21.71 -32.10 -15.56
N GLN G 1008 -22.78 -31.46 -15.09
CA GLN G 1008 -24.10 -32.06 -15.18
C GLN G 1008 -24.62 -32.10 -16.61
N LEU G 1009 -24.39 -31.04 -17.39
CA LEU G 1009 -24.82 -31.03 -18.79
C LEU G 1009 -24.13 -32.12 -19.60
N ILE G 1010 -22.86 -32.42 -19.30
CA ILE G 1010 -22.17 -33.48 -20.03
C ILE G 1010 -22.65 -34.85 -19.56
N ARG G 1011 -22.86 -35.01 -18.25
CA ARG G 1011 -23.35 -36.29 -17.74
C ARG G 1011 -24.79 -36.54 -18.17
N ALA G 1012 -25.61 -35.50 -18.27
CA ALA G 1012 -26.99 -35.67 -18.72
C ALA G 1012 -27.06 -36.13 -20.17
N ALA G 1013 -26.06 -35.79 -20.99
CA ALA G 1013 -26.05 -36.27 -22.37
C ALA G 1013 -25.80 -37.78 -22.42
N GLU G 1014 -24.95 -38.30 -21.53
CA GLU G 1014 -24.75 -39.74 -21.48
C GLU G 1014 -25.99 -40.46 -20.97
N ILE G 1015 -26.72 -39.85 -20.03
CA ILE G 1015 -27.97 -40.44 -19.55
C ILE G 1015 -29.04 -40.37 -20.62
N ARG G 1016 -29.08 -39.26 -21.37
CA ARG G 1016 -30.04 -39.13 -22.47
C ARG G 1016 -29.75 -40.14 -23.57
N ALA G 1017 -28.47 -40.37 -23.89
CA ALA G 1017 -28.12 -41.36 -24.89
C ALA G 1017 -28.48 -42.77 -24.43
N SER G 1018 -28.41 -43.03 -23.12
CA SER G 1018 -28.82 -44.33 -22.59
C SER G 1018 -30.34 -44.46 -22.52
N ALA G 1019 -31.05 -43.35 -22.30
CA ALA G 1019 -32.51 -43.40 -22.27
C ALA G 1019 -33.08 -43.70 -23.65
N ASN G 1020 -32.46 -43.15 -24.71
CA ASN G 1020 -32.92 -43.47 -26.06
C ASN G 1020 -32.63 -44.91 -26.42
N LEU G 1021 -31.57 -45.50 -25.87
CA LEU G 1021 -31.30 -46.91 -26.10
C LEU G 1021 -32.30 -47.79 -25.36
N ALA G 1022 -32.66 -47.42 -24.12
CA ALA G 1022 -33.65 -48.18 -23.38
C ALA G 1022 -35.02 -48.08 -24.03
N ALA G 1023 -35.32 -46.95 -24.66
CA ALA G 1023 -36.59 -46.84 -25.39
C ALA G 1023 -36.61 -47.74 -26.62
N THR G 1024 -35.45 -47.98 -27.24
CA THR G 1024 -35.38 -48.89 -28.37
C THR G 1024 -35.40 -50.34 -27.91
N LYS G 1025 -34.71 -50.65 -26.81
CA LYS G 1025 -34.76 -52.00 -26.26
C LYS G 1025 -36.16 -52.35 -25.80
N MET G 1026 -36.91 -51.38 -25.27
CA MET G 1026 -38.28 -51.63 -24.83
C MET G 1026 -39.21 -51.86 -26.01
N SER G 1027 -39.00 -51.16 -27.12
CA SER G 1027 -39.89 -51.28 -28.27
C SER G 1027 -39.69 -52.59 -29.03
N GLU G 1028 -38.45 -52.89 -29.43
CA GLU G 1028 -38.16 -54.04 -30.27
C GLU G 1028 -38.11 -55.36 -29.49
N CYS G 1029 -37.43 -55.40 -28.35
CA CYS G 1029 -37.24 -56.66 -27.63
C CYS G 1029 -38.48 -57.07 -26.84
N VAL G 1030 -39.20 -56.12 -26.27
CA VAL G 1030 -40.37 -56.41 -25.43
C VAL G 1030 -41.65 -56.45 -26.25
N LEU G 1031 -42.02 -55.32 -26.84
CA LEU G 1031 -43.30 -55.23 -27.56
C LEU G 1031 -43.35 -56.21 -28.72
N GLY G 1032 -42.40 -56.14 -29.64
CA GLY G 1032 -42.35 -57.03 -30.79
C GLY G 1032 -41.24 -58.05 -30.65
N GLN G 1033 -40.79 -58.55 -31.79
CA GLN G 1033 -39.70 -59.52 -31.86
C GLN G 1033 -38.64 -58.97 -32.82
N SER G 1034 -37.46 -58.70 -32.30
CA SER G 1034 -36.39 -58.12 -33.09
C SER G 1034 -35.48 -59.20 -33.66
N LYS G 1035 -35.15 -59.09 -34.94
CA LYS G 1035 -34.24 -59.98 -35.61
C LYS G 1035 -32.81 -59.48 -35.60
N ARG G 1036 -32.55 -58.35 -34.95
CA ARG G 1036 -31.21 -57.77 -34.91
C ARG G 1036 -30.27 -58.65 -34.08
N VAL G 1037 -29.11 -58.94 -34.66
CA VAL G 1037 -28.14 -59.83 -34.03
C VAL G 1037 -27.39 -59.08 -32.95
N ASP G 1038 -27.25 -59.70 -31.78
CA ASP G 1038 -26.56 -59.12 -30.63
C ASP G 1038 -27.17 -57.78 -30.23
N PHE G 1039 -28.51 -57.73 -30.20
CA PHE G 1039 -29.26 -56.57 -29.75
C PHE G 1039 -30.05 -56.87 -28.49
N CYS G 1040 -30.96 -57.83 -28.56
CA CYS G 1040 -31.75 -58.30 -27.42
C CYS G 1040 -30.97 -59.30 -26.58
N GLY G 1041 -29.70 -59.51 -26.91
CA GLY G 1041 -28.84 -60.44 -26.22
C GLY G 1041 -28.47 -61.63 -27.09
N LYS G 1042 -27.45 -62.36 -26.63
CA LYS G 1042 -26.84 -63.42 -27.41
C LYS G 1042 -27.85 -64.53 -27.72
N GLY G 1043 -27.77 -65.08 -28.92
CA GLY G 1043 -28.66 -66.13 -29.37
C GLY G 1043 -29.82 -65.56 -30.17
N TYR G 1044 -30.65 -66.47 -30.66
CA TYR G 1044 -31.86 -66.08 -31.38
C TYR G 1044 -32.91 -65.59 -30.39
N HIS G 1045 -33.35 -64.35 -30.57
CA HIS G 1045 -34.23 -63.71 -29.59
C HIS G 1045 -35.64 -64.27 -29.68
N LEU G 1046 -36.32 -64.31 -28.54
CA LEU G 1046 -37.72 -64.71 -28.46
C LEU G 1046 -38.59 -63.61 -27.87
N MET G 1047 -38.42 -63.30 -26.58
CA MET G 1047 -39.21 -62.28 -25.92
C MET G 1047 -38.38 -61.66 -24.81
N SER G 1048 -38.84 -60.50 -24.33
CA SER G 1048 -38.18 -59.81 -23.23
C SER G 1048 -39.22 -59.38 -22.20
N PHE G 1049 -38.85 -59.51 -20.93
CA PHE G 1049 -39.70 -59.10 -19.82
C PHE G 1049 -39.06 -57.94 -19.08
N PRO G 1050 -39.60 -56.73 -19.16
CA PRO G 1050 -39.02 -55.61 -18.43
C PRO G 1050 -39.26 -55.70 -16.93
N GLN G 1051 -38.35 -55.09 -16.17
CA GLN G 1051 -38.45 -55.05 -14.73
C GLN G 1051 -38.06 -53.67 -14.23
N SER G 1052 -38.70 -53.25 -13.15
CA SER G 1052 -38.42 -51.93 -12.57
C SER G 1052 -37.13 -51.98 -11.77
N ALA G 1053 -36.35 -50.90 -11.87
CA ALA G 1053 -35.09 -50.77 -11.17
C ALA G 1053 -34.90 -49.31 -10.76
N PRO G 1054 -34.22 -49.04 -9.65
CA PRO G 1054 -33.98 -47.65 -9.26
C PRO G 1054 -33.13 -46.93 -10.29
N HIS G 1055 -33.62 -45.75 -10.71
CA HIS G 1055 -32.92 -44.91 -11.68
C HIS G 1055 -32.56 -45.66 -12.96
N GLY G 1056 -33.40 -46.60 -13.36
CA GLY G 1056 -33.12 -47.36 -14.56
C GLY G 1056 -34.18 -48.40 -14.82
N VAL G 1057 -33.85 -49.36 -15.67
CA VAL G 1057 -34.75 -50.45 -16.03
C VAL G 1057 -33.93 -51.69 -16.32
N VAL G 1058 -34.48 -52.85 -15.95
CA VAL G 1058 -33.81 -54.14 -16.14
C VAL G 1058 -34.64 -54.95 -17.12
N PHE G 1059 -34.01 -55.41 -18.20
CA PHE G 1059 -34.65 -56.24 -19.20
C PHE G 1059 -34.23 -57.69 -18.98
N LEU G 1060 -35.21 -58.59 -18.99
CA LEU G 1060 -34.98 -60.03 -18.89
C LEU G 1060 -35.30 -60.62 -20.26
N HIS G 1061 -34.25 -61.07 -20.96
CA HIS G 1061 -34.40 -61.53 -22.33
C HIS G 1061 -34.44 -63.05 -22.40
N VAL G 1062 -35.34 -63.58 -23.24
CA VAL G 1062 -35.44 -65.01 -23.49
C VAL G 1062 -34.90 -65.27 -24.89
N THR G 1063 -33.87 -66.10 -24.98
CA THR G 1063 -33.19 -66.36 -26.24
C THR G 1063 -33.18 -67.86 -26.54
N TYR G 1064 -32.92 -68.17 -27.80
CA TYR G 1064 -32.86 -69.55 -28.30
C TYR G 1064 -31.42 -69.89 -28.61
N VAL G 1065 -30.82 -70.77 -27.79
CA VAL G 1065 -29.43 -71.16 -27.92
C VAL G 1065 -29.37 -72.66 -28.21
N PRO G 1066 -28.85 -73.07 -29.36
CA PRO G 1066 -28.68 -74.50 -29.61
C PRO G 1066 -27.60 -75.10 -28.72
N ALA G 1067 -27.71 -76.39 -28.47
CA ALA G 1067 -26.82 -77.08 -27.53
C ALA G 1067 -25.95 -78.13 -28.21
N GLN G 1068 -26.52 -79.27 -28.59
CA GLN G 1068 -25.76 -80.40 -29.10
C GLN G 1068 -25.73 -80.35 -30.62
N GLU G 1069 -24.60 -80.73 -31.20
CA GLU G 1069 -24.40 -80.72 -32.64
C GLU G 1069 -23.93 -82.09 -33.11
N LYS G 1070 -24.12 -82.36 -34.40
CA LYS G 1070 -23.67 -83.59 -35.02
C LYS G 1070 -23.27 -83.32 -36.45
N ASN G 1071 -22.21 -83.97 -36.91
CA ASN G 1071 -21.66 -83.75 -38.24
C ASN G 1071 -22.40 -84.61 -39.27
N PHE G 1072 -22.62 -84.02 -40.45
CA PHE G 1072 -23.29 -84.72 -41.55
C PHE G 1072 -22.62 -84.34 -42.86
N THR G 1073 -22.93 -85.11 -43.89
CA THR G 1073 -22.45 -84.88 -45.24
C THR G 1073 -23.58 -84.30 -46.08
N THR G 1074 -23.32 -83.19 -46.77
CA THR G 1074 -24.35 -82.50 -47.53
C THR G 1074 -24.02 -82.55 -49.02
N ALA G 1075 -24.95 -82.01 -49.81
CA ALA G 1075 -24.78 -81.89 -51.25
C ALA G 1075 -25.51 -80.64 -51.71
N PRO G 1076 -25.01 -79.95 -52.74
CA PRO G 1076 -25.75 -78.78 -53.24
C PRO G 1076 -27.04 -79.14 -53.96
N ALA G 1077 -27.12 -80.30 -54.58
CA ALA G 1077 -28.32 -80.68 -55.33
C ALA G 1077 -28.36 -82.20 -55.47
N ILE G 1078 -29.53 -82.71 -55.81
CA ILE G 1078 -29.75 -84.13 -56.11
C ILE G 1078 -30.06 -84.25 -57.58
N CYS G 1079 -29.35 -85.15 -58.27
CA CYS G 1079 -29.56 -85.41 -59.69
C CYS G 1079 -30.29 -86.74 -59.83
N HIS G 1080 -31.49 -86.70 -60.41
CA HIS G 1080 -32.31 -87.90 -60.57
C HIS G 1080 -32.44 -88.30 -62.03
N ASP G 1081 -33.28 -87.58 -62.80
CA ASP G 1081 -33.52 -87.89 -64.20
C ASP G 1081 -32.63 -87.04 -65.11
N GLY G 1082 -31.73 -86.26 -64.53
CA GLY G 1082 -30.93 -85.31 -65.28
C GLY G 1082 -31.28 -83.86 -65.04
N LYS G 1083 -32.36 -83.59 -64.31
CA LYS G 1083 -32.72 -82.25 -63.90
C LYS G 1083 -32.41 -82.06 -62.42
N ALA G 1084 -31.75 -80.94 -62.11
CA ALA G 1084 -31.30 -80.67 -60.75
C ALA G 1084 -32.48 -80.41 -59.82
N HIS G 1085 -32.30 -80.73 -58.55
CA HIS G 1085 -33.30 -80.51 -57.51
C HIS G 1085 -32.66 -79.73 -56.37
N PHE G 1086 -33.33 -78.66 -55.94
CA PHE G 1086 -32.77 -77.82 -54.89
C PHE G 1086 -33.76 -77.67 -53.73
N PRO G 1087 -33.28 -77.63 -52.50
CA PRO G 1087 -34.18 -77.54 -51.35
C PRO G 1087 -34.95 -76.24 -51.33
N ARG G 1088 -36.26 -76.33 -51.06
CA ARG G 1088 -37.06 -75.14 -50.85
C ARG G 1088 -36.77 -74.53 -49.48
N GLU G 1089 -36.78 -75.37 -48.44
CA GLU G 1089 -36.43 -74.96 -47.09
C GLU G 1089 -35.57 -76.05 -46.47
N GLY G 1090 -34.41 -75.68 -45.95
CA GLY G 1090 -33.48 -76.62 -45.37
C GLY G 1090 -32.35 -76.96 -46.34
N VAL G 1091 -31.60 -78.00 -45.97
CA VAL G 1091 -30.48 -78.48 -46.76
C VAL G 1091 -30.51 -79.99 -46.80
N PHE G 1092 -29.71 -80.55 -47.71
CA PHE G 1092 -29.55 -81.99 -47.85
C PHE G 1092 -28.54 -82.51 -46.85
N VAL G 1093 -28.86 -83.63 -46.21
CA VAL G 1093 -27.97 -84.27 -45.24
C VAL G 1093 -27.92 -85.76 -45.53
N SER G 1094 -26.92 -86.42 -44.96
CA SER G 1094 -26.74 -87.85 -45.16
C SER G 1094 -26.15 -88.46 -43.89
N ASN G 1095 -26.62 -89.66 -43.55
CA ASN G 1095 -26.08 -90.45 -42.46
C ASN G 1095 -25.02 -91.43 -42.93
N GLY G 1096 -24.64 -91.39 -44.20
CA GLY G 1096 -23.69 -92.31 -44.78
C GLY G 1096 -24.33 -93.30 -45.72
N THR G 1097 -25.66 -93.40 -45.68
CA THR G 1097 -26.41 -94.27 -46.58
C THR G 1097 -27.56 -93.57 -47.30
N HIS G 1098 -28.56 -93.06 -46.58
CA HIS G 1098 -29.72 -92.44 -47.19
C HIS G 1098 -29.67 -90.94 -47.00
N TRP G 1099 -30.12 -90.21 -48.02
CA TRP G 1099 -30.10 -88.75 -48.03
C TRP G 1099 -31.44 -88.22 -47.52
N PHE G 1100 -31.38 -87.26 -46.60
CA PHE G 1100 -32.56 -86.68 -45.98
C PHE G 1100 -32.52 -85.17 -46.12
N VAL G 1101 -33.68 -84.55 -45.90
CA VAL G 1101 -33.82 -83.09 -45.90
C VAL G 1101 -34.21 -82.65 -44.50
N THR G 1102 -33.42 -81.75 -43.93
CA THR G 1102 -33.69 -81.25 -42.58
C THR G 1102 -33.38 -79.77 -42.52
N GLN G 1103 -33.94 -79.11 -41.51
CA GLN G 1103 -33.71 -77.69 -41.29
C GLN G 1103 -32.31 -77.46 -40.72
N ARG G 1104 -31.85 -76.21 -40.85
CA ARG G 1104 -30.53 -75.85 -40.35
C ARG G 1104 -30.52 -75.61 -38.84
N ASN G 1105 -31.59 -75.08 -38.27
CA ASN G 1105 -31.65 -74.79 -36.84
C ASN G 1105 -32.10 -75.98 -36.01
N PHE G 1106 -32.65 -77.02 -36.63
CA PHE G 1106 -33.09 -78.20 -35.90
C PHE G 1106 -32.98 -79.41 -36.83
N TYR G 1107 -32.69 -80.57 -36.26
CA TYR G 1107 -32.47 -81.77 -37.04
C TYR G 1107 -33.78 -82.55 -37.13
N GLU G 1108 -34.37 -82.59 -38.31
CA GLU G 1108 -35.66 -83.25 -38.54
C GLU G 1108 -35.59 -84.00 -39.87
N PRO G 1109 -35.12 -85.24 -39.87
CA PRO G 1109 -34.98 -85.98 -41.13
C PRO G 1109 -36.31 -86.11 -41.87
N GLN G 1110 -36.27 -85.81 -43.17
CA GLN G 1110 -37.44 -85.93 -44.03
C GLN G 1110 -37.02 -86.53 -45.37
N ILE G 1111 -37.91 -87.34 -45.93
CA ILE G 1111 -37.63 -87.98 -47.22
C ILE G 1111 -37.64 -86.92 -48.31
N ILE G 1112 -36.77 -87.10 -49.31
CA ILE G 1112 -36.67 -86.15 -50.41
C ILE G 1112 -37.88 -86.35 -51.32
N THR G 1113 -38.67 -85.29 -51.52
CA THR G 1113 -39.89 -85.36 -52.31
C THR G 1113 -39.91 -84.22 -53.32
N THR G 1114 -40.98 -84.21 -54.12
CA THR G 1114 -41.16 -83.16 -55.12
C THR G 1114 -41.69 -81.87 -54.52
N ASP G 1115 -42.54 -81.95 -53.49
CA ASP G 1115 -43.08 -80.75 -52.86
C ASP G 1115 -42.07 -80.05 -51.97
N ASN G 1116 -41.02 -80.74 -51.53
CA ASN G 1116 -39.99 -80.14 -50.71
C ASN G 1116 -38.85 -79.53 -51.53
N THR G 1117 -38.81 -79.78 -52.84
CA THR G 1117 -37.75 -79.28 -53.71
C THR G 1117 -38.39 -78.63 -54.94
N PHE G 1118 -37.52 -78.19 -55.86
CA PHE G 1118 -37.95 -77.62 -57.11
C PHE G 1118 -36.91 -77.91 -58.18
N VAL G 1119 -37.36 -77.93 -59.44
CA VAL G 1119 -36.53 -78.30 -60.58
C VAL G 1119 -36.04 -77.04 -61.26
N SER G 1120 -34.72 -76.85 -61.27
CA SER G 1120 -34.11 -75.71 -61.94
C SER G 1120 -32.79 -76.16 -62.57
N GLY G 1121 -32.56 -75.75 -63.81
CA GLY G 1121 -31.30 -76.06 -64.46
C GLY G 1121 -31.16 -77.53 -64.77
N ASN G 1122 -29.91 -77.99 -64.83
CA ASN G 1122 -29.60 -79.38 -65.12
C ASN G 1122 -28.45 -79.83 -64.22
N CYS G 1123 -27.97 -81.05 -64.45
CA CYS G 1123 -26.94 -81.66 -63.62
C CYS G 1123 -25.52 -81.35 -64.12
N ASP G 1124 -25.38 -80.75 -65.29
CA ASP G 1124 -24.07 -80.52 -65.88
C ASP G 1124 -23.47 -79.16 -65.50
N VAL G 1125 -24.15 -78.39 -64.65
CA VAL G 1125 -23.67 -77.07 -64.26
C VAL G 1125 -23.22 -77.05 -62.81
N VAL G 1126 -24.11 -77.35 -61.86
CA VAL G 1126 -23.81 -77.29 -60.43
C VAL G 1126 -22.69 -78.28 -60.13
N ILE G 1127 -21.66 -77.81 -59.43
CA ILE G 1127 -20.52 -78.64 -59.05
C ILE G 1127 -20.81 -79.28 -57.70
N GLY G 1128 -20.41 -80.54 -57.55
CA GLY G 1128 -20.64 -81.27 -56.31
C GLY G 1128 -21.97 -81.97 -56.22
N ILE G 1129 -22.76 -81.97 -57.29
CA ILE G 1129 -24.08 -82.61 -57.29
C ILE G 1129 -23.90 -84.12 -57.24
N VAL G 1130 -24.81 -84.79 -56.53
CA VAL G 1130 -24.76 -86.23 -56.37
C VAL G 1130 -26.03 -86.85 -56.97
N ASN G 1131 -25.94 -88.13 -57.31
CA ASN G 1131 -27.03 -88.86 -57.93
C ASN G 1131 -27.85 -89.59 -56.87
N ASN G 1132 -29.17 -89.45 -56.96
CA ASN G 1132 -30.09 -90.12 -56.05
C ASN G 1132 -31.46 -90.10 -56.69
N THR G 1133 -32.43 -90.71 -56.01
CA THR G 1133 -33.81 -90.76 -56.49
C THR G 1133 -34.68 -89.82 -55.67
N VAL G 1134 -35.70 -89.27 -56.33
CA VAL G 1134 -36.63 -88.32 -55.72
C VAL G 1134 -37.99 -88.99 -55.60
N TYR G 1135 -38.46 -89.14 -54.37
CA TYR G 1135 -39.78 -89.72 -54.13
C TYR G 1135 -40.87 -88.76 -54.58
N ASP G 1136 -41.90 -89.32 -55.21
CA ASP G 1136 -43.05 -88.55 -55.67
C ASP G 1136 -44.27 -89.00 -54.89
N PRO G 1137 -44.88 -88.12 -54.10
CA PRO G 1137 -46.10 -88.52 -53.37
C PRO G 1137 -47.24 -88.94 -54.27
N LEU G 1138 -47.27 -88.47 -55.52
CA LEU G 1138 -48.32 -88.84 -56.46
C LEU G 1138 -48.08 -90.23 -57.07
N GLN G 1139 -46.85 -90.73 -57.01
CA GLN G 1139 -46.56 -92.02 -57.64
C GLN G 1139 -47.31 -93.18 -56.99
N PRO G 1140 -47.25 -93.41 -55.67
CA PRO G 1140 -47.97 -94.55 -55.10
C PRO G 1140 -49.48 -94.40 -55.14
N GLU G 1141 -50.01 -93.17 -55.18
CA GLU G 1141 -51.45 -93.00 -55.30
C GLU G 1141 -51.97 -93.55 -56.62
N LEU G 1142 -51.29 -93.26 -57.72
CA LEU G 1142 -51.61 -93.85 -59.02
C LEU G 1142 -51.11 -95.27 -59.16
N ASP G 1143 -50.06 -95.66 -58.43
CA ASP G 1143 -49.60 -97.04 -58.46
C ASP G 1143 -50.58 -97.96 -57.76
N SER G 1144 -51.01 -97.58 -56.56
CA SER G 1144 -52.05 -98.36 -55.87
C SER G 1144 -53.38 -98.31 -56.63
N PHE G 1145 -53.64 -97.20 -57.33
CA PHE G 1145 -54.82 -97.13 -58.18
C PHE G 1145 -54.65 -98.01 -59.41
N LYS G 1146 -53.43 -98.14 -59.93
CA LYS G 1146 -53.19 -99.04 -61.05
C LYS G 1146 -53.39 -100.49 -60.65
N GLU G 1147 -52.92 -100.87 -59.46
CA GLU G 1147 -53.20 -102.22 -58.96
C GLU G 1147 -54.68 -102.43 -58.71
N GLU G 1148 -55.38 -101.39 -58.23
CA GLU G 1148 -56.83 -101.46 -58.14
C GLU G 1148 -57.46 -101.48 -59.53
N LEU G 1149 -56.89 -100.75 -60.48
CA LEU G 1149 -57.38 -100.78 -61.85
C LEU G 1149 -57.11 -102.13 -62.51
N ASP G 1150 -55.97 -102.75 -62.19
CA ASP G 1150 -55.64 -104.05 -62.78
C ASP G 1150 -56.63 -105.13 -62.34
N LYS G 1151 -57.08 -105.08 -61.08
CA LYS G 1151 -58.05 -106.06 -60.60
C LYS G 1151 -59.41 -105.91 -61.26
N TYR G 1152 -59.70 -104.75 -61.85
CA TYR G 1152 -60.97 -104.59 -62.56
C TYR G 1152 -60.98 -105.30 -63.90
N PHE G 1153 -59.85 -105.35 -64.60
CA PHE G 1153 -59.78 -106.06 -65.86
C PHE G 1153 -59.74 -107.57 -65.66
N LYS G 1154 -59.03 -108.03 -64.62
CA LYS G 1154 -58.96 -109.47 -64.35
C LYS G 1154 -60.33 -110.01 -63.94
N ASN G 1155 -61.15 -109.20 -63.28
CA ASN G 1155 -62.48 -109.63 -62.89
C ASN G 1155 -63.43 -109.70 -64.07
N HIS G 1156 -63.38 -108.71 -64.96
CA HIS G 1156 -64.28 -108.69 -66.12
C HIS G 1156 -64.00 -109.87 -67.07
N THR G 1157 -62.72 -110.22 -67.29
CA THR G 1157 -62.39 -111.33 -68.15
C THR G 1157 -62.83 -112.68 -67.58
N SER G 1158 -63.07 -112.75 -66.28
CA SER G 1158 -63.52 -114.00 -65.65
C SER G 1158 -65.03 -114.17 -65.80
N GLU H 1 40.19 43.76 11.05
CA GLU H 1 41.39 43.80 10.23
C GLU H 1 42.56 43.14 10.95
N VAL H 2 43.77 43.67 10.72
CA VAL H 2 44.98 43.15 11.33
C VAL H 2 45.43 44.13 12.40
N GLN H 3 45.78 43.60 13.58
CA GLN H 3 46.31 44.39 14.67
C GLN H 3 47.82 44.18 14.71
N LEU H 4 48.57 45.23 14.37
CA LEU H 4 50.03 45.18 14.34
C LEU H 4 50.56 45.81 15.62
N GLN H 5 51.13 44.98 16.49
CA GLN H 5 51.64 45.43 17.78
C GLN H 5 53.16 45.46 17.75
N GLN H 6 53.72 46.67 17.79
CA GLN H 6 55.17 46.86 17.78
C GLN H 6 55.67 47.08 19.20
N SER H 7 56.97 47.37 19.29
CA SER H 7 57.58 47.70 20.57
C SER H 7 57.51 49.21 20.81
N GLY H 8 58.02 49.63 21.96
CA GLY H 8 58.06 51.03 22.30
C GLY H 8 59.29 51.71 21.75
N PRO H 9 59.53 52.96 22.16
CA PRO H 9 60.74 53.66 21.71
C PRO H 9 61.99 53.13 22.41
N GLU H 10 63.09 53.13 21.67
CA GLU H 10 64.36 52.64 22.17
C GLU H 10 65.39 53.77 22.17
N LEU H 11 66.20 53.81 23.22
CA LEU H 11 67.33 54.74 23.34
C LEU H 11 68.59 53.91 23.47
N VAL H 12 69.45 53.96 22.44
CA VAL H 12 70.67 53.18 22.40
C VAL H 12 71.84 54.10 22.08
N LYS H 13 73.03 53.51 21.97
CA LYS H 13 74.26 54.22 21.66
C LYS H 13 74.86 53.67 20.37
N PRO H 14 75.61 54.49 19.63
CA PRO H 14 76.25 54.01 18.40
C PRO H 14 77.23 52.89 18.68
N GLY H 15 77.11 51.82 17.90
CA GLY H 15 77.95 50.65 18.05
C GLY H 15 77.26 49.46 18.68
N ALA H 16 76.08 49.64 19.27
CA ALA H 16 75.33 48.57 19.90
C ALA H 16 74.30 48.01 18.92
N SER H 17 73.46 47.12 19.43
CA SER H 17 72.41 46.47 18.65
C SER H 17 71.05 46.79 19.24
N VAL H 18 70.03 46.69 18.39
CA VAL H 18 68.65 46.95 18.77
C VAL H 18 67.74 46.01 18.01
N LYS H 19 66.69 45.55 18.69
CA LYS H 19 65.72 44.62 18.10
C LYS H 19 64.36 45.30 18.03
N ILE H 20 63.68 45.12 16.90
CA ILE H 20 62.34 45.67 16.69
C ILE H 20 61.43 44.52 16.29
N SER H 21 60.37 44.31 17.07
CA SER H 21 59.44 43.22 16.86
C SER H 21 58.12 43.76 16.30
N CYS H 22 57.50 42.96 15.43
CA CYS H 22 56.22 43.30 14.83
C CYS H 22 55.29 42.10 14.99
N LYS H 23 54.20 42.29 15.73
CA LYS H 23 53.28 41.21 16.03
C LYS H 23 52.07 41.28 15.12
N THR H 24 51.67 40.13 14.59
CA THR H 24 50.52 40.04 13.68
C THR H 24 49.43 39.17 14.30
N SER H 25 48.18 39.52 14.01
CA SER H 25 47.05 38.79 14.56
C SER H 25 45.88 38.90 13.59
N GLY H 26 45.02 37.87 13.63
CA GLY H 26 43.78 37.88 12.86
C GLY H 26 43.82 37.06 11.58
N TYR H 27 45.01 36.85 11.04
CA TYR H 27 45.20 36.06 9.83
C TYR H 27 46.37 35.11 10.01
N THR H 28 46.71 34.40 8.92
CA THR H 28 47.83 33.47 8.94
C THR H 28 49.13 34.20 8.71
N PHE H 29 50.11 33.96 9.60
CA PHE H 29 51.39 34.66 9.48
C PHE H 29 52.28 34.04 8.40
N THR H 30 52.21 32.73 8.22
CA THR H 30 53.04 32.04 7.25
C THR H 30 52.57 32.20 5.81
N GLU H 31 51.38 32.78 5.60
CA GLU H 31 50.82 32.92 4.27
C GLU H 31 51.37 34.14 3.53
N TYR H 32 51.10 35.33 4.05
CA TYR H 32 51.44 36.58 3.37
C TYR H 32 52.91 36.93 3.63
N THR H 33 53.31 38.13 3.22
CA THR H 33 54.71 38.54 3.25
C THR H 33 54.89 39.74 4.17
N MET H 34 56.14 39.92 4.61
CA MET H 34 56.50 40.98 5.54
C MET H 34 57.52 41.92 4.89
N TYR H 35 57.40 43.21 5.19
CA TYR H 35 58.32 44.23 4.70
C TYR H 35 58.60 45.24 5.81
N TRP H 36 59.62 46.07 5.58
CA TRP H 36 60.02 47.10 6.53
C TRP H 36 60.39 48.37 5.76
N VAL H 37 59.96 49.51 6.30
CA VAL H 37 60.18 50.81 5.67
C VAL H 37 60.69 51.77 6.73
N LYS H 38 61.76 52.50 6.41
CA LYS H 38 62.32 53.51 7.29
C LYS H 38 62.02 54.89 6.73
N GLN H 39 61.70 55.84 7.61
CA GLN H 39 61.39 57.21 7.22
C GLN H 39 62.57 58.10 7.57
N SER H 40 63.26 58.61 6.54
CA SER H 40 64.48 59.37 6.70
C SER H 40 64.19 60.87 6.64
N HIS H 41 64.68 61.57 7.66
CA HIS H 41 64.52 63.02 7.82
C HIS H 41 63.05 63.44 7.87
N GLY H 42 62.17 62.48 8.15
CA GLY H 42 60.77 62.73 8.48
C GLY H 42 59.80 62.91 7.33
N GLN H 43 60.29 63.42 6.20
CA GLN H 43 59.48 63.51 4.98
C GLN H 43 59.77 62.45 3.94
N SER H 44 60.76 61.58 4.15
CA SER H 44 61.20 60.68 3.09
C SER H 44 61.25 59.24 3.60
N LEU H 45 60.61 58.34 2.86
CA LEU H 45 60.56 56.92 3.20
C LEU H 45 61.68 56.19 2.49
N GLU H 46 62.27 55.22 3.16
CA GLU H 46 63.33 54.39 2.61
C GLU H 46 62.95 52.92 2.76
N TRP H 47 63.27 52.12 1.74
CA TRP H 47 62.91 50.71 1.70
C TRP H 47 64.06 49.88 2.27
N ILE H 48 63.82 49.25 3.42
CA ILE H 48 64.84 48.46 4.10
C ILE H 48 64.96 47.11 3.39
N GLY H 49 63.92 46.30 3.48
CA GLY H 49 63.93 45.00 2.84
C GLY H 49 62.62 44.29 3.05
N GLY H 50 62.63 42.99 2.78
CA GLY H 50 61.43 42.18 2.96
C GLY H 50 61.80 40.73 3.21
N ILE H 51 60.87 40.02 3.84
CA ILE H 51 61.09 38.62 4.18
C ILE H 51 59.79 37.84 4.01
N ASN H 52 59.88 36.66 3.39
CA ASN H 52 58.74 35.78 3.28
C ASN H 52 58.84 34.70 4.36
N PRO H 53 58.00 34.73 5.39
CA PRO H 53 58.15 33.77 6.50
C PRO H 53 57.90 32.33 6.11
N ASN H 54 57.16 32.08 5.01
CA ASN H 54 56.90 30.72 4.57
C ASN H 54 58.20 29.99 4.27
N ILE H 55 58.91 30.43 3.23
CA ILE H 55 60.14 29.77 2.79
C ILE H 55 61.38 30.41 3.41
N ASP H 56 61.20 31.42 4.26
CA ASP H 56 62.30 32.11 4.94
C ASP H 56 63.29 32.70 3.94
N ASP H 57 62.77 33.45 2.98
CA ASP H 57 63.59 34.13 2.00
C ASP H 57 63.86 35.57 2.44
N THR H 58 65.13 35.96 2.36
CA THR H 58 65.56 37.27 2.84
C THR H 58 66.21 38.06 1.72
N THR H 59 65.70 39.26 1.48
CA THR H 59 66.26 40.20 0.51
C THR H 59 66.34 41.58 1.14
N TYR H 60 67.33 42.35 0.71
CA TYR H 60 67.59 43.67 1.28
C TYR H 60 67.97 44.63 0.16
N ASN H 61 67.96 45.92 0.50
CA ASN H 61 68.37 46.97 -0.43
C ASN H 61 69.89 47.09 -0.44
N GLN H 62 70.40 47.98 -1.29
CA GLN H 62 71.84 48.17 -1.38
C GLN H 62 72.39 48.97 -0.21
N ASN H 63 71.62 49.96 0.25
CA ASN H 63 72.04 50.77 1.39
C ASN H 63 72.05 49.97 2.69
N PHE H 64 71.10 49.05 2.86
CA PHE H 64 70.92 48.30 4.11
C PHE H 64 71.71 47.00 4.12
N LYS H 65 72.55 46.78 3.11
CA LYS H 65 73.40 45.59 3.07
C LYS H 65 74.24 45.49 4.34
N ASP H 66 74.51 44.24 4.74
CA ASP H 66 75.35 43.86 5.89
C ASP H 66 75.12 44.75 7.11
N LYS H 67 73.86 45.10 7.36
CA LYS H 67 73.48 45.95 8.48
C LYS H 67 72.33 45.36 9.29
N ALA H 68 71.14 45.25 8.71
CA ALA H 68 69.97 44.75 9.41
C ALA H 68 69.68 43.32 8.96
N THR H 69 69.20 42.51 9.91
CA THR H 69 68.81 41.13 9.64
C THR H 69 67.32 40.95 9.95
N LEU H 70 66.72 39.93 9.34
CA LEU H 70 65.30 39.65 9.50
C LEU H 70 65.12 38.19 9.86
N THR H 71 64.50 37.93 11.01
CA THR H 71 64.17 36.59 11.44
C THR H 71 62.69 36.54 11.82
N VAL H 72 62.11 35.35 11.69
CA VAL H 72 60.69 35.16 11.96
C VAL H 72 60.53 34.10 13.05
N ASP H 73 59.36 34.13 13.69
CA ASP H 73 59.02 33.19 14.76
C ASP H 73 57.69 32.56 14.40
N LYS H 74 57.68 31.23 14.26
CA LYS H 74 56.46 30.52 13.89
C LYS H 74 55.51 30.33 15.06
N SER H 75 56.03 30.14 16.27
CA SER H 75 55.18 29.91 17.43
C SER H 75 54.41 31.15 17.84
N SER H 76 55.09 32.29 17.98
CA SER H 76 54.46 33.53 18.39
C SER H 76 53.94 34.38 17.23
N SER H 77 54.21 33.97 15.99
CA SER H 77 53.78 34.72 14.80
C SER H 77 54.29 36.16 14.85
N THR H 78 55.58 36.33 15.13
CA THR H 78 56.20 37.63 15.25
C THR H 78 57.37 37.75 14.28
N ALA H 79 57.60 38.96 13.79
CA ALA H 79 58.71 39.26 12.91
C ALA H 79 59.75 40.10 13.63
N TYR H 80 61.00 39.66 13.57
CA TYR H 80 62.11 40.31 14.26
C TYR H 80 63.00 41.03 13.26
N MET H 81 63.42 42.24 13.61
CA MET H 81 64.36 43.02 12.82
C MET H 81 65.45 43.54 13.76
N GLU H 82 66.68 43.10 13.54
CA GLU H 82 67.80 43.44 14.40
C GLU H 82 68.83 44.23 13.61
N PHE H 83 69.42 45.23 14.24
CA PHE H 83 70.43 46.09 13.61
C PHE H 83 71.79 45.86 14.26
N ARG H 84 72.84 46.05 13.47
CA ARG H 84 74.22 45.94 13.96
C ARG H 84 75.04 47.08 13.37
N SER H 85 76.05 47.50 14.15
CA SER H 85 76.92 48.62 13.79
C SER H 85 76.11 49.88 13.48
N LEU H 86 75.49 50.42 14.52
CA LEU H 86 74.65 51.59 14.38
C LEU H 86 75.49 52.86 14.25
N THR H 87 75.01 53.80 13.45
CA THR H 87 75.62 55.10 13.26
C THR H 87 74.62 56.19 13.59
N PHE H 88 75.06 57.44 13.47
CA PHE H 88 74.18 58.57 13.76
C PHE H 88 73.10 58.74 12.70
N ASP H 89 73.32 58.24 11.48
CA ASP H 89 72.32 58.31 10.42
C ASP H 89 71.23 57.25 10.55
N ASP H 90 71.37 56.33 11.50
CA ASP H 90 70.41 55.24 11.67
C ASP H 90 69.25 55.60 12.59
N SER H 91 69.18 56.83 13.07
CA SER H 91 68.11 57.26 13.96
C SER H 91 66.96 57.78 13.10
N ALA H 92 65.83 57.07 13.15
CA ALA H 92 64.67 57.41 12.32
C ALA H 92 63.46 56.64 12.87
N VAL H 93 62.34 56.77 12.16
CA VAL H 93 61.11 56.07 12.51
C VAL H 93 60.94 54.89 11.57
N TYR H 94 60.81 53.69 12.14
CA TYR H 94 60.70 52.47 11.36
C TYR H 94 59.25 52.01 11.30
N TYR H 95 58.84 51.49 10.15
CA TYR H 95 57.49 51.02 9.92
C TYR H 95 57.50 49.53 9.59
N CYS H 96 56.45 48.85 10.05
CA CYS H 96 56.25 47.44 9.74
C CYS H 96 55.21 47.32 8.63
N ALA H 97 55.65 46.90 7.45
CA ALA H 97 54.80 46.78 6.28
C ALA H 97 54.44 45.32 6.07
N ARG H 98 53.17 44.99 6.25
CA ARG H 98 52.65 43.64 6.02
C ARG H 98 51.80 43.67 4.77
N ASP H 99 52.27 43.02 3.71
CA ASP H 99 51.56 42.98 2.43
C ASP H 99 50.67 41.74 2.43
N ASP H 100 49.36 41.98 2.39
CA ASP H 100 48.39 40.89 2.36
C ASP H 100 47.71 40.81 1.00
N LYS H 101 46.95 41.84 0.66
CA LYS H 101 46.30 41.92 -0.65
C LYS H 101 46.86 43.13 -1.40
N ALA H 102 46.82 43.04 -2.73
CA ALA H 102 47.33 44.12 -3.57
C ALA H 102 46.44 45.35 -3.53
N SER H 103 45.22 45.24 -2.98
CA SER H 103 44.32 46.38 -2.94
C SER H 103 44.78 47.42 -1.94
N PHE H 104 45.10 47.00 -0.72
CA PHE H 104 45.53 47.91 0.33
C PHE H 104 46.61 47.23 1.15
N ALA H 105 47.65 47.98 1.49
CA ALA H 105 48.76 47.48 2.30
C ALA H 105 48.56 47.92 3.74
N PHE H 106 48.66 46.97 4.67
CA PHE H 106 48.47 47.24 6.09
C PHE H 106 49.74 47.80 6.70
N TRP H 107 49.58 48.78 7.58
CA TRP H 107 50.69 49.46 8.24
C TRP H 107 50.49 49.49 9.74
N GLY H 108 51.59 49.70 10.46
CA GLY H 108 51.55 49.74 11.91
C GLY H 108 51.64 51.13 12.48
N GLN H 109 51.94 51.23 13.78
CA GLN H 109 52.03 52.51 14.47
C GLN H 109 53.35 53.22 14.22
N GLY H 110 54.43 52.50 14.00
CA GLY H 110 55.75 53.10 13.83
C GLY H 110 56.60 52.97 15.07
N THR H 111 57.92 52.91 14.89
CA THR H 111 58.86 52.71 15.99
C THR H 111 59.92 53.80 15.93
N LEU H 112 60.04 54.58 16.99
CA LEU H 112 61.03 55.65 17.05
C LEU H 112 62.29 55.12 17.72
N VAL H 113 63.37 55.04 16.97
CA VAL H 113 64.66 54.57 17.45
C VAL H 113 65.64 55.74 17.39
N THR H 114 66.05 56.23 18.56
CA THR H 114 66.98 57.35 18.65
C THR H 114 68.32 56.82 19.16
N VAL H 115 69.33 56.84 18.30
CA VAL H 115 70.67 56.34 18.62
C VAL H 115 71.61 57.54 18.74
N SER H 116 72.10 57.76 19.96
CA SER H 116 73.06 58.83 20.22
C SER H 116 73.80 58.51 21.51
N ALA H 117 74.94 59.16 21.69
CA ALA H 117 75.73 59.04 22.90
C ALA H 117 75.51 60.30 23.73
N ALA H 118 74.77 60.16 24.83
CA ALA H 118 74.47 61.28 25.70
C ALA H 118 74.08 60.76 27.08
N LYS H 119 74.13 61.65 28.06
CA LYS H 119 73.70 61.36 29.41
C LYS H 119 72.50 62.24 29.76
N THR H 120 71.56 61.66 30.51
CA THR H 120 70.35 62.36 30.90
C THR H 120 70.70 63.55 31.77
N THR H 121 70.25 64.74 31.38
CA THR H 121 70.53 65.97 32.09
C THR H 121 69.25 66.76 32.31
N PRO H 122 69.11 67.45 33.46
CA PRO H 122 67.93 68.27 33.68
C PRO H 122 67.97 69.51 32.81
N PRO H 123 66.81 70.00 32.35
CA PRO H 123 66.80 71.17 31.47
C PRO H 123 67.12 72.46 32.23
N SER H 124 67.67 73.41 31.48
CA SER H 124 67.98 74.74 32.00
C SER H 124 67.08 75.76 31.31
N VAL H 125 66.42 76.59 32.10
CA VAL H 125 65.44 77.55 31.61
C VAL H 125 66.02 78.96 31.72
N TYR H 126 66.09 79.66 30.60
CA TYR H 126 66.56 81.05 30.57
C TYR H 126 65.43 81.95 30.12
N PRO H 127 64.91 82.82 30.98
CA PRO H 127 63.81 83.70 30.58
C PRO H 127 64.28 84.81 29.65
N LEU H 128 63.33 85.39 28.94
CA LEU H 128 63.59 86.48 28.01
C LEU H 128 62.52 87.56 28.16
N ALA H 129 62.96 88.81 28.13
CA ALA H 129 62.06 89.95 28.20
C ALA H 129 62.57 91.05 27.28
N PRO H 130 61.70 91.80 26.63
CA PRO H 130 62.14 92.88 25.76
C PRO H 130 62.87 93.97 26.53
N GLY H 131 63.80 94.63 25.85
CA GLY H 131 64.57 95.70 26.44
C GLY H 131 64.09 97.10 26.12
N SER H 132 62.98 97.23 25.40
CA SER H 132 62.43 98.54 25.05
C SER H 132 61.38 98.95 26.07
N ALA H 133 61.47 100.20 26.54
CA ALA H 133 60.52 100.70 27.52
C ALA H 133 59.17 101.05 26.90
N ALA H 134 59.13 101.34 25.60
CA ALA H 134 57.88 101.68 24.93
C ALA H 134 57.96 101.25 23.48
N GLN H 135 56.80 100.98 22.88
CA GLN H 135 56.73 100.55 21.50
C GLN H 135 55.39 100.97 20.92
N THR H 136 55.37 101.13 19.59
CA THR H 136 54.14 101.52 18.91
C THR H 136 53.18 100.35 18.73
N ASN H 137 53.67 99.12 18.89
CA ASN H 137 52.82 97.95 18.71
C ASN H 137 52.02 97.69 19.99
N SER H 138 50.74 97.39 19.82
CA SER H 138 49.87 97.08 20.95
C SER H 138 50.09 95.67 21.49
N MET H 139 50.81 94.83 20.75
CA MET H 139 51.08 93.45 21.16
C MET H 139 52.57 93.28 21.43
N VAL H 140 52.90 92.80 22.62
CA VAL H 140 54.27 92.56 23.02
C VAL H 140 54.50 91.05 23.07
N THR H 141 55.71 90.63 22.71
CA THR H 141 56.09 89.24 22.64
C THR H 141 57.01 88.88 23.80
N LEU H 142 56.87 87.65 24.30
CA LEU H 142 57.74 87.10 25.32
C LEU H 142 58.31 85.78 24.82
N GLY H 143 59.37 85.30 25.48
CA GLY H 143 60.02 84.08 25.08
C GLY H 143 60.65 83.35 26.26
N CYS H 144 60.86 82.06 26.06
CA CYS H 144 61.45 81.19 27.08
C CYS H 144 62.40 80.23 26.40
N LEU H 145 63.64 80.17 26.90
CA LEU H 145 64.66 79.30 26.33
C LEU H 145 64.89 78.10 27.23
N VAL H 146 64.84 76.91 26.64
CA VAL H 146 65.09 75.66 27.34
C VAL H 146 66.28 74.99 26.66
N LYS H 147 67.39 74.87 27.39
CA LYS H 147 68.62 74.32 26.86
C LYS H 147 69.14 73.21 27.76
N GLY H 148 69.91 72.30 27.18
CA GLY H 148 70.57 71.25 27.92
C GLY H 148 69.63 70.23 28.53
N TYR H 149 68.77 69.63 27.72
CA TYR H 149 67.86 68.58 28.18
C TYR H 149 68.01 67.35 27.30
N PHE H 150 67.60 66.21 27.84
CA PHE H 150 67.74 64.92 27.17
C PHE H 150 67.12 63.82 28.04
N PRO H 151 66.35 62.91 27.42
CA PRO H 151 66.00 62.92 25.99
C PRO H 151 64.77 63.77 25.67
N GLU H 152 64.42 63.81 24.39
CA GLU H 152 63.25 64.56 23.92
C GLU H 152 62.01 63.65 23.93
N PRO H 153 60.81 64.24 23.97
CA PRO H 153 60.51 65.67 24.14
C PRO H 153 60.28 66.07 25.59
N VAL H 154 59.96 67.35 25.81
CA VAL H 154 59.58 67.86 27.11
C VAL H 154 58.32 68.71 26.94
N THR H 155 57.50 68.74 27.98
CA THR H 155 56.25 69.48 27.97
C THR H 155 56.52 70.91 28.41
N VAL H 156 56.13 71.87 27.57
CA VAL H 156 56.32 73.30 27.83
C VAL H 156 54.96 73.96 27.92
N THR H 157 54.64 74.52 29.09
CA THR H 157 53.39 75.20 29.32
C THR H 157 53.65 76.64 29.73
N TRP H 158 52.64 77.50 29.54
CA TRP H 158 52.74 78.91 29.86
C TRP H 158 51.74 79.23 30.97
N ASN H 159 52.25 79.74 32.09
CA ASN H 159 51.43 80.11 33.25
C ASN H 159 50.60 78.92 33.72
N SER H 160 51.28 77.80 33.96
CA SER H 160 50.65 76.54 34.37
C SER H 160 49.57 76.11 33.37
N GLY H 161 49.84 76.35 32.09
CA GLY H 161 48.93 75.99 31.02
C GLY H 161 47.63 76.77 31.00
N SER H 162 47.57 77.93 31.67
CA SER H 162 46.33 78.69 31.69
C SER H 162 46.13 79.48 30.40
N LEU H 163 47.21 79.88 29.75
CA LEU H 163 47.12 80.66 28.51
C LEU H 163 47.40 79.73 27.33
N SER H 164 46.33 79.42 26.60
CA SER H 164 46.41 78.57 25.43
C SER H 164 46.44 79.34 24.11
N SER H 165 46.34 80.66 24.14
CA SER H 165 46.21 81.46 22.93
C SER H 165 47.54 82.08 22.54
N GLY H 166 47.83 82.09 21.24
CA GLY H 166 49.03 82.71 20.73
C GLY H 166 50.32 82.03 21.16
N VAL H 167 50.25 80.73 21.41
CA VAL H 167 51.40 79.94 21.84
C VAL H 167 52.06 79.31 20.63
N HIS H 168 53.33 79.62 20.42
CA HIS H 168 54.12 79.08 19.31
C HIS H 168 55.22 78.19 19.89
N THR H 169 55.12 76.89 19.63
CA THR H 169 56.09 75.92 20.11
C THR H 169 56.94 75.44 18.93
N PHE H 170 58.24 75.79 18.97
CA PHE H 170 59.17 75.44 17.91
C PHE H 170 59.81 74.08 18.16
N PRO H 171 60.16 73.35 17.11
CA PRO H 171 60.76 72.02 17.29
C PRO H 171 62.18 72.12 17.84
N ALA H 172 62.65 70.99 18.36
CA ALA H 172 63.97 70.93 18.97
C ALA H 172 65.06 70.79 17.91
N VAL H 173 66.22 71.36 18.20
CA VAL H 173 67.40 71.25 17.35
C VAL H 173 68.49 70.55 18.13
N LEU H 174 69.36 69.85 17.41
CA LEU H 174 70.40 69.02 18.01
C LEU H 174 71.75 69.70 17.83
N GLN H 175 72.40 70.03 18.94
CA GLN H 175 73.74 70.64 18.92
C GLN H 175 74.59 69.96 19.99
N SER H 176 75.73 69.41 19.57
CA SER H 176 76.69 68.77 20.46
C SER H 176 76.02 67.68 21.30
N ASP H 177 75.20 66.86 20.64
CA ASP H 177 74.45 65.76 21.27
C ASP H 177 73.50 66.25 22.34
N LEU H 178 73.07 67.51 22.27
CA LEU H 178 72.09 68.07 23.18
C LEU H 178 70.97 68.73 22.37
N TYR H 179 69.78 68.77 22.96
CA TYR H 179 68.61 69.31 22.31
C TYR H 179 68.24 70.67 22.89
N THR H 180 67.74 71.56 22.03
CA THR H 180 67.38 72.91 22.42
C THR H 180 66.10 73.31 21.70
N LEU H 181 65.15 73.86 22.45
CA LEU H 181 63.90 74.35 21.89
C LEU H 181 63.65 75.78 22.34
N SER H 182 62.73 76.44 21.65
CA SER H 182 62.34 77.81 21.98
C SER H 182 60.84 77.94 21.85
N SER H 183 60.27 78.87 22.61
CA SER H 183 58.84 79.13 22.61
C SER H 183 58.60 80.62 22.78
N SER H 184 57.60 81.12 22.05
CA SER H 184 57.26 82.54 22.10
C SER H 184 55.74 82.68 22.07
N VAL H 185 55.23 83.65 22.84
CA VAL H 185 53.81 83.92 22.93
C VAL H 185 53.56 85.40 22.67
N THR H 186 52.30 85.71 22.36
CA THR H 186 51.86 87.08 22.12
C THR H 186 51.05 87.55 23.31
N VAL H 187 51.44 88.68 23.88
CA VAL H 187 50.81 89.25 25.07
C VAL H 187 50.37 90.67 24.73
N PRO H 188 49.20 91.12 25.19
CA PRO H 188 48.81 92.52 24.96
C PRO H 188 49.57 93.46 25.88
N SER H 189 49.64 94.72 25.46
CA SER H 189 50.36 95.75 26.20
C SER H 189 49.66 96.14 27.49
N SER H 190 48.41 95.72 27.70
CA SER H 190 47.71 96.06 28.94
C SER H 190 48.25 95.30 30.14
N THR H 191 48.40 93.98 30.04
CA THR H 191 48.90 93.17 31.14
C THR H 191 50.42 93.20 31.28
N TRP H 192 51.13 93.60 30.23
CA TRP H 192 52.60 93.66 30.27
C TRP H 192 53.11 95.10 30.26
N PRO H 193 53.97 95.44 31.24
CA PRO H 193 54.33 94.60 32.38
C PRO H 193 53.48 94.88 33.61
N SER H 194 52.16 94.79 33.48
CA SER H 194 51.29 95.01 34.63
C SER H 194 51.23 93.78 35.52
N GLU H 195 51.19 92.59 34.93
CA GLU H 195 51.19 91.33 35.66
C GLU H 195 52.34 90.46 35.19
N THR H 196 52.76 89.54 36.04
CA THR H 196 53.88 88.66 35.75
C THR H 196 53.40 87.27 35.35
N VAL H 197 54.14 86.66 34.43
CA VAL H 197 53.88 85.31 33.96
C VAL H 197 55.07 84.43 34.34
N THR H 198 55.00 83.16 33.94
CA THR H 198 56.05 82.21 34.24
C THR H 198 56.17 81.18 33.12
N CYS H 199 57.32 80.52 33.06
CA CYS H 199 57.60 79.48 32.08
C CYS H 199 57.72 78.16 32.83
N ASN H 200 56.76 77.27 32.63
CA ASN H 200 56.70 75.99 33.33
C ASN H 200 57.04 74.87 32.37
N VAL H 201 58.07 74.09 32.69
CA VAL H 201 58.46 72.95 31.90
C VAL H 201 58.51 71.72 32.80
N ALA H 202 58.27 70.56 32.20
CA ALA H 202 58.30 69.29 32.92
C ALA H 202 58.98 68.25 32.06
N HIS H 203 59.92 67.52 32.65
CA HIS H 203 60.66 66.49 31.93
C HIS H 203 60.33 65.13 32.53
N PRO H 204 59.62 64.26 31.81
CA PRO H 204 59.22 62.97 32.42
C PRO H 204 60.38 62.02 32.66
N ALA H 205 61.45 62.10 31.87
CA ALA H 205 62.56 61.17 32.05
C ALA H 205 63.37 61.49 33.30
N SER H 206 63.73 62.76 33.50
CA SER H 206 64.50 63.17 34.67
C SER H 206 63.63 63.46 35.87
N SER H 207 62.31 63.54 35.70
CA SER H 207 61.36 63.82 36.79
C SER H 207 61.73 65.14 37.50
N THR H 208 62.06 66.15 36.72
CA THR H 208 62.42 67.46 37.24
C THR H 208 61.51 68.53 36.65
N LYS H 209 61.01 69.39 37.54
CA LYS H 209 60.15 70.50 37.13
C LYS H 209 60.81 71.80 37.54
N VAL H 210 61.05 72.67 36.56
CA VAL H 210 61.73 73.95 36.78
C VAL H 210 60.75 75.07 36.41
N ASP H 211 60.59 76.03 37.32
CA ASP H 211 59.71 77.17 37.12
C ASP H 211 60.53 78.46 37.23
N LYS H 212 60.37 79.35 36.26
CA LYS H 212 61.05 80.63 36.22
C LYS H 212 60.05 81.74 35.93
N LYS H 213 60.21 82.86 36.61
CA LYS H 213 59.32 84.01 36.46
C LYS H 213 59.88 84.98 35.43
N ILE H 214 58.99 85.54 34.62
CA ILE H 214 59.40 86.49 33.59
C ILE H 214 58.89 87.89 33.94
N ASP I 1 69.61 51.40 -10.59
CA ASP I 1 68.23 51.11 -10.18
C ASP I 1 67.24 52.05 -10.88
N ILE I 2 65.96 51.86 -10.61
CA ILE I 2 64.91 52.67 -11.22
C ILE I 2 64.57 53.80 -10.25
N VAL I 3 64.52 55.03 -10.76
CA VAL I 3 64.22 56.19 -9.95
C VAL I 3 62.94 56.84 -10.46
N MET I 4 62.22 57.50 -9.55
CA MET I 4 60.99 58.22 -9.88
C MET I 4 61.11 59.64 -9.38
N SER I 5 60.32 60.53 -9.98
CA SER I 5 60.35 61.95 -9.66
C SER I 5 58.93 62.47 -9.52
N GLN I 6 58.76 63.40 -8.58
CA GLN I 6 57.48 64.06 -8.34
C GLN I 6 57.64 65.56 -8.51
N SER I 7 56.74 66.15 -9.29
CA SER I 7 56.75 67.59 -9.49
C SER I 7 55.34 68.18 -9.44
N PRO I 8 55.20 69.35 -8.80
CA PRO I 8 56.27 70.01 -8.04
C PRO I 8 56.40 69.44 -6.63
N SER I 9 57.25 70.05 -5.81
CA SER I 9 57.49 69.56 -4.46
C SER I 9 56.38 69.91 -3.48
N SER I 10 55.73 71.05 -3.65
CA SER I 10 54.67 71.47 -2.73
C SER I 10 53.59 72.20 -3.51
N LEU I 11 52.37 72.16 -2.98
CA LEU I 11 51.22 72.81 -3.59
C LEU I 11 50.36 73.45 -2.51
N ALA I 12 49.95 74.69 -2.75
CA ALA I 12 49.05 75.40 -1.85
C ALA I 12 47.67 75.43 -2.46
N VAL I 13 46.72 74.76 -1.82
CA VAL I 13 45.35 74.64 -2.33
C VAL I 13 44.38 75.17 -1.29
N SER I 14 43.23 75.63 -1.78
CA SER I 14 42.14 76.11 -0.93
C SER I 14 41.05 75.06 -0.88
N ASP I 15 39.99 75.36 -0.13
CA ASP I 15 38.89 74.43 0.05
C ASP I 15 37.97 74.46 -1.17
N GLY I 16 37.79 73.31 -1.81
CA GLY I 16 36.93 73.17 -2.97
C GLY I 16 37.67 73.09 -4.29
N GLU I 17 38.96 73.39 -4.33
CA GLU I 17 39.73 73.35 -5.56
C GLU I 17 40.31 71.97 -5.80
N ARG I 18 40.32 71.56 -7.07
CA ARG I 18 40.88 70.28 -7.46
C ARG I 18 42.41 70.36 -7.53
N VAL I 19 43.06 69.24 -7.24
CA VAL I 19 44.51 69.15 -7.23
C VAL I 19 44.92 67.90 -7.99
N THR I 20 46.03 68.00 -8.73
CA THR I 20 46.56 66.89 -9.51
C THR I 20 48.03 66.69 -9.17
N LEU I 21 48.42 65.43 -8.98
CA LEU I 21 49.80 65.06 -8.70
C LEU I 21 50.33 64.23 -9.85
N THR I 22 51.64 64.31 -10.09
CA THR I 22 52.28 63.64 -11.21
C THR I 22 53.48 62.86 -10.70
N CYS I 23 53.50 61.55 -10.97
CA CYS I 23 54.62 60.67 -10.64
C CYS I 23 55.16 60.08 -11.94
N LYS I 24 56.38 60.47 -12.30
CA LYS I 24 57.04 59.98 -13.50
C LYS I 24 58.22 59.12 -13.14
N SER I 25 58.32 57.94 -13.74
CA SER I 25 59.39 57.00 -13.49
C SER I 25 60.47 57.13 -14.56
N SER I 26 61.54 56.33 -14.39
CA SER I 26 62.63 56.34 -15.34
C SER I 26 62.34 55.49 -16.58
N GLN I 27 61.40 54.56 -16.49
CA GLN I 27 61.06 53.70 -17.62
C GLN I 27 59.64 53.21 -17.44
N SER I 28 59.06 52.68 -18.52
CA SER I 28 57.69 52.20 -18.51
C SER I 28 57.55 51.04 -17.52
N LEU I 29 56.57 51.15 -16.62
CA LEU I 29 56.31 50.14 -15.60
C LEU I 29 55.26 49.13 -16.04
N LEU I 30 54.78 49.23 -17.28
CA LEU I 30 53.72 48.38 -17.78
C LEU I 30 54.20 46.93 -17.86
N TYR I 31 53.34 46.00 -17.46
CA TYR I 31 53.64 44.58 -17.52
C TYR I 31 52.73 43.93 -18.55
N SER I 32 53.31 43.15 -19.46
CA SER I 32 52.59 42.69 -20.63
C SER I 32 51.53 41.64 -20.31
N THR I 33 51.86 40.61 -19.54
CA THR I 33 50.93 39.51 -19.32
C THR I 33 49.69 39.95 -18.55
N ASN I 34 49.89 40.67 -17.44
CA ASN I 34 48.75 41.12 -16.63
C ASN I 34 48.10 42.38 -17.18
N GLN I 35 48.76 43.12 -18.06
CA GLN I 35 48.22 44.33 -18.67
C GLN I 35 47.84 45.37 -17.61
N LYS I 36 48.60 45.40 -16.51
CA LYS I 36 48.34 46.32 -15.42
C LYS I 36 49.63 47.03 -15.02
N ASN I 37 49.54 48.35 -14.90
CA ASN I 37 50.65 49.19 -14.44
C ASN I 37 50.73 49.08 -12.92
N TYR I 38 51.89 48.69 -12.41
CA TYR I 38 52.08 48.50 -10.97
C TYR I 38 52.66 49.78 -10.37
N LEU I 39 51.85 50.45 -9.56
CA LEU I 39 52.27 51.65 -8.85
C LEU I 39 51.37 51.83 -7.64
N ALA I 40 51.87 52.58 -6.64
CA ALA I 40 51.15 52.79 -5.40
C ALA I 40 51.11 54.27 -5.05
N TRP I 41 49.96 54.73 -4.57
CA TRP I 41 49.78 56.09 -4.10
C TRP I 41 49.49 56.06 -2.60
N TYR I 42 50.26 56.82 -1.83
CA TYR I 42 50.13 56.84 -0.38
C TYR I 42 49.68 58.21 0.10
N GLN I 43 49.02 58.22 1.25
CA GLN I 43 48.68 59.46 1.96
C GLN I 43 49.05 59.26 3.42
N GLN I 44 50.00 60.05 3.91
CA GLN I 44 50.50 59.94 5.27
C GLN I 44 50.06 61.16 6.07
N LYS I 45 49.16 60.94 7.02
CA LYS I 45 48.73 62.03 7.89
C LYS I 45 49.83 62.38 8.88
N PRO I 46 49.91 63.65 9.30
CA PRO I 46 50.93 64.02 10.28
C PRO I 46 50.73 63.32 11.61
N GLY I 47 51.79 62.72 12.14
CA GLY I 47 51.72 61.95 13.37
C GLY I 47 51.13 60.56 13.22
N GLN I 48 50.71 60.18 12.02
CA GLN I 48 50.11 58.88 11.77
C GLN I 48 50.93 58.13 10.73
N SER I 49 50.49 56.91 10.43
CA SER I 49 51.16 56.06 9.45
C SER I 49 50.57 56.29 8.06
N PRO I 50 51.37 56.09 7.02
CA PRO I 50 50.84 56.21 5.65
C PRO I 50 49.91 55.07 5.31
N LYS I 51 48.99 55.34 4.38
CA LYS I 51 48.01 54.36 3.94
C LYS I 51 47.91 54.39 2.42
N LEU I 52 47.66 53.22 1.84
CA LEU I 52 47.54 53.11 0.39
C LEU I 52 46.15 53.54 -0.06
N LEU I 53 46.08 54.22 -1.21
CA LEU I 53 44.82 54.69 -1.76
C LEU I 53 44.51 54.11 -3.12
N ILE I 54 45.32 54.43 -4.14
CA ILE I 54 45.10 53.98 -5.51
C ILE I 54 46.07 52.85 -5.79
N TYR I 55 45.55 51.65 -6.03
CA TYR I 55 46.36 50.49 -6.33
C TYR I 55 46.28 50.15 -7.82
N TRP I 56 47.43 49.92 -8.42
CA TRP I 56 47.61 49.69 -9.85
C TRP I 56 47.12 50.87 -10.69
N ALA I 57 46.99 52.04 -10.09
CA ALA I 57 46.77 53.32 -10.76
C ALA I 57 45.42 53.39 -11.49
N SER I 58 44.77 52.25 -11.71
CA SER I 58 43.52 52.22 -12.46
C SER I 58 42.26 52.13 -11.61
N SER I 59 42.37 52.00 -10.29
CA SER I 59 41.23 51.67 -9.46
C SER I 59 41.33 52.36 -8.09
N ARG I 60 40.21 52.39 -7.39
CA ARG I 60 40.12 52.95 -6.04
C ARG I 60 39.93 51.82 -5.03
N GLU I 61 40.59 51.94 -3.89
CA GLU I 61 40.51 50.92 -2.86
C GLU I 61 39.24 51.10 -2.02
N SER I 62 38.67 49.98 -1.59
CA SER I 62 37.38 50.00 -0.90
C SER I 62 37.47 50.75 0.43
N GLY I 63 36.59 51.72 0.61
CA GLY I 63 36.59 52.58 1.78
C GLY I 63 37.18 53.95 1.54
N VAL I 64 37.95 54.12 0.48
CA VAL I 64 38.51 55.41 0.10
C VAL I 64 37.39 56.24 -0.52
N PRO I 65 37.24 57.51 -0.13
CA PRO I 65 36.16 58.33 -0.70
C PRO I 65 36.30 58.49 -2.21
N ASP I 66 35.17 58.82 -2.84
CA ASP I 66 35.07 58.93 -4.29
C ASP I 66 35.93 60.06 -4.86
N ARG I 67 36.36 61.01 -4.03
CA ARG I 67 37.13 62.15 -4.54
C ARG I 67 38.49 61.71 -5.07
N PHE I 68 38.99 60.55 -4.65
CA PHE I 68 40.28 60.05 -5.11
C PHE I 68 40.06 59.19 -6.35
N THR I 69 40.59 59.66 -7.49
CA THR I 69 40.48 58.95 -8.76
C THR I 69 41.87 58.83 -9.38
N GLY I 70 42.32 57.59 -9.56
CA GLY I 70 43.62 57.32 -10.16
C GLY I 70 43.53 57.22 -11.67
N SER I 71 44.64 57.54 -12.32
CA SER I 71 44.71 57.48 -13.77
C SER I 71 46.18 57.38 -14.19
N GLY I 72 46.40 57.31 -15.50
CA GLY I 72 47.73 57.23 -16.06
C GLY I 72 48.13 55.80 -16.38
N SER I 73 48.99 55.68 -17.39
CA SER I 73 49.49 54.38 -17.82
C SER I 73 50.87 54.58 -18.42
N GLY I 74 51.62 53.48 -18.51
CA GLY I 74 52.97 53.55 -19.04
C GLY I 74 53.92 54.35 -18.17
N THR I 75 54.53 55.38 -18.75
CA THR I 75 55.46 56.25 -18.04
C THR I 75 54.77 57.24 -17.12
N ASP I 76 53.97 58.15 -17.66
CA ASP I 76 53.35 59.21 -16.88
C ASP I 76 52.20 58.66 -16.06
N PHE I 77 51.94 59.29 -14.91
CA PHE I 77 50.81 58.94 -14.06
C PHE I 77 50.24 60.21 -13.44
N THR I 78 48.95 60.18 -13.12
CA THR I 78 48.26 61.35 -12.59
C THR I 78 47.30 60.92 -11.49
N LEU I 79 47.36 61.61 -10.35
CA LEU I 79 46.42 61.40 -9.26
C LEU I 79 45.53 62.64 -9.15
N THR I 80 44.25 62.45 -9.45
CA THR I 80 43.28 63.55 -9.51
C THR I 80 42.36 63.48 -8.31
N ILE I 81 42.20 64.63 -7.64
CA ILE I 81 41.26 64.78 -6.52
C ILE I 81 40.21 65.79 -6.93
N SER I 82 38.94 65.39 -6.88
CA SER I 82 37.86 66.25 -7.35
C SER I 82 37.66 67.44 -6.41
N SER I 83 37.45 67.19 -5.13
CA SER I 83 37.26 68.27 -4.16
C SER I 83 38.02 67.93 -2.89
N VAL I 84 38.95 68.81 -2.50
CA VAL I 84 39.71 68.61 -1.28
C VAL I 84 38.88 69.03 -0.07
N LYS I 85 39.20 68.43 1.08
CA LYS I 85 38.50 68.76 2.32
C LYS I 85 39.48 69.16 3.41
N ALA I 86 38.97 69.43 4.61
CA ALA I 86 39.84 69.81 5.72
C ALA I 86 40.68 68.65 6.21
N GLU I 87 40.21 67.41 6.00
CA GLU I 87 40.92 66.22 6.39
C GLU I 87 41.91 65.73 5.34
N ASP I 88 42.03 66.45 4.22
CA ASP I 88 42.89 66.03 3.12
C ASP I 88 44.31 66.57 3.26
N LEU I 89 44.63 67.24 4.35
CA LEU I 89 45.97 67.79 4.54
C LEU I 89 46.88 66.65 4.99
N ALA I 90 47.87 66.35 4.16
CA ALA I 90 48.80 65.26 4.40
C ALA I 90 49.91 65.34 3.37
N VAL I 91 50.82 64.36 3.42
CA VAL I 91 51.88 64.21 2.44
C VAL I 91 51.63 62.95 1.63
N TYR I 92 51.90 63.01 0.33
CA TYR I 92 51.64 61.91 -0.59
C TYR I 92 52.95 61.32 -1.09
N TYR I 93 52.92 60.03 -1.39
CA TYR I 93 54.09 59.30 -1.86
C TYR I 93 53.73 58.47 -3.09
N CYS I 94 54.77 58.01 -3.78
CA CYS I 94 54.62 57.21 -4.99
C CYS I 94 55.57 56.03 -4.92
N GLN I 95 55.03 54.82 -4.98
CA GLN I 95 55.82 53.59 -4.93
C GLN I 95 55.58 52.78 -6.20
N GLN I 96 56.63 52.10 -6.65
CA GLN I 96 56.54 51.19 -7.79
C GLN I 96 56.76 49.75 -7.31
N TYR I 97 55.89 48.85 -7.79
CA TYR I 97 55.98 47.44 -7.47
C TYR I 97 56.72 46.65 -8.54
N TYR I 98 57.26 47.32 -9.55
CA TYR I 98 57.81 46.63 -10.72
C TYR I 98 59.03 45.81 -10.39
N SER I 99 60.06 46.41 -9.81
CA SER I 99 61.32 45.70 -9.59
C SER I 99 61.94 46.14 -8.27
N TYR I 100 62.81 45.28 -7.75
CA TYR I 100 63.54 45.56 -6.51
C TYR I 100 64.86 46.29 -6.81
N PRO I 101 65.28 47.19 -5.92
CA PRO I 101 64.58 47.59 -4.69
C PRO I 101 63.39 48.50 -4.94
N LEU I 102 62.42 48.50 -4.02
CA LEU I 102 61.23 49.30 -4.20
C LEU I 102 61.54 50.78 -4.01
N THR I 103 61.23 51.58 -5.01
CA THR I 103 61.56 53.01 -5.03
C THR I 103 60.41 53.80 -4.41
N PHE I 104 60.76 54.77 -3.57
CA PHE I 104 59.78 55.62 -2.91
C PHE I 104 59.89 57.06 -3.41
N GLY I 105 58.76 57.76 -3.38
CA GLY I 105 58.71 59.13 -3.85
C GLY I 105 59.32 60.10 -2.87
N ALA I 106 59.54 61.33 -3.37
CA ALA I 106 60.12 62.38 -2.54
C ALA I 106 59.08 62.99 -1.60
N GLY I 107 57.81 62.93 -1.99
CA GLY I 107 56.74 63.46 -1.17
C GLY I 107 56.25 64.83 -1.60
N THR I 108 54.97 65.10 -1.37
CA THR I 108 54.34 66.37 -1.71
C THR I 108 53.42 66.76 -0.55
N LYS I 109 53.63 67.95 0.01
CA LYS I 109 52.88 68.42 1.16
C LYS I 109 52.00 69.61 0.76
N LEU I 110 50.71 69.52 1.07
CA LEU I 110 49.76 70.57 0.77
C LEU I 110 49.88 71.70 1.79
N GLU I 111 49.47 72.89 1.37
CA GLU I 111 49.52 74.08 2.20
C GLU I 111 48.16 74.79 2.17
N LEU I 112 48.06 75.91 2.88
CA LEU I 112 46.85 76.72 2.94
C LEU I 112 47.13 78.11 2.39
N ARG I 113 46.10 78.95 2.43
CA ARG I 113 46.16 80.28 1.82
C ARG I 113 45.36 81.31 2.65
N ALA I 114 45.79 82.56 2.72
CA ALA I 114 47.01 83.11 2.13
C ALA I 114 47.40 84.41 2.84
N ASP I 115 48.44 85.06 2.34
CA ASP I 115 48.71 86.46 2.70
C ASP I 115 48.93 86.62 4.20
N ALA I 116 50.08 86.15 4.67
CA ALA I 116 50.48 86.38 6.05
C ALA I 116 51.69 87.31 6.08
N ALA I 117 51.57 88.40 6.85
CA ALA I 117 52.63 89.41 6.96
C ALA I 117 53.44 89.19 8.21
N PRO I 118 54.76 88.98 8.10
CA PRO I 118 55.57 88.69 9.29
C PRO I 118 55.91 89.91 10.12
N THR I 119 56.65 89.70 11.21
CA THR I 119 57.13 90.77 12.07
C THR I 119 58.40 90.31 12.77
N VAL I 120 59.16 91.26 13.29
CA VAL I 120 60.44 91.01 13.93
C VAL I 120 60.33 91.38 15.40
N SER I 121 60.69 90.45 16.28
CA SER I 121 60.67 90.66 17.73
C SER I 121 62.04 90.25 18.27
N ILE I 122 62.79 91.22 18.80
CA ILE I 122 64.14 90.97 19.28
C ILE I 122 64.15 90.89 20.80
N PHE I 123 65.02 90.04 21.34
CA PHE I 123 65.19 89.92 22.78
C PHE I 123 66.68 89.98 23.12
N PRO I 124 67.06 90.67 24.19
CA PRO I 124 68.46 90.67 24.62
C PRO I 124 68.80 89.40 25.37
N PRO I 125 70.08 89.04 25.44
CA PRO I 125 70.47 87.90 26.28
C PRO I 125 70.11 88.14 27.75
N SER I 126 69.77 87.05 28.43
CA SER I 126 69.33 87.15 29.82
C SER I 126 70.52 87.30 30.76
N SER I 127 70.20 87.44 32.06
CA SER I 127 71.25 87.56 33.06
C SER I 127 71.84 86.20 33.43
N GLU I 128 71.02 85.15 33.44
CA GLU I 128 71.52 83.81 33.74
C GLU I 128 72.33 83.22 32.59
N GLN I 129 72.16 83.72 31.37
CA GLN I 129 72.91 83.20 30.24
C GLN I 129 74.38 83.64 30.31
N LEU I 130 74.62 84.92 30.56
CA LEU I 130 75.98 85.42 30.67
C LEU I 130 76.71 84.85 31.88
N THR I 131 75.98 84.43 32.91
CA THR I 131 76.62 83.78 34.06
C THR I 131 77.11 82.39 33.69
N SER I 132 76.38 81.68 32.83
CA SER I 132 76.78 80.34 32.41
C SER I 132 77.97 80.33 31.47
N GLY I 133 78.45 81.49 31.03
CA GLY I 133 79.58 81.58 30.15
C GLY I 133 79.27 81.77 28.68
N GLY I 134 78.05 82.17 28.33
CA GLY I 134 77.70 82.39 26.94
C GLY I 134 76.59 83.40 26.75
N ALA I 135 76.19 83.62 25.50
CA ALA I 135 75.13 84.57 25.19
C ALA I 135 74.38 84.10 23.95
N SER I 136 73.10 84.47 23.88
CA SER I 136 72.26 84.06 22.77
C SER I 136 71.45 85.26 22.31
N VAL I 137 71.56 85.59 21.02
CA VAL I 137 70.80 86.68 20.40
C VAL I 137 69.85 86.08 19.39
N VAL I 138 68.55 86.16 19.68
CA VAL I 138 67.52 85.55 18.84
C VAL I 138 66.47 86.60 18.51
N CYS I 139 65.88 86.48 17.31
CA CYS I 139 64.72 87.27 16.94
C CYS I 139 63.72 86.32 16.29
N PHE I 140 62.47 86.37 16.76
CA PHE I 140 61.44 85.43 16.31
C PHE I 140 60.68 85.99 15.12
N LEU I 141 60.47 85.14 14.12
CA LEU I 141 59.68 85.47 12.93
C LEU I 141 58.44 84.58 12.94
N ASN I 142 57.27 85.20 13.14
CA ASN I 142 56.02 84.47 13.23
C ASN I 142 54.98 85.11 12.30
N ASN I 143 53.97 84.32 11.96
CA ASN I 143 52.85 84.75 11.11
C ASN I 143 53.36 85.24 9.75
N PHE I 144 53.86 84.29 8.98
CA PHE I 144 54.38 84.59 7.65
C PHE I 144 53.95 83.52 6.67
N TYR I 145 54.18 83.78 5.39
CA TYR I 145 53.74 82.92 4.29
C TYR I 145 54.27 83.49 2.97
N PRO I 146 54.75 82.61 2.08
CA PRO I 146 54.88 81.16 2.22
C PRO I 146 56.02 80.72 3.13
N LYS I 147 56.27 79.41 3.18
CA LYS I 147 57.29 78.88 4.08
C LYS I 147 58.71 79.20 3.62
N ASP I 148 58.88 79.78 2.43
CA ASP I 148 60.20 80.09 1.91
C ASP I 148 60.56 81.52 2.31
N ILE I 149 61.55 81.61 3.19
CA ILE I 149 62.04 82.89 3.70
C ILE I 149 63.50 82.71 4.10
N ASN I 150 64.27 83.79 3.92
CA ASN I 150 65.69 83.79 4.24
C ASN I 150 65.99 84.84 5.29
N VAL I 151 66.82 84.47 6.25
CA VAL I 151 67.22 85.37 7.33
C VAL I 151 68.74 85.46 7.36
N LYS I 152 69.24 86.67 7.63
CA LYS I 152 70.66 86.95 7.68
C LYS I 152 71.05 87.43 9.06
N TRP I 153 72.31 87.20 9.44
CA TRP I 153 72.85 87.61 10.72
C TRP I 153 74.14 88.39 10.47
N LYS I 154 74.13 89.67 10.83
CA LYS I 154 75.28 90.54 10.65
C LYS I 154 75.66 91.13 12.01
N ILE I 155 76.91 90.93 12.41
CA ILE I 155 77.42 91.41 13.69
C ILE I 155 78.38 92.57 13.42
N ASP I 156 78.07 93.73 13.98
CA ASP I 156 78.88 94.94 13.82
C ASP I 156 79.14 95.24 12.35
N GLY I 157 78.13 94.99 11.50
CA GLY I 157 78.27 95.17 10.07
C GLY I 157 78.90 94.01 9.35
N SER I 158 79.51 93.07 10.06
CA SER I 158 80.15 91.90 9.45
C SER I 158 79.19 90.72 9.50
N GLU I 159 79.08 90.00 8.38
CA GLU I 159 78.17 88.88 8.29
C GLU I 159 78.87 87.61 8.77
N ARG I 160 78.19 86.87 9.66
CA ARG I 160 78.76 85.69 10.30
C ARG I 160 77.74 84.57 10.31
N GLN I 161 78.13 83.41 9.77
CA GLN I 161 77.28 82.23 9.75
C GLN I 161 77.55 81.28 10.90
N ASN I 162 78.52 81.57 11.76
CA ASN I 162 78.90 80.66 12.84
C ASN I 162 77.86 80.73 13.95
N GLY I 163 77.31 79.58 14.31
CA GLY I 163 76.32 79.50 15.37
C GLY I 163 74.90 79.81 14.97
N VAL I 164 74.60 79.84 13.67
CA VAL I 164 73.26 80.17 13.19
C VAL I 164 72.45 78.88 13.10
N LEU I 165 71.34 78.83 13.82
CA LEU I 165 70.43 77.69 13.82
C LEU I 165 69.01 78.18 13.63
N ASN I 166 68.21 77.44 12.87
CA ASN I 166 66.83 77.79 12.59
C ASN I 166 65.89 76.72 13.13
N SER I 167 64.72 77.16 13.57
CA SER I 167 63.68 76.26 14.09
C SER I 167 62.39 76.56 13.34
N TRP I 168 61.90 75.60 12.57
CA TRP I 168 60.71 75.77 11.74
C TRP I 168 59.71 74.68 12.07
N THR I 169 58.54 75.07 12.54
CA THR I 169 57.46 74.15 12.90
C THR I 169 56.47 74.03 11.76
N ASP I 170 55.41 73.27 12.00
CA ASP I 170 54.36 73.06 11.01
C ASP I 170 53.47 74.30 10.92
N GLN I 171 52.43 74.21 10.09
CA GLN I 171 51.53 75.33 9.89
C GLN I 171 50.43 75.30 10.95
N ASP I 172 50.28 76.41 11.67
CA ASP I 172 49.25 76.53 12.69
C ASP I 172 47.87 76.51 12.05
N SER I 173 46.98 75.67 12.56
CA SER I 173 45.64 75.53 11.99
C SER I 173 44.74 76.72 12.28
N LYS I 174 44.99 77.47 13.36
CA LYS I 174 44.11 78.58 13.70
C LYS I 174 44.26 79.74 12.73
N ASP I 175 45.48 80.25 12.55
CA ASP I 175 45.73 81.38 11.67
C ASP I 175 46.17 80.99 10.27
N SER I 176 46.37 79.70 10.00
CA SER I 176 46.83 79.22 8.69
C SER I 176 48.11 79.93 8.26
N THR I 177 49.11 79.94 9.15
CA THR I 177 50.38 80.61 8.90
C THR I 177 51.51 79.81 9.53
N TYR I 178 52.73 80.35 9.42
CA TYR I 178 53.93 79.68 9.88
C TYR I 178 54.66 80.55 10.90
N SER I 179 55.52 79.89 11.68
CA SER I 179 56.37 80.57 12.65
C SER I 179 57.75 79.94 12.64
N MET I 180 58.79 80.77 12.56
CA MET I 180 60.16 80.29 12.50
C MET I 180 61.02 81.02 13.51
N SER I 181 61.85 80.26 14.23
CA SER I 181 62.77 80.81 15.21
C SER I 181 64.21 80.62 14.75
N SER I 182 65.02 81.66 14.94
CA SER I 182 66.43 81.63 14.56
C SER I 182 67.26 81.86 15.81
N THR I 183 68.27 81.01 16.02
CA THR I 183 69.10 81.05 17.20
C THR I 183 70.56 81.29 16.81
N LEU I 184 71.18 82.29 17.43
CA LEU I 184 72.58 82.62 17.22
C LEU I 184 73.29 82.58 18.57
N THR I 185 74.23 81.65 18.71
CA THR I 185 74.95 81.47 19.97
C THR I 185 76.37 81.98 19.88
N LEU I 186 76.85 82.53 21.00
CA LEU I 186 78.21 83.03 21.10
C LEU I 186 78.61 83.06 22.56
N THR I 187 79.92 83.08 22.80
CA THR I 187 80.46 82.99 24.15
C THR I 187 80.43 84.34 24.85
N LYS I 188 80.86 84.35 26.11
CA LYS I 188 80.88 85.58 26.89
C LYS I 188 82.00 86.53 26.48
N ASP I 189 83.10 86.00 25.93
CA ASP I 189 84.18 86.87 25.47
C ASP I 189 83.79 87.62 24.21
N GLU I 190 83.07 86.96 23.29
CA GLU I 190 82.61 87.62 22.08
C GLU I 190 81.49 88.62 22.34
N TYR I 191 80.76 88.47 23.44
CA TYR I 191 79.70 89.41 23.76
C TYR I 191 80.26 90.76 24.20
N GLU I 192 81.36 90.75 24.96
CA GLU I 192 81.96 91.99 25.44
C GLU I 192 82.78 92.70 24.37
N ARG I 193 83.25 91.98 23.35
CA ARG I 193 84.05 92.57 22.29
C ARG I 193 83.20 93.18 21.18
N HIS I 194 81.88 92.99 21.21
CA HIS I 194 81.00 93.53 20.19
C HIS I 194 79.87 94.30 20.86
N ASN I 195 79.19 95.12 20.06
CA ASN I 195 78.14 95.99 20.55
C ASN I 195 76.79 95.78 19.87
N SER I 196 76.70 96.10 18.58
CA SER I 196 75.44 96.03 17.84
C SER I 196 75.21 94.62 17.33
N TYR I 197 73.99 94.11 17.54
CA TYR I 197 73.57 92.79 17.05
C TYR I 197 72.32 92.99 16.21
N THR I 198 72.35 92.51 14.97
CA THR I 198 71.25 92.68 14.04
C THR I 198 70.87 91.34 13.41
N CYS I 199 69.59 91.17 13.11
CA CYS I 199 69.12 90.06 12.29
C CYS I 199 68.29 90.65 11.16
N GLU I 200 68.56 90.20 9.93
CA GLU I 200 67.89 90.72 8.74
C GLU I 200 67.19 89.58 8.03
N ALA I 201 65.92 89.79 7.69
CA ALA I 201 65.12 88.80 6.98
C ALA I 201 64.53 89.40 5.72
N THR I 202 64.42 88.59 4.67
CA THR I 202 63.89 89.01 3.39
C THR I 202 62.63 88.23 3.06
N HIS I 203 61.57 88.95 2.72
CA HIS I 203 60.29 88.34 2.37
C HIS I 203 59.89 88.80 0.98
N LYS I 204 59.23 87.90 0.25
CA LYS I 204 58.86 88.19 -1.14
C LYS I 204 57.87 89.35 -1.25
N THR I 205 56.90 89.43 -0.34
CA THR I 205 55.90 90.48 -0.38
C THR I 205 56.46 91.87 -0.08
N SER I 206 57.47 91.97 0.77
CA SER I 206 58.08 93.24 1.14
C SER I 206 59.19 93.58 0.16
N THR I 207 59.18 94.82 -0.33
CA THR I 207 60.19 95.29 -1.27
C THR I 207 61.53 95.58 -0.59
N SER I 208 61.56 95.70 0.73
CA SER I 208 62.78 95.97 1.47
C SER I 208 62.82 95.08 2.71
N PRO I 209 64.00 94.58 3.08
CA PRO I 209 64.11 93.76 4.29
C PRO I 209 63.79 94.56 5.54
N ILE I 210 63.31 93.87 6.56
CA ILE I 210 63.01 94.49 7.84
C ILE I 210 64.20 94.29 8.77
N VAL I 211 64.72 95.39 9.32
CA VAL I 211 65.91 95.34 10.16
C VAL I 211 65.53 95.76 11.57
N LYS I 212 66.24 95.18 12.54
CA LYS I 212 66.06 95.52 13.95
C LYS I 212 67.40 95.35 14.65
N SER I 213 67.67 96.24 15.61
CA SER I 213 68.96 96.24 16.29
C SER I 213 68.78 96.67 17.73
N PHE I 214 69.79 96.36 18.55
CA PHE I 214 69.82 96.80 19.93
C PHE I 214 71.27 97.02 20.33
N ASN I 215 71.46 97.75 21.42
CA ASN I 215 72.79 98.09 21.91
C ASN I 215 73.07 97.38 23.23
N ARG I 216 74.35 97.07 23.46
CA ARG I 216 74.73 96.42 24.71
C ARG I 216 74.68 97.39 25.88
N ASN I 217 75.08 98.63 25.65
CA ASN I 217 75.06 99.65 26.70
C ASN I 217 73.64 100.10 27.01
#